data_7V6O
#
_entry.id   7V6O
#
_cell.length_a   1.00
_cell.length_b   1.00
_cell.length_c   1.00
_cell.angle_alpha   90.00
_cell.angle_beta   90.00
_cell.angle_gamma   90.00
#
_symmetry.space_group_name_H-M   'P 1'
#
loop_
_entity.id
_entity.type
_entity.pdbx_description
1 polymer 'Spike glycoprotein'
2 polymer '111 L'
3 polymer '111 H'
#
loop_
_entity_poly.entity_id
_entity_poly.type
_entity_poly.pdbx_seq_one_letter_code
_entity_poly.pdbx_strand_id
1 'polypeptide(L)'
;YVDVGPDSVKSACIEVDIQQTFFDKTWPRPIDVSKADGIIYPQGRTYSNITITYQGLFPYQGDHGDMYVYSAGHATGTTP
QKLFVANYSQDVKQFANGFVVRIGAAANSTGTVIISPSTSATIRKIYPAFMLGSSVGNFSDGKMGRFFNHTLVLLPDGCG
TLLRAFYCILEPRSGNHCPAGNSYTSFATYHTPATDCSDGNYNRNASLNSFKEYFNLRNCTFMYTYNITEDEILEWFGIT
QTAQGVHLFSSRYVDLYGGNMFQFATLPVYDTIKYYSIIPHSIRSIQSDRKAWAAFYVYKLQPLTFLLDFSVDGYIRRAI
DCGFNDLSQLHCSYESFDVESGVYSVSSFEAKPSGSVVEQAEGVECDFSPLLSGTPPQVYNFKRLVFTNCNYNLTKLLSL
FSVNDFTCSQISPAAIASNCYSSLILDYFSYPLSMKSDLSVSSAGPISQFNYKQSFSNPTCLILATVPHNLTTITKPLKY
SYINKCSRLLSDDRTEVPQLVNANQYSPCVSIVPSTVWEDGDYYRKQLSPLEGGGWLVASGSTVAMTEQLQMGFGITVQY
GTDTNSVCPKLEFANDTKIASQLGNCVEYSLYGVSGRGVFQNCTAVGVRQQRFVYDAYQNLVGYYSDDGNYYCLRACVSV
PVSVIYDKETKTHATLFGSVACEHISSTMSQYSRSTRSMLKRRDSTYGPLQTPVGCVLGLVNSSLFVEDCKLPLGQSLCA
LPDTPSTLTPRSVRSVPGEMRLASIAFNHPIQVDQLNSSYFKLSIPTNFSFGVTQEYIQTTIQKVTVDCKQYVCNGFQKC
EQLLREYGQFCSKINQALHGANLRQDDSVRNLFASVKSSQSSPIIPGFGGDFNLTLLEPVSISTGSRSARSAIEDLLFDK
VTIADPGYMQGYDDCMQQGPASARDLICAQYVAGYKVLPPLMDVNMEAAYTSSLLGSIAGVGWTAGLSSFAAIPFAQSIF
YRLNGVGITQQVLSENQKLIANKFNQALGAMQTGFTTTNEAFQKVQDAVNNNAQALSKLASELSNTFGAISASIGDIIQR
LDVLEQDAQIDRLINGRLTTLNAFVAQQLVRSESAALSAQLAKDKVNECVKAQSKRSGFCGQGTHIVSFVVNAPNGLYFM
HVGYYPSNHIEVVSAYGLCDAANPTNCIAPVNGYFIKTNNTRIVDEWSYTGSSFYAPEPITSLNTKYVA
;
A,B,C
2 'polypeptide(L)'
;DIQMTQTPASLSASVGDRVTITCRASQNISSYLNWYQQKPGKAPKVLIYDTSRLQSGVPSRFSGSASGTDFTLTISSLQP
EDFATYYCQQSCTTLRCWTFGQGTKLEIKRTVAAPSVFIFPPSDEQLKSGTASVVCLLNNFYPREAKVQWKVDNALQSGN
SQESVTEQDSKDSTYSLSSTLTLSKADYEKHKVYACEVTHQGLSSPVTKSFNRGEC
;
D,F,H
3 'polypeptide(L)'
;EVQLVESGGGVVQPGRSLRLSCAASAFTFSNYGMHWVRQAPGKGLEWVAVIWSAGSLKYYADSVKGRFIISRDNSKNTLY
LQMDSLRPEDTAVYYCARENTTYYYETSGSWGASYYFDFWGQGTLVTVSSSTKGPSVFPLAPSSKSTSGGTAALGCLVKD
YFPEPVTVSWNSGALTSGVHTFPAVLQSSGLYSLSSVVTVPSSSLGTQTYICNVNHKPSNTKVDKRV
;
E,G,I
#
# COMPACT_ATOMS: atom_id res chain seq x y z
N TYR A 1 16.33 11.26 -44.54
CA TYR A 1 16.35 9.77 -44.62
C TYR A 1 17.73 9.29 -45.06
N VAL A 2 17.93 7.96 -45.13
CA VAL A 2 19.25 7.40 -45.52
C VAL A 2 19.13 6.78 -46.91
N ASP A 3 19.99 7.19 -47.85
CA ASP A 3 19.92 6.66 -49.24
C ASP A 3 20.35 5.18 -49.24
N VAL A 4 19.67 4.36 -50.03
CA VAL A 4 20.06 2.92 -50.17
C VAL A 4 20.85 2.77 -51.47
N GLY A 5 21.21 3.88 -52.11
CA GLY A 5 21.91 3.82 -53.40
C GLY A 5 20.94 3.93 -54.56
N PRO A 6 21.40 3.96 -55.83
CA PRO A 6 20.50 4.16 -56.98
C PRO A 6 19.52 3.01 -57.21
N ASP A 7 18.26 3.34 -57.53
CA ASP A 7 17.24 2.30 -57.86
C ASP A 7 17.55 1.74 -59.26
N SER A 8 17.17 0.49 -59.51
CA SER A 8 17.46 -0.16 -60.83
C SER A 8 16.73 0.60 -61.94
N VAL A 9 17.37 0.77 -63.10
CA VAL A 9 16.77 1.56 -64.21
C VAL A 9 15.98 0.63 -65.14
N LYS A 10 15.95 -0.68 -64.87
CA LYS A 10 15.28 -1.62 -65.80
C LYS A 10 13.79 -1.28 -65.90
N SER A 11 13.27 -1.21 -67.12
CA SER A 11 11.84 -0.87 -67.34
C SER A 11 10.93 -1.95 -66.74
N ALA A 12 11.28 -3.22 -66.92
CA ALA A 12 10.43 -4.33 -66.43
C ALA A 12 11.23 -5.27 -65.54
N CYS A 13 10.63 -5.76 -64.46
CA CYS A 13 11.31 -6.70 -63.53
C CYS A 13 11.49 -8.05 -64.24
N ILE A 14 12.53 -8.81 -63.88
CA ILE A 14 12.84 -10.09 -64.59
C ILE A 14 11.71 -11.10 -64.41
N GLU A 15 11.56 -12.04 -65.36
CA GLU A 15 10.44 -13.02 -65.33
C GLU A 15 10.54 -13.92 -64.09
N VAL A 16 9.41 -14.22 -63.45
CA VAL A 16 9.39 -15.12 -62.26
C VAL A 16 8.49 -16.32 -62.57
N ASP A 17 8.98 -17.54 -62.33
CA ASP A 17 8.18 -18.77 -62.55
C ASP A 17 7.95 -19.44 -61.20
N ILE A 18 6.70 -19.83 -60.90
CA ILE A 18 6.41 -20.41 -59.56
C ILE A 18 6.28 -21.93 -59.67
N GLN A 19 7.10 -22.68 -58.92
CA GLN A 19 7.02 -24.16 -58.91
C GLN A 19 6.99 -24.64 -57.46
N GLN A 20 5.88 -24.40 -56.75
CA GLN A 20 5.80 -24.76 -55.31
C GLN A 20 5.95 -26.27 -55.12
N THR A 21 5.31 -27.08 -55.98
CA THR A 21 5.35 -28.55 -55.80
C THR A 21 6.79 -29.07 -55.90
N PHE A 22 7.56 -28.57 -56.88
CA PHE A 22 8.96 -29.00 -57.05
C PHE A 22 9.78 -28.59 -55.83
N PHE A 23 9.54 -27.39 -55.31
CA PHE A 23 10.29 -26.87 -54.13
C PHE A 23 10.03 -27.75 -52.90
N ASP A 24 8.79 -28.20 -52.71
CA ASP A 24 8.45 -28.99 -51.49
C ASP A 24 9.29 -30.27 -51.49
N LYS A 25 9.90 -30.61 -50.34
CA LYS A 25 10.74 -31.83 -50.22
C LYS A 25 10.38 -32.54 -48.91
N THR A 26 10.56 -33.86 -48.85
CA THR A 26 10.29 -34.62 -47.59
C THR A 26 11.53 -34.58 -46.71
N TRP A 27 11.82 -33.43 -46.08
CA TRP A 27 12.98 -33.32 -45.17
C TRP A 27 12.51 -32.94 -43.76
N PRO A 28 12.91 -33.66 -42.70
CA PRO A 28 12.55 -33.31 -41.32
C PRO A 28 13.73 -32.74 -40.54
N ARG A 29 13.57 -31.56 -39.93
CA ARG A 29 14.66 -30.95 -39.12
C ARG A 29 14.09 -30.50 -37.77
N PRO A 30 13.77 -31.43 -36.85
CA PRO A 30 13.20 -31.07 -35.55
C PRO A 30 14.20 -30.37 -34.63
N ILE A 31 13.74 -29.39 -33.84
CA ILE A 31 14.64 -28.69 -32.87
C ILE A 31 15.11 -29.71 -31.83
N ASP A 32 16.41 -29.70 -31.49
CA ASP A 32 16.94 -30.63 -30.47
C ASP A 32 17.52 -29.83 -29.30
N VAL A 33 16.82 -29.82 -28.15
CA VAL A 33 17.30 -29.07 -26.95
C VAL A 33 18.63 -29.66 -26.46
N SER A 34 18.77 -30.98 -26.52
CA SER A 34 20.04 -31.64 -26.07
C SER A 34 21.21 -31.13 -26.91
N LYS A 35 20.98 -30.84 -28.19
CA LYS A 35 22.06 -30.28 -29.07
C LYS A 35 22.04 -28.75 -28.98
N ALA A 36 21.13 -28.17 -28.17
CA ALA A 36 21.02 -26.70 -28.01
C ALA A 36 20.70 -26.06 -29.35
N ASP A 37 19.80 -26.68 -30.12
CA ASP A 37 19.39 -26.12 -31.44
C ASP A 37 18.35 -25.03 -31.22
N GLY A 38 18.61 -23.82 -31.70
CA GLY A 38 17.64 -22.70 -31.58
C GLY A 38 17.69 -22.08 -30.20
N ILE A 39 18.59 -22.54 -29.33
CA ILE A 39 18.67 -22.02 -27.93
C ILE A 39 19.24 -20.59 -27.98
N ILE A 40 18.73 -19.71 -27.11
CA ILE A 40 19.20 -18.29 -27.08
C ILE A 40 20.03 -18.11 -25.80
N TYR A 41 21.24 -17.56 -25.94
CA TYR A 41 22.11 -17.29 -24.76
C TYR A 41 22.04 -15.79 -24.44
N PRO A 42 21.69 -15.39 -23.19
CA PRO A 42 21.55 -13.97 -22.87
C PRO A 42 22.89 -13.23 -22.99
N GLN A 43 22.94 -12.13 -23.73
CA GLN A 43 24.23 -11.43 -23.95
C GLN A 43 24.62 -10.66 -22.68
N GLY A 44 23.63 -10.33 -21.85
CA GLY A 44 23.91 -9.55 -20.62
C GLY A 44 24.77 -10.29 -19.61
N ARG A 45 24.53 -11.58 -19.39
CA ARG A 45 25.27 -12.33 -18.34
C ARG A 45 25.68 -13.72 -18.83
N THR A 46 26.68 -14.33 -18.19
CA THR A 46 27.10 -15.72 -18.53
C THR A 46 27.07 -16.56 -17.26
N TYR A 47 26.99 -17.89 -17.40
CA TYR A 47 26.92 -18.78 -16.22
C TYR A 47 28.11 -19.75 -16.23
N SER A 48 28.56 -20.18 -15.05
CA SER A 48 29.74 -21.07 -14.94
C SER A 48 29.34 -22.54 -15.09
N ASN A 49 30.20 -23.47 -14.64
CA ASN A 49 29.96 -24.93 -14.83
C ASN A 49 28.63 -25.33 -14.17
N ILE A 50 28.22 -24.65 -13.09
CA ILE A 50 26.99 -25.04 -12.35
C ILE A 50 25.77 -24.92 -13.28
N THR A 51 24.78 -25.81 -13.10
CA THR A 51 23.58 -25.81 -13.98
C THR A 51 22.49 -24.90 -13.39
N ILE A 52 21.92 -24.01 -14.20
CA ILE A 52 20.82 -23.11 -13.73
C ILE A 52 19.68 -23.16 -14.76
N THR A 53 18.45 -22.84 -14.34
CA THR A 53 17.29 -22.87 -15.26
C THR A 53 16.91 -21.43 -15.61
N TYR A 54 16.81 -21.12 -16.91
CA TYR A 54 16.50 -19.74 -17.36
C TYR A 54 15.20 -19.75 -18.19
N GLN A 55 14.30 -18.80 -17.91
CA GLN A 55 13.03 -18.72 -18.67
C GLN A 55 13.12 -17.61 -19.71
N GLY A 56 12.89 -17.93 -20.99
CA GLY A 56 12.99 -16.94 -22.08
C GLY A 56 12.21 -17.42 -23.30
N LEU A 57 12.06 -16.57 -24.32
CA LEU A 57 11.40 -17.06 -25.56
C LEU A 57 12.28 -18.18 -26.12
N PHE A 58 11.69 -19.34 -26.44
CA PHE A 58 12.49 -20.50 -26.90
C PHE A 58 11.64 -21.38 -27.83
N PRO A 59 12.25 -22.13 -28.78
CA PRO A 59 11.49 -23.07 -29.61
C PRO A 59 11.12 -24.31 -28.77
N TYR A 60 9.90 -24.83 -28.93
CA TYR A 60 9.51 -26.06 -28.21
C TYR A 60 10.29 -27.26 -28.76
N GLN A 61 10.61 -28.22 -27.90
CA GLN A 61 11.38 -29.42 -28.33
C GLN A 61 10.55 -30.21 -29.35
N GLY A 62 11.21 -30.75 -30.38
CA GLY A 62 10.48 -31.51 -31.43
C GLY A 62 9.71 -30.61 -32.37
N ASP A 63 10.08 -29.34 -32.47
CA ASP A 63 9.42 -28.43 -33.44
C ASP A 63 9.97 -28.74 -34.84
N HIS A 64 9.11 -29.18 -35.75
CA HIS A 64 9.57 -29.54 -37.12
C HIS A 64 10.09 -28.29 -37.82
N GLY A 65 9.41 -27.16 -37.68
CA GLY A 65 9.81 -25.91 -38.36
C GLY A 65 9.29 -25.82 -39.77
N ASP A 66 9.74 -24.80 -40.53
CA ASP A 66 9.24 -24.60 -41.92
C ASP A 66 10.39 -24.84 -42.91
N MET A 67 10.14 -25.61 -43.96
CA MET A 67 11.22 -25.95 -44.92
C MET A 67 11.22 -24.94 -46.08
N TYR A 68 12.31 -24.21 -46.27
CA TYR A 68 12.42 -23.27 -47.41
C TYR A 68 13.72 -23.58 -48.17
N VAL A 69 13.64 -23.67 -49.51
CA VAL A 69 14.84 -24.02 -50.32
C VAL A 69 14.93 -23.05 -51.49
N TYR A 70 16.14 -22.87 -52.06
CA TYR A 70 16.34 -21.93 -53.19
C TYR A 70 16.81 -22.72 -54.42
N SER A 71 16.20 -22.47 -55.59
CA SER A 71 16.55 -23.24 -56.81
C SER A 71 16.96 -22.30 -57.94
N ALA A 72 17.87 -22.75 -58.80
CA ALA A 72 18.34 -21.91 -59.94
C ALA A 72 17.19 -21.69 -60.94
N GLY A 73 17.16 -20.51 -61.57
CA GLY A 73 16.10 -20.20 -62.56
C GLY A 73 16.22 -21.04 -63.81
N HIS A 74 15.09 -21.37 -64.44
CA HIS A 74 15.14 -22.14 -65.71
C HIS A 74 15.83 -21.30 -66.78
N ALA A 75 16.81 -21.88 -67.49
CA ALA A 75 17.56 -21.14 -68.52
C ALA A 75 18.16 -22.14 -69.52
N THR A 76 18.49 -21.68 -70.74
CA THR A 76 19.18 -22.57 -71.72
C THR A 76 20.67 -22.59 -71.38
N GLY A 77 21.45 -23.45 -72.03
CA GLY A 77 22.88 -23.58 -71.68
C GLY A 77 23.61 -22.27 -71.85
N THR A 78 23.33 -21.52 -72.94
CA THR A 78 23.95 -20.18 -73.08
C THR A 78 22.98 -19.12 -72.56
N THR A 79 21.71 -19.19 -72.96
CA THR A 79 20.68 -18.21 -72.50
C THR A 79 20.16 -18.62 -71.11
N GLN A 81 16.88 -14.48 -67.40
CA GLN A 81 15.97 -15.55 -67.87
C GLN A 81 14.85 -15.77 -66.84
N LYS A 82 13.98 -16.75 -67.07
CA LYS A 82 12.89 -17.05 -66.11
C LYS A 82 13.51 -17.52 -64.78
N LEU A 83 12.94 -17.10 -63.64
CA LEU A 83 13.51 -17.46 -62.33
C LEU A 83 12.55 -18.40 -61.61
N PHE A 84 13.02 -19.59 -61.18
CA PHE A 84 12.11 -20.58 -60.55
C PHE A 84 12.13 -20.39 -59.04
N VAL A 85 10.97 -20.04 -58.45
CA VAL A 85 10.87 -19.80 -56.99
C VAL A 85 9.56 -20.38 -56.46
N ALA A 86 9.49 -20.69 -55.16
CA ALA A 86 8.21 -21.12 -54.56
C ALA A 86 7.35 -19.86 -54.35
N ASN A 87 6.05 -20.01 -54.10
CA ASN A 87 5.24 -18.80 -53.81
C ASN A 87 5.43 -18.42 -52.35
N TYR A 88 6.66 -18.08 -51.95
CA TYR A 88 6.98 -17.67 -50.57
C TYR A 88 6.27 -16.35 -50.24
N SER A 89 6.21 -15.43 -51.21
CA SER A 89 5.60 -14.09 -50.97
C SER A 89 4.13 -14.25 -50.59
N GLN A 90 3.41 -15.16 -51.26
CA GLN A 90 1.96 -15.33 -50.99
C GLN A 90 1.77 -15.79 -49.54
N ASP A 91 2.64 -16.68 -49.05
CA ASP A 91 2.51 -17.20 -47.66
C ASP A 91 2.70 -16.04 -46.68
N VAL A 92 1.84 -15.95 -45.66
CA VAL A 92 1.95 -14.87 -44.63
C VAL A 92 2.11 -15.54 -43.25
N LYS A 93 3.09 -15.09 -42.47
CA LYS A 93 3.34 -15.67 -41.11
C LYS A 93 3.45 -14.50 -40.12
N GLN A 94 3.20 -14.75 -38.83
CA GLN A 94 3.19 -13.64 -37.83
C GLN A 94 4.35 -13.81 -36.84
N PHE A 95 5.21 -12.80 -36.72
CA PHE A 95 6.34 -12.85 -35.75
C PHE A 95 5.89 -12.29 -34.39
N ALA A 96 5.04 -13.03 -33.66
CA ALA A 96 4.59 -12.58 -32.33
C ALA A 96 5.78 -12.50 -31.36
N ASN A 97 6.63 -13.55 -31.35
CA ASN A 97 7.80 -13.57 -30.45
C ASN A 97 9.09 -13.65 -31.28
N GLY A 98 9.00 -13.49 -32.60
CA GLY A 98 10.18 -13.63 -33.46
C GLY A 98 10.40 -15.07 -33.88
N PHE A 99 11.46 -15.35 -34.63
CA PHE A 99 11.69 -16.72 -35.18
C PHE A 99 13.20 -17.03 -35.25
N VAL A 100 13.55 -18.31 -35.30
CA VAL A 100 14.99 -18.72 -35.40
C VAL A 100 15.22 -19.44 -36.72
N VAL A 101 16.28 -19.10 -37.45
CA VAL A 101 16.55 -19.69 -38.79
C VAL A 101 17.77 -20.62 -38.74
N ARG A 102 17.67 -21.82 -39.32
CA ARG A 102 18.80 -22.79 -39.36
C ARG A 102 19.31 -22.88 -40.80
N ILE A 103 20.58 -22.53 -41.03
CA ILE A 103 21.14 -22.54 -42.42
C ILE A 103 22.51 -23.23 -42.42
N GLY A 104 22.85 -23.93 -43.53
CA GLY A 104 24.17 -24.56 -43.66
C GLY A 104 24.23 -25.98 -43.12
N ALA A 105 23.14 -26.49 -42.55
CA ALA A 105 23.13 -27.90 -42.11
C ALA A 105 23.25 -28.82 -43.33
N ALA A 106 22.52 -28.51 -44.40
CA ALA A 106 22.58 -29.32 -45.65
C ALA A 106 23.94 -29.16 -46.33
N ALA A 107 24.62 -28.02 -46.11
CA ALA A 107 25.90 -27.75 -46.81
C ALA A 107 26.93 -28.82 -46.48
N ASN A 108 27.80 -29.18 -47.44
CA ASN A 108 28.83 -30.25 -47.26
C ASN A 108 28.21 -31.62 -47.56
N SER A 109 26.94 -31.66 -47.97
CA SER A 109 26.31 -32.95 -48.37
C SER A 109 25.77 -32.84 -49.79
N THR A 110 26.10 -33.80 -50.66
CA THR A 110 25.65 -33.76 -52.07
C THR A 110 24.13 -33.95 -52.12
N GLY A 111 23.44 -33.14 -52.93
CA GLY A 111 21.97 -33.27 -53.08
C GLY A 111 21.53 -33.02 -54.50
N THR A 112 20.40 -33.60 -54.92
CA THR A 112 19.86 -33.32 -56.28
C THR A 112 19.43 -31.84 -56.36
N VAL A 113 19.74 -31.17 -57.47
CA VAL A 113 19.31 -29.75 -57.65
C VAL A 113 17.77 -29.74 -57.78
N ILE A 114 17.11 -28.74 -57.18
CA ILE A 114 15.62 -28.69 -57.21
C ILE A 114 15.13 -28.52 -58.65
N ILE A 115 15.78 -27.64 -59.43
CA ILE A 115 15.31 -27.36 -60.82
C ILE A 115 15.43 -28.62 -61.69
N SER A 116 16.55 -29.34 -61.59
CA SER A 116 16.71 -30.61 -62.35
C SER A 116 16.99 -31.78 -61.39
N PRO A 117 16.10 -32.79 -61.31
CA PRO A 117 16.31 -33.94 -60.42
C PRO A 117 17.55 -34.74 -60.81
N SER A 118 17.78 -34.92 -62.12
CA SER A 118 18.94 -35.72 -62.59
C SER A 118 20.26 -35.07 -62.14
N THR A 119 20.35 -33.74 -62.23
CA THR A 119 21.60 -33.03 -61.85
C THR A 119 21.79 -33.14 -60.33
N SER A 120 23.00 -33.47 -59.87
CA SER A 120 23.30 -33.52 -58.43
C SER A 120 24.58 -32.73 -58.13
N ALA A 121 24.54 -31.88 -57.10
CA ALA A 121 25.74 -31.08 -56.72
C ALA A 121 25.83 -30.99 -55.19
N THR A 122 27.02 -30.72 -54.65
CA THR A 122 27.15 -30.55 -53.18
C THR A 122 26.34 -29.33 -52.75
N ILE A 123 25.59 -29.43 -51.65
CA ILE A 123 24.72 -28.30 -51.19
C ILE A 123 25.60 -27.14 -50.75
N ARG A 124 25.20 -25.90 -51.06
CA ARG A 124 25.95 -24.70 -50.62
C ARG A 124 25.03 -23.85 -49.76
N LYS A 125 25.50 -23.38 -48.61
CA LYS A 125 24.60 -22.62 -47.69
C LYS A 125 24.15 -21.32 -48.37
N ILE A 126 22.86 -20.98 -48.25
CA ILE A 126 22.38 -19.68 -48.80
C ILE A 126 21.68 -18.91 -47.67
N TYR A 127 22.05 -17.64 -47.45
CA TYR A 127 21.46 -16.84 -46.36
C TYR A 127 20.01 -16.48 -46.73
N PRO A 128 19.04 -16.61 -45.78
CA PRO A 128 17.64 -16.27 -46.05
C PRO A 128 17.35 -14.78 -46.14
N ALA A 129 16.33 -14.39 -46.91
CA ALA A 129 15.94 -12.96 -47.01
C ALA A 129 14.52 -12.80 -46.44
N PHE A 130 14.31 -11.81 -45.57
CA PHE A 130 12.97 -11.66 -44.92
C PHE A 130 12.48 -10.22 -45.05
N MET A 131 11.16 -10.03 -45.12
CA MET A 131 10.58 -8.67 -45.22
C MET A 131 9.51 -8.53 -44.13
N LEU A 132 9.93 -8.51 -42.86
CA LEU A 132 8.97 -8.43 -41.74
C LEU A 132 8.20 -7.11 -41.83
N GLY A 133 6.87 -7.14 -41.68
CA GLY A 133 6.07 -5.92 -41.82
C GLY A 133 5.15 -5.70 -40.63
N SER A 134 4.97 -4.44 -40.22
CA SER A 134 4.04 -4.13 -39.09
C SER A 134 2.63 -4.55 -39.49
N SER A 135 2.24 -4.31 -40.75
CA SER A 135 0.91 -4.71 -41.25
C SER A 135 1.06 -5.37 -42.62
N VAL A 136 0.09 -6.19 -43.04
CA VAL A 136 0.13 -6.80 -44.40
C VAL A 136 -1.16 -6.43 -45.15
N GLY A 137 -1.07 -6.25 -46.47
CA GLY A 137 -2.25 -5.89 -47.28
C GLY A 137 -2.32 -6.73 -48.54
N ASN A 138 -3.49 -6.79 -49.18
CA ASN A 138 -3.59 -7.52 -50.47
C ASN A 138 -2.89 -6.70 -51.57
N PHE A 139 -2.36 -7.36 -52.59
CA PHE A 139 -1.67 -6.66 -53.71
C PHE A 139 -2.72 -6.04 -54.63
N SER A 140 -2.28 -5.26 -55.61
CA SER A 140 -3.22 -4.65 -56.58
C SER A 140 -3.97 -5.77 -57.31
N ASP A 141 -3.28 -6.87 -57.63
CA ASP A 141 -3.93 -8.03 -58.29
C ASP A 141 -4.60 -8.92 -57.25
N GLY A 142 -4.49 -8.57 -55.96
CA GLY A 142 -5.14 -9.33 -54.88
C GLY A 142 -4.25 -10.42 -54.32
N LYS A 143 -3.00 -10.52 -54.78
CA LYS A 143 -2.04 -11.51 -54.23
C LYS A 143 -1.72 -11.15 -52.78
N MET A 144 -1.57 -12.15 -51.91
CA MET A 144 -1.27 -11.90 -50.48
C MET A 144 0.22 -11.59 -50.29
N GLY A 145 0.60 -11.02 -49.14
CA GLY A 145 2.02 -10.74 -48.85
C GLY A 145 2.50 -9.36 -49.25
N ARG A 146 1.60 -8.48 -49.70
CA ARG A 146 2.03 -7.08 -49.98
C ARG A 146 2.49 -6.44 -48.67
N PHE A 147 3.60 -5.69 -48.69
CA PHE A 147 4.16 -5.10 -47.45
C PHE A 147 3.57 -3.71 -47.21
N PHE A 148 3.22 -3.41 -45.95
CA PHE A 148 2.64 -2.09 -45.60
C PHE A 148 3.75 -1.08 -45.29
N ASN A 149 3.38 0.08 -44.75
CA ASN A 149 4.36 1.17 -44.46
C ASN A 149 5.35 0.75 -43.37
N HIS A 150 6.59 1.27 -43.44
CA HIS A 150 7.63 0.99 -42.41
C HIS A 150 7.96 -0.51 -42.33
N THR A 151 7.94 -1.21 -43.47
CA THR A 151 8.35 -2.64 -43.47
C THR A 151 9.86 -2.74 -43.26
N LEU A 152 10.31 -3.72 -42.47
CA LEU A 152 11.77 -3.92 -42.26
C LEU A 152 12.23 -5.06 -43.18
N VAL A 153 13.18 -4.78 -44.08
CA VAL A 153 13.60 -5.81 -45.06
C VAL A 153 15.08 -6.14 -44.84
N LEU A 154 15.41 -7.42 -44.67
CA LEU A 154 16.85 -7.82 -44.56
C LEU A 154 17.19 -8.67 -45.79
N LEU A 155 18.17 -8.23 -46.58
CA LEU A 155 18.50 -8.96 -47.84
C LEU A 155 20.00 -9.26 -47.88
N PRO A 156 20.43 -10.52 -48.09
CA PRO A 156 21.85 -10.83 -48.27
C PRO A 156 22.31 -10.18 -49.58
N ASP A 157 23.53 -9.64 -49.61
CA ASP A 157 24.00 -8.91 -50.82
C ASP A 157 25.40 -9.41 -51.20
N GLY A 158 25.79 -9.26 -52.48
CA GLY A 158 27.09 -9.77 -52.93
C GLY A 158 27.20 -11.27 -52.70
N CYS A 159 26.13 -12.02 -52.98
CA CYS A 159 26.10 -13.49 -52.75
C CYS A 159 26.39 -13.79 -51.27
N GLY A 160 25.88 -12.95 -50.36
CA GLY A 160 26.04 -13.20 -48.91
C GLY A 160 27.35 -12.68 -48.35
N THR A 161 28.16 -11.99 -49.16
CA THR A 161 29.40 -11.37 -48.62
C THR A 161 29.03 -10.31 -47.58
N LEU A 162 27.96 -9.56 -47.81
CA LEU A 162 27.49 -8.58 -46.80
C LEU A 162 25.99 -8.79 -46.55
N LEU A 163 25.51 -8.51 -45.34
CA LEU A 163 24.07 -8.62 -45.03
C LEU A 163 23.51 -7.21 -44.87
N ARG A 164 22.45 -6.87 -45.63
CA ARG A 164 21.93 -5.48 -45.58
C ARG A 164 20.54 -5.47 -44.93
N ALA A 165 20.37 -4.73 -43.85
CA ALA A 165 19.04 -4.62 -43.20
C ALA A 165 18.62 -3.14 -43.16
N PHE A 166 17.44 -2.82 -43.71
CA PHE A 166 16.97 -1.42 -43.73
C PHE A 166 15.45 -1.39 -43.50
N TYR A 167 14.95 -0.32 -42.88
CA TYR A 167 13.48 -0.18 -42.74
C TYR A 167 13.02 0.91 -43.72
N CYS A 168 12.25 0.52 -44.73
CA CYS A 168 11.80 1.50 -45.76
C CYS A 168 10.35 1.20 -46.12
N ILE A 169 9.61 2.19 -46.63
CA ILE A 169 8.23 1.92 -47.12
C ILE A 169 8.36 1.46 -48.56
N LEU A 170 8.05 0.18 -48.83
CA LEU A 170 8.24 -0.35 -50.21
C LEU A 170 7.22 0.29 -51.15
N GLU A 171 7.67 0.67 -52.35
CA GLU A 171 6.73 1.24 -53.36
C GLU A 171 6.65 0.28 -54.56
N PRO A 172 5.45 -0.21 -54.94
CA PRO A 172 5.31 -1.08 -56.11
C PRO A 172 5.65 -0.32 -57.40
N ARG A 173 6.27 -1.02 -58.37
CA ARG A 173 6.68 -0.37 -59.64
C ARG A 173 5.81 -0.90 -60.77
N SER A 174 5.37 -0.04 -61.70
CA SER A 174 4.46 -0.47 -62.78
C SER A 174 5.28 -0.99 -63.97
N GLY A 175 5.47 -2.32 -64.04
CA GLY A 175 6.21 -2.93 -65.16
C GLY A 175 5.86 -4.41 -65.25
N ASN A 176 6.20 -5.07 -66.36
CA ASN A 176 5.80 -6.50 -66.51
C ASN A 176 6.50 -7.32 -65.42
N HIS A 177 5.78 -8.28 -64.81
CA HIS A 177 6.35 -9.11 -63.70
C HIS A 177 6.74 -8.23 -62.52
N CYS A 178 6.00 -7.15 -62.26
CA CYS A 178 6.27 -6.26 -61.09
C CYS A 178 4.97 -6.08 -60.32
N PRO A 179 4.97 -5.73 -59.01
CA PRO A 179 3.73 -5.67 -58.21
C PRO A 179 2.64 -4.72 -58.73
N ALA A 180 3.02 -3.53 -59.21
CA ALA A 180 2.04 -2.55 -59.73
C ALA A 180 1.87 -2.74 -61.24
N GLY A 181 2.50 -3.77 -61.81
CA GLY A 181 2.45 -3.98 -63.27
C GLY A 181 1.80 -5.29 -63.66
N ASN A 182 1.36 -5.42 -64.91
CA ASN A 182 0.67 -6.64 -65.40
C ASN A 182 1.64 -7.82 -65.46
N SER A 183 1.12 -9.06 -65.40
CA SER A 183 1.95 -10.29 -65.49
C SER A 183 2.77 -10.52 -64.22
N TYR A 184 2.39 -9.88 -63.11
CA TYR A 184 3.09 -10.11 -61.81
C TYR A 184 2.80 -11.53 -61.32
N THR A 185 3.84 -12.26 -60.89
CA THR A 185 3.63 -13.61 -60.30
C THR A 185 4.14 -13.61 -58.86
N SER A 186 5.39 -13.20 -58.65
CA SER A 186 5.98 -13.13 -57.29
C SER A 186 7.15 -12.14 -57.30
N PHE A 187 7.56 -11.64 -56.12
CA PHE A 187 8.74 -10.75 -56.07
C PHE A 187 9.96 -11.61 -55.74
N ALA A 188 10.97 -11.61 -56.62
CA ALA A 188 12.14 -12.51 -56.42
C ALA A 188 13.46 -11.76 -56.60
N THR A 189 14.54 -12.28 -56.03
CA THR A 189 15.88 -11.66 -56.18
C THR A 189 16.82 -12.68 -56.85
N TYR A 190 17.90 -12.22 -57.48
CA TYR A 190 18.80 -13.15 -58.20
C TYR A 190 20.27 -12.74 -58.05
N HIS A 191 21.20 -13.69 -58.15
CA HIS A 191 22.64 -13.37 -58.12
C HIS A 191 23.34 -14.10 -59.27
N THR A 192 24.42 -13.55 -59.81
CA THR A 192 25.10 -14.18 -60.98
C THR A 192 26.43 -14.78 -60.53
N PRO A 193 26.67 -16.10 -60.69
CA PRO A 193 27.95 -16.70 -60.35
C PRO A 193 29.08 -16.12 -61.22
N ALA A 194 28.83 -15.92 -62.51
CA ALA A 194 29.88 -15.45 -63.44
C ALA A 194 30.41 -14.06 -63.05
N THR A 195 29.53 -13.13 -62.67
CA THR A 195 30.00 -11.74 -62.38
C THR A 195 29.81 -11.37 -60.90
N ASP A 196 28.58 -11.47 -60.39
CA ASP A 196 28.29 -11.04 -58.99
C ASP A 196 29.05 -11.92 -57.99
N CYS A 197 29.10 -13.23 -58.21
CA CYS A 197 29.71 -14.16 -57.21
C CYS A 197 31.12 -14.59 -57.62
N SER A 198 31.67 -14.01 -58.69
CA SER A 198 33.07 -14.34 -59.07
C SER A 198 34.02 -13.88 -57.95
N ASP A 199 35.05 -14.67 -57.65
CA ASP A 199 35.96 -14.33 -56.51
C ASP A 199 36.69 -13.01 -56.81
N GLY A 200 36.72 -12.10 -55.83
CA GLY A 200 37.42 -10.81 -55.99
C GLY A 200 36.54 -9.80 -56.74
N ASN A 201 35.34 -10.23 -57.16
CA ASN A 201 34.41 -9.33 -57.88
C ASN A 201 33.01 -9.48 -57.29
N TYR A 202 32.77 -8.86 -56.13
CA TYR A 202 31.43 -8.94 -55.49
C TYR A 202 30.81 -7.54 -55.47
N ASN A 203 29.55 -7.44 -55.93
CA ASN A 203 28.88 -6.11 -56.00
C ASN A 203 28.03 -5.92 -54.75
N ARG A 204 28.26 -4.84 -54.00
CA ARG A 204 27.54 -4.62 -52.71
C ARG A 204 26.03 -4.45 -52.96
N ASN A 205 25.64 -3.75 -54.03
CA ASN A 205 24.19 -3.46 -54.24
C ASN A 205 23.58 -4.36 -55.33
N ALA A 206 24.28 -5.40 -55.79
CA ALA A 206 23.73 -6.19 -56.92
C ALA A 206 22.41 -6.87 -56.52
N SER A 207 22.36 -7.49 -55.34
CA SER A 207 21.10 -8.11 -54.85
C SER A 207 20.06 -7.02 -54.59
N LEU A 208 20.49 -5.88 -54.04
CA LEU A 208 19.56 -4.76 -53.73
C LEU A 208 18.97 -4.24 -55.05
N ASN A 209 19.78 -4.16 -56.11
CA ASN A 209 19.29 -3.66 -57.43
C ASN A 209 18.21 -4.59 -57.98
N SER A 210 18.39 -5.91 -57.84
CA SER A 210 17.34 -6.86 -58.30
C SER A 210 16.06 -6.63 -57.49
N PHE A 211 16.19 -6.43 -56.17
CA PHE A 211 15.01 -6.12 -55.32
C PHE A 211 14.43 -4.76 -55.73
N LYS A 212 15.30 -3.81 -56.10
CA LYS A 212 14.84 -2.43 -56.42
C LYS A 212 13.85 -2.45 -57.60
N GLU A 213 14.08 -3.32 -58.59
CA GLU A 213 13.17 -3.28 -59.76
C GLU A 213 11.74 -3.56 -59.29
N TYR A 214 11.56 -4.58 -58.45
CA TYR A 214 10.21 -4.93 -57.92
C TYR A 214 9.68 -3.84 -56.98
N PHE A 215 10.53 -3.37 -56.06
CA PHE A 215 10.07 -2.35 -55.06
C PHE A 215 11.07 -1.21 -54.95
N ASN A 216 10.58 0.04 -55.01
CA ASN A 216 11.48 1.20 -54.83
C ASN A 216 11.46 1.60 -53.35
N LEU A 217 12.61 1.55 -52.68
CA LEU A 217 12.66 1.85 -51.23
C LEU A 217 12.39 3.34 -51.03
N ARG A 218 11.48 3.70 -50.12
CA ARG A 218 11.14 5.12 -49.85
C ARG A 218 11.12 5.35 -48.34
N ASN A 219 11.34 6.59 -47.89
CA ASN A 219 11.24 6.90 -46.43
C ASN A 219 12.11 5.94 -45.62
N CYS A 220 13.37 5.78 -46.00
CA CYS A 220 14.25 4.80 -45.32
C CYS A 220 14.84 5.42 -44.06
N THR A 221 14.41 4.96 -42.88
CA THR A 221 14.89 5.51 -41.59
C THR A 221 16.39 5.23 -41.42
N PHE A 222 16.84 4.01 -41.73
CA PHE A 222 18.26 3.64 -41.49
C PHE A 222 18.73 2.60 -42.51
N MET A 223 20.05 2.53 -42.75
CA MET A 223 20.60 1.46 -43.63
C MET A 223 21.74 0.79 -42.86
N TYR A 224 21.69 -0.54 -42.69
CA TYR A 224 22.71 -1.26 -41.90
C TYR A 224 23.39 -2.33 -42.77
N THR A 225 24.72 -2.36 -42.78
CA THR A 225 25.45 -3.42 -43.54
C THR A 225 26.34 -4.22 -42.58
N TYR A 226 26.25 -5.55 -42.63
CA TYR A 226 27.06 -6.42 -41.73
C TYR A 226 27.98 -7.31 -42.58
N ASN A 227 29.28 -7.29 -42.28
CA ASN A 227 30.25 -8.14 -43.03
C ASN A 227 30.00 -9.62 -42.70
N ILE A 228 30.07 -10.49 -43.71
CA ILE A 228 29.87 -11.95 -43.49
C ILE A 228 30.93 -12.73 -44.27
N THR A 229 31.32 -13.91 -43.78
CA THR A 229 32.32 -14.76 -44.48
C THR A 229 31.69 -16.11 -44.81
N GLU A 230 31.81 -16.56 -46.07
CA GLU A 230 31.25 -17.88 -46.47
C GLU A 230 31.96 -18.98 -45.69
N ASP A 231 31.21 -19.95 -45.18
CA ASP A 231 31.81 -21.06 -44.36
C ASP A 231 31.04 -22.35 -44.66
N GLU A 232 31.62 -23.50 -44.33
CA GLU A 232 30.91 -24.80 -44.50
C GLU A 232 30.39 -25.31 -43.16
N ILE A 233 30.47 -24.47 -42.11
CA ILE A 233 30.04 -24.89 -40.74
C ILE A 233 28.62 -24.37 -40.49
N LEU A 234 27.74 -25.22 -39.95
CA LEU A 234 26.32 -24.82 -39.72
C LEU A 234 26.28 -23.60 -38.78
N GLU A 235 25.43 -22.62 -39.09
CA GLU A 235 25.31 -21.40 -38.24
C GLU A 235 23.83 -21.14 -37.96
N TRP A 236 23.52 -20.48 -36.84
CA TRP A 236 22.10 -20.22 -36.46
C TRP A 236 21.85 -18.71 -36.39
N PHE A 237 20.80 -18.22 -37.06
CA PHE A 237 20.44 -16.80 -36.95
C PHE A 237 19.08 -16.68 -36.26
N GLY A 238 19.00 -15.90 -35.18
CA GLY A 238 17.72 -15.71 -34.48
C GLY A 238 17.30 -14.26 -34.47
N ILE A 239 16.05 -13.97 -34.87
CA ILE A 239 15.55 -12.56 -34.80
C ILE A 239 14.40 -12.52 -33.79
N THR A 240 14.48 -11.61 -32.81
CA THR A 240 13.42 -11.51 -31.76
C THR A 240 12.83 -10.10 -31.77
N GLN A 241 11.51 -10.00 -31.62
CA GLN A 241 10.85 -8.66 -31.59
C GLN A 241 10.69 -8.23 -30.14
N THR A 242 11.27 -7.09 -29.76
CA THR A 242 11.19 -6.59 -28.36
C THR A 242 10.74 -5.12 -28.40
N ALA A 243 10.16 -4.61 -27.30
CA ALA A 243 9.62 -3.24 -27.31
C ALA A 243 10.74 -2.22 -27.58
N GLN A 244 11.91 -2.38 -26.94
CA GLN A 244 12.98 -1.38 -27.11
C GLN A 244 13.45 -1.36 -28.58
N GLY A 245 13.70 -2.54 -29.15
CA GLY A 245 14.10 -2.63 -30.58
C GLY A 245 14.08 -4.04 -31.10
N VAL A 246 14.09 -4.23 -32.42
CA VAL A 246 14.21 -5.61 -32.97
C VAL A 246 15.64 -6.09 -32.68
N HIS A 247 15.81 -7.33 -32.25
CA HIS A 247 17.16 -7.82 -31.87
C HIS A 247 17.62 -8.93 -32.84
N LEU A 248 18.87 -8.85 -33.31
CA LEU A 248 19.40 -9.85 -34.28
C LEU A 248 20.51 -10.66 -33.62
N PHE A 249 20.41 -11.99 -33.65
CA PHE A 249 21.41 -12.87 -33.00
C PHE A 249 22.10 -13.72 -34.07
N SER A 250 23.43 -13.74 -34.11
CA SER A 250 24.14 -14.60 -35.10
C SER A 250 25.11 -15.57 -34.41
N SER A 251 24.99 -16.87 -34.70
CA SER A 251 25.95 -17.88 -34.16
C SER A 251 27.34 -17.65 -34.75
N ARG A 252 27.41 -17.29 -36.05
CA ARG A 252 28.72 -17.15 -36.74
C ARG A 252 29.57 -16.09 -36.03
N TYR A 253 28.96 -15.00 -35.59
CA TYR A 253 29.73 -13.89 -34.95
C TYR A 253 30.45 -14.41 -33.70
N VAL A 254 29.77 -15.25 -32.90
CA VAL A 254 30.38 -15.75 -31.63
C VAL A 254 30.67 -17.25 -31.74
N ASP A 255 29.80 -18.11 -31.21
CA ASP A 255 30.06 -19.57 -31.20
C ASP A 255 29.53 -20.21 -32.48
N LEU A 256 30.31 -20.15 -33.56
CA LEU A 256 29.89 -20.77 -34.85
C LEU A 256 29.75 -22.29 -34.67
N TYR A 257 30.72 -22.92 -34.02
CA TYR A 257 30.68 -24.40 -33.81
C TYR A 257 29.52 -24.77 -32.88
N GLY A 258 29.34 -24.00 -31.80
CA GLY A 258 28.27 -24.29 -30.82
C GLY A 258 26.88 -24.12 -31.42
N GLY A 259 26.68 -23.10 -32.26
CA GLY A 259 25.34 -22.81 -32.79
C GLY A 259 24.55 -21.96 -31.81
N ASN A 260 25.19 -21.55 -30.71
CA ASN A 260 24.52 -20.70 -29.68
C ASN A 260 24.26 -19.31 -30.29
N MET A 261 23.14 -18.68 -29.94
CA MET A 261 22.78 -17.38 -30.57
C MET A 261 23.15 -16.23 -29.63
N PHE A 262 23.99 -15.30 -30.09
CA PHE A 262 24.37 -14.12 -29.28
C PHE A 262 24.02 -12.85 -30.07
N GLN A 263 23.37 -11.88 -29.44
CA GLN A 263 22.92 -10.67 -30.19
C GLN A 263 24.14 -9.92 -30.74
N PHE A 264 24.12 -9.59 -32.03
CA PHE A 264 25.23 -8.81 -32.64
C PHE A 264 24.72 -7.45 -33.13
N ALA A 265 23.40 -7.31 -33.31
CA ALA A 265 22.86 -6.06 -33.88
C ALA A 265 21.55 -5.66 -33.20
N THR A 266 21.25 -4.35 -33.16
CA THR A 266 19.98 -3.86 -32.57
C THR A 266 19.31 -2.92 -33.59
N LEU A 267 17.99 -2.99 -33.71
CA LEU A 267 17.26 -2.06 -34.62
C LEU A 267 16.72 -0.88 -33.79
N PRO A 268 16.99 0.38 -34.18
CA PRO A 268 16.57 1.54 -33.38
C PRO A 268 15.05 1.70 -33.23
N VAL A 269 14.28 1.41 -34.29
CA VAL A 269 12.81 1.66 -34.24
C VAL A 269 12.20 0.83 -33.10
N TYR A 270 11.40 1.47 -32.24
CA TYR A 270 10.72 0.76 -31.12
C TYR A 270 9.68 -0.20 -31.67
N ASP A 271 8.97 0.18 -32.72
CA ASP A 271 7.86 -0.67 -33.26
C ASP A 271 8.41 -2.03 -33.69
N THR A 272 7.68 -3.10 -33.38
CA THR A 272 8.12 -4.47 -33.75
C THR A 272 7.15 -5.03 -34.78
N ILE A 273 7.67 -5.61 -35.88
CA ILE A 273 6.79 -6.11 -36.97
C ILE A 273 5.92 -7.25 -36.43
N LYS A 274 4.62 -7.21 -36.74
CA LYS A 274 3.68 -8.28 -36.27
C LYS A 274 3.64 -9.42 -37.29
N TYR A 275 4.23 -9.22 -38.48
CA TYR A 275 4.18 -10.25 -39.55
C TYR A 275 5.56 -10.40 -40.18
N TYR A 276 5.87 -11.58 -40.74
CA TYR A 276 7.15 -11.78 -41.47
C TYR A 276 6.90 -12.61 -42.72
N SER A 277 7.46 -12.18 -43.86
CA SER A 277 7.31 -12.97 -45.11
C SER A 277 8.70 -13.31 -45.66
N ILE A 278 8.95 -14.61 -45.92
CA ILE A 278 10.25 -15.00 -46.55
C ILE A 278 10.25 -14.46 -47.98
N ILE A 279 11.39 -13.95 -48.45
CA ILE A 279 11.49 -13.46 -49.86
C ILE A 279 12.09 -14.61 -50.69
N PRO A 280 11.37 -15.13 -51.70
CA PRO A 280 11.90 -16.21 -52.53
C PRO A 280 13.10 -15.73 -53.35
N HIS A 281 14.15 -16.56 -53.41
CA HIS A 281 15.36 -16.18 -54.20
C HIS A 281 15.63 -17.24 -55.27
N SER A 282 15.82 -16.81 -56.52
CA SER A 282 16.20 -17.78 -57.58
C SER A 282 17.60 -17.41 -58.10
N ILE A 283 18.53 -18.35 -58.09
CA ILE A 283 19.91 -18.08 -58.55
C ILE A 283 19.85 -17.86 -60.08
N ARG A 284 20.48 -16.80 -60.58
CA ARG A 284 20.53 -16.58 -62.05
C ARG A 284 21.75 -17.32 -62.60
N SER A 285 21.58 -18.58 -63.00
CA SER A 285 22.73 -19.39 -63.46
C SER A 285 22.36 -20.25 -64.66
N ILE A 286 23.37 -20.65 -65.46
CA ILE A 286 23.12 -21.55 -66.64
C ILE A 286 22.98 -22.99 -66.15
N GLN A 287 22.61 -23.92 -67.04
CA GLN A 287 22.35 -25.32 -66.61
C GLN A 287 23.60 -25.94 -65.95
N SER A 288 24.79 -25.72 -66.52
CA SER A 288 26.03 -26.23 -65.88
C SER A 288 26.24 -25.57 -64.52
N ASP A 289 25.97 -24.27 -64.40
CA ASP A 289 26.18 -23.52 -63.13
C ASP A 289 25.21 -23.97 -62.03
N ARG A 290 24.07 -24.56 -62.40
CA ARG A 290 23.04 -24.92 -61.36
C ARG A 290 23.66 -25.83 -60.30
N LYS A 291 23.42 -25.54 -59.02
CA LYS A 291 23.98 -26.36 -57.91
C LYS A 291 22.92 -26.49 -56.81
N ALA A 292 23.04 -27.50 -55.95
CA ALA A 292 22.11 -27.65 -54.80
C ALA A 292 22.40 -26.56 -53.76
N TRP A 293 21.37 -26.13 -53.01
CA TRP A 293 21.55 -25.08 -51.97
C TRP A 293 20.98 -25.57 -50.63
N ALA A 294 21.61 -25.18 -49.51
CA ALA A 294 21.16 -25.64 -48.18
C ALA A 294 19.76 -25.11 -47.85
N ALA A 295 18.93 -25.94 -47.20
CA ALA A 295 17.56 -25.51 -46.82
C ALA A 295 17.60 -24.51 -45.66
N PHE A 296 16.61 -23.61 -45.60
CA PHE A 296 16.51 -22.63 -44.49
C PHE A 296 15.29 -22.99 -43.64
N TYR A 297 15.45 -23.09 -42.31
CA TYR A 297 14.32 -23.54 -41.48
C TYR A 297 13.89 -22.46 -40.47
N VAL A 298 12.59 -22.18 -40.41
CA VAL A 298 12.07 -21.11 -39.50
C VAL A 298 11.38 -21.79 -38.31
N TYR A 299 11.76 -21.42 -37.08
CA TYR A 299 11.18 -22.07 -35.87
C TYR A 299 10.43 -21.05 -35.03
N LYS A 300 9.19 -21.36 -34.63
CA LYS A 300 8.36 -20.43 -33.83
C LYS A 300 8.99 -20.26 -32.42
N LEU A 301 8.87 -19.06 -31.86
CA LEU A 301 9.42 -18.79 -30.50
C LEU A 301 8.26 -18.57 -29.53
N GLN A 302 8.29 -19.23 -28.36
CA GLN A 302 7.24 -19.04 -27.33
C GLN A 302 7.93 -18.92 -25.96
N PRO A 303 7.39 -18.15 -24.99
CA PRO A 303 8.03 -18.09 -23.68
C PRO A 303 8.03 -19.50 -23.06
N LEU A 304 9.19 -19.94 -22.58
CA LEU A 304 9.30 -21.32 -22.01
C LEU A 304 10.34 -21.31 -20.89
N THR A 305 10.24 -22.25 -19.94
CA THR A 305 11.24 -22.38 -18.86
C THR A 305 12.21 -23.50 -19.27
N PHE A 306 13.47 -23.16 -19.55
CA PHE A 306 14.42 -24.18 -20.06
C PHE A 306 15.53 -24.45 -19.04
N LEU A 307 15.72 -25.71 -18.64
CA LEU A 307 16.87 -26.04 -17.77
C LEU A 307 18.12 -25.96 -18.65
N LEU A 308 19.16 -25.26 -18.20
CA LEU A 308 20.35 -25.08 -19.08
C LEU A 308 21.58 -25.71 -18.42
N ASP A 309 22.30 -26.57 -19.15
CA ASP A 309 23.53 -27.20 -18.62
C ASP A 309 24.74 -26.54 -19.29
N PHE A 310 25.70 -26.06 -18.50
CA PHE A 310 26.85 -25.32 -19.08
C PHE A 310 28.13 -26.14 -18.88
N SER A 311 28.96 -26.23 -19.92
CA SER A 311 30.24 -26.98 -19.84
C SER A 311 31.33 -26.09 -19.25
N VAL A 312 32.58 -26.56 -19.26
CA VAL A 312 33.70 -25.78 -18.66
C VAL A 312 33.80 -24.42 -19.37
N ASP A 313 33.60 -24.41 -20.70
CA ASP A 313 33.66 -23.14 -21.47
C ASP A 313 32.58 -22.17 -20.97
N GLY A 314 31.42 -22.71 -20.57
CA GLY A 314 30.30 -21.87 -20.10
C GLY A 314 29.32 -21.61 -21.23
N TYR A 315 29.69 -21.97 -22.46
CA TYR A 315 28.74 -21.86 -23.60
C TYR A 315 27.69 -22.96 -23.42
N ILE A 316 26.42 -22.66 -23.75
CA ILE A 316 25.35 -23.67 -23.52
C ILE A 316 25.61 -24.87 -24.43
N ARG A 317 25.58 -26.09 -23.88
CA ARG A 317 25.79 -27.31 -24.70
C ARG A 317 24.52 -28.17 -24.66
N ARG A 318 23.96 -28.38 -23.48
CA ARG A 318 22.74 -29.23 -23.33
C ARG A 318 21.62 -28.41 -22.69
N ALA A 319 20.41 -28.48 -23.25
CA ALA A 319 19.26 -27.77 -22.66
C ALA A 319 18.09 -28.77 -22.49
N ILE A 320 17.20 -28.50 -21.55
CA ILE A 320 16.01 -29.38 -21.35
C ILE A 320 14.75 -28.52 -21.46
N ASP A 321 13.78 -28.95 -22.29
CA ASP A 321 12.49 -28.21 -22.37
C ASP A 321 11.52 -28.85 -21.36
N CYS A 322 11.18 -28.12 -20.30
CA CYS A 322 10.30 -28.69 -19.24
C CYS A 322 8.94 -29.04 -19.83
N GLY A 323 8.40 -28.19 -20.71
CA GLY A 323 7.04 -28.41 -21.26
C GLY A 323 6.90 -29.69 -22.05
N PHE A 324 7.87 -30.05 -22.88
CA PHE A 324 7.67 -31.24 -23.75
C PHE A 324 8.08 -32.54 -23.05
N ASN A 325 7.14 -33.48 -22.88
CA ASN A 325 7.40 -34.83 -22.30
C ASN A 325 7.28 -34.83 -20.77
N ASP A 326 6.80 -35.94 -20.19
CA ASP A 326 6.73 -36.08 -18.71
C ASP A 326 8.14 -36.18 -18.14
N LEU A 327 9.03 -36.91 -18.84
CA LEU A 327 10.41 -37.14 -18.33
C LEU A 327 11.14 -35.80 -18.21
N SER A 328 10.94 -34.90 -19.18
CA SER A 328 11.59 -33.57 -19.15
C SER A 328 11.12 -32.77 -17.94
N GLN A 329 9.83 -32.86 -17.59
CA GLN A 329 9.32 -32.16 -16.37
C GLN A 329 10.06 -32.74 -15.17
N LEU A 330 10.23 -34.07 -15.14
CA LEU A 330 10.97 -34.73 -14.02
C LEU A 330 12.42 -34.25 -14.02
N HIS A 331 13.04 -34.11 -15.19
CA HIS A 331 14.45 -33.63 -15.28
C HIS A 331 14.56 -32.20 -14.74
N CYS A 332 13.57 -31.35 -15.05
CA CYS A 332 13.58 -29.97 -14.50
C CYS A 332 13.49 -30.06 -12.97
N SER A 333 12.67 -30.97 -12.45
CA SER A 333 12.61 -31.20 -10.98
C SER A 333 13.94 -31.78 -10.52
N TYR A 334 14.35 -31.53 -9.27
CA TYR A 334 15.67 -31.99 -8.74
C TYR A 334 16.78 -31.20 -9.43
N GLU A 335 16.45 -30.50 -10.52
CA GLU A 335 17.44 -29.67 -11.26
C GLU A 335 18.62 -30.54 -11.71
N SER A 336 18.34 -31.78 -12.15
CA SER A 336 19.42 -32.70 -12.59
C SER A 336 19.05 -33.31 -13.96
N PHE A 337 20.05 -33.50 -14.83
CA PHE A 337 19.79 -34.07 -16.18
C PHE A 337 19.21 -35.48 -16.02
N ASP A 338 19.74 -36.25 -15.07
CA ASP A 338 19.22 -37.61 -14.80
C ASP A 338 18.65 -37.65 -13.38
N VAL A 339 17.43 -38.19 -13.21
CA VAL A 339 16.78 -38.23 -11.87
C VAL A 339 16.72 -39.69 -11.40
N GLU A 340 16.89 -39.92 -10.10
CA GLU A 340 16.92 -41.32 -9.57
C GLU A 340 15.56 -41.98 -9.83
N SER A 341 15.57 -43.28 -10.15
CA SER A 341 14.29 -43.97 -10.52
C SER A 341 13.30 -43.90 -9.35
N GLY A 342 12.06 -43.50 -9.62
CA GLY A 342 11.03 -43.42 -8.57
C GLY A 342 9.65 -43.33 -9.19
N VAL A 343 8.59 -43.55 -8.41
CA VAL A 343 7.21 -43.34 -8.95
C VAL A 343 6.92 -41.84 -8.80
N TYR A 344 6.66 -41.13 -9.90
CA TYR A 344 6.47 -39.67 -9.82
C TYR A 344 5.10 -39.26 -10.37
N SER A 345 4.34 -38.49 -9.59
CA SER A 345 3.00 -38.03 -10.03
C SER A 345 3.13 -36.95 -11.12
N VAL A 346 2.16 -36.90 -12.04
CA VAL A 346 2.17 -35.89 -13.14
C VAL A 346 0.78 -35.21 -13.11
N SER A 347 0.65 -34.03 -13.71
CA SER A 347 -0.64 -33.28 -13.62
C SER A 347 -1.79 -34.14 -14.17
N SER A 348 -2.91 -34.18 -13.47
CA SER A 348 -4.07 -35.02 -13.88
C SER A 348 -4.67 -34.50 -15.18
N PHE A 349 -5.20 -35.41 -16.02
CA PHE A 349 -5.76 -35.00 -17.34
C PHE A 349 -7.24 -34.67 -17.17
N GLU A 350 -7.59 -33.38 -17.19
CA GLU A 350 -9.00 -32.95 -17.04
C GLU A 350 -9.77 -33.24 -18.34
N ALA A 351 -11.03 -33.68 -18.22
CA ALA A 351 -11.86 -33.97 -19.41
C ALA A 351 -12.12 -32.69 -20.19
N LYS A 352 -12.10 -32.75 -21.53
CA LYS A 352 -12.35 -31.56 -22.37
C LYS A 352 -13.80 -31.10 -22.20
N PRO A 353 -14.09 -29.80 -22.04
CA PRO A 353 -15.47 -29.32 -21.97
C PRO A 353 -16.14 -29.46 -23.35
N SER A 354 -17.39 -29.93 -23.38
CA SER A 354 -18.10 -30.15 -24.68
C SER A 354 -19.59 -29.88 -24.50
N GLY A 355 -20.30 -29.59 -25.61
CA GLY A 355 -21.76 -29.38 -25.53
C GLY A 355 -22.14 -28.35 -24.50
N SER A 356 -21.48 -27.18 -24.51
CA SER A 356 -21.72 -26.16 -23.45
C SER A 356 -23.20 -25.76 -23.45
N VAL A 357 -23.83 -25.76 -22.28
CA VAL A 357 -25.25 -25.32 -22.16
C VAL A 357 -25.20 -23.88 -21.64
N VAL A 358 -25.97 -22.96 -22.20
CA VAL A 358 -26.01 -21.57 -21.65
C VAL A 358 -27.46 -21.15 -21.40
N GLU A 359 -27.78 -20.69 -20.18
CA GLU A 359 -29.15 -20.17 -19.91
C GLU A 359 -29.03 -18.67 -19.65
N GLN A 360 -29.74 -17.84 -20.43
CA GLN A 360 -29.63 -16.36 -20.28
C GLN A 360 -31.01 -15.72 -20.49
N VAL A 364 -38.63 -6.09 -18.82
CA VAL A 364 -38.32 -6.68 -20.15
C VAL A 364 -37.95 -5.53 -21.10
N GLU A 365 -36.78 -5.62 -21.76
CA GLU A 365 -36.37 -4.58 -22.75
C GLU A 365 -36.44 -3.19 -22.12
N CYS A 366 -35.91 -3.03 -20.90
CA CYS A 366 -35.99 -1.74 -20.16
C CYS A 366 -35.43 -0.59 -21.02
N ASP A 367 -36.29 0.36 -21.41
CA ASP A 367 -35.84 1.54 -22.19
C ASP A 367 -35.06 2.49 -21.29
N PHE A 368 -34.07 3.20 -21.84
CA PHE A 368 -33.31 4.21 -21.04
C PHE A 368 -33.88 5.60 -21.37
N SER A 369 -35.01 5.64 -22.09
CA SER A 369 -35.62 6.93 -22.51
C SER A 369 -36.02 7.83 -21.33
N PRO A 370 -36.59 7.36 -20.19
CA PRO A 370 -37.00 8.28 -19.12
C PRO A 370 -35.81 9.09 -18.59
N LEU A 371 -34.63 8.47 -18.48
CA LEU A 371 -33.43 9.17 -17.95
C LEU A 371 -33.07 10.36 -18.85
N LEU A 372 -33.17 10.20 -20.17
CA LEU A 372 -32.74 11.27 -21.11
C LEU A 372 -33.92 12.20 -21.45
N SER A 373 -35.10 11.93 -20.90
CA SER A 373 -36.30 12.74 -21.24
C SER A 373 -36.69 13.65 -20.07
N GLY A 374 -36.94 14.93 -20.35
CA GLY A 374 -37.32 15.88 -19.30
C GLY A 374 -36.11 16.54 -18.65
N THR A 375 -36.34 17.43 -17.68
CA THR A 375 -35.22 18.15 -17.02
C THR A 375 -34.47 17.19 -16.10
N PRO A 376 -33.12 17.07 -16.19
CA PRO A 376 -32.37 16.24 -15.24
C PRO A 376 -32.39 16.90 -13.86
N PRO A 377 -32.59 16.13 -12.76
CA PRO A 377 -32.55 16.70 -11.41
C PRO A 377 -31.11 17.05 -11.00
N GLN A 378 -30.95 17.92 -9.99
CA GLN A 378 -29.59 18.35 -9.54
C GLN A 378 -28.91 17.21 -8.77
N VAL A 379 -27.61 17.31 -8.52
CA VAL A 379 -26.86 16.18 -7.86
C VAL A 379 -27.46 15.88 -6.48
N TYR A 380 -27.80 16.91 -5.69
CA TYR A 380 -28.45 16.69 -4.37
C TYR A 380 -29.85 16.08 -4.59
N ASN A 381 -30.55 16.49 -5.65
CA ASN A 381 -31.94 16.02 -5.92
C ASN A 381 -31.92 14.84 -6.90
N PHE A 382 -30.77 14.16 -7.05
CA PHE A 382 -30.64 13.08 -8.07
C PHE A 382 -31.70 12.01 -7.89
N LYS A 383 -32.22 11.48 -9.00
CA LYS A 383 -33.22 10.38 -8.93
C LYS A 383 -32.58 9.13 -9.56
N ARG A 384 -32.68 7.98 -8.87
CA ARG A 384 -32.03 6.74 -9.37
C ARG A 384 -33.12 5.79 -9.91
N LEU A 385 -32.94 5.28 -11.13
CA LEU A 385 -33.92 4.37 -11.74
C LEU A 385 -33.35 2.95 -11.75
N VAL A 386 -34.11 1.97 -11.24
CA VAL A 386 -33.59 0.57 -11.12
C VAL A 386 -34.19 -0.26 -12.26
N PHE A 387 -33.34 -0.95 -13.03
CA PHE A 387 -33.83 -1.79 -14.16
C PHE A 387 -33.51 -3.26 -13.84
N THR A 388 -34.51 -4.13 -13.88
CA THR A 388 -34.31 -5.55 -13.48
C THR A 388 -34.90 -6.51 -14.51
N ASN A 389 -34.22 -7.63 -14.79
CA ASN A 389 -34.77 -8.68 -15.71
C ASN A 389 -35.14 -8.06 -17.05
N CYS A 390 -34.28 -7.20 -17.60
CA CYS A 390 -34.64 -6.49 -18.85
C CYS A 390 -33.45 -6.49 -19.83
N ASN A 391 -33.73 -6.53 -21.14
CA ASN A 391 -32.63 -6.43 -22.14
C ASN A 391 -32.12 -4.98 -22.15
N TYR A 392 -30.81 -4.78 -22.24
CA TYR A 392 -30.24 -3.40 -22.19
C TYR A 392 -29.14 -3.26 -23.25
N ASN A 393 -28.97 -2.05 -23.78
CA ASN A 393 -27.85 -1.83 -24.74
C ASN A 393 -26.98 -0.68 -24.24
N LEU A 394 -25.72 -0.95 -23.90
CA LEU A 394 -24.77 0.13 -23.49
C LEU A 394 -24.44 1.01 -24.70
N THR A 395 -24.30 0.41 -25.88
CA THR A 395 -23.90 1.17 -27.09
C THR A 395 -24.91 2.29 -27.37
N LYS A 396 -26.21 2.01 -27.24
CA LYS A 396 -27.22 3.05 -27.60
C LYS A 396 -27.05 4.26 -26.67
N LEU A 397 -26.83 4.03 -25.37
CA LEU A 397 -26.73 5.16 -24.41
C LEU A 397 -25.50 6.03 -24.73
N LEU A 398 -24.35 5.40 -24.98
CA LEU A 398 -23.11 6.16 -25.30
C LEU A 398 -23.25 6.88 -26.65
N SER A 399 -23.90 6.25 -27.64
CA SER A 399 -24.14 6.94 -28.93
C SER A 399 -25.05 8.15 -28.71
N LEU A 400 -26.08 8.00 -27.87
CA LEU A 400 -27.06 9.11 -27.64
C LEU A 400 -26.37 10.31 -27.00
N PHE A 401 -25.49 10.08 -26.01
CA PHE A 401 -24.83 11.20 -25.30
C PHE A 401 -23.32 11.14 -25.53
N SER A 402 -22.72 12.22 -26.04
CA SER A 402 -21.24 12.23 -26.18
C SER A 402 -20.65 12.09 -24.78
N VAL A 403 -19.70 11.18 -24.59
CA VAL A 403 -19.16 10.93 -23.22
C VAL A 403 -17.81 11.65 -23.07
N ASN A 404 -17.78 12.75 -22.33
CA ASN A 404 -16.50 13.47 -22.08
C ASN A 404 -15.57 12.61 -21.21
N ASP A 405 -16.11 11.99 -20.16
CA ASP A 405 -15.29 11.14 -19.27
C ASP A 405 -15.98 9.78 -19.05
N PHE A 406 -15.26 8.67 -19.29
CA PHE A 406 -15.83 7.33 -19.01
C PHE A 406 -14.91 6.62 -18.02
N THR A 407 -15.41 6.28 -16.83
CA THR A 407 -14.61 5.53 -15.84
C THR A 407 -15.45 4.46 -15.14
N CYS A 408 -14.90 3.28 -14.90
CA CYS A 408 -15.61 2.22 -14.12
C CYS A 408 -14.71 1.77 -12.98
N SER A 409 -15.25 1.66 -11.76
CA SER A 409 -14.39 1.33 -10.59
C SER A 409 -14.68 -0.08 -10.08
N GLN A 410 -13.64 -0.90 -9.89
CA GLN A 410 -13.79 -2.28 -9.33
C GLN A 410 -14.46 -3.20 -10.35
N ILE A 411 -14.54 -2.77 -11.62
CA ILE A 411 -15.18 -3.60 -12.68
C ILE A 411 -14.66 -3.16 -14.05
N SER A 412 -14.85 -4.00 -15.08
CA SER A 412 -14.42 -3.64 -16.46
C SER A 412 -15.65 -3.27 -17.28
N PRO A 413 -15.64 -2.15 -18.03
CA PRO A 413 -16.82 -1.72 -18.79
C PRO A 413 -17.21 -2.77 -19.84
N ALA A 414 -16.21 -3.34 -20.52
CA ALA A 414 -16.51 -4.41 -21.50
C ALA A 414 -17.11 -5.62 -20.77
N ALA A 415 -16.55 -5.95 -19.60
CA ALA A 415 -17.04 -7.14 -18.86
C ALA A 415 -18.50 -6.96 -18.44
N ILE A 416 -18.87 -5.78 -17.93
CA ILE A 416 -20.28 -5.63 -17.44
C ILE A 416 -21.23 -5.77 -18.63
N ALA A 417 -20.86 -5.20 -19.78
CA ALA A 417 -21.74 -5.28 -20.97
C ALA A 417 -21.91 -6.74 -21.39
N SER A 418 -20.80 -7.49 -21.45
CA SER A 418 -20.86 -8.93 -21.87
C SER A 418 -21.58 -9.79 -20.84
N ASN A 419 -21.31 -9.58 -19.55
CA ASN A 419 -21.88 -10.46 -18.49
C ASN A 419 -23.31 -10.02 -18.12
N CYS A 420 -24.21 -10.98 -17.89
CA CYS A 420 -25.58 -10.62 -17.43
C CYS A 420 -25.47 -10.07 -16.00
N TYR A 421 -26.28 -9.07 -15.66
CA TYR A 421 -26.17 -8.42 -14.33
C TYR A 421 -27.46 -8.68 -13.53
N SER A 422 -27.34 -8.91 -12.22
CA SER A 422 -28.56 -9.09 -11.39
C SER A 422 -29.38 -7.79 -11.34
N SER A 423 -28.75 -6.62 -11.23
CA SER A 423 -29.56 -5.37 -11.28
C SER A 423 -28.76 -4.21 -11.90
N LEU A 424 -29.46 -3.26 -12.52
CA LEU A 424 -28.78 -2.09 -13.12
C LEU A 424 -29.47 -0.81 -12.62
N ILE A 425 -28.84 -0.12 -11.66
CA ILE A 425 -29.42 1.15 -11.12
C ILE A 425 -28.66 2.33 -11.76
N LEU A 426 -29.39 3.21 -12.46
CA LEU A 426 -28.75 4.36 -13.13
C LEU A 426 -29.25 5.66 -12.49
N ASP A 427 -28.33 6.54 -12.09
CA ASP A 427 -28.73 7.79 -11.41
C ASP A 427 -28.54 8.97 -12.37
N TYR A 428 -29.58 9.81 -12.51
CA TYR A 428 -29.51 10.96 -13.44
C TYR A 428 -29.35 12.24 -12.62
N PHE A 429 -28.31 13.05 -12.94
CA PHE A 429 -28.06 14.30 -12.20
C PHE A 429 -27.57 15.38 -13.18
N SER A 430 -27.75 16.66 -12.84
CA SER A 430 -27.21 17.75 -13.70
C SER A 430 -25.85 18.15 -13.14
N TYR A 431 -24.78 17.92 -13.90
CA TYR A 431 -23.42 18.20 -13.35
C TYR A 431 -22.61 19.07 -14.31
N PRO A 432 -21.97 20.16 -13.83
CA PRO A 432 -21.10 20.98 -14.68
C PRO A 432 -19.88 20.18 -15.17
N LEU A 433 -19.51 20.34 -16.44
CA LEU A 433 -18.39 19.58 -17.06
C LEU A 433 -17.05 19.93 -16.39
N SER A 434 -16.84 21.19 -16.02
CA SER A 434 -15.49 21.62 -15.53
C SER A 434 -15.02 20.85 -14.29
N MET A 435 -15.88 20.61 -13.29
CA MET A 435 -15.40 19.96 -12.05
C MET A 435 -15.46 18.43 -12.17
N LYS A 436 -14.69 17.84 -13.10
CA LYS A 436 -14.63 16.36 -13.22
C LYS A 436 -14.03 15.77 -11.93
N SER A 437 -12.98 16.42 -11.39
CA SER A 437 -12.30 15.92 -10.17
C SER A 437 -13.26 15.94 -8.97
N ASP A 438 -14.09 16.97 -8.86
CA ASP A 438 -14.97 17.11 -7.65
C ASP A 438 -15.92 15.90 -7.57
N LEU A 439 -16.46 15.44 -8.69
CA LEU A 439 -17.31 14.22 -8.66
C LEU A 439 -16.39 12.99 -8.60
N SER A 440 -16.60 12.12 -7.61
CA SER A 440 -15.78 10.89 -7.48
C SER A 440 -16.58 9.82 -6.72
N VAL A 441 -16.22 8.54 -6.88
CA VAL A 441 -16.91 7.49 -6.07
C VAL A 441 -16.62 7.79 -4.60
N SER A 442 -15.37 8.10 -4.27
CA SER A 442 -15.03 8.53 -2.88
C SER A 442 -14.13 9.77 -2.96
N SER A 443 -14.53 10.88 -2.31
CA SER A 443 -13.67 12.09 -2.29
C SER A 443 -14.02 12.98 -1.09
N ALA A 444 -13.12 13.87 -0.71
CA ALA A 444 -13.41 14.84 0.39
C ALA A 444 -14.07 16.08 -0.23
N GLY A 445 -14.22 16.10 -1.56
CA GLY A 445 -14.83 17.25 -2.25
C GLY A 445 -16.30 17.41 -1.90
N PRO A 446 -16.87 18.62 -1.97
CA PRO A 446 -18.26 18.85 -1.54
C PRO A 446 -19.29 18.03 -2.33
N ILE A 447 -19.10 17.83 -3.64
CA ILE A 447 -20.16 17.12 -4.42
C ILE A 447 -20.32 15.69 -3.89
N SER A 448 -19.22 14.97 -3.65
CA SER A 448 -19.35 13.62 -3.04
C SER A 448 -19.84 13.75 -1.59
N GLN A 449 -19.29 14.70 -0.83
CA GLN A 449 -19.63 14.84 0.62
C GLN A 449 -21.08 15.28 0.86
N PHE A 450 -21.60 16.25 0.10
CA PHE A 450 -22.95 16.80 0.43
C PHE A 450 -23.96 16.66 -0.71
N ASN A 451 -23.56 16.16 -1.88
CA ASN A 451 -24.53 16.13 -3.02
C ASN A 451 -24.78 14.69 -3.48
N TYR A 452 -23.99 14.19 -4.42
CA TYR A 452 -24.17 12.81 -4.93
C TYR A 452 -22.91 11.97 -4.67
N LYS A 453 -23.09 10.75 -4.17
CA LYS A 453 -21.93 9.86 -3.87
C LYS A 453 -22.16 8.50 -4.55
N GLN A 454 -21.09 7.74 -4.79
CA GLN A 454 -21.22 6.37 -5.37
C GLN A 454 -20.62 5.37 -4.38
N SER A 455 -21.24 4.19 -4.23
CA SER A 455 -20.76 3.24 -3.20
C SER A 455 -19.43 2.63 -3.62
N PHE A 456 -18.40 2.74 -2.77
CA PHE A 456 -17.08 2.15 -3.09
C PHE A 456 -17.14 0.62 -3.10
N SER A 457 -17.85 0.02 -2.13
CA SER A 457 -17.88 -1.47 -2.03
C SER A 457 -18.53 -2.10 -3.26
N ASN A 458 -19.65 -1.55 -3.71
CA ASN A 458 -20.31 -2.05 -4.95
C ASN A 458 -19.49 -1.58 -6.15
N PRO A 459 -19.29 -2.39 -7.22
CA PRO A 459 -18.59 -1.89 -8.40
C PRO A 459 -19.47 -0.77 -8.96
N THR A 460 -18.87 0.39 -9.23
CA THR A 460 -19.67 1.56 -9.69
C THR A 460 -18.95 2.23 -10.87
N CYS A 461 -19.71 2.75 -11.84
CA CYS A 461 -19.10 3.48 -12.98
C CYS A 461 -19.49 4.95 -12.88
N LEU A 462 -18.50 5.86 -12.90
CA LEU A 462 -18.80 7.31 -12.85
C LEU A 462 -18.67 7.86 -14.27
N ILE A 463 -19.76 8.36 -14.85
CA ILE A 463 -19.71 8.81 -16.28
C ILE A 463 -20.12 10.28 -16.36
N LEU A 464 -19.32 11.12 -17.03
CA LEU A 464 -19.73 12.52 -17.24
C LEU A 464 -20.00 12.70 -18.75
N ALA A 465 -21.20 13.14 -19.10
CA ALA A 465 -21.56 13.22 -20.55
C ALA A 465 -22.22 14.57 -20.84
N THR A 466 -22.16 15.01 -22.10
CA THR A 466 -22.82 16.28 -22.51
C THR A 466 -24.00 15.94 -23.42
N VAL A 467 -25.20 16.44 -23.09
CA VAL A 467 -26.39 16.21 -23.95
C VAL A 467 -26.16 16.89 -25.30
N PRO A 468 -26.45 16.24 -26.44
CA PRO A 468 -26.31 16.86 -27.76
C PRO A 468 -27.37 17.95 -28.00
N HIS A 469 -27.00 18.99 -28.77
CA HIS A 469 -27.96 20.08 -29.09
C HIS A 469 -29.14 19.50 -29.89
N ASN A 470 -28.86 18.54 -30.78
CA ASN A 470 -29.93 17.96 -31.65
C ASN A 470 -31.00 17.29 -30.78
N LEU A 471 -30.59 16.59 -29.72
CA LEU A 471 -31.58 15.94 -28.81
C LEU A 471 -32.46 17.02 -28.18
N THR A 472 -33.78 16.82 -28.21
CA THR A 472 -34.72 17.82 -27.62
C THR A 472 -35.42 17.21 -26.40
N THR A 473 -35.30 15.89 -26.21
CA THR A 473 -36.02 15.22 -25.09
C THR A 473 -35.51 15.77 -23.76
N ILE A 474 -34.19 15.94 -23.62
CA ILE A 474 -33.61 16.53 -22.38
C ILE A 474 -33.99 18.01 -22.32
N THR A 475 -34.34 18.51 -21.13
CA THR A 475 -34.66 19.95 -20.98
C THR A 475 -33.58 20.59 -20.11
N LYS A 476 -32.93 21.65 -20.61
CA LYS A 476 -31.80 22.26 -19.86
C LYS A 476 -32.31 22.87 -18.55
N PRO A 477 -31.62 22.66 -17.39
CA PRO A 477 -32.01 23.32 -16.14
C PRO A 477 -31.63 24.80 -16.19
N LEU A 478 -32.22 25.64 -15.34
CA LEU A 478 -31.94 27.10 -15.40
C LEU A 478 -30.43 27.29 -15.17
N LYS A 479 -29.86 26.59 -14.17
CA LYS A 479 -28.40 26.64 -13.95
C LYS A 479 -28.01 25.38 -13.15
N TYR A 480 -26.74 24.97 -13.21
CA TYR A 480 -26.31 23.81 -12.38
C TYR A 480 -26.35 24.25 -10.91
N SER A 481 -26.90 23.40 -10.03
CA SER A 481 -27.03 23.78 -8.61
C SER A 481 -26.52 22.65 -7.70
N TYR A 482 -25.81 22.99 -6.64
CA TYR A 482 -25.34 21.97 -5.67
C TYR A 482 -25.32 22.59 -4.27
N ILE A 483 -25.40 21.77 -3.22
CA ILE A 483 -25.30 22.32 -1.83
C ILE A 483 -23.85 22.18 -1.37
N ASN A 484 -23.13 23.30 -1.27
CA ASN A 484 -21.69 23.26 -0.88
C ASN A 484 -21.52 22.73 0.54
N LYS A 485 -22.36 23.16 1.48
CA LYS A 485 -22.18 22.76 2.90
C LYS A 485 -23.50 22.31 3.52
N CYS A 486 -23.51 21.15 4.19
CA CYS A 486 -24.73 20.69 4.92
C CYS A 486 -24.36 20.43 6.37
N SER A 487 -25.04 21.09 7.31
CA SER A 487 -24.75 20.90 8.76
C SER A 487 -26.04 21.00 9.58
N ARG A 488 -26.10 20.33 10.73
CA ARG A 488 -27.29 20.46 11.61
C ARG A 488 -26.85 21.00 12.98
N LEU A 489 -27.45 22.12 13.42
CA LEU A 489 -27.13 22.70 14.75
C LEU A 489 -27.74 21.82 15.84
N LEU A 490 -27.00 21.60 16.94
CA LEU A 490 -27.53 20.81 18.09
C LEU A 490 -28.47 21.68 18.92
N SER A 491 -29.28 21.06 19.78
CA SER A 491 -30.25 21.84 20.61
C SER A 491 -29.51 22.82 21.52
N ASP A 492 -28.39 22.40 22.13
CA ASP A 492 -27.59 23.33 22.95
C ASP A 492 -27.03 24.45 22.06
N ASP A 493 -26.62 24.12 20.83
CA ASP A 493 -26.10 25.11 19.84
C ASP A 493 -24.60 25.34 20.08
N ARG A 494 -24.05 24.77 21.15
CA ARG A 494 -22.60 24.89 21.42
C ARG A 494 -21.82 24.18 20.30
N THR A 495 -22.31 23.01 19.87
CA THR A 495 -21.60 22.23 18.83
C THR A 495 -22.52 22.02 17.62
N GLU A 496 -21.99 22.23 16.41
CA GLU A 496 -22.80 21.96 15.18
C GLU A 496 -22.15 20.79 14.44
N VAL A 497 -22.93 19.77 14.07
CA VAL A 497 -22.33 18.55 13.44
C VAL A 497 -22.68 18.52 11.94
N PRO A 498 -21.69 18.45 11.03
CA PRO A 498 -21.96 18.31 9.60
C PRO A 498 -22.48 16.91 9.23
N GLN A 499 -23.28 16.80 8.18
CA GLN A 499 -23.79 15.48 7.74
C GLN A 499 -23.22 15.15 6.35
N LEU A 500 -22.65 13.95 6.19
CA LEU A 500 -22.09 13.53 4.89
C LEU A 500 -23.11 12.58 4.23
N VAL A 501 -23.55 12.89 3.01
CA VAL A 501 -24.61 12.07 2.36
C VAL A 501 -24.04 10.69 2.01
N ASN A 502 -24.82 9.63 2.27
CA ASN A 502 -24.40 8.26 1.88
C ASN A 502 -24.69 8.09 0.38
N ALA A 503 -24.01 7.17 -0.30
CA ALA A 503 -24.31 6.92 -1.72
C ALA A 503 -25.76 6.42 -1.84
N ASN A 504 -26.52 6.95 -2.81
CA ASN A 504 -27.94 6.56 -2.99
C ASN A 504 -28.71 6.83 -1.69
N GLN A 505 -28.41 7.93 -1.01
CA GLN A 505 -29.07 8.26 0.28
C GLN A 505 -29.76 9.62 0.18
N TYR A 506 -31.04 9.70 0.57
CA TYR A 506 -31.80 10.99 0.54
C TYR A 506 -31.26 11.92 1.64
N SER A 507 -31.28 13.23 1.39
CA SER A 507 -30.78 14.22 2.38
C SER A 507 -31.90 15.19 2.76
N PRO A 508 -32.16 15.43 4.08
CA PRO A 508 -33.17 16.40 4.51
C PRO A 508 -32.79 17.82 4.06
N CYS A 509 -31.51 18.18 4.16
CA CYS A 509 -31.04 19.53 3.74
C CYS A 509 -31.29 19.71 2.24
N VAL A 510 -31.10 18.66 1.45
CA VAL A 510 -31.29 18.75 -0.03
C VAL A 510 -32.75 19.12 -0.30
N SER A 511 -33.68 18.56 0.47
CA SER A 511 -35.14 18.83 0.26
C SER A 511 -35.47 20.30 0.60
N ILE A 512 -34.92 20.83 1.70
CA ILE A 512 -35.23 22.23 2.11
C ILE A 512 -34.72 23.19 1.03
N VAL A 513 -33.56 22.90 0.44
CA VAL A 513 -33.03 23.75 -0.68
C VAL A 513 -33.96 23.56 -1.88
N PRO A 514 -34.31 24.62 -2.65
CA PRO A 514 -35.12 24.47 -3.85
C PRO A 514 -34.32 23.72 -4.93
N SER A 515 -34.99 23.15 -5.93
CA SER A 515 -34.27 22.32 -6.92
C SER A 515 -33.19 23.18 -7.58
N THR A 516 -33.48 24.44 -7.89
CA THR A 516 -32.42 25.34 -8.40
C THR A 516 -32.13 26.38 -7.30
N VAL A 517 -30.90 26.43 -6.79
CA VAL A 517 -30.58 27.37 -5.68
C VAL A 517 -30.75 28.80 -6.20
N TRP A 518 -31.38 29.67 -5.40
CA TRP A 518 -31.65 31.06 -5.88
C TRP A 518 -30.35 31.83 -6.12
N GLU A 519 -29.37 31.67 -5.22
CA GLU A 519 -28.10 32.45 -5.33
C GLU A 519 -26.92 31.58 -4.91
N ASP A 520 -25.71 31.88 -5.40
CA ASP A 520 -24.51 31.13 -4.96
C ASP A 520 -24.30 31.41 -3.47
N GLY A 521 -23.97 30.38 -2.68
CA GLY A 521 -23.79 30.53 -1.23
C GLY A 521 -25.08 30.98 -0.54
N ASP A 522 -26.24 30.59 -1.08
CA ASP A 522 -27.54 30.95 -0.46
C ASP A 522 -27.69 30.17 0.85
N TYR A 523 -28.30 30.78 1.87
CA TYR A 523 -28.41 30.12 3.20
C TYR A 523 -29.88 29.79 3.50
N TYR A 524 -30.16 28.53 3.84
CA TYR A 524 -31.55 28.11 4.16
C TYR A 524 -31.59 27.57 5.61
N ARG A 525 -32.49 28.11 6.43
CA ARG A 525 -32.54 27.70 7.86
C ARG A 525 -33.91 27.10 8.18
N LYS A 526 -33.95 25.86 8.71
CA LYS A 526 -35.23 25.24 9.14
C LYS A 526 -35.07 24.78 10.58
N GLN A 527 -36.02 25.11 11.46
CA GLN A 527 -35.85 24.75 12.89
C GLN A 527 -36.25 23.29 13.07
N LEU A 528 -35.34 22.46 13.59
CA LEU A 528 -35.63 21.00 13.77
C LEU A 528 -36.62 20.82 14.93
N SER A 529 -37.53 19.84 14.81
CA SER A 529 -38.55 19.58 15.86
C SER A 529 -37.90 19.02 17.13
N PRO A 530 -38.48 19.23 18.32
CA PRO A 530 -37.95 18.65 19.57
C PRO A 530 -37.94 17.12 19.48
N LEU A 531 -38.90 16.53 18.76
CA LEU A 531 -38.99 15.06 18.61
C LEU A 531 -37.70 14.53 17.97
N GLU A 532 -37.13 15.28 17.02
CA GLU A 532 -35.89 14.84 16.32
C GLU A 532 -34.66 15.39 17.06
N GLY A 533 -34.85 15.94 18.26
CA GLY A 533 -33.71 16.43 19.08
C GLY A 533 -33.55 17.94 19.04
N GLY A 534 -34.39 18.66 18.29
CA GLY A 534 -34.34 20.13 18.30
C GLY A 534 -33.17 20.69 17.53
N GLY A 535 -32.83 21.96 17.76
CA GLY A 535 -31.73 22.60 17.00
C GLY A 535 -32.24 23.16 15.68
N TRP A 536 -31.31 23.49 14.77
CA TRP A 536 -31.69 24.09 13.45
C TRP A 536 -30.96 23.36 12.33
N LEU A 537 -31.47 23.43 11.10
CA LEU A 537 -30.80 22.80 9.94
C LEU A 537 -30.16 23.91 9.08
N VAL A 538 -28.86 23.80 8.81
CA VAL A 538 -28.14 24.85 8.04
C VAL A 538 -27.79 24.28 6.66
N ALA A 539 -28.24 24.94 5.59
CA ALA A 539 -27.90 24.49 4.23
C ALA A 539 -27.29 25.65 3.43
N SER A 540 -26.12 25.44 2.83
CA SER A 540 -25.49 26.49 1.99
C SER A 540 -25.39 25.97 0.55
N GLY A 541 -26.08 26.60 -0.40
CA GLY A 541 -26.11 26.08 -1.78
C GLY A 541 -25.37 26.99 -2.75
N SER A 542 -24.46 26.42 -3.56
CA SER A 542 -23.67 27.21 -4.53
C SER A 542 -24.18 26.95 -5.96
N THR A 543 -24.26 27.99 -6.78
CA THR A 543 -24.83 27.84 -8.16
C THR A 543 -23.72 27.95 -9.21
N VAL A 544 -23.74 27.05 -10.20
CA VAL A 544 -22.74 27.10 -11.32
C VAL A 544 -23.49 27.63 -12.55
N ALA A 545 -22.91 28.59 -13.27
CA ALA A 545 -23.62 29.20 -14.43
C ALA A 545 -23.94 28.13 -15.47
N MET A 546 -25.15 28.17 -16.04
CA MET A 546 -25.58 27.13 -17.01
C MET A 546 -24.68 27.18 -18.26
N THR A 547 -24.23 26.02 -18.74
CA THR A 547 -23.42 25.97 -19.99
C THR A 547 -24.34 26.06 -21.21
N GLU A 548 -23.80 26.46 -22.36
CA GLU A 548 -24.62 26.53 -23.61
C GLU A 548 -25.14 25.13 -23.95
N GLN A 549 -24.33 24.10 -23.74
CA GLN A 549 -24.76 22.70 -23.97
C GLN A 549 -25.02 22.04 -22.62
N LEU A 550 -26.20 21.44 -22.44
CA LEU A 550 -26.54 20.82 -21.13
C LEU A 550 -25.57 19.68 -20.83
N GLN A 551 -25.09 19.59 -19.59
CA GLN A 551 -24.15 18.50 -19.19
C GLN A 551 -24.78 17.69 -18.06
N MET A 552 -24.82 16.36 -18.18
CA MET A 552 -25.48 15.52 -17.15
C MET A 552 -24.47 14.54 -16.56
N GLY A 553 -24.43 14.43 -15.22
CA GLY A 553 -23.55 13.44 -14.58
C GLY A 553 -24.33 12.17 -14.28
N PHE A 554 -23.85 11.02 -14.76
CA PHE A 554 -24.61 9.76 -14.59
C PHE A 554 -23.81 8.77 -13.72
N GLY A 555 -24.47 8.20 -12.70
CA GLY A 555 -23.80 7.19 -11.86
C GLY A 555 -24.34 5.81 -12.17
N ILE A 556 -23.47 4.88 -12.55
CA ILE A 556 -23.92 3.51 -12.94
C ILE A 556 -23.60 2.55 -11.79
N THR A 557 -24.60 1.81 -11.29
CA THR A 557 -24.36 0.84 -10.24
C THR A 557 -24.88 -0.52 -10.68
N VAL A 558 -23.99 -1.51 -10.65
CA VAL A 558 -24.29 -2.89 -10.98
C VAL A 558 -24.49 -3.69 -9.70
N GLN A 559 -25.59 -4.41 -9.62
CA GLN A 559 -25.85 -5.28 -8.49
C GLN A 559 -25.81 -6.71 -8.99
N TYR A 560 -24.95 -7.52 -8.40
CA TYR A 560 -25.02 -8.96 -8.56
C TYR A 560 -25.43 -9.63 -7.27
N GLY A 561 -25.76 -8.84 -6.25
CA GLY A 561 -26.13 -9.41 -4.97
C GLY A 561 -27.39 -10.23 -5.03
N THR A 562 -28.41 -9.71 -5.70
CA THR A 562 -29.66 -10.44 -5.79
C THR A 562 -29.42 -11.75 -6.53
N ASP A 563 -29.88 -12.84 -5.94
CA ASP A 563 -29.54 -14.17 -6.44
C ASP A 563 -30.07 -14.40 -7.86
N THR A 564 -31.34 -14.10 -8.10
CA THR A 564 -32.01 -14.51 -9.34
C THR A 564 -32.48 -13.29 -10.13
N ASN A 565 -31.66 -12.87 -11.09
CA ASN A 565 -32.01 -11.83 -12.05
C ASN A 565 -30.95 -11.80 -13.13
N SER A 566 -31.38 -11.73 -14.38
CA SER A 566 -30.50 -11.82 -15.54
C SER A 566 -30.77 -10.63 -16.45
N VAL A 567 -29.94 -9.60 -16.35
CA VAL A 567 -30.02 -8.44 -17.24
C VAL A 567 -29.00 -8.72 -18.34
N CYS A 568 -29.43 -9.45 -19.34
CA CYS A 568 -28.52 -9.85 -20.40
C CYS A 568 -28.65 -8.90 -21.57
N PRO A 569 -27.56 -8.60 -22.25
CA PRO A 569 -27.63 -7.60 -23.32
C PRO A 569 -28.32 -8.10 -24.57
N LYS A 578 -29.32 -25.79 -30.62
CA LYS A 578 -29.76 -25.79 -29.23
C LYS A 578 -28.68 -26.37 -28.33
N ILE A 579 -27.42 -26.09 -28.68
CA ILE A 579 -26.31 -26.44 -27.81
C ILE A 579 -26.46 -25.75 -26.47
N ALA A 580 -26.72 -24.44 -26.50
CA ALA A 580 -26.93 -23.70 -25.27
C ALA A 580 -28.13 -24.21 -24.49
N SER A 581 -29.03 -24.93 -25.17
CA SER A 581 -30.31 -25.34 -24.51
C SER A 581 -30.27 -26.74 -23.89
N GLN A 582 -31.15 -27.01 -22.91
CA GLN A 582 -31.27 -28.32 -22.20
C GLN A 582 -30.19 -29.35 -22.56
N LEU A 583 -30.39 -30.11 -23.64
CA LEU A 583 -29.79 -31.47 -23.78
C LEU A 583 -28.27 -31.36 -23.85
N GLY A 584 -27.57 -32.23 -23.12
CA GLY A 584 -26.09 -32.20 -23.08
C GLY A 584 -25.60 -32.77 -21.77
N ASN A 585 -25.51 -34.11 -21.66
CA ASN A 585 -25.14 -34.72 -20.39
C ASN A 585 -23.62 -34.77 -20.22
N CYS A 586 -22.95 -33.69 -20.64
CA CYS A 586 -21.46 -33.71 -20.68
C CYS A 586 -20.84 -32.61 -19.81
N VAL A 587 -19.51 -32.44 -19.89
CA VAL A 587 -18.76 -31.52 -18.96
C VAL A 587 -19.16 -30.04 -18.99
N GLU A 588 -19.30 -29.41 -20.16
CA GLU A 588 -19.54 -27.93 -20.13
C GLU A 588 -21.01 -27.60 -19.88
N TYR A 589 -21.27 -26.58 -19.05
CA TYR A 589 -22.66 -26.14 -18.76
C TYR A 589 -22.69 -24.69 -18.27
N SER A 590 -23.86 -24.04 -18.34
CA SER A 590 -24.03 -22.68 -17.80
C SER A 590 -25.50 -22.51 -17.44
N LEU A 591 -25.81 -21.66 -16.45
CA LEU A 591 -27.21 -21.51 -15.97
C LEU A 591 -27.54 -20.03 -15.81
N TYR A 592 -28.82 -19.70 -15.69
CA TYR A 592 -29.31 -18.30 -15.51
C TYR A 592 -28.22 -17.32 -15.06
N GLY A 593 -27.62 -17.54 -13.88
CA GLY A 593 -26.63 -16.59 -13.34
C GLY A 593 -25.33 -17.27 -12.94
N VAL A 594 -25.34 -18.60 -12.77
CA VAL A 594 -24.12 -19.32 -12.31
C VAL A 594 -23.63 -20.26 -13.41
N SER A 595 -22.33 -20.20 -13.76
CA SER A 595 -21.77 -21.10 -14.79
C SER A 595 -20.80 -22.09 -14.13
N GLY A 596 -21.03 -23.39 -14.32
CA GLY A 596 -20.14 -24.42 -13.74
C GLY A 596 -19.98 -25.60 -14.69
N ARG A 597 -18.88 -26.35 -14.57
CA ARG A 597 -18.70 -27.56 -15.41
C ARG A 597 -19.15 -28.79 -14.62
N GLY A 598 -20.21 -29.47 -15.10
CA GLY A 598 -20.71 -30.68 -14.42
C GLY A 598 -21.48 -31.58 -15.36
N VAL A 599 -21.66 -32.85 -14.99
CA VAL A 599 -22.47 -33.80 -15.82
C VAL A 599 -23.86 -33.90 -15.20
N PHE A 600 -24.91 -33.67 -15.98
CA PHE A 600 -26.29 -33.63 -15.40
C PHE A 600 -27.04 -34.94 -15.67
N GLN A 601 -27.58 -35.54 -14.61
CA GLN A 601 -28.38 -36.79 -14.75
C GLN A 601 -29.68 -36.60 -13.95
N ASN A 602 -30.78 -37.24 -14.36
CA ASN A 602 -32.02 -37.14 -13.55
C ASN A 602 -31.77 -37.79 -12.19
N CYS A 603 -32.06 -37.08 -11.09
CA CYS A 603 -31.77 -37.63 -9.74
C CYS A 603 -33.04 -37.62 -8.88
N THR A 604 -33.79 -36.51 -8.88
CA THR A 604 -35.09 -36.42 -8.13
C THR A 604 -34.91 -36.80 -6.67
N ALA A 605 -33.83 -36.36 -6.01
CA ALA A 605 -33.57 -36.81 -4.63
C ALA A 605 -33.78 -35.68 -3.59
N VAL A 606 -33.01 -34.59 -3.66
CA VAL A 606 -33.09 -33.55 -2.60
C VAL A 606 -33.22 -32.15 -3.22
N GLY A 607 -34.11 -31.31 -2.67
CA GLY A 607 -34.27 -29.93 -3.17
C GLY A 607 -35.71 -29.44 -3.04
N VAL A 608 -35.92 -28.34 -2.32
CA VAL A 608 -37.28 -27.74 -2.16
C VAL A 608 -37.78 -27.28 -3.54
N ARG A 609 -36.89 -26.74 -4.37
CA ARG A 609 -37.23 -26.26 -5.75
C ARG A 609 -37.81 -24.84 -5.68
N GLN A 610 -37.91 -24.27 -4.48
CA GLN A 610 -38.37 -22.85 -4.37
C GLN A 610 -37.32 -21.99 -5.06
N GLN A 611 -36.04 -22.31 -4.88
CA GLN A 611 -34.95 -21.59 -5.58
C GLN A 611 -34.37 -22.57 -6.61
N ARG A 612 -34.24 -22.14 -7.86
CA ARG A 612 -33.77 -23.07 -8.92
C ARG A 612 -32.35 -23.54 -8.57
N PHE A 613 -31.50 -22.61 -8.11
CA PHE A 613 -30.12 -22.98 -7.70
C PHE A 613 -30.16 -23.75 -6.38
N VAL A 614 -29.28 -24.74 -6.23
CA VAL A 614 -29.22 -25.55 -4.97
C VAL A 614 -27.80 -25.48 -4.41
N TYR A 615 -27.65 -25.44 -3.09
CA TYR A 615 -26.30 -25.30 -2.47
C TYR A 615 -25.87 -26.63 -1.85
N ASP A 616 -24.57 -26.95 -1.92
CA ASP A 616 -24.05 -28.25 -1.42
C ASP A 616 -23.40 -28.06 -0.05
N ALA A 617 -23.70 -26.97 0.67
CA ALA A 617 -23.05 -26.66 1.96
C ALA A 617 -21.56 -26.39 1.74
N TYR A 618 -21.21 -25.81 0.58
CA TYR A 618 -19.80 -25.46 0.27
C TYR A 618 -19.80 -24.01 -0.23
N GLN A 619 -18.64 -23.36 -0.22
CA GLN A 619 -18.58 -21.93 -0.62
C GLN A 619 -19.07 -21.82 -2.08
N ASN A 620 -18.71 -22.78 -2.92
CA ASN A 620 -19.24 -22.78 -4.32
C ASN A 620 -20.46 -23.70 -4.36
N LEU A 621 -21.64 -23.15 -4.63
CA LEU A 621 -22.90 -23.96 -4.66
C LEU A 621 -22.91 -24.84 -5.91
N VAL A 622 -23.53 -26.03 -5.81
CA VAL A 622 -23.65 -26.92 -7.01
C VAL A 622 -24.52 -26.22 -8.07
N GLY A 623 -25.63 -25.61 -7.65
CA GLY A 623 -26.54 -24.93 -8.60
C GLY A 623 -27.39 -25.90 -9.40
N TYR A 624 -27.49 -27.17 -8.97
CA TYR A 624 -28.23 -28.19 -9.76
C TYR A 624 -29.75 -27.98 -9.64
N TYR A 625 -30.54 -28.63 -10.51
CA TYR A 625 -32.02 -28.51 -10.49
C TYR A 625 -32.47 -27.12 -10.96
N SER A 626 -31.63 -26.44 -11.73
CA SER A 626 -31.95 -25.07 -12.22
C SER A 626 -33.19 -25.11 -13.12
N ASP A 627 -33.31 -26.11 -13.99
CA ASP A 627 -34.54 -26.23 -14.81
C ASP A 627 -35.66 -26.76 -13.92
N ASP A 628 -36.81 -26.07 -13.89
CA ASP A 628 -37.97 -26.57 -13.11
C ASP A 628 -38.48 -27.88 -13.70
N GLY A 629 -38.55 -27.95 -15.04
CA GLY A 629 -39.10 -29.16 -15.71
C GLY A 629 -38.27 -30.41 -15.45
N ASN A 630 -36.95 -30.30 -15.49
CA ASN A 630 -36.08 -31.51 -15.35
C ASN A 630 -35.26 -31.43 -14.06
N TYR A 631 -35.31 -32.48 -13.24
CA TYR A 631 -34.48 -32.51 -12.01
C TYR A 631 -33.14 -33.14 -12.37
N TYR A 632 -32.10 -32.32 -12.59
CA TYR A 632 -30.77 -32.86 -12.98
C TYR A 632 -29.76 -32.52 -11.88
N CYS A 633 -29.04 -33.54 -11.36
CA CYS A 633 -28.00 -33.29 -10.33
C CYS A 633 -26.62 -33.40 -10.97
N LEU A 634 -25.81 -32.33 -10.91
CA LEU A 634 -24.49 -32.32 -11.59
C LEU A 634 -23.40 -33.01 -10.75
N ARG A 635 -22.28 -33.34 -11.37
CA ARG A 635 -21.13 -33.95 -10.63
C ARG A 635 -19.85 -33.16 -10.94
N ALA A 636 -18.78 -33.42 -10.20
CA ALA A 636 -17.49 -32.70 -10.42
C ALA A 636 -16.82 -33.19 -11.72
N CYS A 637 -15.98 -32.35 -12.32
CA CYS A 637 -15.25 -32.72 -13.56
C CYS A 637 -14.30 -33.89 -13.27
N VAL A 638 -14.13 -34.81 -14.22
CA VAL A 638 -13.28 -36.01 -13.97
C VAL A 638 -11.83 -35.72 -14.42
N SER A 639 -10.86 -35.93 -13.53
CA SER A 639 -9.43 -35.75 -13.90
C SER A 639 -8.68 -37.06 -13.63
N VAL A 640 -7.85 -37.51 -14.57
CA VAL A 640 -7.16 -38.82 -14.41
C VAL A 640 -5.70 -38.59 -14.02
N PRO A 641 -5.25 -39.03 -12.82
CA PRO A 641 -3.86 -38.87 -12.40
C PRO A 641 -2.89 -39.75 -13.21
N VAL A 642 -1.66 -39.26 -13.44
CA VAL A 642 -0.65 -40.03 -14.21
C VAL A 642 0.57 -40.28 -13.31
N SER A 643 1.05 -41.53 -13.24
CA SER A 643 2.28 -41.83 -12.46
C SER A 643 3.31 -42.46 -13.40
N VAL A 644 4.55 -41.95 -13.42
CA VAL A 644 5.58 -42.46 -14.37
C VAL A 644 6.81 -42.91 -13.57
N ILE A 645 7.35 -44.10 -13.88
CA ILE A 645 8.61 -44.56 -13.22
C ILE A 645 9.75 -44.32 -14.20
N TYR A 646 10.74 -43.49 -13.82
CA TYR A 646 11.85 -43.17 -14.74
C TYR A 646 12.68 -44.43 -15.04
N ASP A 647 12.93 -45.25 -14.01
CA ASP A 647 13.75 -46.48 -14.20
C ASP A 647 15.05 -46.09 -14.90
N LYS A 648 15.82 -45.16 -14.32
CA LYS A 648 17.04 -44.63 -15.01
C LYS A 648 18.03 -45.77 -15.31
N GLU A 649 18.19 -46.72 -14.40
CA GLU A 649 19.22 -47.79 -14.62
C GLU A 649 18.83 -48.58 -15.88
N THR A 650 17.55 -48.89 -16.05
CA THR A 650 17.07 -49.66 -17.23
C THR A 650 16.77 -48.71 -18.39
N LYS A 651 16.69 -47.40 -18.13
CA LYS A 651 16.37 -46.39 -19.18
C LYS A 651 15.02 -46.70 -19.85
N THR A 652 14.02 -47.18 -19.08
CA THR A 652 12.67 -47.43 -19.65
C THR A 652 11.63 -46.65 -18.83
N HIS A 653 10.72 -45.94 -19.49
CA HIS A 653 9.65 -45.22 -18.76
C HIS A 653 8.30 -45.91 -18.95
N ALA A 654 7.58 -46.17 -17.86
CA ALA A 654 6.25 -46.82 -17.95
C ALA A 654 5.19 -45.86 -17.39
N THR A 655 4.09 -45.65 -18.11
CA THR A 655 3.07 -44.66 -17.67
C THR A 655 1.84 -45.40 -17.13
N LEU A 656 1.43 -45.07 -15.90
CA LEU A 656 0.23 -45.70 -15.29
C LEU A 656 -0.79 -44.60 -14.98
N PHE A 657 -2.06 -44.80 -15.35
CA PHE A 657 -3.10 -43.81 -15.00
C PHE A 657 -3.85 -44.32 -13.76
N GLY A 658 -3.78 -43.58 -12.65
CA GLY A 658 -4.37 -44.07 -11.39
C GLY A 658 -5.88 -44.19 -11.45
N SER A 659 -6.43 -45.35 -11.06
CA SER A 659 -7.91 -45.53 -10.99
C SER A 659 -8.57 -45.36 -12.37
N VAL A 660 -9.84 -44.95 -12.39
CA VAL A 660 -10.59 -44.70 -13.67
C VAL A 660 -10.53 -45.96 -14.54
N ALA A 661 -10.52 -47.15 -13.90
CA ALA A 661 -10.51 -48.44 -14.63
C ALA A 661 -9.37 -48.46 -15.66
N CYS A 662 -9.65 -49.01 -16.85
CA CYS A 662 -8.64 -49.02 -17.94
C CYS A 662 -9.29 -48.47 -19.21
N GLU A 663 -10.51 -48.93 -19.53
CA GLU A 663 -11.22 -48.48 -20.76
C GLU A 663 -11.53 -46.99 -20.71
N HIS A 664 -11.87 -46.47 -19.52
CA HIS A 664 -12.26 -45.03 -19.39
C HIS A 664 -11.12 -44.12 -19.87
N ILE A 665 -9.87 -44.49 -19.58
CA ILE A 665 -8.71 -43.62 -19.95
C ILE A 665 -8.58 -43.59 -21.48
N SER A 666 -8.13 -42.47 -22.04
CA SER A 666 -8.05 -42.33 -23.52
C SER A 666 -6.59 -42.21 -23.96
N SER A 667 -6.20 -42.96 -24.99
CA SER A 667 -4.80 -42.93 -25.48
C SER A 667 -4.46 -41.54 -26.03
N THR A 668 -3.25 -41.04 -25.76
CA THR A 668 -2.79 -39.72 -26.27
C THR A 668 -3.77 -38.60 -25.87
N MET A 669 -4.34 -38.66 -24.66
CA MET A 669 -5.22 -37.58 -24.15
C MET A 669 -6.34 -37.30 -25.15
N SER A 670 -6.95 -38.35 -25.72
CA SER A 670 -7.99 -38.14 -26.77
C SER A 670 -9.19 -37.40 -26.17
N GLN A 671 -9.60 -37.77 -24.95
CA GLN A 671 -10.78 -37.13 -24.30
C GLN A 671 -10.33 -36.10 -23.25
N TYR A 672 -9.02 -35.92 -23.07
CA TYR A 672 -8.56 -35.03 -21.97
C TYR A 672 -7.77 -33.83 -22.52
N SER A 673 -8.20 -32.62 -22.19
CA SER A 673 -7.50 -31.39 -22.66
C SER A 673 -6.11 -31.27 -22.04
N ARG A 674 -5.96 -31.59 -20.76
CA ARG A 674 -4.66 -31.39 -20.07
C ARG A 674 -3.60 -32.36 -20.63
N SER A 675 -2.40 -31.85 -20.92
CA SER A 675 -1.28 -32.70 -21.38
C SER A 675 0.02 -31.96 -21.05
N THR A 676 1.15 -32.66 -20.95
CA THR A 676 2.44 -31.95 -20.75
C THR A 676 2.67 -31.05 -21.96
N ARG A 677 2.41 -31.57 -23.17
CA ARG A 677 2.56 -30.78 -24.41
C ARG A 677 1.64 -31.40 -25.47
N SER A 678 1.49 -30.74 -26.63
CA SER A 678 0.54 -31.24 -27.66
C SER A 678 0.95 -32.66 -28.08
N MET A 679 2.25 -32.93 -28.19
CA MET A 679 2.70 -34.33 -28.49
C MET A 679 2.98 -35.04 -27.16
N LEU A 680 2.27 -36.14 -26.90
CA LEU A 680 2.42 -36.89 -25.62
C LEU A 680 3.62 -37.85 -25.68
N LYS A 681 4.06 -38.36 -24.52
CA LYS A 681 5.16 -39.36 -24.49
C LYS A 681 6.43 -38.78 -25.11
N PRO A 693 -5.78 -51.86 -23.67
CA PRO A 693 -6.80 -52.91 -23.49
C PRO A 693 -6.23 -54.21 -22.90
N VAL A 694 -4.91 -54.25 -22.65
CA VAL A 694 -4.29 -55.53 -22.18
C VAL A 694 -4.51 -55.63 -20.67
N GLY A 695 -5.26 -56.65 -20.23
CA GLY A 695 -5.52 -56.85 -18.80
C GLY A 695 -6.11 -55.61 -18.16
N CYS A 696 -5.61 -55.21 -16.98
CA CYS A 696 -6.05 -53.96 -16.29
C CYS A 696 -5.35 -53.89 -14.93
N VAL A 697 -4.16 -53.29 -14.89
CA VAL A 697 -3.38 -53.13 -13.62
C VAL A 697 -4.02 -51.97 -12.87
N LEU A 698 -3.48 -51.56 -11.71
CA LEU A 698 -4.03 -50.35 -11.03
C LEU A 698 -4.45 -49.39 -12.16
N GLY A 699 -3.62 -49.28 -13.19
CA GLY A 699 -4.02 -48.50 -14.37
C GLY A 699 -3.33 -49.06 -15.61
N LEU A 700 -3.86 -48.80 -16.80
CA LEU A 700 -3.27 -49.41 -18.03
C LEU A 700 -1.83 -48.91 -18.18
N VAL A 701 -0.89 -49.81 -18.49
CA VAL A 701 0.55 -49.43 -18.62
C VAL A 701 1.05 -49.89 -19.99
N ASN A 702 1.88 -49.09 -20.65
CA ASN A 702 2.40 -49.45 -22.00
C ASN A 702 3.62 -50.36 -21.84
N SER A 703 3.41 -51.61 -21.45
CA SER A 703 4.51 -52.59 -21.28
C SER A 703 4.26 -53.84 -22.13
N SER A 704 5.28 -54.32 -22.85
CA SER A 704 5.11 -55.49 -23.75
C SER A 704 4.80 -56.75 -22.94
N LEU A 705 5.56 -57.01 -21.88
CA LEU A 705 5.37 -58.27 -21.09
C LEU A 705 4.49 -57.97 -19.88
N PHE A 706 3.24 -58.44 -19.90
CA PHE A 706 2.30 -58.15 -18.78
C PHE A 706 2.76 -58.80 -17.48
N VAL A 707 3.16 -60.08 -17.54
CA VAL A 707 3.66 -60.78 -16.31
C VAL A 707 4.95 -61.55 -16.62
N GLU A 708 6.03 -61.28 -15.87
CA GLU A 708 7.28 -62.08 -16.02
C GLU A 708 7.77 -62.41 -14.61
N ASP A 709 7.06 -63.28 -13.89
CA ASP A 709 7.39 -63.53 -12.46
C ASP A 709 8.81 -64.11 -12.32
N CYS A 710 9.55 -63.67 -11.30
CA CYS A 710 10.92 -64.18 -11.02
C CYS A 710 11.86 -63.93 -12.20
N LYS A 711 11.72 -62.79 -12.90
CA LYS A 711 12.70 -62.47 -13.97
C LYS A 711 13.46 -61.20 -13.56
N LEU A 712 14.72 -61.33 -13.12
CA LEU A 712 15.55 -60.15 -12.76
C LEU A 712 14.76 -59.20 -11.86
N PRO A 713 14.17 -59.64 -10.72
CA PRO A 713 13.29 -58.77 -9.92
C PRO A 713 13.92 -57.50 -9.34
N LEU A 714 13.23 -56.36 -9.45
CA LEU A 714 13.70 -55.08 -8.86
C LEU A 714 12.50 -54.46 -8.14
N GLY A 715 12.70 -53.90 -6.94
CA GLY A 715 11.55 -53.39 -6.17
C GLY A 715 11.13 -51.98 -6.55
N GLN A 716 10.63 -51.77 -7.78
CA GLN A 716 10.10 -50.43 -8.17
C GLN A 716 8.87 -50.10 -7.34
N SER A 717 8.00 -51.09 -7.07
CA SER A 717 6.75 -50.87 -6.29
C SER A 717 5.94 -49.74 -6.95
N LEU A 718 5.69 -49.85 -8.26
CA LEU A 718 5.00 -48.75 -9.01
C LEU A 718 3.60 -48.49 -8.44
N CYS A 719 2.82 -49.52 -8.13
CA CYS A 719 1.49 -49.26 -7.50
C CYS A 719 1.38 -49.95 -6.13
N ALA A 720 1.42 -51.28 -6.10
CA ALA A 720 1.23 -52.01 -4.82
C ALA A 720 2.15 -53.23 -4.81
N LEU A 721 1.58 -54.44 -4.95
CA LEU A 721 2.44 -55.65 -5.05
C LEU A 721 3.35 -55.65 -6.29
N PRO A 722 2.93 -55.25 -7.51
CA PRO A 722 3.83 -55.37 -8.67
C PRO A 722 5.18 -54.69 -8.42
N ASP A 723 6.27 -55.40 -8.69
CA ASP A 723 7.63 -54.86 -8.46
C ASP A 723 8.12 -54.18 -9.73
N THR A 724 7.52 -54.52 -10.87
CA THR A 724 7.86 -53.91 -12.15
C THR A 724 9.37 -53.87 -12.42
N PRO A 725 10.01 -55.01 -12.63
CA PRO A 725 11.45 -54.99 -12.96
C PRO A 725 11.70 -54.87 -14.45
N SER A 726 12.49 -53.89 -14.88
CA SER A 726 12.77 -53.70 -16.29
C SER A 726 14.21 -54.01 -16.68
N THR A 727 15.01 -54.54 -15.76
CA THR A 727 16.40 -54.88 -16.06
C THR A 727 16.52 -55.81 -17.27
N MET A 740 8.52 -51.35 -18.24
CA MET A 740 8.64 -52.57 -19.02
C MET A 740 8.82 -53.75 -18.11
N ARG A 741 8.17 -54.87 -18.45
CA ARG A 741 8.32 -56.12 -17.71
C ARG A 741 7.85 -55.97 -16.27
N LEU A 742 6.53 -55.81 -16.14
CA LEU A 742 5.94 -55.44 -14.86
C LEU A 742 5.25 -56.62 -14.17
N ALA A 743 4.85 -56.38 -12.92
CA ALA A 743 3.98 -57.25 -12.13
C ALA A 743 4.63 -58.60 -11.82
N SER A 744 5.77 -58.55 -11.15
CA SER A 744 6.47 -59.74 -10.71
C SER A 744 6.55 -59.74 -9.19
N ILE A 745 5.89 -60.71 -8.57
CA ILE A 745 5.58 -60.66 -7.15
C ILE A 745 6.05 -61.97 -6.51
N ALA A 746 7.29 -61.98 -6.05
CA ALA A 746 7.85 -63.23 -5.45
C ALA A 746 8.65 -62.91 -4.19
N PHE A 747 8.73 -61.63 -3.82
CA PHE A 747 9.54 -61.21 -2.63
C PHE A 747 8.94 -61.80 -1.35
N ASN A 748 9.79 -62.23 -0.41
CA ASN A 748 9.31 -62.75 0.91
C ASN A 748 8.31 -63.89 0.74
N HIS A 749 8.61 -64.88 -0.12
CA HIS A 749 7.71 -66.05 -0.25
C HIS A 749 7.65 -66.80 1.09
N PRO A 750 6.44 -67.18 1.60
CA PRO A 750 6.31 -67.82 2.92
C PRO A 750 6.96 -69.19 3.08
N ILE A 751 7.48 -69.48 4.29
CA ILE A 751 8.12 -70.80 4.59
C ILE A 751 7.32 -71.50 5.69
N GLN A 752 6.99 -72.79 5.49
CA GLN A 752 6.20 -73.55 6.50
C GLN A 752 7.03 -74.69 7.07
N VAL A 753 7.10 -74.80 8.41
CA VAL A 753 7.88 -75.88 9.07
C VAL A 753 7.15 -77.22 8.91
N ASP A 754 7.89 -78.32 8.78
CA ASP A 754 7.24 -79.65 8.71
C ASP A 754 6.73 -80.00 10.12
N GLN A 755 5.52 -80.56 10.22
CA GLN A 755 4.94 -80.87 11.55
C GLN A 755 4.67 -82.36 11.67
N LEU A 756 5.10 -82.99 12.78
CA LEU A 756 4.84 -84.43 12.99
C LEU A 756 3.89 -84.57 14.19
N ASN A 757 2.75 -85.24 13.98
CA ASN A 757 1.74 -85.39 15.07
C ASN A 757 2.35 -86.20 16.22
N SER A 758 3.09 -87.27 15.89
CA SER A 758 3.75 -88.09 16.94
C SER A 758 4.92 -87.33 17.56
N SER A 759 5.17 -87.55 18.86
CA SER A 759 6.31 -86.87 19.55
C SER A 759 7.33 -87.92 20.00
N PHE A 761 7.54 -84.22 17.75
CA PHE A 761 7.28 -83.19 16.70
C PHE A 761 8.60 -82.84 15.99
N LYS A 762 8.58 -82.84 14.65
CA LYS A 762 9.81 -82.51 13.87
C LYS A 762 10.19 -81.04 14.11
N LEU A 763 11.48 -80.77 14.30
CA LEU A 763 11.97 -79.38 14.49
C LEU A 763 13.13 -79.14 13.52
N SER A 764 13.32 -77.90 13.05
CA SER A 764 14.36 -77.64 12.02
C SER A 764 15.66 -77.17 12.67
N ILE A 765 16.77 -77.88 12.42
CA ILE A 765 18.07 -77.51 13.06
C ILE A 765 19.12 -77.17 11.99
N PRO A 766 19.82 -76.02 12.10
CA PRO A 766 20.81 -75.59 11.11
C PRO A 766 22.18 -76.29 11.09
N THR A 767 22.86 -76.27 9.94
CA THR A 767 24.24 -76.82 9.88
C THR A 767 25.23 -75.73 9.45
N ASN A 768 24.81 -74.46 9.43
CA ASN A 768 25.69 -73.35 8.95
C ASN A 768 25.73 -72.22 9.97
N PHE A 769 26.84 -71.46 10.04
CA PHE A 769 26.98 -70.40 11.06
C PHE A 769 26.60 -69.02 10.52
N SER A 770 27.15 -68.60 9.38
CA SER A 770 26.74 -67.31 8.74
C SER A 770 26.76 -66.15 9.74
N PHE A 771 27.84 -65.96 10.49
CA PHE A 771 27.91 -64.91 11.53
C PHE A 771 27.96 -63.50 10.93
N GLY A 772 27.53 -62.49 11.70
CA GLY A 772 27.66 -61.07 11.25
C GLY A 772 26.35 -60.42 10.80
N VAL A 773 26.23 -59.10 10.98
CA VAL A 773 25.03 -58.34 10.53
C VAL A 773 25.43 -56.86 10.43
N THR A 774 24.64 -56.04 9.72
CA THR A 774 24.94 -54.59 9.58
C THR A 774 23.81 -53.76 10.23
N GLN A 775 24.15 -52.75 11.03
CA GLN A 775 23.12 -51.98 11.77
C GLN A 775 23.16 -50.51 11.35
N GLU A 776 21.98 -49.89 11.19
CA GLU A 776 21.91 -48.45 10.82
C GLU A 776 22.36 -47.61 12.02
N TYR A 777 22.96 -46.44 11.77
CA TYR A 777 23.49 -45.58 12.87
C TYR A 777 22.31 -44.98 13.65
N ILE A 778 22.50 -44.66 14.93
CA ILE A 778 21.37 -44.20 15.80
C ILE A 778 21.20 -42.68 15.69
N GLN A 779 21.96 -42.02 14.82
CA GLN A 779 21.91 -40.52 14.66
C GLN A 779 22.59 -39.85 15.85
N THR A 780 22.10 -40.04 17.07
CA THR A 780 22.79 -39.53 18.30
C THR A 780 22.76 -37.99 18.39
N THR A 781 23.34 -37.28 17.42
CA THR A 781 23.45 -35.80 17.50
C THR A 781 23.19 -35.14 16.14
N ILE A 782 22.91 -33.84 16.14
CA ILE A 782 22.70 -33.08 14.86
C ILE A 782 23.76 -31.98 14.81
N GLN A 783 24.05 -31.45 13.62
CA GLN A 783 25.13 -30.44 13.49
C GLN A 783 24.78 -29.21 14.33
N LYS A 784 25.77 -28.66 15.04
CA LYS A 784 25.53 -27.46 15.90
C LYS A 784 25.90 -26.21 15.12
N VAL A 785 24.95 -25.31 14.90
CA VAL A 785 25.24 -24.02 14.20
C VAL A 785 24.44 -22.91 14.88
N THR A 786 25.02 -21.72 15.01
CA THR A 786 24.25 -20.56 15.57
C THR A 786 24.20 -19.44 14.54
N VAL A 787 23.00 -19.02 14.14
CA VAL A 787 22.90 -17.84 13.22
C VAL A 787 23.22 -16.59 14.05
N ASP A 788 23.91 -15.62 13.47
CA ASP A 788 24.30 -14.41 14.23
C ASP A 788 23.48 -13.23 13.69
N CYS A 789 22.77 -12.53 14.58
CA CYS A 789 21.87 -11.44 14.14
C CYS A 789 22.61 -10.10 14.07
N LYS A 790 22.25 -9.23 13.11
CA LYS A 790 22.82 -7.85 12.98
C LYS A 790 24.18 -7.85 12.29
N GLN A 791 24.69 -9.02 11.87
CA GLN A 791 25.96 -9.04 11.10
C GLN A 791 25.71 -9.62 9.70
N TYR A 792 24.45 -9.90 9.36
CA TYR A 792 24.15 -10.54 8.05
C TYR A 792 23.55 -9.50 7.10
N VAL A 793 24.34 -8.96 6.16
CA VAL A 793 23.83 -8.01 5.13
C VAL A 793 23.44 -6.65 5.74
N CYS A 794 22.60 -6.65 6.77
CA CYS A 794 22.11 -5.39 7.41
C CYS A 794 23.29 -4.58 7.96
N ASN A 795 24.32 -5.27 8.46
CA ASN A 795 25.49 -4.57 9.08
C ASN A 795 26.12 -3.62 8.06
N GLY A 796 26.58 -2.46 8.52
CA GLY A 796 27.18 -1.44 7.61
C GLY A 796 26.14 -0.44 7.15
N PHE A 797 24.86 -0.66 7.48
CA PHE A 797 23.82 0.35 7.15
C PHE A 797 23.21 0.87 8.45
N GLN A 798 23.40 2.16 8.75
CA GLN A 798 22.91 2.71 10.04
C GLN A 798 21.38 2.63 10.11
N LYS A 799 20.70 2.99 9.02
CA LYS A 799 19.21 3.02 9.00
C LYS A 799 18.68 1.60 9.23
N CYS A 800 19.29 0.60 8.57
CA CYS A 800 18.86 -0.82 8.74
C CYS A 800 19.09 -1.22 10.19
N GLU A 801 20.22 -0.83 10.77
CA GLU A 801 20.55 -1.21 12.17
C GLU A 801 19.51 -0.62 13.13
N GLN A 802 19.08 0.62 12.90
CA GLN A 802 18.09 1.27 13.80
C GLN A 802 16.78 0.49 13.76
N LEU A 803 16.34 0.08 12.57
CA LEU A 803 15.09 -0.73 12.45
C LEU A 803 15.31 -2.07 13.15
N LEU A 804 16.49 -2.67 12.98
CA LEU A 804 16.77 -3.99 13.60
C LEU A 804 16.81 -3.83 15.12
N ARG A 805 17.15 -2.63 15.62
CA ARG A 805 17.15 -2.37 17.08
C ARG A 805 15.72 -2.49 17.61
N GLU A 806 14.74 -2.00 16.84
CA GLU A 806 13.31 -2.11 17.24
C GLU A 806 12.92 -3.59 17.32
N TYR A 807 13.44 -4.41 16.41
CA TYR A 807 13.16 -5.87 16.40
C TYR A 807 14.26 -6.60 17.16
N GLY A 808 15.11 -5.86 17.88
CA GLY A 808 16.26 -6.45 18.59
C GLY A 808 15.86 -7.47 19.62
N GLN A 809 14.74 -7.25 20.34
CA GLN A 809 14.35 -8.18 21.41
C GLN A 809 14.07 -9.56 20.82
N PHE A 810 13.42 -9.62 19.65
CA PHE A 810 13.14 -10.91 18.97
C PHE A 810 14.46 -11.56 18.58
N CYS A 811 15.41 -10.77 18.06
CA CYS A 811 16.74 -11.29 17.67
C CYS A 811 17.46 -11.85 18.91
N SER A 812 17.34 -11.17 20.05
CA SER A 812 17.98 -11.63 21.31
C SER A 812 17.38 -12.98 21.72
N LYS A 813 16.06 -13.14 21.56
CA LYS A 813 15.39 -14.41 21.91
C LYS A 813 15.93 -15.52 21.00
N ILE A 814 16.14 -15.21 19.71
CA ILE A 814 16.64 -16.22 18.74
C ILE A 814 18.01 -16.70 19.22
N ASN A 815 18.89 -15.77 19.60
CA ASN A 815 20.27 -16.15 20.00
C ASN A 815 20.21 -17.00 21.28
N GLN A 816 19.35 -16.60 22.24
CA GLN A 816 19.24 -17.34 23.52
C GLN A 816 18.73 -18.76 23.26
N ALA A 817 17.74 -18.90 22.37
CA ALA A 817 17.14 -20.24 22.11
C ALA A 817 18.20 -21.17 21.50
N LEU A 818 18.98 -20.65 20.56
CA LEU A 818 20.04 -21.49 19.90
C LEU A 818 21.09 -21.88 20.95
N HIS A 819 21.48 -20.94 21.81
CA HIS A 819 22.52 -21.22 22.83
C HIS A 819 22.01 -22.30 23.80
N GLY A 820 20.75 -22.18 24.22
CA GLY A 820 20.17 -23.18 25.16
C GLY A 820 20.10 -24.56 24.53
N ALA A 821 19.70 -24.64 23.27
CA ALA A 821 19.57 -25.94 22.57
C ALA A 821 20.96 -26.59 22.48
N ASN A 822 21.99 -25.79 22.15
CA ASN A 822 23.36 -26.34 22.01
C ASN A 822 23.85 -26.87 23.36
N LEU A 823 23.57 -26.13 24.44
CA LEU A 823 24.02 -26.57 25.80
C LEU A 823 23.33 -27.89 26.16
N ARG A 824 22.03 -28.01 25.88
CA ARG A 824 21.28 -29.25 26.20
C ARG A 824 21.86 -30.40 25.40
N GLN A 825 22.17 -30.17 24.12
CA GLN A 825 22.75 -31.23 23.26
C GLN A 825 24.12 -31.63 23.82
N ASP A 826 24.92 -30.65 24.26
CA ASP A 826 26.28 -30.93 24.79
C ASP A 826 26.16 -31.80 26.04
N ASP A 827 25.18 -31.52 26.89
CA ASP A 827 24.97 -32.32 28.13
C ASP A 827 24.65 -33.76 27.75
N SER A 828 23.83 -33.95 26.71
CA SER A 828 23.48 -35.33 26.24
C SER A 828 24.73 -36.04 25.73
N VAL A 829 25.60 -35.33 25.00
CA VAL A 829 26.85 -35.93 24.48
C VAL A 829 27.73 -36.35 25.66
N ARG A 830 27.82 -35.50 26.69
CA ARG A 830 28.64 -35.82 27.88
C ARG A 830 28.07 -37.06 28.57
N ASN A 831 26.74 -37.16 28.65
CA ASN A 831 26.08 -38.31 29.33
C ASN A 831 26.45 -39.60 28.59
N LEU A 832 26.42 -39.57 27.25
CA LEU A 832 26.74 -40.78 26.44
C LEU A 832 28.20 -41.17 26.71
N PHE A 833 29.12 -40.20 26.69
CA PHE A 833 30.56 -40.54 26.84
C PHE A 833 30.84 -40.93 28.29
N ALA A 834 29.98 -40.53 29.23
CA ALA A 834 30.16 -40.92 30.65
C ALA A 834 30.01 -42.44 30.81
N SER A 835 29.03 -43.04 30.12
CA SER A 835 28.86 -44.52 30.19
C SER A 835 30.09 -45.21 29.60
N VAL A 836 30.61 -44.70 28.49
CA VAL A 836 31.83 -45.27 27.86
C VAL A 836 33.01 -45.10 28.82
N LYS A 837 33.07 -43.97 29.54
CA LYS A 837 34.18 -43.69 30.49
C LYS A 837 34.14 -44.70 31.64
N SER A 838 35.30 -45.02 32.25
CA SER A 838 35.43 -45.99 33.36
C SER A 838 35.58 -47.42 32.83
N SER A 839 35.58 -47.58 31.51
CA SER A 839 35.84 -48.92 30.91
C SER A 839 37.33 -49.25 31.04
N GLN A 840 37.69 -50.53 31.06
CA GLN A 840 39.12 -50.93 31.20
C GLN A 840 39.63 -51.45 29.85
N SER A 841 40.69 -50.85 29.31
CA SER A 841 41.29 -51.38 28.05
C SER A 841 42.27 -52.50 28.42
N SER A 842 41.76 -53.72 28.62
CA SER A 842 42.62 -54.83 29.07
C SER A 842 43.71 -55.20 28.06
N PRO A 843 43.46 -55.35 26.74
CA PRO A 843 44.50 -55.80 25.81
C PRO A 843 45.20 -54.69 25.01
N ILE A 844 46.39 -54.27 25.43
CA ILE A 844 47.18 -53.31 24.61
C ILE A 844 48.08 -54.19 23.71
N ILE A 845 47.48 -54.99 22.83
CA ILE A 845 48.27 -55.94 22.00
C ILE A 845 47.91 -55.75 20.53
N PRO A 846 48.87 -55.78 19.58
CA PRO A 846 48.54 -55.71 18.16
C PRO A 846 47.65 -56.91 17.82
N GLY A 847 47.97 -58.09 18.38
CA GLY A 847 47.10 -59.27 18.18
C GLY A 847 45.99 -59.27 19.20
N PHE A 848 44.95 -58.44 18.98
CA PHE A 848 43.83 -58.32 19.94
C PHE A 848 43.11 -59.67 20.07
N GLY A 849 42.91 -60.36 18.96
CA GLY A 849 42.18 -61.65 18.98
C GLY A 849 43.04 -62.80 18.49
N GLY A 850 42.87 -63.99 19.07
CA GLY A 850 43.65 -65.20 18.71
C GLY A 850 44.25 -65.18 17.33
N ASP A 851 43.52 -65.76 16.37
CA ASP A 851 43.86 -65.60 14.93
C ASP A 851 42.87 -64.63 14.31
N PHE A 852 42.11 -63.88 15.12
CA PHE A 852 41.10 -63.03 14.51
C PHE A 852 41.79 -61.84 13.86
N ASN A 853 41.69 -61.72 12.54
CA ASN A 853 42.22 -60.55 11.85
C ASN A 853 41.28 -59.40 12.15
N LEU A 854 41.71 -58.48 13.01
CA LEU A 854 40.85 -57.43 13.53
C LEU A 854 41.30 -56.08 12.99
N THR A 855 40.37 -55.39 12.35
CA THR A 855 40.61 -54.07 11.81
C THR A 855 40.12 -52.99 12.76
N LEU A 856 39.88 -53.34 14.01
CA LEU A 856 39.49 -52.35 15.00
C LEU A 856 40.67 -51.85 15.80
N LEU A 857 41.81 -52.52 15.75
CA LEU A 857 43.00 -51.98 16.35
C LEU A 857 43.38 -50.69 15.65
N GLU A 858 43.67 -49.65 16.44
CA GLU A 858 43.95 -48.36 15.85
C GLU A 858 45.31 -48.34 15.17
N PRO A 859 45.45 -47.61 14.07
CA PRO A 859 46.71 -47.62 13.33
C PRO A 859 47.88 -47.07 14.11
N VAL A 860 47.70 -45.92 14.76
CA VAL A 860 48.76 -45.27 15.54
C VAL A 860 50.00 -45.04 14.70
N ALA A 869 43.26 -42.69 18.15
CA ALA A 869 43.94 -42.57 16.86
C ALA A 869 43.12 -43.19 15.74
N ARG A 870 41.79 -43.03 15.83
CA ARG A 870 40.85 -43.45 14.75
C ARG A 870 41.01 -44.91 14.31
N SER A 871 40.06 -45.77 14.68
CA SER A 871 40.12 -47.19 14.24
C SER A 871 40.00 -47.24 12.71
N ALA A 872 40.58 -48.27 12.07
CA ALA A 872 40.59 -48.31 10.60
C ALA A 872 39.16 -48.32 10.06
N ILE A 873 38.25 -49.06 10.69
CA ILE A 873 36.82 -49.08 10.26
C ILE A 873 36.22 -47.68 10.41
N GLU A 874 36.52 -47.00 11.53
CA GLU A 874 36.01 -45.62 11.75
C GLU A 874 36.57 -44.71 10.66
N ASP A 875 37.87 -44.87 10.33
CA ASP A 875 38.50 -44.02 9.30
C ASP A 875 37.82 -44.27 7.95
N LEU A 876 37.53 -45.53 7.63
CA LEU A 876 36.95 -45.85 6.31
C LEU A 876 35.59 -45.15 6.15
N LEU A 877 34.72 -45.25 7.17
CA LEU A 877 33.36 -44.66 7.01
C LEU A 877 33.46 -43.14 6.88
N PHE A 878 34.35 -42.52 7.66
CA PHE A 878 34.51 -41.04 7.61
C PHE A 878 34.98 -40.62 6.21
N ASP A 879 35.93 -41.36 5.64
CA ASP A 879 36.45 -41.05 4.28
C ASP A 879 35.33 -41.23 3.25
N LYS A 880 34.55 -42.30 3.36
CA LYS A 880 33.49 -42.60 2.35
C LYS A 880 32.42 -41.50 2.34
N VAL A 881 31.99 -41.04 3.51
CA VAL A 881 30.92 -40.01 3.60
C VAL A 881 31.49 -38.64 3.18
N THR A 882 30.63 -37.73 2.74
CA THR A 882 31.08 -36.37 2.34
C THR A 882 30.83 -35.41 3.51
N ILE A 883 31.85 -34.68 3.95
CA ILE A 883 31.71 -33.78 5.13
C ILE A 883 32.00 -32.33 4.70
N ALA A 884 31.16 -31.38 5.13
CA ALA A 884 31.31 -29.96 4.72
C ALA A 884 31.92 -29.14 5.86
N ASP A 885 32.50 -29.80 6.88
CA ASP A 885 33.02 -29.06 8.06
C ASP A 885 34.13 -28.09 7.63
N PRO A 886 34.18 -26.86 8.20
CA PRO A 886 35.23 -25.90 7.87
C PRO A 886 36.60 -26.24 8.48
N GLY A 887 37.68 -25.68 7.93
CA GLY A 887 39.01 -25.90 8.52
C GLY A 887 39.29 -24.89 9.61
N TYR A 888 40.00 -25.30 10.67
CA TYR A 888 40.36 -24.36 11.75
C TYR A 888 41.72 -23.75 11.43
N MET A 889 41.76 -22.50 10.94
CA MET A 889 43.02 -21.78 10.61
C MET A 889 43.64 -22.37 9.33
N GLN A 890 42.94 -23.28 8.65
CA GLN A 890 43.44 -23.86 7.38
C GLN A 890 42.42 -23.59 6.26
N GLY A 891 41.16 -23.97 6.49
CA GLY A 891 40.10 -23.72 5.49
C GLY A 891 39.89 -22.24 5.28
N TYR A 892 39.96 -21.45 6.37
CA TYR A 892 39.78 -19.98 6.29
C TYR A 892 40.90 -19.41 5.41
N ASP A 893 42.13 -19.87 5.64
CA ASP A 893 43.30 -19.39 4.84
C ASP A 893 43.10 -19.82 3.38
N ASP A 894 42.65 -21.06 3.15
CA ASP A 894 42.46 -21.58 1.77
C ASP A 894 41.39 -20.76 1.07
N CYS A 895 40.30 -20.41 1.78
CA CYS A 895 39.19 -19.62 1.17
C CYS A 895 39.72 -18.24 0.76
N MET A 896 40.56 -17.62 1.59
CA MET A 896 41.16 -16.31 1.22
C MET A 896 42.04 -16.48 -0.03
N GLN A 897 42.79 -17.59 -0.10
CA GLN A 897 43.65 -17.87 -1.28
C GLN A 897 42.77 -18.01 -2.53
N GLN A 898 41.61 -18.67 -2.41
CA GLN A 898 40.68 -18.82 -3.55
C GLN A 898 40.19 -17.45 -4.00
N ILE A 907 35.29 -22.67 5.73
CA ILE A 907 34.42 -22.58 4.51
C ILE A 907 34.10 -21.11 4.25
N CYS A 908 33.07 -20.84 3.45
CA CYS A 908 32.70 -19.43 3.09
C CYS A 908 31.71 -18.89 4.12
N ALA A 909 31.33 -19.69 5.11
CA ALA A 909 30.31 -19.27 6.10
C ALA A 909 30.79 -18.03 6.86
N GLN A 910 32.07 -17.98 7.24
CA GLN A 910 32.60 -16.83 8.01
C GLN A 910 32.51 -15.54 7.17
N TYR A 911 32.87 -15.62 5.89
CA TYR A 911 32.79 -14.44 4.98
C TYR A 911 31.33 -14.03 4.80
N VAL A 912 30.44 -15.01 4.65
CA VAL A 912 28.97 -14.72 4.56
C VAL A 912 28.56 -14.12 5.90
N ALA A 913 29.17 -14.57 7.01
CA ALA A 913 28.83 -14.12 8.38
C ALA A 913 27.52 -14.79 8.80
N GLY A 914 26.41 -14.52 8.10
CA GLY A 914 25.12 -15.21 8.36
C GLY A 914 25.13 -16.13 9.57
N TYR A 915 25.52 -17.38 9.37
CA TYR A 915 25.54 -18.38 10.47
C TYR A 915 26.99 -18.77 10.78
N LYS A 916 27.28 -19.05 12.06
CA LYS A 916 28.63 -19.52 12.42
C LYS A 916 28.55 -20.99 12.84
N VAL A 917 29.32 -21.86 12.18
CA VAL A 917 29.33 -23.31 12.53
C VAL A 917 29.96 -23.47 13.92
N LEU A 918 29.42 -24.38 14.74
CA LEU A 918 29.94 -24.58 16.12
C LEU A 918 30.64 -25.94 16.23
N PRO A 919 31.84 -26.02 16.83
CA PRO A 919 32.56 -27.29 17.01
C PRO A 919 31.79 -28.24 17.93
N PRO A 920 31.95 -29.58 17.78
CA PRO A 920 31.19 -30.57 18.57
C PRO A 920 31.44 -30.47 20.08
N LEU A 921 32.59 -29.94 20.51
CA LEU A 921 32.97 -29.76 21.95
C LEU A 921 33.70 -31.01 22.45
N MET A 922 33.73 -32.07 21.63
CA MET A 922 34.51 -33.28 22.01
C MET A 922 35.52 -33.56 20.89
N ASP A 923 36.80 -33.70 21.25
CA ASP A 923 37.85 -33.98 20.23
C ASP A 923 37.68 -35.41 19.70
N VAL A 924 37.97 -35.61 18.41
CA VAL A 924 37.81 -36.95 17.78
C VAL A 924 38.74 -37.95 18.48
N ASN A 925 39.96 -37.52 18.80
CA ASN A 925 40.96 -38.42 19.43
C ASN A 925 40.42 -38.90 20.79
N MET A 926 39.81 -37.99 21.56
CA MET A 926 39.24 -38.35 22.88
C MET A 926 38.10 -39.37 22.68
N GLU A 927 37.24 -39.15 21.69
CA GLU A 927 36.13 -40.09 21.39
C GLU A 927 36.72 -41.45 20.99
N ALA A 928 37.79 -41.43 20.17
CA ALA A 928 38.43 -42.68 19.71
C ALA A 928 39.01 -43.42 20.92
N ALA A 929 39.59 -42.68 21.87
CA ALA A 929 40.16 -43.29 23.09
C ALA A 929 39.04 -43.98 23.88
N TYR A 930 37.87 -43.34 23.97
CA TYR A 930 36.73 -43.96 24.70
C TYR A 930 36.32 -45.27 24.01
N THR A 931 36.23 -45.26 22.68
CA THR A 931 35.80 -46.48 21.94
C THR A 931 36.83 -47.61 22.12
N SER A 932 38.12 -47.28 22.08
CA SER A 932 39.18 -48.30 22.24
C SER A 932 39.10 -48.90 23.66
N SER A 933 38.87 -48.05 24.67
CA SER A 933 38.72 -48.54 26.06
C SER A 933 37.50 -49.46 26.15
N LEU A 934 36.40 -49.08 25.48
CA LEU A 934 35.17 -49.91 25.48
C LEU A 934 35.45 -51.26 24.83
N LEU A 935 36.24 -51.27 23.74
CA LEU A 935 36.56 -52.53 23.03
C LEU A 935 37.32 -53.45 23.99
N GLY A 936 38.26 -52.89 24.76
CA GLY A 936 38.97 -53.70 25.76
C GLY A 936 38.02 -54.23 26.83
N SER A 937 37.13 -53.38 27.33
CA SER A 937 36.19 -53.78 28.42
C SER A 937 35.22 -54.88 27.98
N ILE A 938 34.71 -54.84 26.74
CA ILE A 938 33.67 -55.82 26.31
C ILE A 938 34.21 -57.26 26.36
N ALA A 939 35.48 -57.48 26.02
CA ALA A 939 36.04 -58.84 26.12
C ALA A 939 35.99 -59.31 27.57
N GLY A 940 36.39 -58.46 28.52
CA GLY A 940 36.29 -58.82 29.96
C GLY A 940 34.85 -58.97 30.42
N VAL A 941 33.96 -58.06 29.99
CA VAL A 941 32.53 -58.07 30.45
C VAL A 941 31.83 -59.34 29.94
N GLY A 942 32.14 -59.80 28.74
CA GLY A 942 31.41 -60.96 28.18
C GLY A 942 31.99 -62.28 28.67
N TRP A 943 31.87 -62.54 29.98
CA TRP A 943 32.33 -63.83 30.55
C TRP A 943 31.24 -64.42 31.45
N THR A 944 30.95 -65.72 31.33
CA THR A 944 29.86 -66.40 32.11
C THR A 944 29.08 -65.44 33.02
N ALA A 945 29.24 -65.55 34.34
CA ALA A 945 28.57 -64.62 35.28
C ALA A 945 29.57 -63.60 35.82
N GLY A 946 30.84 -63.70 35.40
CA GLY A 946 31.87 -62.77 35.91
C GLY A 946 31.56 -61.34 35.53
N LEU A 947 31.11 -61.11 34.29
CA LEU A 947 30.68 -59.75 33.85
C LEU A 947 31.79 -58.73 34.08
N SER A 948 31.46 -57.58 34.70
CA SER A 948 32.46 -56.50 34.91
C SER A 948 33.59 -56.96 35.83
N SER A 949 33.26 -57.74 36.86
CA SER A 949 34.31 -58.16 37.84
C SER A 949 35.37 -59.01 37.13
N PHE A 950 34.94 -59.90 36.22
CA PHE A 950 35.92 -60.70 35.43
C PHE A 950 36.72 -59.75 34.54
N ALA A 951 38.05 -59.93 34.49
CA ALA A 951 38.91 -59.03 33.68
C ALA A 951 40.10 -59.83 33.13
N ALA A 952 40.74 -59.32 32.07
CA ALA A 952 41.92 -59.99 31.45
C ALA A 952 41.49 -61.24 30.69
N ILE A 953 40.19 -61.39 30.40
CA ILE A 953 39.68 -62.56 29.65
C ILE A 953 40.06 -62.40 28.17
N PRO A 954 40.53 -63.46 27.48
CA PRO A 954 40.91 -63.39 26.06
C PRO A 954 39.72 -63.10 25.14
N PHE A 955 39.97 -62.39 24.03
CA PHE A 955 38.89 -62.04 23.08
C PHE A 955 38.27 -63.33 22.51
N ALA A 956 39.11 -64.31 22.19
CA ALA A 956 38.61 -65.59 21.62
C ALA A 956 37.71 -66.28 22.65
N GLN A 957 38.13 -66.30 23.93
CA GLN A 957 37.32 -66.92 25.00
C GLN A 957 35.99 -66.17 25.15
N SER A 958 36.03 -64.83 25.09
CA SER A 958 34.80 -64.03 25.28
C SER A 958 33.79 -64.36 24.17
N ILE A 959 34.26 -64.50 22.92
CA ILE A 959 33.36 -64.83 21.79
C ILE A 959 32.74 -66.21 22.05
N PHE A 960 33.54 -67.18 22.50
CA PHE A 960 33.04 -68.55 22.73
C PHE A 960 32.00 -68.53 23.86
N TYR A 961 32.29 -67.80 24.94
CA TYR A 961 31.35 -67.73 26.10
C TYR A 961 30.04 -67.06 25.67
N ARG A 962 30.14 -65.98 24.90
CA ARG A 962 28.93 -65.26 24.42
C ARG A 962 28.12 -66.20 23.51
N LEU A 963 28.81 -66.94 22.63
CA LEU A 963 28.11 -67.85 21.69
C LEU A 963 27.37 -68.91 22.50
N ASN A 964 28.01 -69.46 23.53
CA ASN A 964 27.39 -70.54 24.35
C ASN A 964 26.15 -69.99 25.05
N GLY A 965 26.19 -68.74 25.52
CA GLY A 965 25.05 -68.13 26.20
C GLY A 965 23.83 -67.99 25.30
N VAL A 966 23.94 -67.20 24.22
CA VAL A 966 22.76 -66.93 23.34
C VAL A 966 22.27 -68.22 22.69
N GLY A 967 23.18 -69.07 22.19
CA GLY A 967 22.79 -70.35 21.59
C GLY A 967 23.38 -71.50 22.39
N ILE A 968 22.57 -72.48 22.80
CA ILE A 968 23.10 -73.55 23.70
C ILE A 968 23.83 -74.61 22.87
N THR A 969 24.96 -74.26 22.26
CA THR A 969 25.78 -75.26 21.52
C THR A 969 26.50 -76.14 22.54
N GLN A 970 26.69 -77.43 22.24
CA GLN A 970 27.45 -78.32 23.16
C GLN A 970 28.92 -77.90 23.15
N GLN A 971 29.63 -78.12 24.25
CA GLN A 971 31.09 -77.80 24.31
C GLN A 971 31.81 -78.65 23.27
N VAL A 972 31.43 -79.92 23.16
CA VAL A 972 32.05 -80.83 22.15
C VAL A 972 31.74 -80.28 20.75
N LEU A 973 30.52 -79.80 20.52
CA LEU A 973 30.13 -79.25 19.20
C LEU A 973 30.99 -78.04 18.86
N SER A 974 31.27 -77.18 19.86
CA SER A 974 32.08 -75.97 19.61
C SER A 974 33.49 -76.40 19.18
N GLU A 975 34.06 -77.42 19.83
CA GLU A 975 35.38 -77.95 19.42
C GLU A 975 35.28 -78.57 18.02
N ASN A 976 34.19 -79.29 17.76
CA ASN A 976 33.99 -79.96 16.43
C ASN A 976 33.89 -78.90 15.33
N GLN A 977 33.21 -77.78 15.59
CA GLN A 977 33.00 -76.75 14.55
C GLN A 977 34.23 -75.85 14.47
N LYS A 978 35.27 -76.31 13.77
CA LYS A 978 36.52 -75.52 13.60
C LYS A 978 36.31 -74.45 12.52
N LEU A 979 37.17 -73.43 12.47
CA LEU A 979 37.12 -72.35 11.44
C LEU A 979 35.98 -71.37 11.75
N ILE A 980 35.38 -71.45 12.94
CA ILE A 980 34.36 -70.44 13.35
C ILE A 980 35.06 -69.09 13.45
N ALA A 981 36.30 -69.10 13.96
CA ALA A 981 37.09 -67.85 14.07
C ALA A 981 37.35 -67.28 12.68
N ASN A 982 37.66 -68.15 11.71
CA ASN A 982 37.88 -67.69 10.31
C ASN A 982 36.58 -67.10 9.76
N LYS A 983 35.43 -67.71 10.07
CA LYS A 983 34.12 -67.19 9.61
C LYS A 983 33.88 -65.80 10.21
N PHE A 984 34.25 -65.60 11.47
CA PHE A 984 34.11 -64.27 12.11
C PHE A 984 34.97 -63.25 11.34
N ASN A 985 36.18 -63.65 10.95
CA ASN A 985 37.07 -62.77 10.16
C ASN A 985 36.42 -62.49 8.79
N GLN A 986 35.79 -63.51 8.20
CA GLN A 986 35.11 -63.34 6.89
C GLN A 986 33.96 -62.32 7.03
N ALA A 987 33.23 -62.38 8.14
CA ALA A 987 32.12 -61.43 8.39
C ALA A 987 32.68 -60.01 8.49
N LEU A 988 33.81 -59.83 9.17
CA LEU A 988 34.45 -58.50 9.28
C LEU A 988 34.86 -58.05 7.87
N GLY A 989 35.44 -58.97 7.09
CA GLY A 989 35.86 -58.65 5.70
C GLY A 989 34.66 -58.29 4.84
N ALA A 990 33.54 -59.00 5.00
CA ALA A 990 32.34 -58.73 4.19
C ALA A 990 31.83 -57.31 4.45
N MET A 991 31.87 -56.87 5.71
CA MET A 991 31.43 -55.49 6.04
C MET A 991 32.36 -54.49 5.33
N GLN A 992 33.67 -54.75 5.35
CA GLN A 992 34.64 -53.84 4.68
C GLN A 992 34.39 -53.81 3.17
N THR A 993 34.15 -54.98 2.56
CA THR A 993 33.92 -55.06 1.10
C THR A 993 32.64 -54.31 0.73
N GLY A 994 31.61 -54.37 1.60
CA GLY A 994 30.34 -53.67 1.35
C GLY A 994 30.44 -52.19 1.64
N PHE A 995 31.28 -51.47 0.90
CA PHE A 995 31.43 -50.00 1.07
C PHE A 995 30.44 -49.31 0.12
N THR A 996 29.66 -50.09 -0.63
CA THR A 996 28.72 -49.53 -1.63
C THR A 996 27.60 -48.74 -0.94
N THR A 997 27.08 -47.70 -1.60
CA THR A 997 25.96 -46.89 -1.05
C THR A 997 24.68 -47.72 -1.04
N THR A 998 24.67 -48.86 -1.76
CA THR A 998 23.46 -49.71 -1.85
C THR A 998 23.06 -50.20 -0.46
N ASN A 999 24.04 -50.52 0.40
CA ASN A 999 23.71 -50.96 1.78
C ASN A 999 22.92 -49.84 2.46
N GLU A 1000 21.79 -50.17 3.08
CA GLU A 1000 20.90 -49.14 3.69
C GLU A 1000 21.60 -48.42 4.85
N ALA A 1001 22.33 -49.15 5.70
CA ALA A 1001 22.92 -48.52 6.90
C ALA A 1001 23.93 -47.44 6.47
N PHE A 1002 24.79 -47.75 5.50
CA PHE A 1002 25.79 -46.77 5.01
C PHE A 1002 25.07 -45.59 4.36
N GLN A 1003 24.03 -45.87 3.58
CA GLN A 1003 23.28 -44.80 2.87
C GLN A 1003 22.66 -43.86 3.92
N LYS A 1004 22.11 -44.42 5.00
CA LYS A 1004 21.42 -43.59 6.02
C LYS A 1004 22.43 -42.60 6.65
N VAL A 1005 23.64 -43.07 6.93
CA VAL A 1005 24.66 -42.19 7.59
C VAL A 1005 24.95 -41.02 6.65
N GLN A 1006 25.15 -41.31 5.36
CA GLN A 1006 25.47 -40.25 4.37
C GLN A 1006 24.29 -39.28 4.27
N ASP A 1007 23.07 -39.81 4.22
CA ASP A 1007 21.87 -38.94 4.04
C ASP A 1007 21.74 -38.01 5.24
N ALA A 1008 21.95 -38.52 6.46
CA ALA A 1008 21.78 -37.69 7.67
C ALA A 1008 22.79 -36.55 7.68
N VAL A 1009 24.04 -36.84 7.34
CA VAL A 1009 25.10 -35.78 7.33
C VAL A 1009 24.75 -34.74 6.26
N ASN A 1010 24.31 -35.20 5.09
CA ASN A 1010 23.94 -34.28 3.98
C ASN A 1010 22.73 -33.44 4.43
N ASN A 1011 21.76 -34.07 5.10
CA ASN A 1011 20.51 -33.34 5.49
C ASN A 1011 20.84 -32.18 6.42
N ASN A 1012 21.68 -32.40 7.44
CA ASN A 1012 21.90 -31.29 8.41
C ASN A 1012 22.60 -30.12 7.68
N ALA A 1013 23.61 -30.43 6.86
CA ALA A 1013 24.36 -29.36 6.15
C ALA A 1013 23.44 -28.65 5.16
N GLN A 1014 22.63 -29.42 4.41
CA GLN A 1014 21.76 -28.79 3.38
C GLN A 1014 20.73 -27.88 4.04
N ALA A 1015 20.18 -28.28 5.19
CA ALA A 1015 19.10 -27.47 5.81
C ALA A 1015 19.61 -26.08 6.18
N LEU A 1016 20.77 -25.99 6.84
CA LEU A 1016 21.22 -24.63 7.26
C LEU A 1016 21.55 -23.78 6.02
N SER A 1017 22.22 -24.38 5.02
CA SER A 1017 22.64 -23.61 3.83
C SER A 1017 21.41 -23.13 3.04
N LYS A 1018 20.40 -24.01 2.86
CA LYS A 1018 19.22 -23.62 2.05
C LYS A 1018 18.47 -22.49 2.75
N LEU A 1019 18.34 -22.57 4.08
CA LEU A 1019 17.64 -21.52 4.85
C LEU A 1019 18.38 -20.19 4.76
N ALA A 1020 19.72 -20.22 4.82
CA ALA A 1020 20.52 -18.97 4.67
C ALA A 1020 20.27 -18.36 3.29
N SER A 1021 20.25 -19.19 2.24
CA SER A 1021 19.96 -18.70 0.87
C SER A 1021 18.53 -18.16 0.82
N GLU A 1022 17.59 -18.81 1.51
CA GLU A 1022 16.19 -18.35 1.56
C GLU A 1022 16.15 -16.97 2.23
N LEU A 1023 17.04 -16.71 3.20
CA LEU A 1023 17.03 -15.44 3.96
C LEU A 1023 17.50 -14.26 3.08
N SER A 1024 18.75 -13.84 3.26
CA SER A 1024 19.26 -12.64 2.52
C SER A 1024 19.29 -12.85 1.01
N ASN A 1025 19.75 -14.02 0.54
CA ASN A 1025 19.92 -14.22 -0.92
C ASN A 1025 18.56 -14.25 -1.63
N THR A 1026 18.44 -13.60 -2.79
CA THR A 1026 17.20 -13.67 -3.61
C THR A 1026 15.95 -13.39 -2.74
N PHE A 1027 16.02 -12.37 -1.88
CA PHE A 1027 14.83 -12.01 -1.06
C PHE A 1027 13.71 -11.56 -2.01
N GLY A 1028 14.05 -10.81 -3.05
CA GLY A 1028 13.05 -10.33 -4.03
C GLY A 1028 13.49 -10.64 -5.44
N ALA A 1029 12.55 -10.68 -6.39
CA ALA A 1029 12.88 -11.03 -7.80
C ALA A 1029 13.87 -10.01 -8.35
N ILE A 1030 13.71 -8.72 -7.99
CA ILE A 1030 14.67 -7.67 -8.44
C ILE A 1030 15.11 -6.88 -7.20
N SER A 1031 15.94 -7.51 -6.36
CA SER A 1031 16.41 -6.84 -5.10
C SER A 1031 17.92 -7.04 -4.94
N ALA A 1032 18.57 -6.13 -4.23
CA ALA A 1032 20.02 -6.26 -3.95
C ALA A 1032 20.20 -6.79 -2.53
N SER A 1033 19.13 -7.30 -1.91
CA SER A 1033 19.13 -7.82 -0.51
C SER A 1033 18.97 -6.67 0.48
N ILE A 1034 18.85 -5.43 -0.02
CA ILE A 1034 18.57 -4.26 0.87
C ILE A 1034 17.34 -3.56 0.27
N GLY A 1035 16.32 -3.26 1.08
CA GLY A 1035 15.09 -2.69 0.50
C GLY A 1035 15.30 -1.29 -0.03
N ASP A 1036 14.91 -1.03 -1.28
CA ASP A 1036 15.01 0.33 -1.88
C ASP A 1036 16.43 0.88 -1.73
N ILE A 1037 17.45 0.06 -1.96
CA ILE A 1037 18.86 0.53 -1.74
C ILE A 1037 19.13 1.70 -2.69
N ILE A 1038 18.75 1.56 -3.96
CA ILE A 1038 18.89 2.69 -4.94
C ILE A 1038 17.50 2.98 -5.52
N GLN A 1039 16.52 2.12 -5.22
CA GLN A 1039 15.16 2.27 -5.79
C GLN A 1039 14.52 3.57 -5.31
N ARG A 1040 14.68 3.90 -4.02
CA ARG A 1040 14.03 5.12 -3.47
C ARG A 1040 15.10 6.11 -3.02
N LEU A 1041 15.09 7.32 -3.59
CA LEU A 1041 16.05 8.38 -3.16
C LEU A 1041 15.72 8.79 -1.73
N ASP A 1042 14.42 8.89 -1.40
CA ASP A 1042 14.01 9.35 -0.04
C ASP A 1042 14.51 8.35 1.01
N VAL A 1043 15.10 8.86 2.10
CA VAL A 1043 15.58 7.97 3.20
C VAL A 1043 14.37 7.28 3.84
N LEU A 1044 13.28 8.03 4.05
CA LEU A 1044 12.07 7.47 4.71
C LEU A 1044 11.48 6.34 3.85
N GLU A 1045 11.41 6.55 2.54
CA GLU A 1045 10.87 5.50 1.62
C GLU A 1045 11.78 4.28 1.67
N GLN A 1046 13.10 4.50 1.67
CA GLN A 1046 14.07 3.38 1.75
C GLN A 1046 13.88 2.65 3.08
N ASP A 1047 13.66 3.41 4.16
CA ASP A 1047 13.51 2.80 5.51
C ASP A 1047 12.28 1.88 5.53
N ALA A 1048 11.18 2.33 4.92
CA ALA A 1048 9.94 1.51 4.92
C ALA A 1048 10.20 0.20 4.18
N GLN A 1049 10.89 0.27 3.03
CA GLN A 1049 11.22 -0.96 2.26
C GLN A 1049 12.14 -1.87 3.07
N ILE A 1050 13.14 -1.28 3.74
CA ILE A 1050 14.10 -2.09 4.56
C ILE A 1050 13.33 -2.76 5.69
N ASP A 1051 12.39 -2.06 6.32
CA ASP A 1051 11.63 -2.63 7.46
C ASP A 1051 10.83 -3.84 6.97
N ARG A 1052 10.18 -3.72 5.81
CA ARG A 1052 9.42 -4.86 5.23
C ARG A 1052 10.41 -6.01 4.95
N LEU A 1053 11.58 -5.69 4.40
CA LEU A 1053 12.60 -6.72 4.09
C LEU A 1053 13.05 -7.41 5.39
N ILE A 1054 13.27 -6.62 6.45
CA ILE A 1054 13.71 -7.19 7.75
C ILE A 1054 12.62 -8.13 8.29
N ASN A 1055 11.35 -7.72 8.18
CA ASN A 1055 10.25 -8.54 8.76
C ASN A 1055 10.19 -9.90 8.05
N GLY A 1056 10.31 -9.92 6.71
CA GLY A 1056 10.32 -11.19 5.98
C GLY A 1056 11.52 -12.03 6.35
N ARG A 1057 12.68 -11.39 6.47
CA ARG A 1057 13.93 -12.11 6.84
C ARG A 1057 13.77 -12.69 8.24
N LEU A 1058 13.17 -11.92 9.16
CA LEU A 1058 12.98 -12.39 10.56
C LEU A 1058 12.07 -13.62 10.56
N THR A 1059 11.01 -13.60 9.75
CA THR A 1059 10.03 -14.72 9.72
C THR A 1059 10.74 -15.99 9.23
N THR A 1060 11.56 -15.88 8.18
CA THR A 1060 12.32 -17.04 7.66
C THR A 1060 13.32 -17.51 8.73
N LEU A 1061 13.95 -16.56 9.42
CA LEU A 1061 14.92 -16.90 10.50
C LEU A 1061 14.20 -17.65 11.63
N ASN A 1062 12.98 -17.21 11.96
CA ASN A 1062 12.20 -17.87 13.05
C ASN A 1062 11.93 -19.32 12.66
N ALA A 1063 11.61 -19.57 11.38
CA ALA A 1063 11.35 -20.95 10.91
C ALA A 1063 12.64 -21.77 11.05
N PHE A 1064 13.79 -21.18 10.73
CA PHE A 1064 15.08 -21.90 10.84
C PHE A 1064 15.33 -22.29 12.30
N VAL A 1065 15.09 -21.36 13.24
CA VAL A 1065 15.33 -21.62 14.68
C VAL A 1065 14.39 -22.74 15.14
N ALA A 1066 13.13 -22.70 14.71
CA ALA A 1066 12.14 -23.72 15.13
C ALA A 1066 12.59 -25.09 14.62
N GLN A 1067 13.08 -25.15 13.37
CA GLN A 1067 13.54 -26.44 12.79
C GLN A 1067 14.73 -26.95 13.60
N GLN A 1068 15.65 -26.06 13.98
CA GLN A 1068 16.86 -26.48 14.74
C GLN A 1068 16.42 -27.06 16.09
N LEU A 1069 15.43 -26.44 16.75
CA LEU A 1069 14.95 -26.93 18.07
C LEU A 1069 14.36 -28.33 17.91
N VAL A 1070 13.59 -28.55 16.85
CA VAL A 1070 12.98 -29.89 16.60
C VAL A 1070 14.10 -30.91 16.38
N ARG A 1071 15.11 -30.55 15.58
CA ARG A 1071 16.22 -31.49 15.28
C ARG A 1071 16.99 -31.82 16.56
N SER A 1072 17.24 -30.81 17.41
CA SER A 1072 17.99 -31.03 18.67
C SER A 1072 17.19 -31.95 19.60
N GLU A 1073 15.87 -31.76 19.68
CA GLU A 1073 15.01 -32.61 20.55
C GLU A 1073 15.06 -34.05 20.06
N SER A 1074 14.96 -34.25 18.74
CA SER A 1074 15.01 -35.62 18.16
C SER A 1074 16.39 -36.23 18.45
N ALA A 1075 17.45 -35.42 18.31
CA ALA A 1075 18.83 -35.92 18.55
C ALA A 1075 18.95 -36.37 20.02
N ALA A 1076 18.40 -35.59 20.95
CA ALA A 1076 18.55 -35.94 22.39
C ALA A 1076 17.87 -37.29 22.65
N LEU A 1077 16.68 -37.49 22.08
CA LEU A 1077 15.95 -38.78 22.27
C LEU A 1077 16.76 -39.92 21.65
N SER A 1078 17.31 -39.70 20.45
CA SER A 1078 18.10 -40.75 19.75
C SER A 1078 19.36 -41.07 20.55
N ALA A 1079 20.01 -40.05 21.13
CA ALA A 1079 21.24 -40.25 21.93
C ALA A 1079 20.91 -41.11 23.16
N GLN A 1080 19.78 -40.84 23.81
CA GLN A 1080 19.37 -41.63 25.00
C GLN A 1080 19.14 -43.08 24.56
N LEU A 1081 18.50 -43.27 23.40
CA LEU A 1081 18.24 -44.63 22.88
C LEU A 1081 19.57 -45.31 22.55
N ALA A 1082 20.54 -44.55 22.03
CA ALA A 1082 21.86 -45.12 21.68
C ALA A 1082 22.54 -45.64 22.95
N LYS A 1083 22.44 -44.90 24.05
CA LYS A 1083 23.03 -45.34 25.35
C LYS A 1083 22.30 -46.63 25.77
N ASP A 1084 20.97 -46.66 25.61
CA ASP A 1084 20.18 -47.88 25.98
C ASP A 1084 20.62 -49.05 25.10
N LYS A 1085 20.86 -48.80 23.80
CA LYS A 1085 21.29 -49.86 22.87
C LYS A 1085 22.65 -50.42 23.31
N VAL A 1086 23.55 -49.54 23.76
CA VAL A 1086 24.90 -49.98 24.23
C VAL A 1086 24.70 -50.90 25.44
N ASN A 1087 23.85 -50.50 26.38
CA ASN A 1087 23.57 -51.36 27.57
C ASN A 1087 22.88 -52.65 27.11
N GLU A 1088 21.93 -52.55 26.18
CA GLU A 1088 21.14 -53.74 25.75
C GLU A 1088 22.01 -54.78 25.05
N CYS A 1089 22.92 -54.35 24.15
CA CYS A 1089 23.69 -55.35 23.36
C CYS A 1089 25.19 -55.30 23.65
N VAL A 1090 25.82 -54.12 23.61
CA VAL A 1090 27.30 -54.07 23.78
C VAL A 1090 27.67 -54.56 25.18
N LYS A 1091 26.96 -54.09 26.21
CA LYS A 1091 27.22 -54.55 27.60
C LYS A 1091 26.79 -56.02 27.78
N ALA A 1092 25.63 -56.41 27.26
CA ALA A 1092 25.13 -57.79 27.49
C ALA A 1092 24.80 -58.49 26.17
N GLN A 1093 25.44 -59.63 25.90
CA GLN A 1093 25.16 -60.41 24.66
C GLN A 1093 23.73 -60.95 24.66
N SER A 1094 23.23 -61.41 25.81
CA SER A 1094 21.89 -62.06 25.85
C SER A 1094 21.09 -61.60 27.07
N LYS A 1095 19.91 -62.20 27.31
CA LYS A 1095 19.04 -61.86 28.47
C LYS A 1095 18.15 -60.66 28.12
N ARG A 1096 18.21 -60.18 26.88
CA ARG A 1096 17.33 -59.07 26.42
C ARG A 1096 16.85 -59.40 25.01
N SER A 1097 15.69 -58.89 24.60
CA SER A 1097 15.22 -59.10 23.20
C SER A 1097 16.26 -58.49 22.26
N GLY A 1098 16.58 -59.17 21.16
CA GLY A 1098 17.65 -58.67 20.28
C GLY A 1098 17.16 -57.64 19.29
N PHE A 1099 16.61 -56.51 19.78
CA PHE A 1099 16.23 -55.42 18.85
C PHE A 1099 17.53 -54.83 18.27
N CYS A 1100 18.56 -54.69 19.11
CA CYS A 1100 19.86 -54.10 18.66
C CYS A 1100 20.54 -54.99 17.61
N GLY A 1101 20.52 -56.31 17.79
CA GLY A 1101 21.21 -57.21 16.85
C GLY A 1101 20.26 -58.18 16.18
N GLN A 1102 20.23 -58.19 14.84
CA GLN A 1102 19.29 -59.08 14.09
C GLN A 1102 19.66 -60.54 14.35
N GLY A 1103 18.66 -61.39 14.60
CA GLY A 1103 18.92 -62.82 14.89
C GLY A 1103 19.53 -62.97 16.28
N THR A 1104 20.14 -64.12 16.56
CA THR A 1104 20.85 -64.27 17.87
C THR A 1104 22.05 -63.32 17.84
N HIS A 1105 22.31 -62.60 18.93
CA HIS A 1105 23.40 -61.59 18.92
C HIS A 1105 24.57 -62.05 19.80
N ILE A 1106 25.76 -62.14 19.22
CA ILE A 1106 26.94 -62.65 20.00
C ILE A 1106 27.74 -61.47 20.56
N VAL A 1107 28.10 -60.50 19.72
CA VAL A 1107 28.93 -59.34 20.16
C VAL A 1107 28.59 -58.10 19.34
N SER A 1108 28.83 -56.91 19.88
CA SER A 1108 28.60 -55.64 19.12
C SER A 1108 29.81 -54.72 19.25
N PHE A 1109 30.18 -54.04 18.16
CA PHE A 1109 31.32 -53.09 18.18
C PHE A 1109 30.82 -51.71 17.74
N VAL A 1110 31.20 -50.66 18.48
CA VAL A 1110 30.71 -49.29 18.15
C VAL A 1110 31.87 -48.46 17.60
N VAL A 1111 31.61 -47.64 16.58
CA VAL A 1111 32.67 -46.77 15.99
C VAL A 1111 32.10 -45.34 15.87
N ASN A 1112 32.97 -44.33 15.93
CA ASN A 1112 32.51 -42.92 15.80
C ASN A 1112 31.99 -42.68 14.38
N ALA A 1113 30.96 -41.85 14.24
CA ALA A 1113 30.41 -41.51 12.91
C ALA A 1113 30.27 -39.98 12.83
N PRO A 1114 30.24 -39.34 11.64
CA PRO A 1114 30.04 -37.90 11.59
C PRO A 1114 28.65 -37.58 12.17
N ASN A 1115 28.57 -36.64 13.10
CA ASN A 1115 27.27 -36.24 13.71
C ASN A 1115 26.55 -37.48 14.26
N GLY A 1116 27.26 -38.39 14.93
CA GLY A 1116 26.58 -39.53 15.56
C GLY A 1116 27.48 -40.70 15.91
N LEU A 1117 26.91 -41.85 16.24
CA LEU A 1117 27.71 -43.07 16.53
C LEU A 1117 27.24 -44.20 15.59
N TYR A 1118 28.17 -44.84 14.86
CA TYR A 1118 27.79 -45.99 14.01
C TYR A 1118 27.79 -47.27 14.86
N PHE A 1119 26.80 -48.14 14.64
CA PHE A 1119 26.69 -49.39 15.44
C PHE A 1119 26.90 -50.61 14.54
N MET A 1120 27.77 -51.53 14.96
CA MET A 1120 27.99 -52.79 14.19
C MET A 1120 27.70 -53.97 15.13
N HIS A 1121 26.95 -54.97 14.67
CA HIS A 1121 26.55 -56.11 15.54
C HIS A 1121 26.88 -57.42 14.84
N VAL A 1122 27.01 -58.51 15.61
CA VAL A 1122 27.25 -59.85 14.98
C VAL A 1122 25.98 -60.69 15.17
N GLY A 1123 25.40 -61.16 14.06
CA GLY A 1123 24.16 -61.97 14.14
C GLY A 1123 24.34 -63.35 13.51
N TYR A 1124 24.06 -64.42 14.27
CA TYR A 1124 24.15 -65.79 13.73
C TYR A 1124 22.97 -66.04 12.78
N TYR A 1125 23.21 -66.66 11.62
CA TYR A 1125 22.10 -67.03 10.72
C TYR A 1125 22.12 -68.54 10.50
N PRO A 1126 21.02 -69.27 10.74
CA PRO A 1126 21.06 -70.74 10.63
C PRO A 1126 21.37 -71.17 9.20
N SER A 1127 20.68 -70.62 8.20
CA SER A 1127 20.98 -70.89 6.76
C SER A 1127 20.76 -72.37 6.38
N ASN A 1128 20.09 -73.15 7.24
CA ASN A 1128 19.80 -74.57 6.93
C ASN A 1128 18.63 -75.08 7.78
N HIS A 1129 17.93 -76.13 7.33
CA HIS A 1129 16.78 -76.70 8.07
C HIS A 1129 16.78 -78.22 8.01
N ILE A 1130 17.04 -78.91 9.13
CA ILE A 1130 16.99 -80.40 9.17
C ILE A 1130 15.89 -80.80 10.17
N GLU A 1131 14.97 -81.68 9.78
CA GLU A 1131 13.83 -82.00 10.68
C GLU A 1131 14.03 -83.36 11.36
N VAL A 1132 13.94 -83.39 12.70
CA VAL A 1132 14.05 -84.69 13.46
C VAL A 1132 12.93 -84.73 14.50
N VAL A 1133 12.40 -85.93 14.78
CA VAL A 1133 11.29 -86.09 15.77
C VAL A 1133 11.79 -85.68 17.16
N SER A 1134 10.95 -84.99 17.95
CA SER A 1134 11.34 -84.50 19.29
C SER A 1134 10.53 -85.20 20.38
N ALA A 1135 11.19 -85.70 21.43
CA ALA A 1135 10.46 -86.31 22.56
C ALA A 1135 10.44 -85.32 23.71
N TYR A 1136 9.26 -85.04 24.29
CA TYR A 1136 9.17 -84.00 25.36
C TYR A 1136 9.51 -84.63 26.71
N GLY A 1137 10.81 -84.80 26.99
CA GLY A 1137 11.25 -85.34 28.28
C GLY A 1137 11.22 -86.87 28.31
N LEU A 1138 11.65 -87.46 29.43
CA LEU A 1138 11.62 -88.94 29.58
C LEU A 1138 11.27 -89.27 31.04
N CYS A 1139 10.69 -90.46 31.29
CA CYS A 1139 10.40 -90.87 32.68
C CYS A 1139 10.89 -92.30 32.92
N ASP A 1140 10.88 -92.75 34.17
CA ASP A 1140 11.38 -94.11 34.52
C ASP A 1140 10.71 -94.58 35.81
N ALA A 1141 10.90 -95.85 36.18
CA ALA A 1141 10.27 -96.40 37.41
C ALA A 1141 10.80 -95.63 38.62
N ALA A 1142 12.08 -95.26 38.62
CA ALA A 1142 12.66 -94.47 39.74
C ALA A 1142 11.96 -93.11 39.81
N ASN A 1143 11.74 -92.59 41.02
CA ASN A 1143 10.97 -91.32 41.18
C ASN A 1143 11.68 -90.16 40.47
N PRO A 1144 13.02 -89.95 40.57
CA PRO A 1144 13.67 -88.90 39.79
C PRO A 1144 13.61 -89.28 38.30
N THR A 1145 13.16 -88.35 37.45
CA THR A 1145 13.04 -88.63 35.99
C THR A 1145 13.81 -87.54 35.23
N ASN A 1146 14.64 -87.93 34.26
CA ASN A 1146 15.46 -86.92 33.54
C ASN A 1146 14.64 -86.36 32.37
N CYS A 1147 14.52 -85.03 32.30
CA CYS A 1147 13.72 -84.39 31.22
C CYS A 1147 14.61 -83.39 30.47
N ILE A 1148 14.43 -83.25 29.16
CA ILE A 1148 15.32 -82.36 28.35
C ILE A 1148 14.81 -80.91 28.49
N ALA A 1149 15.02 -80.32 29.68
CA ALA A 1149 14.53 -78.94 29.92
C ALA A 1149 15.23 -77.92 29.00
N PRO A 1150 16.56 -77.94 28.76
CA PRO A 1150 17.16 -77.04 27.78
C PRO A 1150 16.84 -77.60 26.39
N VAL A 1151 16.24 -76.79 25.51
CA VAL A 1151 15.82 -77.24 24.15
C VAL A 1151 14.78 -78.37 24.27
N ASN A 1152 13.50 -78.06 24.04
CA ASN A 1152 12.42 -79.07 24.16
C ASN A 1152 12.68 -80.21 23.17
N GLY A 1153 13.17 -79.86 21.97
CA GLY A 1153 13.45 -80.89 20.95
C GLY A 1153 14.50 -81.87 21.43
N TYR A 1154 14.32 -83.16 21.14
CA TYR A 1154 15.32 -84.20 21.52
C TYR A 1154 15.64 -85.00 20.27
N PHE A 1155 16.87 -85.51 20.13
CA PHE A 1155 17.27 -86.20 18.89
C PHE A 1155 17.21 -87.72 19.05
N ILE A 1156 18.24 -88.43 18.56
CA ILE A 1156 18.26 -89.92 18.58
C ILE A 1156 18.49 -90.41 20.02
N LYS A 1157 18.28 -91.71 20.29
CA LYS A 1157 18.41 -92.27 21.66
C LYS A 1157 17.33 -91.65 22.55
N THR A 1158 16.18 -91.29 21.96
CA THR A 1158 15.04 -90.67 22.70
C THR A 1158 15.38 -89.24 23.12
N ASN A 1159 16.44 -89.07 23.92
CA ASN A 1159 16.88 -87.72 24.35
C ASN A 1159 18.35 -87.54 23.98
N ASN A 1160 18.72 -86.41 23.38
CA ASN A 1160 20.14 -86.13 23.06
C ASN A 1160 20.57 -84.85 23.76
N THR A 1161 21.76 -84.84 24.37
CA THR A 1161 22.27 -83.62 25.05
C THR A 1161 22.43 -82.52 24.01
N ARG A 1162 22.93 -82.88 22.82
CA ARG A 1162 23.15 -81.86 21.77
C ARG A 1162 22.08 -82.01 20.68
N ILE A 1163 21.24 -80.99 20.50
CA ILE A 1163 20.23 -81.02 19.39
C ILE A 1163 20.51 -79.78 18.53
N VAL A 1164 21.09 -78.75 19.14
CA VAL A 1164 21.42 -77.48 18.40
C VAL A 1164 22.47 -77.81 17.33
N ASP A 1165 22.35 -77.22 16.14
CA ASP A 1165 23.29 -77.50 15.02
C ASP A 1165 23.21 -79.00 14.70
N GLU A 1166 24.36 -79.68 14.64
CA GLU A 1166 24.36 -81.15 14.41
C GLU A 1166 23.63 -81.81 15.58
N TRP A 1167 22.72 -82.74 15.30
CA TRP A 1167 21.90 -83.35 16.38
C TRP A 1167 22.50 -84.67 16.88
N SER A 1168 23.60 -85.13 16.26
CA SER A 1168 24.17 -86.46 16.61
C SER A 1168 25.13 -86.34 17.81
N TYR A 1169 24.65 -86.67 19.01
CA TYR A 1169 25.51 -86.61 20.23
C TYR A 1169 25.17 -87.77 21.17
N THR A 1170 26.09 -88.10 22.08
CA THR A 1170 25.81 -89.16 23.09
C THR A 1170 24.77 -88.64 24.09
N GLY A 1171 23.84 -89.49 24.52
CA GLY A 1171 22.84 -89.09 25.54
C GLY A 1171 23.37 -89.30 26.95
N SER A 1172 24.31 -88.45 27.40
CA SER A 1172 24.87 -88.56 28.76
C SER A 1172 23.77 -88.30 29.80
N SER A 1173 22.88 -87.34 29.53
CA SER A 1173 21.75 -86.97 30.44
C SER A 1173 22.21 -86.01 31.53
N PHE A 1174 23.50 -85.67 31.57
CA PHE A 1174 23.98 -84.63 32.53
C PHE A 1174 23.35 -83.30 32.12
N TYR A 1175 23.25 -83.05 30.81
CA TYR A 1175 22.67 -81.80 30.27
C TYR A 1175 21.20 -81.69 30.71
N ALA A 1176 20.48 -82.81 30.73
CA ALA A 1176 19.04 -82.79 31.06
C ALA A 1176 18.83 -82.79 32.58
N PRO A 1177 18.17 -81.76 33.17
CA PRO A 1177 17.87 -81.73 34.61
C PRO A 1177 16.72 -82.68 34.97
N GLU A 1178 16.63 -83.09 36.24
CA GLU A 1178 15.57 -84.05 36.66
C GLU A 1178 14.45 -83.31 37.40
N PRO A 1179 13.26 -83.09 36.78
CA PRO A 1179 12.11 -82.49 37.48
C PRO A 1179 11.18 -83.56 38.06
N ILE A 1180 10.08 -83.13 38.69
CA ILE A 1180 9.07 -84.10 39.22
C ILE A 1180 8.46 -84.86 38.05
N THR A 1181 8.13 -86.15 38.24
CA THR A 1181 7.59 -86.98 37.13
C THR A 1181 6.24 -86.45 36.65
N SER A 1182 5.96 -86.56 35.35
CA SER A 1182 4.67 -86.08 34.77
C SER A 1182 3.89 -87.26 34.20
N LEU A 1183 2.56 -87.28 34.39
CA LEU A 1183 1.74 -88.44 33.95
C LEU A 1183 1.79 -88.64 32.43
N ASN A 1184 1.94 -89.90 31.98
CA ASN A 1184 1.96 -90.26 30.53
C ASN A 1184 2.41 -91.72 30.45
N THR A 1185 3.00 -92.14 29.33
CA THR A 1185 3.54 -93.50 29.26
C THR A 1185 5.06 -93.45 29.32
N LYS A 1186 5.57 -93.48 30.56
CA LYS A 1186 7.02 -93.48 30.84
C LYS A 1186 7.72 -92.30 30.17
N TYR A 1187 7.00 -91.20 30.00
CA TYR A 1187 7.53 -89.99 29.40
C TYR A 1187 6.96 -88.79 30.11
N VAL A 1188 7.68 -87.67 30.05
CA VAL A 1188 7.17 -86.48 30.69
C VAL A 1188 5.95 -85.96 29.93
N ALA A 1189 5.79 -86.38 28.68
CA ALA A 1189 4.66 -85.93 27.87
C ALA A 1189 3.32 -86.23 28.54
N TYR B 1 -48.52 8.41 -10.92
CA TYR B 1 -48.99 8.08 -9.54
C TYR B 1 -49.96 6.89 -9.61
N VAL B 2 -50.83 6.76 -8.61
CA VAL B 2 -51.82 5.63 -8.59
C VAL B 2 -53.19 6.18 -8.18
N ASP B 3 -54.26 5.50 -8.58
CA ASP B 3 -55.63 5.93 -8.20
C ASP B 3 -56.23 4.92 -7.21
N VAL B 4 -56.71 5.40 -6.06
CA VAL B 4 -57.34 4.51 -5.04
C VAL B 4 -58.86 4.52 -5.27
N GLY B 5 -59.31 5.22 -6.31
CA GLY B 5 -60.77 5.34 -6.56
C GLY B 5 -61.34 6.55 -5.85
N PRO B 6 -62.67 6.78 -5.89
CA PRO B 6 -63.27 7.98 -5.29
C PRO B 6 -63.09 8.01 -3.76
N ASP B 7 -62.81 9.20 -3.21
CA ASP B 7 -62.64 9.35 -1.73
C ASP B 7 -64.00 9.20 -1.06
N SER B 8 -64.02 8.77 0.21
CA SER B 8 -65.30 8.55 0.92
C SER B 8 -66.08 9.87 1.03
N VAL B 9 -67.39 9.82 0.84
CA VAL B 9 -68.24 11.05 0.90
C VAL B 9 -68.87 11.18 2.29
N LYS B 10 -68.52 10.28 3.22
CA LYS B 10 -69.16 10.30 4.56
C LYS B 10 -68.84 11.64 5.24
N SER B 11 -69.85 12.26 5.85
CA SER B 11 -69.65 13.60 6.47
C SER B 11 -68.66 13.52 7.64
N ALA B 12 -68.77 12.49 8.49
CA ALA B 12 -67.89 12.40 9.69
C ALA B 12 -67.40 10.96 9.87
N CYS B 13 -66.20 10.80 10.45
CA CYS B 13 -65.64 9.46 10.73
C CYS B 13 -66.42 8.81 11.88
N ILE B 14 -66.46 7.48 11.94
CA ILE B 14 -67.26 6.77 12.98
C ILE B 14 -66.56 6.91 14.32
N GLU B 15 -67.32 7.11 15.40
CA GLU B 15 -66.73 7.25 16.76
C GLU B 15 -66.04 5.95 17.15
N VAL B 16 -64.88 6.04 17.82
CA VAL B 16 -64.11 4.82 18.22
C VAL B 16 -64.02 4.79 19.75
N ASP B 17 -64.27 3.63 20.35
CA ASP B 17 -64.11 3.49 21.83
C ASP B 17 -62.78 2.80 22.11
N ILE B 18 -61.94 3.40 22.94
CA ILE B 18 -60.59 2.82 23.22
C ILE B 18 -60.61 2.20 24.62
N GLN B 19 -60.37 0.89 24.71
CA GLN B 19 -60.33 0.19 26.02
C GLN B 19 -59.08 -0.70 26.06
N GLN B 20 -57.90 -0.10 26.23
CA GLN B 20 -56.63 -0.88 26.23
C GLN B 20 -56.65 -1.89 27.38
N THR B 21 -57.16 -1.51 28.55
CA THR B 21 -57.15 -2.41 29.72
C THR B 21 -57.96 -3.68 29.43
N PHE B 22 -59.13 -3.54 28.79
CA PHE B 22 -59.96 -4.72 28.43
C PHE B 22 -59.18 -5.61 27.45
N PHE B 23 -58.51 -4.99 26.47
CA PHE B 23 -57.73 -5.75 25.46
C PHE B 23 -56.56 -6.48 26.12
N ASP B 24 -55.91 -5.86 27.11
CA ASP B 24 -54.70 -6.48 27.72
C ASP B 24 -55.08 -7.84 28.33
N LYS B 25 -54.30 -8.88 28.02
CA LYS B 25 -54.55 -10.24 28.55
C LYS B 25 -53.20 -10.91 28.78
N THR B 26 -53.15 -11.94 29.63
CA THR B 26 -51.87 -12.68 29.81
C THR B 26 -51.81 -13.82 28.78
N TRP B 27 -51.15 -13.58 27.66
CA TRP B 27 -51.03 -14.61 26.59
C TRP B 27 -49.57 -14.72 26.14
N PRO B 28 -48.66 -15.34 26.93
CA PRO B 28 -47.24 -15.37 26.55
C PRO B 28 -46.93 -16.44 25.49
N ARG B 29 -46.31 -16.04 24.38
CA ARG B 29 -45.90 -17.01 23.32
C ARG B 29 -44.45 -16.76 22.91
N PRO B 30 -43.45 -17.26 23.67
CA PRO B 30 -42.04 -17.00 23.36
C PRO B 30 -41.63 -17.64 22.02
N ILE B 31 -40.76 -16.99 21.26
CA ILE B 31 -40.25 -17.59 20.00
C ILE B 31 -39.53 -18.88 20.36
N ASP B 32 -39.86 -19.98 19.68
CA ASP B 32 -39.15 -21.27 19.94
C ASP B 32 -38.27 -21.59 18.74
N VAL B 33 -36.94 -21.45 18.90
CA VAL B 33 -36.00 -21.73 17.79
C VAL B 33 -36.09 -23.22 17.41
N SER B 34 -36.28 -24.10 18.40
N SER B 34 -36.26 -24.05 18.38
CA SER B 34 -36.33 -25.57 18.14
CA SER B 34 -36.33 -25.52 18.15
C SER B 34 -37.45 -25.93 17.16
C SER B 34 -37.39 -25.85 17.08
N LYS B 35 -38.50 -25.11 17.11
CA LYS B 35 -39.60 -25.35 16.12
C LYS B 35 -39.43 -24.39 14.94
N ALA B 36 -38.31 -23.69 14.86
CA ALA B 36 -38.01 -22.77 13.73
C ALA B 36 -39.08 -21.69 13.60
N ASP B 37 -39.54 -21.14 14.74
CA ASP B 37 -40.57 -20.09 14.72
C ASP B 37 -40.01 -18.78 14.14
N GLY B 38 -40.70 -18.18 13.18
CA GLY B 38 -40.30 -16.86 12.64
C GLY B 38 -38.88 -16.79 12.10
N ILE B 39 -38.40 -17.82 11.40
CA ILE B 39 -37.05 -17.71 10.76
C ILE B 39 -37.21 -17.77 9.23
N ILE B 40 -36.62 -16.80 8.53
CA ILE B 40 -36.73 -16.74 7.04
C ILE B 40 -35.78 -17.77 6.41
N TYR B 41 -36.24 -18.48 5.37
CA TYR B 41 -35.36 -19.42 4.64
C TYR B 41 -34.32 -18.61 3.87
N PRO B 42 -33.06 -19.08 3.69
CA PRO B 42 -32.11 -18.31 2.88
C PRO B 42 -32.65 -18.11 1.46
N GLN B 43 -32.77 -16.86 1.01
CA GLN B 43 -33.40 -16.61 -0.30
C GLN B 43 -32.46 -17.01 -1.44
N GLY B 44 -31.15 -17.04 -1.19
CA GLY B 44 -30.19 -17.30 -2.28
C GLY B 44 -30.34 -18.67 -2.92
N ARG B 45 -30.47 -19.74 -2.11
CA ARG B 45 -30.52 -21.11 -2.69
C ARG B 45 -31.07 -22.12 -1.68
N THR B 46 -31.48 -23.31 -2.15
CA THR B 46 -31.90 -24.38 -1.22
C THR B 46 -30.64 -24.99 -0.61
N TYR B 47 -30.74 -25.74 0.50
CA TYR B 47 -29.50 -26.24 1.16
C TYR B 47 -29.55 -27.75 1.36
N SER B 48 -28.38 -28.37 1.57
CA SER B 48 -28.28 -29.85 1.70
C SER B 48 -28.80 -30.33 3.06
N ASN B 49 -29.01 -31.65 3.20
CA ASN B 49 -29.59 -32.23 4.45
C ASN B 49 -28.68 -31.93 5.66
N ILE B 50 -27.36 -31.97 5.49
CA ILE B 50 -26.45 -31.78 6.66
C ILE B 50 -26.69 -30.39 7.25
N THR B 51 -26.63 -30.27 8.59
CA THR B 51 -26.92 -28.96 9.25
C THR B 51 -25.88 -27.92 8.83
N ILE B 52 -26.33 -26.70 8.48
CA ILE B 52 -25.40 -25.62 8.05
C ILE B 52 -25.68 -24.36 8.88
N THR B 53 -24.64 -23.76 9.48
CA THR B 53 -24.84 -22.47 10.20
C THR B 53 -25.09 -21.36 9.18
N TYR B 54 -26.04 -20.47 9.44
CA TYR B 54 -26.34 -19.35 8.52
C TYR B 54 -26.48 -18.05 9.32
N GLN B 55 -26.04 -16.93 8.75
CA GLN B 55 -26.14 -15.61 9.45
C GLN B 55 -27.21 -14.76 8.77
N GLY B 56 -28.21 -14.31 9.52
CA GLY B 56 -29.31 -13.48 8.96
C GLY B 56 -30.02 -12.73 10.06
N LEU B 57 -30.87 -11.76 9.72
CA LEU B 57 -31.68 -11.10 10.79
C LEU B 57 -32.61 -12.17 11.37
N PHE B 58 -32.63 -12.32 12.69
CA PHE B 58 -33.44 -13.41 13.31
C PHE B 58 -34.05 -12.93 14.63
N PRO B 59 -35.23 -13.42 15.05
CA PRO B 59 -35.80 -13.08 16.35
C PRO B 59 -35.02 -13.77 17.47
N TYR B 60 -34.93 -13.13 18.65
CA TYR B 60 -34.23 -13.76 19.80
C TYR B 60 -35.03 -14.97 20.27
N GLN B 61 -34.34 -16.07 20.61
CA GLN B 61 -35.04 -17.27 21.15
C GLN B 61 -35.61 -16.93 22.53
N GLY B 62 -36.82 -17.42 22.83
CA GLY B 62 -37.44 -17.16 24.15
C GLY B 62 -38.04 -15.77 24.26
N ASP B 63 -38.20 -15.07 23.13
CA ASP B 63 -38.74 -13.69 23.14
C ASP B 63 -40.26 -13.75 22.95
N HIS B 64 -41.02 -13.31 23.95
CA HIS B 64 -42.51 -13.29 23.85
C HIS B 64 -42.94 -12.33 22.74
N GLY B 65 -42.27 -11.17 22.64
CA GLY B 65 -42.63 -10.16 21.62
C GLY B 65 -43.82 -9.32 22.08
N ASP B 66 -44.45 -8.61 21.15
CA ASP B 66 -45.59 -7.71 21.50
C ASP B 66 -46.89 -8.35 21.00
N MET B 67 -47.90 -8.45 21.87
CA MET B 67 -49.16 -9.14 21.47
C MET B 67 -50.25 -8.09 21.21
N TYR B 68 -50.88 -8.15 20.02
CA TYR B 68 -51.99 -7.23 19.69
C TYR B 68 -53.20 -8.07 19.30
N VAL B 69 -54.40 -7.68 19.73
CA VAL B 69 -55.61 -8.50 19.44
C VAL B 69 -56.70 -7.60 18.84
N TYR B 70 -57.54 -8.14 17.94
CA TYR B 70 -58.65 -7.36 17.35
C TYR B 70 -59.97 -7.94 17.88
N SER B 71 -60.88 -7.08 18.36
CA SER B 71 -62.13 -7.58 18.97
C SER B 71 -63.35 -6.88 18.35
N ALA B 72 -64.51 -7.54 18.39
CA ALA B 72 -65.74 -6.96 17.80
C ALA B 72 -66.18 -5.73 18.58
N GLY B 73 -66.89 -4.80 17.92
CA GLY B 73 -67.36 -3.57 18.58
C GLY B 73 -68.49 -3.86 19.55
N HIS B 74 -68.70 -2.96 20.53
CA HIS B 74 -69.83 -3.15 21.48
C HIS B 74 -71.12 -3.21 20.66
N ALA B 75 -71.97 -4.20 20.92
CA ALA B 75 -73.16 -4.36 20.05
C ALA B 75 -74.41 -4.77 20.85
N THR B 76 -75.56 -4.17 20.54
CA THR B 76 -76.83 -4.64 21.16
C THR B 76 -77.27 -5.84 20.32
N GLY B 77 -78.21 -6.64 20.81
CA GLY B 77 -78.58 -7.85 20.03
C GLY B 77 -79.11 -7.45 18.67
N THR B 78 -79.92 -6.39 18.60
CA THR B 78 -80.49 -5.91 17.31
C THR B 78 -79.40 -5.38 16.36
N THR B 79 -78.45 -4.57 16.86
CA THR B 79 -77.45 -3.95 15.95
C THR B 79 -76.18 -3.53 16.69
N PRO B 80 -75.01 -3.39 16.02
CA PRO B 80 -73.79 -2.90 16.68
C PRO B 80 -73.90 -1.41 17.05
N GLN B 81 -73.42 -1.01 18.22
CA GLN B 81 -73.58 0.40 18.67
C GLN B 81 -72.30 1.21 18.42
N LYS B 82 -71.13 0.69 18.82
CA LYS B 82 -69.88 1.49 18.70
C LYS B 82 -68.68 0.59 18.40
N LEU B 83 -67.62 1.15 17.80
CA LEU B 83 -66.38 0.37 17.50
C LEU B 83 -65.62 0.08 18.80
N PHE B 84 -65.00 -1.09 18.92
CA PHE B 84 -64.19 -1.43 20.11
C PHE B 84 -62.74 -1.68 19.66
N VAL B 85 -61.80 -0.86 20.15
CA VAL B 85 -60.36 -0.99 19.76
C VAL B 85 -59.49 -0.68 20.98
N ALA B 86 -58.20 -1.06 20.94
CA ALA B 86 -57.27 -0.73 22.05
C ALA B 86 -56.58 0.60 21.77
N ASN B 87 -55.48 0.88 22.48
CA ASN B 87 -54.73 2.17 22.33
C ASN B 87 -53.55 1.95 21.39
N TYR B 88 -53.65 0.97 20.49
CA TYR B 88 -52.52 0.63 19.58
C TYR B 88 -52.15 1.84 18.71
N SER B 89 -53.13 2.65 18.30
CA SER B 89 -52.85 3.78 17.38
C SER B 89 -51.83 4.75 18.01
N GLN B 90 -52.00 5.06 19.30
CA GLN B 90 -51.06 5.98 20.00
C GLN B 90 -49.66 5.35 20.06
N ASP B 91 -49.58 4.03 20.31
CA ASP B 91 -48.26 3.36 20.46
C ASP B 91 -47.46 3.47 19.16
N VAL B 92 -46.17 3.79 19.26
CA VAL B 92 -45.28 3.84 18.06
C VAL B 92 -44.11 2.89 18.30
N LYS B 93 -43.81 2.01 17.34
CA LYS B 93 -42.73 1.01 17.54
C LYS B 93 -41.59 1.25 16.54
N GLN B 94 -40.34 1.26 17.02
CA GLN B 94 -39.18 1.53 16.13
C GLN B 94 -38.99 0.38 15.14
N PHE B 95 -38.66 0.70 13.89
CA PHE B 95 -38.39 -0.34 12.85
C PHE B 95 -36.90 -0.26 12.51
N ALA B 96 -36.18 -1.38 12.68
CA ALA B 96 -34.73 -1.40 12.39
C ALA B 96 -34.40 -2.52 11.40
N ASN B 97 -34.47 -3.78 11.86
CA ASN B 97 -34.17 -4.94 11.00
C ASN B 97 -35.47 -5.57 10.52
N GLY B 98 -36.61 -4.92 10.79
CA GLY B 98 -37.91 -5.46 10.41
C GLY B 98 -38.50 -6.34 11.50
N PHE B 99 -39.71 -6.87 11.28
CA PHE B 99 -40.40 -7.68 12.32
C PHE B 99 -41.10 -8.89 11.68
N VAL B 100 -41.31 -9.94 12.48
CA VAL B 100 -42.05 -11.15 11.98
C VAL B 100 -43.35 -11.28 12.78
N VAL B 101 -44.47 -11.57 12.11
CA VAL B 101 -45.79 -11.63 12.80
C VAL B 101 -46.26 -13.08 12.91
N ARG B 102 -46.84 -13.45 14.06
CA ARG B 102 -47.40 -14.82 14.24
C ARG B 102 -48.91 -14.70 14.03
N ILE B 103 -49.47 -15.43 13.05
CA ILE B 103 -50.92 -15.26 12.71
C ILE B 103 -51.63 -16.61 12.84
N GLY B 104 -52.81 -16.64 13.46
CA GLY B 104 -53.59 -17.88 13.60
C GLY B 104 -53.13 -18.76 14.74
N ALA B 105 -52.31 -18.21 15.64
CA ALA B 105 -51.78 -18.98 16.79
C ALA B 105 -52.92 -19.46 17.71
N ALA B 106 -53.90 -18.59 17.96
CA ALA B 106 -55.00 -18.94 18.89
C ALA B 106 -56.17 -19.58 18.13
N ALA B 107 -56.07 -19.69 16.80
CA ALA B 107 -57.18 -20.22 15.98
C ALA B 107 -57.38 -21.72 16.27
N ASN B 108 -58.61 -22.22 16.06
CA ASN B 108 -58.94 -23.66 16.28
C ASN B 108 -59.06 -23.96 17.78
N SER B 109 -59.22 -22.92 18.61
CA SER B 109 -59.43 -23.12 20.07
C SER B 109 -60.62 -22.25 20.50
N THR B 110 -61.25 -22.57 21.63
CA THR B 110 -62.42 -21.78 22.12
C THR B 110 -61.99 -20.91 23.30
N GLY B 111 -62.18 -19.58 23.18
CA GLY B 111 -61.81 -18.65 24.27
C GLY B 111 -62.79 -17.49 24.37
N THR B 112 -62.89 -16.87 25.53
CA THR B 112 -63.87 -15.76 25.72
C THR B 112 -63.51 -14.59 24.79
N VAL B 113 -64.51 -13.96 24.17
CA VAL B 113 -64.26 -12.78 23.29
C VAL B 113 -63.87 -11.59 24.17
N ILE B 114 -63.01 -10.70 23.67
CA ILE B 114 -62.53 -9.54 24.48
C ILE B 114 -63.71 -8.62 24.85
N ILE B 115 -64.63 -8.37 23.91
CA ILE B 115 -65.72 -7.39 24.18
C ILE B 115 -66.59 -7.85 25.34
N SER B 116 -66.96 -9.15 25.41
CA SER B 116 -67.74 -9.63 26.58
C SER B 116 -67.00 -10.78 27.28
N PRO B 117 -66.65 -10.65 28.57
CA PRO B 117 -66.01 -11.74 29.32
C PRO B 117 -66.95 -12.95 29.43
N SER B 118 -68.24 -12.69 29.69
CA SER B 118 -69.23 -13.79 29.84
C SER B 118 -69.37 -14.57 28.53
N THR B 119 -69.40 -13.86 27.39
CA THR B 119 -69.61 -14.54 26.09
C THR B 119 -68.35 -15.32 25.70
N SER B 120 -68.50 -16.57 25.27
CA SER B 120 -67.35 -17.39 24.80
C SER B 120 -67.63 -17.88 23.38
N ALA B 121 -66.68 -17.69 22.46
CA ALA B 121 -66.86 -18.12 21.06
C ALA B 121 -65.59 -18.83 20.59
N THR B 122 -65.71 -19.69 19.57
CA THR B 122 -64.49 -20.34 19.02
C THR B 122 -63.58 -19.26 18.43
N ILE B 123 -62.30 -19.28 18.78
CA ILE B 123 -61.33 -18.29 18.24
C ILE B 123 -61.07 -18.62 16.76
N ARG B 124 -61.00 -17.60 15.91
CA ARG B 124 -60.77 -17.81 14.46
C ARG B 124 -59.60 -16.94 14.01
N LYS B 125 -58.84 -17.38 13.00
CA LYS B 125 -57.64 -16.62 12.56
C LYS B 125 -58.06 -15.24 12.04
N ILE B 126 -57.31 -14.20 12.40
CA ILE B 126 -57.59 -12.82 11.89
C ILE B 126 -56.26 -12.25 11.39
N TYR B 127 -56.29 -11.32 10.43
CA TYR B 127 -55.02 -10.83 9.83
C TYR B 127 -54.74 -9.38 10.23
N PRO B 128 -53.54 -9.07 10.78
CA PRO B 128 -53.19 -7.71 11.23
C PRO B 128 -52.94 -6.69 10.12
N ALA B 129 -53.21 -5.41 10.40
CA ALA B 129 -52.93 -4.34 9.42
C ALA B 129 -51.78 -3.49 9.95
N PHE B 130 -50.75 -3.23 9.13
CA PHE B 130 -49.56 -2.50 9.63
C PHE B 130 -49.30 -1.22 8.82
N MET B 131 -48.96 -0.13 9.49
CA MET B 131 -48.62 1.13 8.79
C MET B 131 -47.13 1.43 9.06
N LEU B 132 -46.33 1.57 8.00
CA LEU B 132 -44.88 1.82 8.16
C LEU B 132 -44.52 3.15 7.52
N GLY B 133 -43.83 4.04 8.24
CA GLY B 133 -43.51 5.38 7.72
C GLY B 133 -42.06 5.75 7.93
N SER B 134 -41.48 6.51 7.00
CA SER B 134 -40.08 6.98 7.15
C SER B 134 -39.97 7.88 8.39
N SER B 135 -40.97 8.75 8.60
CA SER B 135 -40.95 9.67 9.76
C SER B 135 -42.36 9.73 10.39
N VAL B 136 -42.44 10.11 11.67
CA VAL B 136 -43.76 10.19 12.37
C VAL B 136 -43.91 11.57 12.99
N GLY B 137 -45.14 12.03 13.18
CA GLY B 137 -45.41 13.37 13.74
C GLY B 137 -46.49 13.32 14.80
N ASN B 138 -46.62 14.36 15.62
CA ASN B 138 -47.72 14.41 16.61
C ASN B 138 -49.03 14.70 15.89
N PHE B 139 -50.16 14.22 16.42
CA PHE B 139 -51.50 14.49 15.82
C PHE B 139 -51.89 15.95 16.10
N SER B 140 -52.91 16.45 15.40
CA SER B 140 -53.38 17.84 15.64
C SER B 140 -53.87 17.96 17.09
N ASP B 141 -54.55 16.94 17.61
CA ASP B 141 -55.02 16.95 19.03
C ASP B 141 -53.84 16.70 19.97
N GLY B 142 -52.68 16.31 19.42
CA GLY B 142 -51.47 16.04 20.24
C GLY B 142 -51.31 14.57 20.59
N LYS B 143 -52.18 13.70 20.07
CA LYS B 143 -52.01 12.25 20.29
C LYS B 143 -50.80 11.75 19.49
N MET B 144 -50.12 10.71 19.96
CA MET B 144 -48.99 10.13 19.20
C MET B 144 -49.51 9.20 18.09
N GLY B 145 -48.66 8.84 17.14
CA GLY B 145 -49.06 7.88 16.07
C GLY B 145 -49.47 8.54 14.76
N ARG B 146 -49.40 9.86 14.65
CA ARG B 146 -49.66 10.50 13.32
C ARG B 146 -48.52 10.11 12.38
N PHE B 147 -48.82 9.85 11.11
CA PHE B 147 -47.77 9.38 10.16
C PHE B 147 -47.51 10.44 9.09
N PHE B 148 -46.25 10.58 8.66
CA PHE B 148 -45.87 11.64 7.68
C PHE B 148 -46.13 11.19 6.24
N ASN B 149 -45.64 11.97 5.27
CA ASN B 149 -45.90 11.68 3.83
C ASN B 149 -45.24 10.37 3.39
N HIS B 150 -45.78 9.73 2.35
CA HIS B 150 -45.21 8.47 1.80
C HIS B 150 -45.16 7.37 2.87
N THR B 151 -46.22 7.22 3.67
CA THR B 151 -46.26 6.13 4.68
C THR B 151 -46.97 4.91 4.07
N LEU B 152 -46.28 3.76 4.02
CA LEU B 152 -46.88 2.52 3.47
C LEU B 152 -48.00 2.03 4.38
N VAL B 153 -49.14 1.65 3.81
CA VAL B 153 -50.26 1.07 4.63
C VAL B 153 -50.65 -0.29 4.04
N LEU B 154 -50.72 -1.33 4.86
CA LEU B 154 -51.16 -2.67 4.38
C LEU B 154 -52.44 -3.06 5.14
N LEU B 155 -53.53 -3.36 4.42
CA LEU B 155 -54.77 -3.84 5.10
C LEU B 155 -55.33 -5.09 4.41
N PRO B 156 -55.64 -6.18 5.15
CA PRO B 156 -56.29 -7.35 4.55
C PRO B 156 -57.74 -6.99 4.19
N ASP B 157 -58.31 -7.58 3.14
CA ASP B 157 -59.67 -7.18 2.70
C ASP B 157 -60.54 -8.41 2.44
N GLY B 158 -61.87 -8.23 2.43
CA GLY B 158 -62.80 -9.34 2.15
C GLY B 158 -62.64 -10.49 3.14
N CYS B 159 -62.61 -10.19 4.44
CA CYS B 159 -62.43 -11.24 5.48
C CYS B 159 -61.17 -12.06 5.15
N GLY B 160 -60.09 -11.40 4.72
CA GLY B 160 -58.82 -12.09 4.45
C GLY B 160 -58.70 -12.75 3.08
N THR B 161 -59.67 -12.51 2.18
CA THR B 161 -59.58 -13.05 0.80
C THR B 161 -58.37 -12.45 0.07
N LEU B 162 -58.10 -11.15 0.26
CA LEU B 162 -56.99 -10.48 -0.47
C LEU B 162 -56.22 -9.57 0.49
N LEU B 163 -54.96 -9.27 0.19
CA LEU B 163 -54.16 -8.33 1.01
C LEU B 163 -53.80 -7.13 0.15
N ARG B 164 -54.04 -5.90 0.65
CA ARG B 164 -53.79 -4.69 -0.17
C ARG B 164 -52.64 -3.89 0.46
N ALA B 165 -51.57 -3.62 -0.32
CA ALA B 165 -50.43 -2.81 0.19
C ALA B 165 -50.23 -1.58 -0.71
N PHE B 166 -50.20 -0.39 -0.10
CA PHE B 166 -50.01 0.86 -0.89
C PHE B 166 -49.15 1.85 -0.09
N TYR B 167 -48.24 2.57 -0.76
CA TYR B 167 -47.45 3.61 -0.06
C TYR B 167 -47.97 4.98 -0.52
N CYS B 168 -48.68 5.71 0.34
CA CYS B 168 -49.31 6.98 -0.10
C CYS B 168 -49.27 8.03 1.02
N ILE B 169 -49.35 9.32 0.66
CA ILE B 169 -49.43 10.40 1.67
C ILE B 169 -50.81 10.32 2.34
N LEU B 170 -50.90 10.63 3.64
CA LEU B 170 -52.19 10.50 4.38
C LEU B 170 -52.72 11.91 4.70
N GLU B 171 -53.96 12.20 4.32
CA GLU B 171 -54.58 13.51 4.65
C GLU B 171 -55.80 13.28 5.55
N PRO B 172 -55.84 13.83 6.79
CA PRO B 172 -57.01 13.69 7.66
C PRO B 172 -58.24 14.46 7.16
N ARG B 173 -59.42 13.83 7.22
CA ARG B 173 -60.68 14.53 6.82
C ARG B 173 -61.12 15.49 7.93
N SER B 174 -61.91 16.51 7.60
CA SER B 174 -62.33 17.53 8.60
C SER B 174 -63.55 17.04 9.39
N GLY B 175 -64.11 15.89 9.02
CA GLY B 175 -65.30 15.36 9.71
C GLY B 175 -65.02 14.99 11.15
N ASN B 176 -66.03 15.06 12.02
CA ASN B 176 -65.82 14.79 13.47
C ASN B 176 -65.36 13.34 13.67
N HIS B 177 -64.43 13.10 14.60
CA HIS B 177 -63.88 11.75 14.92
C HIS B 177 -62.71 11.43 13.99
N CYS B 178 -62.50 12.24 12.94
CA CYS B 178 -61.29 12.08 12.09
C CYS B 178 -60.19 12.88 12.78
N PRO B 179 -58.88 12.69 12.51
CA PRO B 179 -57.84 13.40 13.26
C PRO B 179 -57.98 14.93 13.16
N ALA B 180 -58.24 15.46 11.97
CA ALA B 180 -58.48 16.91 11.81
C ALA B 180 -59.77 17.33 12.52
N GLY B 181 -60.81 16.49 12.47
CA GLY B 181 -62.13 16.84 13.03
C GLY B 181 -62.17 16.90 14.55
N ASN B 182 -63.19 17.58 15.11
CA ASN B 182 -63.34 17.72 16.58
C ASN B 182 -63.64 16.36 17.21
N SER B 183 -63.27 16.18 18.48
CA SER B 183 -63.45 14.88 19.18
C SER B 183 -62.74 13.79 18.39
N TYR B 184 -61.53 14.07 17.91
CA TYR B 184 -60.77 13.09 17.08
C TYR B 184 -60.50 11.84 17.91
N THR B 185 -60.67 10.67 17.30
CA THR B 185 -60.43 9.39 18.01
C THR B 185 -59.08 8.82 17.59
N SER B 186 -59.08 7.67 16.89
CA SER B 186 -57.83 7.06 16.40
C SER B 186 -58.06 6.49 15.00
N PHE B 187 -57.02 6.41 14.17
CA PHE B 187 -57.19 5.77 12.83
C PHE B 187 -57.56 4.29 13.06
N ALA B 188 -58.57 3.80 12.35
CA ALA B 188 -59.03 2.40 12.56
C ALA B 188 -59.70 1.87 11.31
N THR B 189 -59.86 0.54 11.21
CA THR B 189 -60.57 -0.07 10.06
C THR B 189 -61.81 -0.80 10.60
N TYR B 190 -62.96 -0.60 9.95
CA TYR B 190 -64.21 -1.28 10.40
C TYR B 190 -64.83 -2.03 9.21
N HIS B 191 -65.27 -3.27 9.44
CA HIS B 191 -65.95 -4.05 8.37
C HIS B 191 -67.18 -4.74 8.94
N THR B 192 -68.19 -5.01 8.11
CA THR B 192 -69.37 -5.76 8.57
C THR B 192 -69.38 -7.12 7.87
N PRO B 193 -69.43 -8.26 8.61
CA PRO B 193 -69.36 -9.58 7.97
C PRO B 193 -70.53 -9.84 7.01
N ALA B 194 -71.75 -9.45 7.39
CA ALA B 194 -72.92 -9.71 6.53
C ALA B 194 -72.78 -8.94 5.21
N THR B 195 -72.36 -7.67 5.28
CA THR B 195 -72.26 -6.83 4.05
C THR B 195 -71.17 -7.32 3.10
N ASP B 196 -70.00 -7.70 3.60
CA ASP B 196 -68.88 -8.04 2.68
C ASP B 196 -68.49 -9.52 2.74
N CYS B 197 -68.32 -10.09 3.93
CA CYS B 197 -67.81 -11.49 4.05
C CYS B 197 -68.79 -12.51 3.46
N SER B 198 -70.09 -12.20 3.39
CA SER B 198 -71.04 -13.14 2.74
C SER B 198 -70.60 -13.36 1.29
N ASP B 199 -70.67 -14.61 0.80
CA ASP B 199 -70.16 -14.92 -0.55
C ASP B 199 -70.95 -14.17 -1.62
N GLY B 200 -70.25 -13.59 -2.60
CA GLY B 200 -70.92 -12.87 -3.71
C GLY B 200 -71.25 -11.43 -3.34
N ASN B 201 -71.01 -11.05 -2.08
CA ASN B 201 -71.25 -9.65 -1.64
C ASN B 201 -69.90 -9.01 -1.28
N TYR B 202 -68.79 -9.68 -1.62
CA TYR B 202 -67.45 -9.16 -1.24
C TYR B 202 -67.20 -7.80 -1.89
N ASN B 203 -66.62 -6.86 -1.12
CA ASN B 203 -66.27 -5.54 -1.70
C ASN B 203 -64.74 -5.46 -1.75
N ARG B 204 -64.18 -5.20 -2.93
CA ARG B 204 -62.70 -5.19 -3.09
C ARG B 204 -62.08 -4.08 -2.24
N ASN B 205 -62.69 -2.90 -2.19
CA ASN B 205 -62.08 -1.74 -1.47
C ASN B 205 -62.77 -1.45 -0.13
N ALA B 206 -63.51 -2.40 0.43
CA ALA B 206 -64.28 -2.09 1.66
C ALA B 206 -63.34 -1.67 2.80
N SER B 207 -62.24 -2.40 3.01
CA SER B 207 -61.26 -2.01 4.06
C SER B 207 -60.61 -0.68 3.69
N LEU B 208 -60.30 -0.49 2.40
CA LEU B 208 -59.66 0.78 1.95
C LEU B 208 -60.61 1.94 2.22
N ASN B 209 -61.91 1.77 1.97
CA ASN B 209 -62.89 2.86 2.15
C ASN B 209 -62.96 3.27 3.63
N SER B 210 -62.97 2.30 4.54
CA SER B 210 -63.03 2.61 5.99
C SER B 210 -61.77 3.38 6.39
N PHE B 211 -60.60 2.94 5.91
CA PHE B 211 -59.33 3.65 6.19
C PHE B 211 -59.36 5.04 5.54
N LYS B 212 -59.96 5.14 4.34
CA LYS B 212 -59.96 6.42 3.58
C LYS B 212 -60.65 7.51 4.40
N GLU B 213 -61.72 7.17 5.14
CA GLU B 213 -62.45 8.22 5.87
C GLU B 213 -61.51 8.87 6.89
N TYR B 214 -60.74 8.05 7.64
CA TYR B 214 -59.77 8.60 8.61
C TYR B 214 -58.63 9.33 7.89
N PHE B 215 -58.08 8.72 6.83
CA PHE B 215 -56.95 9.35 6.08
C PHE B 215 -57.16 9.23 4.57
N ASN B 216 -57.25 10.34 3.86
CA ASN B 216 -57.34 10.31 2.37
C ASN B 216 -55.98 9.91 1.80
N LEU B 217 -55.96 9.27 0.64
CA LEU B 217 -54.69 8.87 -0.01
C LEU B 217 -54.33 9.92 -1.08
N ARG B 218 -53.21 10.62 -0.93
CA ARG B 218 -52.86 11.71 -1.86
C ARG B 218 -51.56 11.39 -2.61
N ASN B 219 -51.56 11.52 -3.95
CA ASN B 219 -50.32 11.31 -4.75
C ASN B 219 -49.70 9.95 -4.43
N CYS B 220 -50.52 8.90 -4.33
CA CYS B 220 -49.98 7.56 -3.94
C CYS B 220 -48.97 7.08 -4.98
N THR B 221 -47.80 6.61 -4.55
CA THR B 221 -46.75 6.17 -5.50
C THR B 221 -47.24 4.96 -6.30
N PHE B 222 -47.83 3.97 -5.62
CA PHE B 222 -48.35 2.76 -6.32
C PHE B 222 -49.38 2.03 -5.43
N MET B 223 -50.24 1.21 -6.03
CA MET B 223 -51.19 0.41 -5.23
C MET B 223 -51.04 -1.06 -5.68
N TYR B 224 -50.84 -1.98 -4.73
CA TYR B 224 -50.62 -3.41 -5.09
C TYR B 224 -51.60 -4.30 -4.32
N THR B 225 -52.25 -5.25 -5.00
CA THR B 225 -53.15 -6.21 -4.31
C THR B 225 -52.62 -7.63 -4.50
N TYR B 226 -52.45 -8.38 -3.41
CA TYR B 226 -52.00 -9.79 -3.49
C TYR B 226 -53.10 -10.69 -2.91
N ASN B 227 -53.52 -11.72 -3.64
CA ASN B 227 -54.65 -12.55 -3.13
C ASN B 227 -54.09 -13.69 -2.28
N ILE B 228 -54.47 -13.74 -1.01
CA ILE B 228 -53.95 -14.79 -0.08
C ILE B 228 -55.15 -15.61 0.42
N THR B 229 -55.06 -16.94 0.31
CA THR B 229 -56.16 -17.81 0.82
C THR B 229 -56.28 -17.65 2.33
N GLU B 230 -57.51 -17.63 2.85
CA GLU B 230 -57.72 -17.45 4.31
C GLU B 230 -57.76 -18.84 4.97
N ASP B 231 -56.82 -19.11 5.87
CA ASP B 231 -56.76 -20.47 6.49
C ASP B 231 -56.61 -20.34 8.02
N GLU B 232 -57.24 -21.24 8.77
CA GLU B 232 -57.10 -21.27 10.26
C GLU B 232 -55.67 -21.69 10.61
N ILE B 233 -54.99 -22.40 9.72
CA ILE B 233 -53.62 -22.93 10.00
C ILE B 233 -52.67 -21.75 10.28
N LEU B 234 -51.75 -21.92 11.22
CA LEU B 234 -50.81 -20.83 11.61
C LEU B 234 -49.95 -20.42 10.41
N GLU B 235 -49.76 -19.11 10.21
CA GLU B 235 -48.90 -18.60 9.11
C GLU B 235 -48.01 -17.49 9.65
N TRP B 236 -46.87 -17.22 9.00
CA TRP B 236 -45.92 -16.18 9.47
C TRP B 236 -45.74 -15.11 8.40
N PHE B 237 -45.84 -13.83 8.78
CA PHE B 237 -45.60 -12.73 7.81
C PHE B 237 -44.35 -11.96 8.23
N GLY B 238 -43.38 -11.81 7.31
CA GLY B 238 -42.15 -11.07 7.61
C GLY B 238 -41.99 -9.85 6.73
N ILE B 239 -41.72 -8.69 7.32
CA ILE B 239 -41.45 -7.47 6.50
C ILE B 239 -40.11 -6.88 6.91
N THR B 240 -39.24 -6.58 5.93
CA THR B 240 -37.93 -5.95 6.22
C THR B 240 -37.69 -4.85 5.19
N GLN B 241 -36.90 -3.83 5.55
CA GLN B 241 -36.59 -2.73 4.60
C GLN B 241 -35.11 -2.81 4.20
N THR B 242 -34.83 -2.82 2.90
CA THR B 242 -33.43 -2.87 2.40
C THR B 242 -33.25 -1.77 1.35
N ALA B 243 -32.01 -1.42 1.02
CA ALA B 243 -31.74 -0.34 0.04
C ALA B 243 -32.35 -0.73 -1.31
N GLN B 244 -32.25 -2.01 -1.68
CA GLN B 244 -32.85 -2.48 -2.95
C GLN B 244 -34.37 -2.29 -2.89
N GLY B 245 -35.00 -2.61 -1.76
CA GLY B 245 -36.44 -2.35 -1.60
C GLY B 245 -37.03 -3.05 -0.39
N VAL B 246 -38.31 -2.81 -0.08
CA VAL B 246 -38.99 -3.51 1.05
C VAL B 246 -39.29 -4.95 0.59
N HIS B 247 -39.10 -5.93 1.48
CA HIS B 247 -39.33 -7.36 1.11
C HIS B 247 -40.47 -7.93 1.95
N LEU B 248 -41.43 -8.61 1.30
CA LEU B 248 -42.61 -9.16 2.02
C LEU B 248 -42.51 -10.69 2.01
N PHE B 249 -42.61 -11.33 3.18
CA PHE B 249 -42.46 -12.81 3.28
C PHE B 249 -43.78 -13.40 3.77
N SER B 250 -44.30 -14.42 3.07
CA SER B 250 -45.52 -15.11 3.55
C SER B 250 -45.28 -16.61 3.70
N SER B 251 -45.52 -17.15 4.90
CA SER B 251 -45.40 -18.62 5.12
C SER B 251 -46.48 -19.35 4.31
N ARG B 252 -47.68 -18.78 4.23
CA ARG B 252 -48.82 -19.46 3.56
C ARG B 252 -48.49 -19.76 2.09
N TYR B 253 -47.80 -18.85 1.41
CA TYR B 253 -47.55 -19.03 -0.04
C TYR B 253 -46.72 -20.30 -0.30
N VAL B 254 -45.69 -20.58 0.51
CA VAL B 254 -44.82 -21.75 0.21
C VAL B 254 -45.03 -22.88 1.23
N ASP B 255 -44.90 -22.59 2.53
CA ASP B 255 -44.96 -23.67 3.55
C ASP B 255 -45.92 -23.26 4.68
N LEU B 256 -47.23 -23.27 4.42
CA LEU B 256 -48.21 -22.82 5.44
C LEU B 256 -48.12 -23.73 6.67
N TYR B 257 -48.10 -25.05 6.46
CA TYR B 257 -48.03 -26.02 7.59
C TYR B 257 -46.68 -25.90 8.32
N GLY B 258 -45.59 -25.79 7.55
CA GLY B 258 -44.24 -25.70 8.15
C GLY B 258 -44.05 -24.44 8.97
N GLY B 259 -44.57 -23.30 8.50
CA GLY B 259 -44.37 -22.01 9.20
C GLY B 259 -43.07 -21.35 8.78
N ASN B 260 -42.33 -21.98 7.85
CA ASN B 260 -41.08 -21.36 7.32
C ASN B 260 -41.45 -20.13 6.50
N MET B 261 -40.67 -19.05 6.59
CA MET B 261 -41.04 -17.79 5.89
C MET B 261 -40.29 -17.67 4.56
N PHE B 262 -41.01 -17.53 3.46
CA PHE B 262 -40.39 -17.37 2.12
C PHE B 262 -40.91 -16.08 1.49
N GLN B 263 -40.01 -15.27 0.91
CA GLN B 263 -40.45 -13.97 0.33
C GLN B 263 -41.42 -14.25 -0.81
N PHE B 264 -42.59 -13.57 -0.81
CA PHE B 264 -43.60 -13.80 -1.86
C PHE B 264 -43.72 -12.56 -2.74
N ALA B 265 -43.34 -11.38 -2.22
CA ALA B 265 -43.52 -10.13 -2.99
C ALA B 265 -42.35 -9.18 -2.73
N THR B 266 -42.03 -8.32 -3.71
CA THR B 266 -40.96 -7.31 -3.52
C THR B 266 -41.60 -5.93 -3.72
N LEU B 267 -41.36 -5.01 -2.77
CA LEU B 267 -41.96 -3.65 -2.86
C LEU B 267 -40.86 -2.66 -3.21
N PRO B 268 -41.00 -1.84 -4.27
CA PRO B 268 -39.92 -0.93 -4.68
C PRO B 268 -39.92 0.39 -3.89
N VAL B 269 -39.65 0.32 -2.58
CA VAL B 269 -39.54 1.56 -1.76
C VAL B 269 -38.07 1.67 -1.32
N TYR B 270 -37.40 2.75 -1.72
CA TYR B 270 -35.96 2.93 -1.38
C TYR B 270 -35.85 3.78 -0.11
N ASP B 271 -36.98 4.32 0.37
CA ASP B 271 -36.98 5.14 1.60
C ASP B 271 -36.81 4.23 2.81
N THR B 272 -35.90 4.56 3.72
CA THR B 272 -35.73 3.76 4.96
C THR B 272 -36.97 3.92 5.85
N ILE B 273 -37.41 2.85 6.49
CA ILE B 273 -38.57 2.95 7.44
C ILE B 273 -38.00 2.90 8.85
N LYS B 274 -38.25 3.94 9.65
CA LYS B 274 -37.68 4.01 11.01
C LYS B 274 -38.77 3.72 12.05
N TYR B 275 -40.05 3.81 11.66
CA TYR B 275 -41.15 3.64 12.65
C TYR B 275 -42.32 2.87 12.04
N TYR B 276 -42.91 1.93 12.80
CA TYR B 276 -44.12 1.20 12.32
C TYR B 276 -45.17 1.22 13.43
N SER B 277 -46.46 1.35 13.06
CA SER B 277 -47.53 1.29 14.09
C SER B 277 -48.59 0.26 13.68
N ILE B 278 -49.00 -0.61 14.61
CA ILE B 278 -50.10 -1.58 14.32
C ILE B 278 -51.40 -0.77 14.18
N ILE B 279 -52.26 -1.15 13.23
CA ILE B 279 -53.58 -0.45 13.07
C ILE B 279 -54.64 -1.29 13.79
N PRO B 280 -55.34 -0.74 14.80
CA PRO B 280 -56.41 -1.48 15.48
C PRO B 280 -57.59 -1.76 14.54
N HIS B 281 -58.18 -2.95 14.63
CA HIS B 281 -59.31 -3.31 13.75
C HIS B 281 -60.55 -3.62 14.60
N SER B 282 -61.70 -3.04 14.23
CA SER B 282 -62.96 -3.33 14.95
C SER B 282 -63.96 -3.99 14.00
N ILE B 283 -64.65 -5.04 14.46
CA ILE B 283 -65.62 -5.77 13.59
C ILE B 283 -67.03 -5.28 13.94
N ARG B 284 -67.76 -4.79 12.95
CA ARG B 284 -69.14 -4.28 13.19
C ARG B 284 -70.12 -5.45 13.04
N SER B 285 -70.41 -6.15 14.14
CA SER B 285 -71.32 -7.33 14.10
C SER B 285 -72.22 -7.30 15.34
N ILE B 286 -73.38 -7.94 15.27
CA ILE B 286 -74.32 -8.00 16.44
C ILE B 286 -73.71 -8.94 17.49
N GLN B 287 -74.23 -8.94 18.71
CA GLN B 287 -73.59 -9.74 19.81
C GLN B 287 -73.54 -11.23 19.45
N SER B 288 -74.61 -11.78 18.88
CA SER B 288 -74.57 -13.21 18.44
C SER B 288 -73.53 -13.39 17.33
N ASP B 289 -73.47 -12.45 16.37
CA ASP B 289 -72.50 -12.53 15.25
C ASP B 289 -71.07 -12.43 15.76
N ARG B 290 -70.82 -11.63 16.81
CA ARG B 290 -69.44 -11.39 17.28
C ARG B 290 -68.77 -12.71 17.68
N LYS B 291 -67.51 -12.90 17.27
CA LYS B 291 -66.76 -14.16 17.57
C LYS B 291 -65.37 -13.79 18.08
N ALA B 292 -64.73 -14.70 18.82
CA ALA B 292 -63.34 -14.45 19.30
C ALA B 292 -62.37 -14.47 18.12
N TRP B 293 -61.31 -13.67 18.17
CA TRP B 293 -60.34 -13.58 17.04
C TRP B 293 -58.92 -13.84 17.53
N ALA B 294 -58.05 -14.40 16.68
CA ALA B 294 -56.67 -14.74 17.08
C ALA B 294 -55.87 -13.48 17.38
N ALA B 295 -54.92 -13.56 18.31
CA ALA B 295 -54.08 -12.39 18.67
C ALA B 295 -52.75 -12.48 17.92
N PHE B 296 -52.43 -11.46 17.12
CA PHE B 296 -51.14 -11.44 16.36
C PHE B 296 -49.97 -11.16 17.31
N TYR B 297 -48.82 -11.78 17.05
CA TYR B 297 -47.61 -11.56 17.90
C TYR B 297 -46.52 -10.94 17.03
N VAL B 298 -45.90 -9.85 17.49
CA VAL B 298 -44.87 -9.15 16.66
C VAL B 298 -43.49 -9.32 17.31
N TYR B 299 -42.52 -9.82 16.53
CA TYR B 299 -41.15 -10.03 17.06
C TYR B 299 -40.14 -9.24 16.23
N LYS B 300 -39.35 -8.39 16.87
CA LYS B 300 -38.29 -7.62 16.14
C LYS B 300 -37.16 -8.57 15.74
N LEU B 301 -36.47 -8.27 14.64
CA LEU B 301 -35.38 -9.16 14.15
C LEU B 301 -34.03 -8.46 14.41
N GLN B 302 -32.99 -9.23 14.73
CA GLN B 302 -31.64 -8.64 14.90
C GLN B 302 -30.62 -9.57 14.25
N PRO B 303 -29.49 -9.08 13.67
CA PRO B 303 -28.56 -9.96 12.97
C PRO B 303 -27.95 -10.98 13.96
N LEU B 304 -27.97 -12.26 13.58
CA LEU B 304 -27.43 -13.34 14.47
C LEU B 304 -27.07 -14.55 13.61
N THR B 305 -26.18 -15.41 14.12
CA THR B 305 -25.84 -16.66 13.38
C THR B 305 -26.63 -17.81 14.01
N PHE B 306 -27.45 -18.50 13.20
CA PHE B 306 -28.31 -19.59 13.75
C PHE B 306 -27.95 -20.92 13.09
N LEU B 307 -27.72 -21.95 13.90
CA LEU B 307 -27.48 -23.30 13.31
C LEU B 307 -28.80 -23.70 12.64
N LEU B 308 -28.74 -24.22 11.42
CA LEU B 308 -30.01 -24.56 10.69
C LEU B 308 -30.00 -26.04 10.32
N ASP B 309 -31.11 -26.74 10.61
CA ASP B 309 -31.22 -28.17 10.24
C ASP B 309 -32.17 -28.28 9.05
N PHE B 310 -31.73 -28.94 7.96
CA PHE B 310 -32.56 -28.99 6.73
C PHE B 310 -33.08 -30.42 6.51
N SER B 311 -34.39 -30.56 6.26
CA SER B 311 -35.00 -31.88 6.00
C SER B 311 -34.71 -32.30 4.55
N VAL B 312 -35.05 -33.54 4.18
CA VAL B 312 -34.85 -34.01 2.78
C VAL B 312 -35.67 -33.07 1.88
N ASP B 313 -36.85 -32.65 2.34
CA ASP B 313 -37.65 -31.66 1.58
C ASP B 313 -36.82 -30.37 1.52
N GLY B 314 -35.97 -30.16 2.53
CA GLY B 314 -35.10 -28.96 2.57
C GLY B 314 -35.70 -27.85 3.43
N TYR B 315 -36.93 -28.03 3.92
CA TYR B 315 -37.52 -27.04 4.84
C TYR B 315 -36.77 -27.09 6.17
N ILE B 316 -36.67 -25.96 6.88
CA ILE B 316 -35.92 -25.92 8.17
C ILE B 316 -36.86 -26.33 9.30
N ARG B 317 -36.83 -27.61 9.68
CA ARG B 317 -37.69 -28.12 10.78
C ARG B 317 -37.29 -27.50 12.12
N ARG B 318 -35.98 -27.38 12.38
CA ARG B 318 -35.51 -26.88 13.70
C ARG B 318 -34.28 -25.99 13.52
N ALA B 319 -34.01 -25.10 14.48
CA ALA B 319 -32.84 -24.20 14.42
C ALA B 319 -32.25 -24.03 15.83
N ILE B 320 -30.98 -23.60 15.93
CA ILE B 320 -30.37 -23.33 17.27
C ILE B 320 -29.91 -21.87 17.32
N ASP B 321 -30.27 -21.13 18.38
CA ASP B 321 -29.78 -19.74 18.55
C ASP B 321 -28.53 -19.78 19.43
N CYS B 322 -27.35 -19.60 18.84
CA CYS B 322 -26.08 -19.68 19.61
C CYS B 322 -26.03 -18.57 20.67
N GLY B 323 -26.48 -17.36 20.33
CA GLY B 323 -26.41 -16.22 21.26
C GLY B 323 -27.27 -16.39 22.50
N PHE B 324 -28.32 -17.20 22.46
CA PHE B 324 -29.27 -17.29 23.60
C PHE B 324 -28.58 -17.73 24.89
N ASN B 325 -27.73 -18.76 24.86
CA ASN B 325 -27.14 -19.27 26.12
C ASN B 325 -25.82 -20.02 25.88
N ASP B 326 -25.09 -20.32 26.95
CA ASP B 326 -23.78 -21.03 26.82
C ASP B 326 -23.99 -22.43 26.22
N LEU B 327 -25.08 -23.11 26.60
CA LEU B 327 -25.34 -24.48 26.08
C LEU B 327 -25.53 -24.41 24.56
N SER B 328 -26.28 -23.42 24.07
CA SER B 328 -26.43 -23.25 22.60
C SER B 328 -25.08 -22.89 21.98
N GLN B 329 -24.27 -22.09 22.69
CA GLN B 329 -22.94 -21.67 22.17
C GLN B 329 -22.04 -22.89 21.93
N LEU B 330 -22.06 -23.87 22.84
CA LEU B 330 -21.25 -25.11 22.63
C LEU B 330 -21.75 -25.85 21.38
N HIS B 331 -23.08 -25.92 21.18
CA HIS B 331 -23.63 -26.56 19.96
C HIS B 331 -23.17 -25.77 18.73
N CYS B 332 -23.19 -24.44 18.81
CA CYS B 332 -22.75 -23.57 17.67
C CYS B 332 -21.27 -23.80 17.40
N SER B 333 -20.44 -23.92 18.45
CA SER B 333 -18.98 -24.11 18.27
C SER B 333 -18.72 -25.39 17.47
N TYR B 334 -19.33 -26.50 17.88
CA TYR B 334 -19.19 -27.79 17.15
C TYR B 334 -19.94 -27.74 15.82
N GLU B 335 -20.90 -26.82 15.67
CA GLU B 335 -21.75 -26.74 14.45
C GLU B 335 -22.59 -28.02 14.35
N SER B 336 -22.90 -28.64 15.51
CA SER B 336 -23.72 -29.88 15.52
C SER B 336 -24.92 -29.66 16.45
N PHE B 337 -26.12 -30.07 16.01
CA PHE B 337 -27.34 -29.92 16.84
C PHE B 337 -27.21 -30.76 18.12
N ASP B 338 -26.63 -31.96 18.00
CA ASP B 338 -26.41 -32.82 19.20
C ASP B 338 -24.90 -33.00 19.44
N VAL B 339 -24.44 -32.74 20.66
CA VAL B 339 -22.98 -32.86 20.99
C VAL B 339 -22.82 -33.65 22.29
N GLU B 340 -21.74 -34.42 22.42
CA GLU B 340 -21.47 -35.17 23.68
C GLU B 340 -21.18 -34.17 24.80
N SER B 341 -21.64 -34.45 26.02
CA SER B 341 -21.46 -33.48 27.14
C SER B 341 -19.97 -33.30 27.43
N GLY B 342 -19.52 -32.05 27.56
CA GLY B 342 -18.11 -31.77 27.88
C GLY B 342 -17.94 -30.36 28.45
N VAL B 343 -16.81 -30.08 29.09
CA VAL B 343 -16.54 -28.69 29.56
C VAL B 343 -16.45 -27.80 28.33
N TYR B 344 -16.99 -26.58 28.39
CA TYR B 344 -17.02 -25.70 27.20
C TYR B 344 -16.58 -24.27 27.56
N SER B 345 -16.08 -23.53 26.56
CA SER B 345 -15.63 -22.13 26.80
C SER B 345 -16.83 -21.26 27.19
N VAL B 346 -16.62 -20.32 28.12
CA VAL B 346 -17.75 -19.47 28.61
C VAL B 346 -17.28 -18.02 28.69
N SER B 347 -18.21 -17.06 28.77
CA SER B 347 -17.85 -15.61 28.77
C SER B 347 -17.06 -15.25 30.03
N SER B 348 -16.20 -14.22 29.93
CA SER B 348 -15.33 -13.80 31.07
C SER B 348 -16.17 -13.31 32.25
N PHE B 349 -17.40 -12.84 32.00
CA PHE B 349 -18.24 -12.26 33.09
C PHE B 349 -17.50 -11.08 33.73
N GLU B 350 -16.87 -10.24 32.91
CA GLU B 350 -16.14 -9.04 33.43
C GLU B 350 -17.16 -8.11 34.11
N ALA B 351 -16.77 -7.50 35.24
CA ALA B 351 -17.69 -6.62 36.00
C ALA B 351 -18.05 -5.38 35.18
N LYS B 352 -19.28 -4.88 35.31
CA LYS B 352 -19.72 -3.66 34.59
C LYS B 352 -19.00 -2.43 35.17
N PRO B 353 -18.65 -1.41 34.35
CA PRO B 353 -18.02 -0.19 34.85
C PRO B 353 -18.95 0.60 35.79
N SER B 354 -18.40 1.12 36.90
CA SER B 354 -19.23 1.87 37.87
C SER B 354 -18.37 2.89 38.64
N GLY B 355 -18.99 3.94 39.20
CA GLY B 355 -18.26 4.90 40.04
C GLY B 355 -17.04 5.50 39.36
N SER B 356 -17.18 5.98 38.12
CA SER B 356 -16.02 6.53 37.37
C SER B 356 -15.44 7.73 38.12
N VAL B 357 -14.10 7.80 38.22
CA VAL B 357 -13.43 8.93 38.94
C VAL B 357 -12.69 9.77 37.91
N VAL B 358 -12.99 11.07 37.82
CA VAL B 358 -12.36 11.92 36.77
C VAL B 358 -11.52 13.01 37.43
N GLU B 359 -10.25 13.12 37.03
CA GLU B 359 -9.37 14.20 37.57
C GLU B 359 -9.07 15.18 36.43
N GLN B 360 -9.36 16.47 36.61
CA GLN B 360 -9.16 17.48 35.53
C GLN B 360 -8.57 18.76 36.13
N VAL B 364 -2.24 28.90 30.73
CA VAL B 364 -3.73 28.94 30.84
C VAL B 364 -4.27 29.89 29.75
N GLU B 365 -5.54 29.71 29.35
CA GLU B 365 -6.19 30.60 28.34
C GLU B 365 -5.15 31.22 27.40
N CYS B 366 -4.47 30.41 26.59
CA CYS B 366 -3.40 30.94 25.70
C CYS B 366 -4.02 31.92 24.70
N ASP B 367 -3.32 33.02 24.41
CA ASP B 367 -3.87 34.07 23.52
C ASP B 367 -3.48 33.77 22.07
N PHE B 368 -4.44 33.79 21.15
CA PHE B 368 -4.15 33.56 19.71
C PHE B 368 -4.07 34.92 19.00
N SER B 369 -4.11 36.02 19.78
CA SER B 369 -4.07 37.38 19.20
C SER B 369 -2.78 37.67 18.41
N PRO B 370 -1.55 37.25 18.81
CA PRO B 370 -0.37 37.57 18.03
C PRO B 370 -0.47 37.01 16.60
N LEU B 371 -1.04 35.82 16.44
CA LEU B 371 -1.18 35.20 15.10
C LEU B 371 -2.07 36.08 14.21
N LEU B 372 -3.16 36.63 14.77
CA LEU B 372 -4.12 37.42 13.94
C LEU B 372 -3.75 38.91 13.93
N SER B 373 -2.66 39.30 14.61
CA SER B 373 -2.30 40.74 14.70
C SER B 373 -0.99 41.01 13.96
N GLY B 374 -0.96 42.07 13.14
CA GLY B 374 0.26 42.44 12.39
C GLY B 374 0.38 41.68 11.08
N THR B 375 1.44 41.95 10.31
CA THR B 375 1.63 41.29 9.00
C THR B 375 1.88 39.80 9.22
N PRO B 376 1.21 38.88 8.50
CA PRO B 376 1.50 37.45 8.61
C PRO B 376 2.86 37.18 7.96
N PRO B 377 3.72 36.31 8.54
CA PRO B 377 4.98 35.94 7.89
C PRO B 377 4.68 35.16 6.61
N GLN B 378 5.57 35.26 5.61
CA GLN B 378 5.33 34.58 4.31
C GLN B 378 5.47 33.07 4.47
N VAL B 379 4.98 32.28 3.51
CA VAL B 379 5.02 30.79 3.64
C VAL B 379 6.49 30.36 3.73
N TYR B 380 7.38 30.98 2.97
CA TYR B 380 8.83 30.68 3.06
C TYR B 380 9.35 31.07 4.46
N ASN B 381 8.87 32.19 5.01
CA ASN B 381 9.35 32.70 6.32
C ASN B 381 8.36 32.34 7.42
N PHE B 382 7.68 31.19 7.29
CA PHE B 382 6.63 30.79 8.26
C PHE B 382 7.18 30.74 9.68
N LYS B 383 6.38 31.19 10.66
CA LYS B 383 6.81 31.11 12.08
C LYS B 383 5.79 30.27 12.87
N ARG B 384 6.24 29.20 13.53
CA ARG B 384 5.34 28.36 14.34
C ARG B 384 5.08 29.03 15.70
N LEU B 385 3.94 28.74 16.33
CA LEU B 385 3.67 29.26 17.70
C LEU B 385 3.35 28.07 18.61
N VAL B 386 4.00 27.97 19.77
CA VAL B 386 3.80 26.77 20.63
C VAL B 386 3.00 27.18 21.89
N PHE B 387 1.90 26.46 22.15
CA PHE B 387 1.07 26.75 23.37
C PHE B 387 1.03 25.48 24.23
N THR B 388 1.40 25.60 25.52
CA THR B 388 1.45 24.41 26.41
C THR B 388 0.65 24.70 27.69
N ASN B 389 -0.07 23.70 28.21
CA ASN B 389 -0.83 23.86 29.49
C ASN B 389 -1.75 25.08 29.38
N CYS B 390 -2.41 25.26 28.23
CA CYS B 390 -3.23 26.49 28.04
C CYS B 390 -4.65 26.12 27.60
N ASN B 391 -5.65 26.83 28.11
CA ASN B 391 -7.04 26.59 27.62
C ASN B 391 -7.15 27.13 26.20
N TYR B 392 -7.87 26.42 25.32
CA TYR B 392 -7.99 26.84 23.89
C TYR B 392 -9.45 26.86 23.48
N ASN B 393 -9.85 27.80 22.63
CA ASN B 393 -11.24 27.79 22.11
C ASN B 393 -11.20 27.50 20.61
N LEU B 394 -11.62 26.30 20.20
CA LEU B 394 -11.56 25.91 18.76
C LEU B 394 -12.72 26.59 18.02
N THR B 395 -13.85 26.82 18.70
CA THR B 395 -15.00 27.49 18.08
C THR B 395 -14.64 28.93 17.71
N LYS B 396 -13.85 29.61 18.55
CA LYS B 396 -13.53 31.04 18.29
C LYS B 396 -12.75 31.23 16.99
N LEU B 397 -11.73 30.41 16.74
CA LEU B 397 -10.90 30.65 15.53
C LEU B 397 -11.70 30.45 14.24
N LEU B 398 -12.52 29.39 14.16
CA LEU B 398 -13.28 29.13 12.90
C LEU B 398 -14.30 30.24 12.66
N SER B 399 -14.96 30.73 13.72
CA SER B 399 -15.91 31.87 13.56
C SER B 399 -15.16 33.13 13.13
N LEU B 400 -13.99 33.39 13.71
CA LEU B 400 -13.24 34.65 13.41
C LEU B 400 -12.80 34.67 11.94
N PHE B 401 -12.30 33.54 11.42
CA PHE B 401 -11.78 33.53 10.03
C PHE B 401 -12.58 32.53 9.19
N SER B 402 -13.11 32.99 8.05
CA SER B 402 -13.82 32.04 7.15
C SER B 402 -12.82 30.96 6.70
N VAL B 403 -13.21 29.69 6.77
CA VAL B 403 -12.24 28.61 6.45
C VAL B 403 -12.46 28.20 4.98
N ASN B 404 -11.56 28.64 4.09
CA ASN B 404 -11.68 28.27 2.66
C ASN B 404 -11.48 26.76 2.50
N ASP B 405 -10.47 26.21 3.18
CA ASP B 405 -10.21 24.74 3.13
C ASP B 405 -9.98 24.22 4.56
N PHE B 406 -10.69 23.16 4.96
CA PHE B 406 -10.43 22.55 6.28
C PHE B 406 -9.98 21.10 6.06
N THR B 407 -8.74 20.77 6.43
CA THR B 407 -8.26 19.37 6.31
C THR B 407 -7.49 18.98 7.57
N CYS B 408 -7.76 17.81 8.14
CA CYS B 408 -6.98 17.31 9.31
C CYS B 408 -6.43 15.92 8.96
N SER B 409 -5.14 15.68 9.18
CA SER B 409 -4.54 14.39 8.76
C SER B 409 -4.04 13.61 9.98
N GLN B 410 -4.39 12.31 10.06
CA GLN B 410 -3.91 11.42 11.16
C GLN B 410 -4.64 11.74 12.46
N ILE B 411 -5.70 12.55 12.39
CA ILE B 411 -6.43 12.97 13.63
C ILE B 411 -7.88 13.34 13.28
N SER B 412 -8.76 13.36 14.28
CA SER B 412 -10.18 13.76 14.06
C SER B 412 -10.44 15.06 14.83
N PRO B 413 -11.08 16.08 14.24
CA PRO B 413 -11.28 17.36 14.92
C PRO B 413 -12.10 17.16 16.21
N ALA B 414 -13.11 16.29 16.16
CA ALA B 414 -13.90 15.99 17.37
C ALA B 414 -13.00 15.38 18.44
N ALA B 415 -12.07 14.49 18.04
CA ALA B 415 -11.16 13.83 19.00
C ALA B 415 -10.27 14.87 19.69
N ILE B 416 -9.75 15.84 18.95
CA ILE B 416 -8.82 16.84 19.55
C ILE B 416 -9.58 17.66 20.61
N ALA B 417 -10.83 18.04 20.32
CA ALA B 417 -11.64 18.76 21.31
C ALA B 417 -11.93 17.88 22.53
N SER B 418 -12.29 16.61 22.30
CA SER B 418 -12.64 15.70 23.42
C SER B 418 -11.45 15.40 24.33
N ASN B 419 -10.25 15.21 23.76
CA ASN B 419 -9.08 14.81 24.58
C ASN B 419 -8.06 15.95 24.66
N CYS B 420 -7.61 16.29 25.87
CA CYS B 420 -6.59 17.36 26.05
C CYS B 420 -5.30 16.94 25.34
N TYR B 421 -4.63 17.87 24.65
CA TYR B 421 -3.33 17.54 24.04
C TYR B 421 -2.21 18.24 24.80
N SER B 422 -1.02 17.65 24.80
CA SER B 422 0.12 18.24 25.56
C SER B 422 0.46 19.63 25.02
N SER B 423 0.48 19.79 23.70
CA SER B 423 0.88 21.10 23.12
C SER B 423 0.06 21.43 21.88
N LEU B 424 -0.09 22.73 21.57
CA LEU B 424 -0.80 23.14 20.33
C LEU B 424 0.18 23.99 19.51
N ILE B 425 0.34 23.67 18.22
CA ILE B 425 1.21 24.52 17.35
C ILE B 425 0.36 25.22 16.30
N LEU B 426 0.45 26.55 16.21
CA LEU B 426 -0.28 27.29 15.15
C LEU B 426 0.78 27.94 14.25
N ASP B 427 0.73 27.68 12.94
CA ASP B 427 1.77 28.22 12.03
C ASP B 427 1.14 29.35 11.21
N TYR B 428 1.77 30.52 11.22
CA TYR B 428 1.25 31.66 10.42
C TYR B 428 2.06 31.74 9.12
N PHE B 429 1.37 31.67 7.97
CA PHE B 429 2.07 31.79 6.66
C PHE B 429 1.20 32.64 5.73
N SER B 430 1.81 33.40 4.82
CA SER B 430 0.99 34.14 3.83
C SER B 430 0.89 33.27 2.58
N TYR B 431 -0.30 32.72 2.29
CA TYR B 431 -0.40 31.77 1.16
C TYR B 431 -1.56 32.16 0.23
N PRO B 432 -1.34 32.18 -1.11
CA PRO B 432 -2.43 32.45 -2.06
C PRO B 432 -3.53 31.39 -2.04
N LEU B 433 -4.78 31.80 -2.14
CA LEU B 433 -5.93 30.86 -2.13
C LEU B 433 -5.87 29.95 -3.35
N SER B 434 -5.45 30.47 -4.51
CA SER B 434 -5.48 29.68 -5.77
C SER B 434 -4.61 28.42 -5.73
N MET B 435 -3.41 28.47 -5.14
CA MET B 435 -2.51 27.28 -5.20
C MET B 435 -2.84 26.27 -4.10
N LYS B 436 -4.04 25.68 -4.13
CA LYS B 436 -4.41 24.64 -3.13
C LYS B 436 -3.52 23.41 -3.31
N SER B 437 -3.26 23.00 -4.56
CA SER B 437 -2.46 21.78 -4.84
C SER B 437 -1.01 21.91 -4.34
N ASP B 438 -0.40 23.08 -4.48
CA ASP B 438 1.04 23.23 -4.12
C ASP B 438 1.28 22.93 -2.63
N LEU B 439 0.38 23.37 -1.74
CA LEU B 439 0.63 23.19 -0.29
C LEU B 439 -0.11 21.95 0.22
N SER B 440 0.62 21.01 0.83
CA SER B 440 -0.01 19.79 1.41
C SER B 440 0.94 19.23 2.47
N VAL B 441 0.48 18.31 3.32
CA VAL B 441 1.41 17.68 4.31
C VAL B 441 2.48 16.98 3.48
N SER B 442 2.09 16.25 2.43
CA SER B 442 3.09 15.66 1.51
C SER B 442 2.65 15.97 0.07
N SER B 443 3.49 16.67 -0.70
CA SER B 443 3.15 16.99 -2.12
C SER B 443 4.43 17.29 -2.91
N ALA B 444 4.34 17.22 -4.25
CA ALA B 444 5.51 17.55 -5.11
C ALA B 444 5.44 19.04 -5.48
N GLY B 445 4.42 19.75 -4.98
CA GLY B 445 4.26 21.18 -5.32
C GLY B 445 5.44 22.01 -4.86
N PRO B 446 5.88 23.03 -5.63
CA PRO B 446 7.09 23.80 -5.29
C PRO B 446 6.99 24.52 -3.94
N ILE B 447 5.83 25.10 -3.63
CA ILE B 447 5.69 25.89 -2.37
C ILE B 447 5.91 24.95 -1.17
N SER B 448 5.32 23.76 -1.17
CA SER B 448 5.58 22.79 -0.08
C SER B 448 7.04 22.31 -0.15
N GLN B 449 7.55 22.04 -1.34
CA GLN B 449 8.92 21.47 -1.49
C GLN B 449 10.01 22.43 -1.00
N PHE B 450 9.91 23.72 -1.31
CA PHE B 450 11.04 24.64 -0.96
C PHE B 450 10.67 25.66 0.13
N ASN B 451 9.41 25.73 0.56
CA ASN B 451 9.05 26.79 1.55
C ASN B 451 8.65 26.14 2.88
N TYR B 452 7.42 25.61 2.98
CA TYR B 452 6.93 25.02 4.25
C TYR B 452 6.37 23.62 4.01
N LYS B 453 6.87 22.62 4.76
CA LYS B 453 6.33 21.24 4.66
C LYS B 453 5.79 20.82 6.03
N GLN B 454 4.54 20.33 6.09
CA GLN B 454 3.93 19.88 7.37
C GLN B 454 4.54 18.54 7.79
N SER B 455 4.59 18.26 9.10
CA SER B 455 5.24 17.02 9.60
C SER B 455 4.31 15.81 9.45
N PHE B 456 4.76 14.78 8.72
CA PHE B 456 3.95 13.54 8.55
C PHE B 456 3.78 12.79 9.87
N SER B 457 4.84 12.67 10.68
CA SER B 457 4.77 11.85 11.91
C SER B 457 3.75 12.38 12.92
N ASN B 458 3.75 13.70 13.14
CA ASN B 458 2.77 14.33 14.08
C ASN B 458 1.45 14.50 13.35
N PRO B 459 0.28 14.28 14.00
CA PRO B 459 -1.00 14.53 13.34
C PRO B 459 -1.02 16.03 13.01
N THR B 460 -1.34 16.38 11.76
CA THR B 460 -1.26 17.81 11.34
C THR B 460 -2.53 18.23 10.60
N CYS B 461 -3.01 19.45 10.85
CA CYS B 461 -4.19 19.97 10.12
C CYS B 461 -3.76 21.16 9.26
N LEU B 462 -4.06 21.12 7.96
CA LEU B 462 -3.74 22.28 7.08
C LEU B 462 -5.01 23.10 6.86
N ILE B 463 -5.00 24.36 7.29
CA ILE B 463 -6.24 25.20 7.20
C ILE B 463 -5.92 26.43 6.35
N LEU B 464 -6.74 26.72 5.33
CA LEU B 464 -6.54 27.98 4.57
C LEU B 464 -7.68 28.92 4.92
N ALA B 465 -7.38 30.14 5.38
CA ALA B 465 -8.44 31.06 5.84
C ALA B 465 -8.21 32.46 5.26
N THR B 466 -9.29 33.21 5.05
CA THR B 466 -9.17 34.61 4.55
C THR B 466 -9.66 35.56 5.63
N VAL B 467 -8.85 36.59 5.95
CA VAL B 467 -9.23 37.55 7.03
C VAL B 467 -10.49 38.31 6.62
N PRO B 468 -11.47 38.51 7.53
CA PRO B 468 -12.66 39.32 7.21
C PRO B 468 -12.32 40.81 7.09
N HIS B 469 -13.14 41.56 6.35
CA HIS B 469 -12.92 43.03 6.19
C HIS B 469 -13.03 43.71 7.56
N ASN B 470 -13.95 43.23 8.41
CA ASN B 470 -14.18 43.85 9.73
C ASN B 470 -12.89 43.81 10.57
N LEU B 471 -12.15 42.70 10.51
CA LEU B 471 -10.94 42.56 11.36
C LEU B 471 -9.78 43.28 10.68
N THR B 472 -9.28 44.36 11.29
CA THR B 472 -8.17 45.16 10.68
C THR B 472 -6.86 44.87 11.41
N THR B 473 -6.86 43.93 12.37
CA THR B 473 -5.64 43.64 13.16
C THR B 473 -4.53 43.12 12.24
N ILE B 474 -4.88 42.26 11.27
CA ILE B 474 -3.88 41.72 10.31
C ILE B 474 -3.41 42.84 9.38
N THR B 475 -2.17 42.78 8.90
CA THR B 475 -1.70 43.79 7.91
C THR B 475 -1.43 43.05 6.59
N LYS B 476 -2.04 43.51 5.49
CA LYS B 476 -1.88 42.79 4.19
C LYS B 476 -0.44 42.91 3.69
N PRO B 477 0.20 41.81 3.21
CA PRO B 477 1.53 41.89 2.62
C PRO B 477 1.45 42.53 1.23
N LEU B 478 2.57 43.07 0.73
CA LEU B 478 2.56 43.75 -0.60
C LEU B 478 2.15 42.72 -1.65
N LYS B 479 2.71 41.50 -1.58
CA LYS B 479 2.28 40.40 -2.49
C LYS B 479 2.61 39.07 -1.82
N TYR B 480 1.89 37.99 -2.18
CA TYR B 480 2.24 36.66 -1.63
C TYR B 480 3.60 36.26 -2.20
N SER B 481 4.53 35.78 -1.37
CA SER B 481 5.90 35.46 -1.86
C SER B 481 6.35 34.07 -1.40
N TYR B 482 6.77 33.22 -2.35
CA TYR B 482 7.28 31.87 -2.01
C TYR B 482 8.55 31.63 -2.83
N ILE B 483 9.39 30.70 -2.39
CA ILE B 483 10.65 30.39 -3.14
C ILE B 483 10.37 29.23 -4.11
N ASN B 484 10.44 29.48 -5.41
CA ASN B 484 10.10 28.42 -6.40
C ASN B 484 11.11 27.26 -6.34
N LYS B 485 12.40 27.56 -6.21
CA LYS B 485 13.42 26.48 -6.08
C LYS B 485 14.59 26.89 -5.17
N CYS B 486 15.17 25.93 -4.44
CA CYS B 486 16.37 26.21 -3.62
C CYS B 486 17.43 25.16 -3.97
N SER B 487 18.64 25.59 -4.32
CA SER B 487 19.69 24.63 -4.73
C SER B 487 21.06 25.09 -4.23
N ARG B 488 22.01 24.16 -4.08
CA ARG B 488 23.39 24.57 -3.69
C ARG B 488 24.36 24.16 -4.80
N LEU B 489 25.16 25.11 -5.29
CA LEU B 489 26.18 24.79 -6.33
C LEU B 489 27.45 24.33 -5.62
N LEU B 490 28.01 23.20 -6.04
CA LEU B 490 29.24 22.64 -5.40
C LEU B 490 30.46 23.47 -5.83
N SER B 491 31.57 23.32 -5.11
CA SER B 491 32.80 24.11 -5.41
C SER B 491 33.27 23.82 -6.84
N ASP B 492 33.17 22.57 -7.28
CA ASP B 492 33.60 22.19 -8.66
C ASP B 492 32.79 22.99 -9.69
N ASP B 493 31.49 23.21 -9.44
CA ASP B 493 30.60 24.00 -10.34
C ASP B 493 30.04 23.06 -11.43
N ARG B 494 30.52 21.82 -11.48
CA ARG B 494 29.95 20.84 -12.45
C ARG B 494 28.77 20.13 -11.79
N THR B 495 28.64 20.25 -10.46
CA THR B 495 27.55 19.56 -9.73
C THR B 495 26.69 20.56 -8.96
N GLU B 496 25.36 20.49 -9.12
CA GLU B 496 24.45 21.36 -8.33
C GLU B 496 23.41 20.47 -7.64
N VAL B 497 23.21 20.63 -6.33
CA VAL B 497 22.28 19.72 -5.59
C VAL B 497 21.12 20.54 -5.01
N PRO B 498 19.85 20.21 -5.34
CA PRO B 498 18.68 20.90 -4.76
C PRO B 498 18.48 20.53 -3.28
N GLN B 499 17.90 21.43 -2.49
CA GLN B 499 17.66 21.15 -1.05
C GLN B 499 16.15 21.09 -0.78
N LEU B 500 15.69 20.04 -0.09
CA LEU B 500 14.25 19.90 0.27
C LEU B 500 14.08 20.32 1.73
N VAL B 501 13.09 21.17 2.03
CA VAL B 501 12.93 21.69 3.42
C VAL B 501 12.64 20.54 4.39
N ASN B 502 13.24 20.58 5.58
CA ASN B 502 12.92 19.56 6.61
C ASN B 502 11.52 19.90 7.13
N ALA B 503 10.80 18.93 7.69
CA ALA B 503 9.40 19.22 8.10
C ALA B 503 9.40 20.37 9.10
N ASN B 504 8.56 21.39 8.89
CA ASN B 504 8.45 22.56 9.79
C ASN B 504 9.82 23.22 10.01
N GLN B 505 10.68 23.26 8.97
CA GLN B 505 12.00 23.94 9.07
C GLN B 505 12.20 24.87 7.87
N TYR B 506 12.70 26.08 8.11
CA TYR B 506 12.96 27.05 7.01
C TYR B 506 14.16 26.60 6.18
N SER B 507 14.12 26.82 4.87
CA SER B 507 15.24 26.43 3.96
C SER B 507 16.45 27.36 4.18
N PRO B 508 17.70 26.89 4.00
CA PRO B 508 18.87 27.77 4.08
C PRO B 508 18.76 28.84 2.99
N CYS B 509 18.26 28.45 1.80
CA CYS B 509 18.06 29.42 0.69
C CYS B 509 17.06 30.49 1.12
N VAL B 510 16.03 30.10 1.87
CA VAL B 510 14.98 31.07 2.33
C VAL B 510 15.67 32.24 3.05
N SER B 511 16.70 31.97 3.85
CA SER B 511 17.34 33.05 4.65
C SER B 511 17.95 34.12 3.73
N ILE B 512 18.64 33.71 2.67
CA ILE B 512 19.24 34.69 1.70
C ILE B 512 18.13 35.47 1.00
N VAL B 513 17.02 34.81 0.66
CA VAL B 513 15.86 35.48 -0.01
C VAL B 513 15.24 36.47 0.98
N PRO B 514 14.81 37.68 0.57
CA PRO B 514 14.10 38.60 1.47
C PRO B 514 12.71 38.00 1.77
N SER B 515 12.07 38.41 2.87
CA SER B 515 10.78 37.79 3.25
C SER B 515 9.79 37.99 2.10
N THR B 516 9.76 39.18 1.50
CA THR B 516 8.90 39.38 0.30
C THR B 516 9.84 39.47 -0.91
N VAL B 517 9.71 38.52 -1.86
CA VAL B 517 10.63 38.50 -3.03
C VAL B 517 10.36 39.74 -3.87
N TRP B 518 11.42 40.41 -4.36
CA TRP B 518 11.24 41.68 -5.11
C TRP B 518 10.48 41.44 -6.43
N GLU B 519 10.82 40.36 -7.15
CA GLU B 519 10.16 40.06 -8.45
C GLU B 519 9.99 38.55 -8.62
N ASP B 520 9.06 38.13 -9.48
CA ASP B 520 8.84 36.67 -9.73
C ASP B 520 10.09 36.08 -10.38
N GLY B 521 10.49 34.87 -9.96
CA GLY B 521 11.69 34.21 -10.52
C GLY B 521 12.95 35.01 -10.27
N ASP B 522 13.02 35.75 -9.16
CA ASP B 522 14.25 36.52 -8.81
C ASP B 522 15.36 35.51 -8.49
N TYR B 523 16.58 35.77 -8.96
CA TYR B 523 17.70 34.80 -8.76
C TYR B 523 18.67 35.36 -7.71
N TYR B 524 18.98 34.57 -6.68
CA TYR B 524 19.91 35.03 -5.62
C TYR B 524 21.12 34.09 -5.55
N ARG B 525 22.33 34.64 -5.60
CA ARG B 525 23.55 33.80 -5.46
C ARG B 525 24.35 34.29 -4.25
N LYS B 526 24.68 33.40 -3.32
CA LYS B 526 25.47 33.77 -2.12
C LYS B 526 26.72 32.90 -2.05
N GLN B 527 27.90 33.52 -1.90
CA GLN B 527 29.15 32.71 -1.74
C GLN B 527 29.15 32.12 -0.34
N LEU B 528 29.36 30.80 -0.22
CA LEU B 528 29.34 30.13 1.10
C LEU B 528 30.69 30.30 1.80
N SER B 529 30.73 30.14 3.12
CA SER B 529 31.99 30.31 3.90
C SER B 529 32.99 29.19 3.59
N PRO B 530 34.31 29.43 3.69
CA PRO B 530 35.32 28.39 3.45
C PRO B 530 35.16 27.21 4.44
N LEU B 531 34.68 27.49 5.66
CA LEU B 531 34.52 26.44 6.69
C LEU B 531 33.56 25.37 6.18
N GLU B 532 32.50 25.76 5.45
CA GLU B 532 31.48 24.79 4.96
C GLU B 532 31.87 24.27 3.57
N GLY B 533 33.11 24.55 3.13
CA GLY B 533 33.58 24.08 1.81
C GLY B 533 33.33 25.09 0.71
N GLY B 534 32.89 26.30 1.07
CA GLY B 534 32.64 27.36 0.07
C GLY B 534 31.58 26.96 -0.93
N GLY B 535 31.83 27.20 -2.23
CA GLY B 535 30.79 26.95 -3.24
C GLY B 535 29.77 28.07 -3.25
N TRP B 536 28.61 27.85 -3.88
CA TRP B 536 27.61 28.94 -4.01
C TRP B 536 26.22 28.42 -3.61
N LEU B 537 25.34 29.31 -3.16
CA LEU B 537 23.94 28.90 -2.84
C LEU B 537 23.00 29.61 -3.82
N VAL B 538 22.17 28.85 -4.53
CA VAL B 538 21.28 29.46 -5.57
C VAL B 538 19.83 29.39 -5.08
N ALA B 539 19.16 30.54 -4.99
CA ALA B 539 17.75 30.58 -4.54
C ALA B 539 16.90 31.37 -5.54
N SER B 540 15.80 30.80 -6.00
CA SER B 540 14.88 31.53 -6.92
C SER B 540 13.52 31.70 -6.26
N GLY B 541 12.98 32.92 -6.23
CA GLY B 541 11.68 33.17 -5.55
C GLY B 541 10.62 33.70 -6.50
N SER B 542 9.42 33.12 -6.47
CA SER B 542 8.32 33.55 -7.37
C SER B 542 7.25 34.32 -6.58
N THR B 543 6.73 35.41 -7.14
CA THR B 543 5.76 36.26 -6.40
C THR B 543 4.36 36.12 -6.99
N VAL B 544 3.35 35.94 -6.12
CA VAL B 544 1.94 35.84 -6.58
C VAL B 544 1.23 37.12 -6.12
N ALA B 545 0.46 37.78 -6.99
CA ALA B 545 -0.15 39.08 -6.62
C ALA B 545 -1.08 38.88 -5.42
N MET B 546 -0.99 39.78 -4.43
CA MET B 546 -1.83 39.66 -3.21
C MET B 546 -3.29 40.00 -3.54
N THR B 547 -4.24 39.29 -2.89
CA THR B 547 -5.68 39.59 -3.08
C THR B 547 -6.05 40.81 -2.23
N GLU B 548 -7.25 41.37 -2.45
CA GLU B 548 -7.70 42.56 -1.67
C GLU B 548 -7.75 42.16 -0.19
N GLN B 549 -8.20 40.95 0.12
CA GLN B 549 -8.16 40.46 1.52
C GLN B 549 -7.05 39.42 1.62
N LEU B 550 -6.14 39.57 2.59
CA LEU B 550 -4.98 38.65 2.70
C LEU B 550 -5.48 37.23 3.00
N GLN B 551 -4.86 36.22 2.37
CA GLN B 551 -5.22 34.81 2.66
C GLN B 551 -4.05 34.20 3.43
N MET B 552 -4.32 33.59 4.59
CA MET B 552 -3.21 33.07 5.42
C MET B 552 -3.27 31.55 5.52
N GLY B 553 -2.17 30.87 5.19
CA GLY B 553 -2.12 29.40 5.36
C GLY B 553 -1.79 29.06 6.79
N PHE B 554 -2.56 28.16 7.41
CA PHE B 554 -2.34 27.85 8.85
C PHE B 554 -1.96 26.37 9.01
N GLY B 555 -0.86 26.11 9.73
CA GLY B 555 -0.49 24.71 10.01
C GLY B 555 -0.76 24.38 11.46
N ILE B 556 -1.61 23.39 11.73
CA ILE B 556 -1.97 23.06 13.14
C ILE B 556 -1.33 21.72 13.50
N THR B 557 -0.55 21.68 14.57
CA THR B 557 0.07 20.42 15.01
C THR B 557 -0.41 20.10 16.44
N VAL B 558 -0.89 18.88 16.66
CA VAL B 558 -1.33 18.46 18.02
C VAL B 558 -0.29 17.50 18.59
N GLN B 559 0.21 17.79 19.79
CA GLN B 559 1.29 16.94 20.38
C GLN B 559 0.77 16.28 21.66
N TYR B 560 0.91 14.96 21.77
CA TYR B 560 0.52 14.25 23.01
C TYR B 560 1.78 13.69 23.66
N GLY B 561 2.95 14.05 23.13
CA GLY B 561 4.23 13.50 23.62
C GLY B 561 4.58 13.86 25.07
N THR B 562 4.33 15.11 25.48
CA THR B 562 4.78 15.53 26.84
C THR B 562 4.06 14.70 27.91
N ASP B 563 4.80 14.23 28.92
CA ASP B 563 4.21 13.38 30.00
C ASP B 563 3.19 14.17 30.81
N THR B 564 3.49 15.42 31.16
CA THR B 564 2.57 16.17 32.05
C THR B 564 2.25 17.55 31.46
N ASN B 565 1.53 17.59 30.34
CA ASN B 565 1.09 18.88 29.75
C ASN B 565 -0.41 18.75 29.47
N SER B 566 -1.22 19.74 29.88
CA SER B 566 -2.68 19.58 29.75
C SER B 566 -3.32 20.80 29.07
N VAL B 567 -3.20 20.92 27.75
CA VAL B 567 -3.92 22.02 27.04
C VAL B 567 -5.33 21.49 26.81
N CYS B 568 -6.35 22.12 27.41
CA CYS B 568 -7.73 21.57 27.33
C CYS B 568 -8.70 22.66 26.87
N PRO B 569 -9.84 22.33 26.22
CA PRO B 569 -10.78 23.32 25.72
C PRO B 569 -11.46 24.08 26.87
N LYS B 570 -11.95 25.29 26.62
CA LYS B 570 -12.56 26.10 27.70
C LYS B 570 -13.75 25.34 28.28
N LEU B 571 -13.89 25.32 29.61
CA LEU B 571 -15.00 24.57 30.27
C LEU B 571 -15.92 25.57 30.98
N LYS B 578 -17.77 12.87 46.02
CA LYS B 578 -18.15 12.96 44.61
C LYS B 578 -17.49 11.85 43.80
N ILE B 579 -18.12 11.48 42.69
CA ILE B 579 -17.53 10.51 41.79
C ILE B 579 -16.21 11.03 41.26
N ALA B 580 -16.18 12.30 40.84
CA ALA B 580 -14.95 12.89 40.38
C ALA B 580 -13.87 12.82 41.45
N SER B 581 -14.28 12.81 42.71
CA SER B 581 -13.34 12.58 43.79
C SER B 581 -12.97 11.11 43.87
N GLN B 582 -11.72 10.85 44.23
CA GLN B 582 -11.24 9.49 44.39
C GLN B 582 -11.86 8.88 45.64
N LEU B 583 -13.04 8.28 45.49
CA LEU B 583 -13.74 7.69 46.61
C LEU B 583 -14.26 6.29 46.34
N GLY B 584 -14.61 5.94 45.11
CA GLY B 584 -15.06 4.61 44.83
C GLY B 584 -13.88 3.71 44.58
N ASN B 585 -13.67 2.73 45.46
CA ASN B 585 -12.63 1.72 45.14
C ASN B 585 -13.25 0.92 44.01
N CYS B 586 -14.44 1.35 43.56
CA CYS B 586 -15.19 0.64 42.49
C CYS B 586 -14.52 0.80 41.13
N VAL B 587 -14.64 -0.20 40.25
CA VAL B 587 -14.00 -0.29 38.90
C VAL B 587 -13.65 0.95 38.06
N GLU B 588 -14.26 1.09 36.88
CA GLU B 588 -13.76 2.12 35.91
C GLU B 588 -13.52 3.49 36.52
N TYR B 589 -12.37 4.09 36.20
CA TYR B 589 -12.03 5.47 36.63
C TYR B 589 -11.34 6.13 35.43
N SER B 590 -11.52 7.45 35.25
CA SER B 590 -10.95 8.14 34.06
C SER B 590 -9.89 9.16 34.49
N LEU B 591 -8.63 8.73 34.66
CA LEU B 591 -7.54 9.68 34.99
C LEU B 591 -7.27 10.56 33.76
N TYR B 592 -6.79 11.78 33.97
CA TYR B 592 -6.58 12.71 32.82
C TYR B 592 -5.55 12.13 31.85
N GLY B 593 -4.44 11.57 32.37
CA GLY B 593 -3.38 11.03 31.50
C GLY B 593 -3.86 9.85 30.67
N VAL B 594 -4.57 8.90 31.28
CA VAL B 594 -5.07 7.70 30.57
C VAL B 594 -6.38 7.24 31.22
N SER B 595 -7.30 6.66 30.43
CA SER B 595 -8.56 6.14 31.00
C SER B 595 -8.56 4.60 30.94
N GLY B 596 -8.73 3.94 32.09
CA GLY B 596 -8.77 2.46 32.13
C GLY B 596 -9.53 1.99 33.35
N ARG B 597 -10.01 0.74 33.34
CA ARG B 597 -10.68 0.21 34.56
C ARG B 597 -9.65 0.15 35.68
N GLY B 598 -9.96 0.75 36.84
CA GLY B 598 -8.98 0.80 37.93
C GLY B 598 -9.56 0.43 39.28
N VAL B 599 -8.98 -0.54 39.97
CA VAL B 599 -9.45 -0.84 41.36
C VAL B 599 -8.44 -0.19 42.30
N PHE B 600 -8.87 0.80 43.09
CA PHE B 600 -7.89 1.54 43.93
C PHE B 600 -7.90 1.00 45.35
N GLN B 601 -6.73 0.61 45.86
CA GLN B 601 -6.62 0.08 47.24
C GLN B 601 -5.47 0.81 47.94
N ASN B 602 -5.49 0.85 49.28
CA ASN B 602 -4.35 1.47 50.01
C ASN B 602 -3.09 0.65 49.73
N CYS B 603 -1.96 1.31 49.47
CA CYS B 603 -0.73 0.54 49.13
C CYS B 603 0.42 0.93 50.07
N THR B 604 1.63 0.39 49.84
CA THR B 604 2.78 0.64 50.75
C THR B 604 3.16 2.12 50.78
N ALA B 605 3.11 2.82 49.64
CA ALA B 605 3.48 4.26 49.51
C ALA B 605 4.96 4.38 49.10
N VAL B 606 5.22 4.59 47.81
CA VAL B 606 6.62 4.68 47.30
C VAL B 606 6.61 5.48 45.98
N GLY B 607 7.78 5.92 45.53
CA GLY B 607 7.87 6.65 44.24
C GLY B 607 8.17 8.13 44.43
N VAL B 608 8.80 8.75 43.43
CA VAL B 608 9.19 10.19 43.52
C VAL B 608 7.96 11.09 43.59
N ARG B 609 6.89 10.78 42.84
CA ARG B 609 5.64 11.60 42.79
C ARG B 609 5.86 12.75 41.81
N GLN B 610 7.04 12.82 41.18
CA GLN B 610 7.25 13.86 40.13
C GLN B 610 6.27 13.56 39.00
N GLN B 611 6.11 12.28 38.64
CA GLN B 611 5.13 11.89 37.61
C GLN B 611 4.16 10.89 38.26
N ARG B 612 2.85 11.20 38.25
CA ARG B 612 1.84 10.29 38.86
C ARG B 612 1.82 8.97 38.09
N PHE B 613 1.90 9.02 36.76
CA PHE B 613 1.78 7.79 35.94
C PHE B 613 3.00 6.89 36.14
N VAL B 614 2.75 5.59 36.36
CA VAL B 614 3.86 4.61 36.52
C VAL B 614 3.47 3.34 35.73
N TYR B 615 4.44 2.66 35.12
CA TYR B 615 4.11 1.48 34.28
C TYR B 615 4.91 0.26 34.72
N ASP B 616 4.41 -0.93 34.41
CA ASP B 616 5.10 -2.20 34.80
C ASP B 616 5.79 -2.80 33.58
N ALA B 617 6.03 -2.00 32.54
CA ALA B 617 6.67 -2.48 31.27
C ALA B 617 5.63 -3.25 30.45
N TYR B 618 4.34 -3.10 30.78
CA TYR B 618 3.25 -3.76 30.02
C TYR B 618 2.16 -2.71 29.78
N GLN B 619 1.18 -3.02 28.92
CA GLN B 619 0.14 -2.01 28.58
C GLN B 619 -0.59 -1.59 29.86
N ASN B 620 -0.87 -2.54 30.76
CA ASN B 620 -1.51 -2.19 32.06
C ASN B 620 -0.51 -1.38 32.89
N LEU B 621 -1.01 -0.44 33.71
CA LEU B 621 -0.10 0.44 34.49
C LEU B 621 -0.41 0.31 35.99
N VAL B 622 0.62 0.38 36.83
CA VAL B 622 0.42 0.29 38.32
C VAL B 622 -0.43 1.49 38.74
N GLY B 623 -0.14 2.68 38.18
CA GLY B 623 -0.93 3.88 38.49
C GLY B 623 -0.95 4.23 39.97
N TYR B 624 0.17 4.01 40.68
CA TYR B 624 0.23 4.44 42.10
C TYR B 624 0.36 5.97 42.15
N TYR B 625 -0.15 6.60 43.23
CA TYR B 625 -0.05 8.08 43.41
C TYR B 625 -0.99 8.81 42.43
N SER B 626 -1.92 8.08 41.80
CA SER B 626 -2.88 8.70 40.86
C SER B 626 -3.78 9.68 41.61
N ASP B 627 -4.19 9.32 42.84
CA ASP B 627 -5.05 10.22 43.66
C ASP B 627 -4.24 11.47 44.01
N ASP B 628 -4.90 12.63 44.06
CA ASP B 628 -4.21 13.90 44.42
C ASP B 628 -4.22 14.07 45.94
N GLY B 629 -3.04 14.17 46.55
CA GLY B 629 -2.94 14.32 48.01
C GLY B 629 -3.08 12.98 48.73
N ASN B 630 -3.19 11.88 47.97
CA ASN B 630 -3.35 10.53 48.57
C ASN B 630 -2.57 9.52 47.73
N TYR B 631 -2.20 8.38 48.31
CA TYR B 631 -1.51 7.32 47.54
C TYR B 631 -2.49 6.18 47.25
N TYR B 632 -2.86 5.99 45.98
CA TYR B 632 -3.77 4.89 45.60
C TYR B 632 -3.25 4.20 44.34
N CYS B 633 -3.22 2.86 44.34
CA CYS B 633 -2.69 2.10 43.18
C CYS B 633 -3.84 1.41 42.43
N LEU B 634 -3.99 1.69 41.14
CA LEU B 634 -5.11 1.12 40.34
C LEU B 634 -4.82 -0.35 39.97
N ARG B 635 -5.87 -1.13 39.71
CA ARG B 635 -5.71 -2.55 39.29
C ARG B 635 -6.62 -2.82 38.09
N ALA B 636 -6.32 -3.84 37.29
CA ALA B 636 -7.17 -4.18 36.11
C ALA B 636 -8.52 -4.70 36.60
N CYS B 637 -9.56 -4.59 35.77
CA CYS B 637 -10.91 -5.05 36.18
C CYS B 637 -10.89 -6.56 36.42
N VAL B 638 -11.47 -7.01 37.54
CA VAL B 638 -11.51 -8.46 37.87
C VAL B 638 -12.56 -9.15 36.98
N SER B 639 -12.31 -10.40 36.58
CA SER B 639 -13.30 -11.18 35.78
C SER B 639 -13.55 -12.51 36.48
N VAL B 640 -14.78 -13.04 36.42
CA VAL B 640 -15.10 -14.29 37.16
C VAL B 640 -15.07 -15.46 36.18
N PRO B 641 -14.15 -16.44 36.34
CA PRO B 641 -14.03 -17.57 35.41
C PRO B 641 -15.31 -18.43 35.39
N VAL B 642 -15.76 -18.84 34.21
CA VAL B 642 -16.99 -19.68 34.09
C VAL B 642 -16.69 -20.93 33.26
N SER B 643 -17.10 -22.11 33.72
CA SER B 643 -16.93 -23.35 32.93
C SER B 643 -18.30 -24.02 32.80
N VAL B 644 -18.69 -24.43 31.59
CA VAL B 644 -20.06 -24.98 31.39
C VAL B 644 -19.99 -26.46 31.02
N ILE B 645 -20.73 -27.31 31.74
CA ILE B 645 -20.78 -28.76 31.39
C ILE B 645 -22.17 -29.04 30.81
N TYR B 646 -22.24 -29.62 29.61
CA TYR B 646 -23.56 -29.84 28.95
C TYR B 646 -24.42 -30.82 29.77
N ASP B 647 -23.82 -31.88 30.31
CA ASP B 647 -24.62 -32.91 31.04
C ASP B 647 -25.77 -33.36 30.15
N LYS B 648 -25.47 -33.81 28.92
CA LYS B 648 -26.54 -34.18 27.95
C LYS B 648 -27.40 -35.32 28.50
N GLU B 649 -26.81 -36.31 29.16
CA GLU B 649 -27.62 -37.47 29.62
C GLU B 649 -28.69 -36.94 30.57
N THR B 650 -28.31 -36.03 31.47
CA THR B 650 -29.31 -35.39 32.37
C THR B 650 -30.25 -34.53 31.53
N LYS B 651 -29.72 -33.85 30.50
CA LYS B 651 -30.54 -32.95 29.65
C LYS B 651 -30.57 -31.56 30.30
N THR B 652 -29.87 -31.38 31.42
CA THR B 652 -29.83 -30.06 32.11
C THR B 652 -28.36 -29.63 32.27
N HIS B 653 -28.05 -28.37 31.95
CA HIS B 653 -26.66 -27.86 32.08
C HIS B 653 -26.60 -26.87 33.26
N ALA B 654 -25.59 -27.02 34.13
CA ALA B 654 -25.43 -26.09 35.26
C ALA B 654 -24.11 -25.32 35.10
N THR B 655 -24.17 -23.99 35.18
CA THR B 655 -22.93 -23.17 35.07
C THR B 655 -22.05 -23.41 36.30
N LEU B 656 -20.73 -23.52 36.10
CA LEU B 656 -19.79 -23.72 37.24
C LEU B 656 -18.77 -22.58 37.22
N PHE B 657 -18.51 -21.97 38.38
CA PHE B 657 -17.50 -20.88 38.47
C PHE B 657 -16.27 -21.44 39.18
N GLY B 658 -15.07 -21.23 38.64
CA GLY B 658 -13.88 -21.84 39.24
C GLY B 658 -13.00 -20.87 39.99
N SER B 659 -12.73 -21.13 41.28
CA SER B 659 -11.80 -20.30 42.11
C SER B 659 -12.47 -19.00 42.57
N VAL B 660 -13.73 -18.78 42.21
CA VAL B 660 -14.46 -17.57 42.68
C VAL B 660 -14.88 -17.78 44.14
N ALA B 661 -15.02 -16.69 44.91
CA ALA B 661 -15.54 -16.84 46.30
C ALA B 661 -17.05 -17.12 46.21
N CYS B 662 -17.54 -18.13 46.93
CA CYS B 662 -18.97 -18.52 46.80
C CYS B 662 -19.89 -17.36 47.22
N GLU B 663 -19.56 -16.67 48.31
CA GLU B 663 -20.38 -15.52 48.77
C GLU B 663 -20.33 -14.38 47.74
N HIS B 664 -19.14 -14.10 47.17
CA HIS B 664 -18.99 -12.99 46.22
C HIS B 664 -19.81 -13.22 44.94
N ILE B 665 -19.82 -14.45 44.42
CA ILE B 665 -20.52 -14.73 43.13
C ILE B 665 -22.03 -14.85 43.34
N SER B 666 -22.82 -14.36 42.38
CA SER B 666 -24.30 -14.52 42.44
C SER B 666 -24.77 -15.03 41.07
N SER B 667 -25.73 -15.96 41.05
CA SER B 667 -26.21 -16.52 39.76
C SER B 667 -26.86 -15.41 38.94
N THR B 668 -26.56 -15.32 37.64
CA THR B 668 -27.13 -14.25 36.77
C THR B 668 -26.88 -12.89 37.42
N MET B 669 -25.67 -12.66 37.94
CA MET B 669 -25.39 -11.40 38.69
C MET B 669 -25.52 -10.19 37.77
N SER B 670 -26.17 -9.12 38.26
CA SER B 670 -26.28 -7.86 37.48
C SER B 670 -24.89 -7.27 37.28
N GLN B 671 -24.01 -7.41 38.29
CA GLN B 671 -22.66 -6.81 38.23
C GLN B 671 -21.87 -7.35 37.04
N TYR B 672 -22.00 -8.64 36.71
CA TYR B 672 -21.16 -9.17 35.60
C TYR B 672 -21.81 -8.75 34.28
N SER B 673 -21.17 -7.83 33.56
CA SER B 673 -21.72 -7.33 32.27
C SER B 673 -21.77 -8.45 31.23
N ARG B 674 -20.72 -9.27 31.16
CA ARG B 674 -20.64 -10.32 30.12
C ARG B 674 -21.35 -11.60 30.60
N SER B 675 -22.68 -11.56 30.70
CA SER B 675 -23.46 -12.78 31.06
C SER B 675 -23.77 -13.56 29.79
N THR B 676 -22.76 -14.25 29.22
CA THR B 676 -22.94 -15.00 27.93
C THR B 676 -22.97 -13.96 26.79
N ARG B 677 -23.23 -14.39 25.56
CA ARG B 677 -23.37 -13.41 24.44
C ARG B 677 -24.58 -12.53 24.73
N SER B 678 -25.68 -13.14 25.20
CA SER B 678 -26.89 -12.34 25.56
C SER B 678 -27.38 -12.69 26.97
N MET B 679 -27.76 -13.95 27.21
CA MET B 679 -28.35 -14.33 28.53
C MET B 679 -27.56 -15.49 29.15
N LEU B 680 -27.16 -15.35 30.42
CA LEU B 680 -26.37 -16.41 31.10
C LEU B 680 -27.26 -17.65 31.32
N LYS B 681 -26.73 -18.85 31.05
CA LYS B 681 -27.49 -20.11 31.29
C LYS B 681 -28.83 -20.05 30.54
N PRO B 693 -27.49 -23.91 46.43
CA PRO B 693 -26.53 -24.40 45.44
C PRO B 693 -25.09 -24.04 45.84
N VAL B 694 -24.43 -24.90 46.62
CA VAL B 694 -23.03 -24.62 47.08
C VAL B 694 -22.07 -25.67 46.50
N GLY B 695 -21.03 -25.21 45.80
CA GLY B 695 -19.99 -26.14 45.27
C GLY B 695 -18.61 -25.58 45.54
N CYS B 696 -18.37 -25.02 46.74
CA CYS B 696 -17.10 -24.29 47.02
C CYS B 696 -15.85 -25.18 46.87
N VAL B 697 -16.02 -26.50 46.82
CA VAL B 697 -14.84 -27.39 46.59
C VAL B 697 -14.19 -26.98 45.26
N LEU B 698 -14.98 -26.70 44.22
CA LEU B 698 -14.40 -26.17 42.96
C LEU B 698 -15.01 -24.81 42.60
N GLY B 699 -15.64 -24.14 43.57
CA GLY B 699 -16.32 -22.85 43.30
C GLY B 699 -17.83 -23.04 43.15
N LEU B 700 -18.62 -21.98 43.32
CA LEU B 700 -20.10 -22.15 43.34
C LEU B 700 -20.61 -22.82 42.07
N VAL B 701 -21.58 -23.74 42.21
CA VAL B 701 -22.20 -24.42 41.04
C VAL B 701 -23.72 -24.28 41.20
N ASN B 702 -24.47 -24.32 40.09
CA ASN B 702 -25.96 -24.24 40.19
C ASN B 702 -26.53 -25.64 40.42
N SER B 703 -26.10 -26.33 41.50
CA SER B 703 -26.68 -27.65 41.85
C SER B 703 -26.70 -27.80 43.38
N SER B 704 -27.74 -28.43 43.93
CA SER B 704 -27.87 -28.55 45.41
C SER B 704 -28.22 -29.99 45.81
N LEU B 705 -27.25 -30.90 45.78
CA LEU B 705 -27.50 -32.30 46.23
C LEU B 705 -26.43 -32.74 47.24
N PHE B 706 -26.79 -33.65 48.15
CA PHE B 706 -25.85 -34.13 49.20
C PHE B 706 -24.68 -34.89 48.56
N VAL B 707 -23.49 -34.78 49.15
CA VAL B 707 -22.27 -35.42 48.57
C VAL B 707 -22.44 -36.96 48.58
N GLU B 708 -22.05 -37.62 47.49
CA GLU B 708 -22.11 -39.11 47.42
C GLU B 708 -21.10 -39.69 48.40
N ASP B 709 -19.93 -39.05 48.54
CA ASP B 709 -18.87 -39.53 49.47
C ASP B 709 -18.37 -40.90 49.02
N CYS B 710 -18.56 -41.95 49.83
CA CYS B 710 -18.00 -43.30 49.53
C CYS B 710 -18.49 -43.82 48.18
N LYS B 711 -19.73 -43.51 47.78
CA LYS B 711 -20.27 -44.08 46.51
C LYS B 711 -19.34 -43.73 45.36
N LEU B 712 -19.06 -44.69 44.47
CA LEU B 712 -18.11 -44.46 43.35
C LEU B 712 -18.64 -43.38 42.42
N PRO B 713 -17.81 -42.39 41.99
CA PRO B 713 -18.25 -41.38 41.03
C PRO B 713 -18.13 -41.81 39.56
N LEU B 714 -19.17 -41.54 38.75
CA LEU B 714 -19.05 -41.81 37.30
C LEU B 714 -17.99 -40.85 36.75
N GLY B 715 -17.14 -41.31 35.84
CA GLY B 715 -16.04 -40.43 35.37
C GLY B 715 -16.43 -39.59 34.18
N GLN B 716 -16.60 -38.28 34.37
CA GLN B 716 -16.88 -37.37 33.24
C GLN B 716 -15.58 -36.60 32.93
N SER B 717 -14.48 -37.00 33.58
CA SER B 717 -13.17 -36.33 33.37
C SER B 717 -13.23 -34.86 33.81
N LEU B 718 -13.90 -34.58 34.93
CA LEU B 718 -13.93 -33.19 35.47
C LEU B 718 -12.56 -32.90 36.08
N CYS B 719 -12.07 -31.66 35.96
CA CYS B 719 -10.70 -31.33 36.46
C CYS B 719 -10.74 -31.06 37.96
N ALA B 720 -11.12 -32.07 38.76
CA ALA B 720 -11.13 -31.93 40.24
C ALA B 720 -11.17 -33.34 40.83
N LEU B 721 -10.80 -33.48 42.11
CA LEU B 721 -10.92 -34.82 42.76
C LEU B 721 -12.37 -35.31 42.63
N PRO B 722 -13.41 -34.56 43.05
CA PRO B 722 -14.80 -34.99 42.81
C PRO B 722 -15.05 -34.98 41.29
N ASP B 723 -15.71 -36.02 40.77
CA ASP B 723 -16.06 -36.04 39.32
C ASP B 723 -17.51 -35.59 39.14
N THR B 724 -18.21 -35.27 40.24
CA THR B 724 -19.62 -34.77 40.17
C THR B 724 -20.50 -35.64 39.26
N PRO B 725 -20.60 -36.98 39.46
CA PRO B 725 -21.39 -37.84 38.58
C PRO B 725 -22.79 -37.25 38.38
N SER B 726 -23.17 -36.91 37.15
CA SER B 726 -24.47 -36.23 36.95
C SER B 726 -25.67 -37.16 37.13
N THR B 727 -26.08 -37.87 36.06
CA THR B 727 -27.11 -38.93 36.22
C THR B 727 -26.88 -40.02 35.16
N MET B 740 -26.18 -32.11 38.78
CA MET B 740 -26.78 -32.62 40.00
C MET B 740 -25.97 -33.78 40.54
N ARG B 741 -26.04 -34.03 41.86
CA ARG B 741 -25.28 -35.15 42.50
C ARG B 741 -23.77 -34.86 42.46
N LEU B 742 -23.25 -33.99 43.33
CA LEU B 742 -21.82 -33.58 43.21
C LEU B 742 -20.94 -34.08 44.35
N ALA B 743 -19.65 -33.71 44.33
CA ALA B 743 -18.70 -34.06 45.42
C ALA B 743 -18.61 -35.56 45.72
N SER B 744 -18.44 -36.40 44.70
CA SER B 744 -18.25 -37.86 44.96
C SER B 744 -16.78 -38.22 44.75
N ILE B 745 -16.12 -38.76 45.78
CA ILE B 745 -14.70 -39.20 45.66
C ILE B 745 -14.57 -40.65 46.15
N ALA B 746 -14.09 -41.56 45.31
CA ALA B 746 -13.84 -42.95 45.79
C ALA B 746 -12.54 -43.49 45.19
N PHE B 747 -11.42 -42.79 45.41
CA PHE B 747 -10.10 -43.25 44.90
C PHE B 747 -9.16 -43.50 46.08
N ASN B 748 -9.70 -43.51 47.31
CA ASN B 748 -8.83 -43.62 48.51
C ASN B 748 -8.78 -45.06 49.03
N HIS B 749 -9.31 -46.03 48.29
CA HIS B 749 -9.37 -47.42 48.81
C HIS B 749 -8.20 -48.25 48.27
N PRO B 750 -7.24 -48.68 49.13
CA PRO B 750 -6.11 -49.52 48.71
C PRO B 750 -6.07 -50.94 49.27
N ILE B 751 -5.82 -51.94 48.42
CA ILE B 751 -5.67 -53.33 48.95
C ILE B 751 -4.42 -53.34 49.84
N GLN B 752 -4.47 -54.01 50.99
CA GLN B 752 -3.33 -53.94 51.94
C GLN B 752 -2.97 -55.33 52.49
N VAL B 753 -1.73 -55.50 52.94
CA VAL B 753 -1.29 -56.78 53.57
C VAL B 753 -0.66 -56.40 54.91
N ASP B 754 -0.66 -57.28 55.92
CA ASP B 754 -0.14 -56.87 57.25
C ASP B 754 1.24 -57.47 57.49
N GLN B 755 2.21 -56.63 57.87
CA GLN B 755 3.59 -57.12 58.19
C GLN B 755 3.54 -57.87 59.53
N LEU B 756 4.40 -58.88 59.70
CA LEU B 756 4.42 -59.67 60.95
C LEU B 756 5.72 -59.41 61.72
N ASN B 757 5.61 -59.11 63.02
CA ASN B 757 6.82 -58.91 63.87
C ASN B 757 7.61 -60.21 63.92
N SER B 758 6.91 -61.35 63.94
CA SER B 758 7.57 -62.68 64.03
C SER B 758 8.38 -62.94 62.76
N SER B 759 9.39 -63.81 62.85
CA SER B 759 10.29 -64.10 61.70
C SER B 759 9.47 -64.66 60.54
N TYR B 760 8.47 -65.49 60.82
CA TYR B 760 7.60 -66.04 59.74
C TYR B 760 6.90 -64.87 59.04
N PHE B 761 6.74 -64.95 57.71
CA PHE B 761 6.18 -63.80 56.96
C PHE B 761 4.78 -64.07 56.43
N LYS B 762 3.84 -63.17 56.71
CA LYS B 762 2.45 -63.30 56.18
C LYS B 762 2.47 -62.99 54.67
N LEU B 763 1.68 -63.69 53.87
CA LEU B 763 1.60 -63.34 52.41
C LEU B 763 0.19 -63.53 51.89
N SER B 764 -0.12 -62.96 50.72
CA SER B 764 -1.46 -63.11 50.10
C SER B 764 -1.34 -64.04 48.90
N ILE B 765 -2.20 -65.06 48.80
CA ILE B 765 -2.06 -66.08 47.71
C ILE B 765 -3.21 -65.96 46.72
N PRO B 766 -2.95 -65.87 45.40
CA PRO B 766 -4.01 -65.84 44.38
C PRO B 766 -4.69 -67.21 44.26
N THR B 767 -5.98 -67.24 43.91
CA THR B 767 -6.73 -68.52 43.84
C THR B 767 -7.54 -68.60 42.54
N ASN B 768 -7.71 -67.47 41.84
CA ASN B 768 -8.57 -67.44 40.62
C ASN B 768 -7.76 -66.99 39.39
N PHE B 769 -7.86 -67.71 38.28
CA PHE B 769 -7.15 -67.31 37.02
C PHE B 769 -7.71 -66.00 36.46
N SER B 770 -9.04 -65.87 36.36
CA SER B 770 -9.69 -64.61 35.88
C SER B 770 -9.03 -64.08 34.60
N PHE B 771 -8.92 -64.89 33.55
CA PHE B 771 -8.20 -64.46 32.31
C PHE B 771 -8.99 -63.43 31.50
N GLY B 772 -8.36 -62.86 30.46
CA GLY B 772 -9.08 -61.93 29.56
C GLY B 772 -8.65 -60.47 29.66
N VAL B 773 -8.13 -59.89 28.57
CA VAL B 773 -7.77 -58.45 28.53
C VAL B 773 -7.64 -58.01 27.06
N THR B 774 -7.55 -56.71 26.78
CA THR B 774 -7.34 -56.21 25.40
C THR B 774 -6.11 -55.30 25.39
N GLN B 775 -5.45 -55.14 24.24
CA GLN B 775 -4.19 -54.35 24.17
C GLN B 775 -4.37 -53.14 23.25
N GLU B 776 -3.73 -52.00 23.59
CA GLU B 776 -3.92 -50.74 22.81
C GLU B 776 -3.37 -50.86 21.38
N TYR B 777 -4.01 -50.19 20.43
CA TYR B 777 -3.55 -50.19 19.01
C TYR B 777 -2.25 -49.37 18.93
N ILE B 778 -1.26 -49.84 18.17
CA ILE B 778 0.08 -49.18 18.15
C ILE B 778 0.21 -48.15 17.03
N GLN B 779 -0.81 -47.99 16.18
CA GLN B 779 -0.79 -47.00 15.06
C GLN B 779 0.16 -47.45 13.95
N THR B 780 1.46 -47.58 14.22
CA THR B 780 2.45 -48.14 13.24
C THR B 780 2.68 -47.24 12.02
N THR B 781 1.64 -46.96 11.22
CA THR B 781 1.82 -46.21 9.96
C THR B 781 0.74 -45.15 9.78
N ILE B 782 0.99 -44.15 8.92
CA ILE B 782 0.00 -43.07 8.66
C ILE B 782 -0.40 -43.13 7.18
N GLN B 783 -1.59 -42.60 6.84
CA GLN B 783 -2.08 -42.65 5.44
C GLN B 783 -1.12 -41.90 4.52
N LYS B 784 -0.85 -42.44 3.33
CA LYS B 784 0.08 -41.79 2.37
C LYS B 784 -0.70 -41.17 1.22
N VAL B 785 -0.52 -39.86 1.00
CA VAL B 785 -1.26 -39.15 -0.09
C VAL B 785 -0.31 -38.09 -0.69
N THR B 786 -0.42 -37.83 -1.99
CA THR B 786 0.40 -36.75 -2.62
C THR B 786 -0.54 -35.73 -3.26
N VAL B 787 -0.32 -34.44 -2.99
CA VAL B 787 -1.13 -33.38 -3.65
C VAL B 787 -0.67 -33.29 -5.12
N ASP B 788 -1.57 -32.90 -6.02
CA ASP B 788 -1.18 -32.71 -7.44
C ASP B 788 -1.09 -31.21 -7.74
N CYS B 789 0.09 -30.73 -8.13
CA CYS B 789 0.26 -29.30 -8.47
C CYS B 789 -0.42 -28.99 -9.81
N LYS B 790 -0.93 -27.77 -9.98
CA LYS B 790 -1.60 -27.33 -11.25
C LYS B 790 -3.04 -27.85 -11.25
N GLN B 791 -3.45 -28.57 -10.20
CA GLN B 791 -4.86 -29.02 -10.09
C GLN B 791 -5.44 -28.47 -8.79
N TYR B 792 -4.84 -28.82 -7.65
CA TYR B 792 -5.28 -28.25 -6.35
C TYR B 792 -4.96 -26.75 -6.32
N VAL B 793 -3.78 -26.37 -6.81
CA VAL B 793 -3.34 -24.93 -6.75
C VAL B 793 -4.27 -24.07 -7.60
N CYS B 794 -4.61 -24.52 -8.81
CA CYS B 794 -5.48 -23.73 -9.72
C CYS B 794 -6.30 -24.67 -10.59
N ASN B 795 -7.49 -24.25 -11.04
CA ASN B 795 -8.32 -25.07 -11.95
C ASN B 795 -7.54 -25.28 -13.26
N GLY B 796 -6.82 -24.25 -13.70
CA GLY B 796 -6.03 -24.33 -14.95
C GLY B 796 -6.42 -23.23 -15.92
N PHE B 797 -5.69 -22.12 -15.89
CA PHE B 797 -5.99 -20.97 -16.78
C PHE B 797 -4.67 -20.37 -17.27
N GLN B 798 -4.69 -19.65 -18.38
CA GLN B 798 -3.45 -19.05 -18.94
C GLN B 798 -2.89 -18.04 -17.92
N LYS B 799 -3.76 -17.26 -17.27
CA LYS B 799 -3.32 -16.29 -16.25
C LYS B 799 -2.67 -17.03 -15.08
N CYS B 800 -3.28 -18.15 -14.66
CA CYS B 800 -2.72 -18.95 -13.53
C CYS B 800 -1.30 -19.41 -13.89
N GLU B 801 -1.09 -19.83 -15.14
CA GLU B 801 0.23 -20.38 -15.54
C GLU B 801 1.33 -19.33 -15.39
N GLN B 802 1.06 -18.08 -15.76
CA GLN B 802 2.11 -17.03 -15.72
C GLN B 802 2.58 -16.84 -14.28
N LEU B 803 1.65 -16.75 -13.33
CA LEU B 803 2.02 -16.63 -11.89
C LEU B 803 2.64 -17.94 -11.38
N LEU B 804 2.11 -19.09 -11.81
CA LEU B 804 2.59 -20.40 -11.28
C LEU B 804 4.06 -20.65 -11.63
N ARG B 805 4.51 -20.25 -12.82
CA ARG B 805 5.92 -20.54 -13.24
C ARG B 805 6.86 -19.81 -12.27
N GLU B 806 6.51 -18.58 -11.86
CA GLU B 806 7.32 -17.81 -10.89
C GLU B 806 7.36 -18.56 -9.55
N TYR B 807 6.23 -19.18 -9.16
CA TYR B 807 6.15 -19.89 -7.85
C TYR B 807 6.39 -21.38 -8.05
N GLY B 808 6.95 -21.77 -9.21
CA GLY B 808 7.15 -23.20 -9.53
C GLY B 808 8.04 -23.89 -8.51
N GLN B 809 9.08 -23.21 -8.02
CA GLN B 809 10.03 -23.82 -7.06
C GLN B 809 9.28 -24.23 -5.78
N PHE B 810 8.35 -23.39 -5.32
CA PHE B 810 7.55 -23.72 -4.10
C PHE B 810 6.72 -24.98 -4.37
N CYS B 811 6.12 -25.07 -5.56
CA CYS B 811 5.31 -26.27 -5.91
C CYS B 811 6.23 -27.50 -5.94
N SER B 812 7.43 -27.36 -6.49
CA SER B 812 8.36 -28.51 -6.60
C SER B 812 8.77 -29.00 -5.21
N LYS B 813 9.08 -28.09 -4.29
CA LYS B 813 9.54 -28.48 -2.93
C LYS B 813 8.41 -29.22 -2.20
N ILE B 814 7.16 -28.77 -2.39
CA ILE B 814 5.99 -29.45 -1.75
C ILE B 814 5.93 -30.89 -2.26
N ASN B 815 6.12 -31.08 -3.58
CA ASN B 815 6.07 -32.45 -4.17
C ASN B 815 7.20 -33.31 -3.59
N GLN B 816 8.40 -32.74 -3.42
CA GLN B 816 9.56 -33.53 -2.93
C GLN B 816 9.26 -34.03 -1.52
N ALA B 817 8.68 -33.18 -0.67
CA ALA B 817 8.39 -33.57 0.73
C ALA B 817 7.36 -34.71 0.75
N LEU B 818 6.32 -34.61 -0.09
CA LEU B 818 5.27 -35.65 -0.14
C LEU B 818 5.89 -36.97 -0.60
N HIS B 819 6.77 -36.92 -1.60
CA HIS B 819 7.41 -38.16 -2.13
C HIS B 819 8.25 -38.80 -1.02
N GLY B 820 8.99 -37.98 -0.27
CA GLY B 820 9.82 -38.51 0.84
C GLY B 820 8.96 -39.14 1.93
N ALA B 821 7.82 -38.51 2.26
CA ALA B 821 6.94 -39.04 3.33
C ALA B 821 6.39 -40.39 2.90
N ASN B 822 5.97 -40.52 1.64
CA ASN B 822 5.41 -41.82 1.15
C ASN B 822 6.51 -42.88 1.21
N LEU B 823 7.74 -42.52 0.80
CA LEU B 823 8.85 -43.50 0.78
C LEU B 823 9.18 -43.96 2.20
N ARG B 824 9.23 -43.03 3.15
CA ARG B 824 9.58 -43.41 4.56
C ARG B 824 8.49 -44.30 5.16
N GLN B 825 7.22 -44.03 4.83
CA GLN B 825 6.11 -44.89 5.33
C GLN B 825 6.28 -46.30 4.78
N ASP B 826 6.67 -46.42 3.51
CA ASP B 826 6.92 -47.76 2.89
C ASP B 826 8.07 -48.44 3.64
N ASP B 827 9.12 -47.69 3.96
CA ASP B 827 10.31 -48.27 4.65
C ASP B 827 9.88 -48.82 6.02
N SER B 828 9.02 -48.08 6.74
CA SER B 828 8.55 -48.53 8.07
C SER B 828 7.76 -49.84 7.94
N VAL B 829 6.87 -49.91 6.94
CA VAL B 829 6.02 -51.13 6.75
C VAL B 829 6.95 -52.31 6.48
N ARG B 830 7.95 -52.12 5.62
CA ARG B 830 8.89 -53.22 5.27
C ARG B 830 9.66 -53.67 6.52
N ASN B 831 10.07 -52.72 7.36
CA ASN B 831 10.89 -53.08 8.56
C ASN B 831 10.07 -53.98 9.49
N LEU B 832 8.79 -53.64 9.72
CA LEU B 832 7.92 -54.47 10.59
C LEU B 832 7.73 -55.85 9.94
N PHE B 833 7.53 -55.87 8.62
CA PHE B 833 7.33 -57.15 7.90
C PHE B 833 8.60 -58.01 7.98
N ALA B 834 9.78 -57.36 7.93
CA ALA B 834 11.05 -58.11 7.98
C ALA B 834 11.15 -58.85 9.31
N SER B 835 10.73 -58.22 10.40
CA SER B 835 10.75 -58.89 11.73
C SER B 835 9.82 -60.12 11.72
N VAL B 836 8.63 -59.98 11.13
CA VAL B 836 7.68 -61.14 11.03
C VAL B 836 8.30 -62.21 10.14
N LYS B 837 8.96 -61.82 9.05
CA LYS B 837 9.52 -62.78 8.07
C LYS B 837 10.77 -63.47 8.65
N SER B 838 11.20 -64.59 8.06
CA SER B 838 12.40 -65.35 8.53
C SER B 838 12.07 -66.17 9.78
N SER B 839 10.78 -66.33 10.10
CA SER B 839 10.37 -67.17 11.25
C SER B 839 9.62 -68.39 10.73
N GLN B 840 10.02 -69.59 11.16
CA GLN B 840 9.35 -70.84 10.71
C GLN B 840 7.90 -70.79 11.18
N SER B 841 6.95 -71.18 10.32
CA SER B 841 5.51 -71.07 10.68
C SER B 841 4.84 -72.44 10.65
N SER B 842 4.13 -72.81 11.71
CA SER B 842 3.36 -74.07 11.70
C SER B 842 2.25 -73.96 10.66
N PRO B 843 1.92 -75.02 9.89
CA PRO B 843 0.81 -74.95 8.95
C PRO B 843 -0.47 -74.64 9.73
N ILE B 844 -1.32 -73.76 9.20
CA ILE B 844 -2.55 -73.34 9.96
C ILE B 844 -3.45 -74.56 10.16
N ILE B 845 -3.98 -74.73 11.38
CA ILE B 845 -4.88 -75.88 11.69
C ILE B 845 -6.23 -75.30 12.16
N PRO B 846 -7.43 -75.80 11.75
CA PRO B 846 -8.67 -75.24 12.30
C PRO B 846 -8.65 -75.20 13.84
N GLY B 847 -8.17 -76.26 14.48
CA GLY B 847 -8.03 -76.27 15.95
C GLY B 847 -6.58 -76.49 16.34
N PHE B 848 -5.89 -75.43 16.78
CA PHE B 848 -4.44 -75.56 17.10
C PHE B 848 -4.30 -76.42 18.36
N GLY B 849 -5.19 -76.20 19.33
CA GLY B 849 -5.17 -77.01 20.57
C GLY B 849 -6.57 -77.42 20.97
N GLY B 850 -6.68 -78.52 21.73
CA GLY B 850 -8.00 -79.01 22.18
C GLY B 850 -8.67 -78.03 23.12
N ASP B 851 -10.01 -77.90 23.04
CA ASP B 851 -10.77 -76.99 23.94
C ASP B 851 -10.26 -75.56 23.83
N PHE B 852 -9.99 -75.07 22.61
CA PHE B 852 -9.58 -73.65 22.41
C PHE B 852 -10.35 -73.06 21.24
N ASN B 853 -11.24 -72.08 21.48
CA ASN B 853 -11.94 -71.45 20.39
C ASN B 853 -10.97 -70.59 19.59
N LEU B 854 -11.05 -70.65 18.26
CA LEU B 854 -10.05 -69.91 17.43
C LEU B 854 -10.72 -69.06 16.35
N THR B 855 -11.09 -67.82 16.66
CA THR B 855 -11.63 -66.88 15.64
C THR B 855 -10.48 -66.49 14.70
N LEU B 856 -9.23 -66.61 15.16
CA LEU B 856 -8.05 -66.20 14.37
C LEU B 856 -7.93 -67.03 13.09
N LEU B 857 -8.49 -68.24 13.06
CA LEU B 857 -8.35 -69.12 11.88
C LEU B 857 -8.87 -68.40 10.64
N GLU B 858 -8.14 -68.48 9.52
CA GLU B 858 -8.54 -67.77 8.27
C GLU B 858 -9.81 -68.40 7.68
N PRO B 859 -10.90 -67.65 7.33
CA PRO B 859 -12.06 -68.28 6.69
C PRO B 859 -11.75 -68.85 5.32
N VAL B 860 -10.98 -68.13 4.51
CA VAL B 860 -10.63 -68.54 3.16
C VAL B 860 -11.87 -68.81 2.30
N ALA B 869 -7.08 -65.71 4.13
CA ALA B 869 -7.17 -64.26 3.92
C ALA B 869 -8.36 -63.70 4.67
N ARG B 870 -8.20 -62.49 5.21
CA ARG B 870 -9.28 -61.78 5.90
C ARG B 870 -9.78 -62.54 7.12
N SER B 871 -8.91 -62.64 8.14
CA SER B 871 -9.31 -63.37 9.33
C SER B 871 -10.52 -62.74 9.99
N ALA B 872 -11.28 -63.58 10.69
CA ALA B 872 -12.62 -63.21 11.13
C ALA B 872 -12.60 -61.91 11.91
N ILE B 873 -11.75 -61.83 12.94
CA ILE B 873 -11.79 -60.69 13.82
C ILE B 873 -11.30 -59.46 13.08
N GLU B 874 -10.28 -59.61 12.25
CA GLU B 874 -9.80 -58.49 11.49
C GLU B 874 -10.89 -57.98 10.57
N ASP B 875 -11.69 -58.88 10.02
CA ASP B 875 -12.82 -58.44 9.23
C ASP B 875 -13.82 -57.69 10.08
N LEU B 876 -14.09 -58.18 11.29
CA LEU B 876 -14.97 -57.46 12.20
C LEU B 876 -14.51 -56.03 12.36
N LEU B 877 -13.22 -55.87 12.61
CA LEU B 877 -12.66 -54.55 12.85
C LEU B 877 -12.82 -53.68 11.63
N PHE B 878 -12.46 -54.20 10.46
CA PHE B 878 -12.55 -53.39 9.26
C PHE B 878 -13.99 -53.05 8.94
N ASP B 879 -14.94 -53.83 9.46
CA ASP B 879 -16.33 -53.58 9.15
C ASP B 879 -16.92 -52.53 10.08
N LYS B 880 -16.70 -52.66 11.39
CA LYS B 880 -17.23 -51.67 12.30
C LYS B 880 -16.77 -50.27 11.92
N VAL B 881 -15.50 -50.13 11.55
CA VAL B 881 -14.99 -48.83 11.21
C VAL B 881 -15.58 -48.38 9.87
N THR B 882 -15.48 -47.07 9.60
CA THR B 882 -16.03 -46.52 8.33
C THR B 882 -14.93 -45.80 7.55
N ILE B 883 -14.32 -46.47 6.56
CA ILE B 883 -13.29 -45.82 5.71
C ILE B 883 -13.86 -45.67 4.29
N ALA B 884 -14.02 -44.43 3.81
CA ALA B 884 -14.49 -44.21 2.42
C ALA B 884 -13.47 -43.39 1.63
N ASP B 885 -12.40 -42.93 2.30
CA ASP B 885 -11.39 -42.05 1.65
C ASP B 885 -10.64 -42.74 0.49
N PRO B 886 -10.18 -44.02 0.57
CA PRO B 886 -9.37 -44.61 -0.50
C PRO B 886 -10.11 -45.50 -1.51
N GLY B 887 -10.05 -45.13 -2.79
CA GLY B 887 -10.66 -45.97 -3.85
C GLY B 887 -9.63 -46.27 -4.93
N TYR B 888 -9.47 -47.54 -5.29
CA TYR B 888 -8.41 -47.91 -6.27
C TYR B 888 -9.01 -48.62 -7.49
N MET B 889 -8.67 -48.19 -8.70
CA MET B 889 -9.15 -48.80 -9.98
C MET B 889 -10.64 -48.49 -10.20
N GLN B 890 -11.50 -48.97 -9.29
CA GLN B 890 -12.97 -48.73 -9.43
C GLN B 890 -13.38 -47.56 -8.54
N GLY B 891 -12.44 -46.97 -7.79
CA GLY B 891 -12.80 -45.88 -6.87
C GLY B 891 -13.35 -44.66 -7.58
N TYR B 892 -12.71 -44.26 -8.69
CA TYR B 892 -13.22 -43.11 -9.49
C TYR B 892 -14.59 -43.48 -10.07
N ASP B 893 -14.74 -44.71 -10.55
CA ASP B 893 -16.02 -45.17 -11.14
C ASP B 893 -17.10 -45.14 -10.06
N ASP B 894 -16.76 -45.57 -8.83
CA ASP B 894 -17.75 -45.58 -7.71
C ASP B 894 -18.17 -44.13 -7.42
N CYS B 895 -17.23 -43.19 -7.42
CA CYS B 895 -17.55 -41.77 -7.17
C CYS B 895 -18.50 -41.25 -8.25
N MET B 896 -18.26 -41.63 -9.50
CA MET B 896 -19.16 -41.22 -10.62
C MET B 896 -20.56 -41.78 -10.38
N GLN B 897 -20.64 -43.04 -9.92
CA GLN B 897 -21.96 -43.67 -9.63
C GLN B 897 -22.66 -42.91 -8.51
N GLN B 898 -21.91 -42.49 -7.49
CA GLN B 898 -22.50 -41.71 -6.35
C GLN B 898 -23.13 -40.42 -6.89
N ILE B 907 -12.64 -39.40 -0.48
CA ILE B 907 -13.75 -39.86 -1.38
C ILE B 907 -13.49 -39.30 -2.78
N CYS B 908 -13.93 -38.06 -3.03
CA CYS B 908 -13.76 -37.43 -4.38
C CYS B 908 -12.41 -36.72 -4.46
N ALA B 909 -11.31 -37.45 -4.26
CA ALA B 909 -9.96 -36.83 -4.25
C ALA B 909 -9.63 -36.25 -5.63
N GLN B 910 -9.85 -37.02 -6.70
CA GLN B 910 -9.48 -36.56 -8.06
C GLN B 910 -10.56 -35.64 -8.64
N TYR B 911 -11.81 -35.83 -8.24
CA TYR B 911 -12.93 -35.04 -8.84
C TYR B 911 -12.77 -33.55 -8.55
N VAL B 912 -12.52 -33.19 -7.28
CA VAL B 912 -12.42 -31.75 -6.89
C VAL B 912 -11.06 -31.52 -6.25
N ALA B 913 -10.73 -30.27 -5.92
CA ALA B 913 -9.40 -29.97 -5.34
C ALA B 913 -8.35 -30.50 -6.31
N GLY B 914 -7.45 -31.35 -5.83
CA GLY B 914 -6.80 -32.35 -6.71
C GLY B 914 -5.64 -33.04 -6.04
N TYR B 915 -5.87 -34.20 -5.43
CA TYR B 915 -4.72 -34.96 -4.87
C TYR B 915 -4.96 -36.45 -5.17
N LYS B 916 -3.91 -37.26 -5.14
CA LYS B 916 -4.10 -38.72 -5.35
C LYS B 916 -3.74 -39.47 -4.06
N VAL B 917 -4.62 -40.36 -3.61
CA VAL B 917 -4.29 -41.19 -2.40
C VAL B 917 -3.52 -42.42 -2.89
N LEU B 918 -2.28 -42.60 -2.43
CA LEU B 918 -1.43 -43.71 -2.93
C LEU B 918 -1.94 -45.06 -2.41
N PRO B 919 -1.76 -46.20 -3.13
CA PRO B 919 -2.17 -47.50 -2.57
C PRO B 919 -1.36 -47.85 -1.31
N PRO B 920 -1.85 -48.75 -0.44
CA PRO B 920 -1.11 -49.17 0.75
C PRO B 920 0.21 -49.84 0.36
N LEU B 921 0.27 -50.45 -0.85
CA LEU B 921 1.48 -51.14 -1.38
C LEU B 921 1.50 -52.58 -0.85
N MET B 922 0.54 -52.94 0.00
CA MET B 922 0.44 -54.34 0.48
C MET B 922 -1.03 -54.78 0.34
N ASP B 923 -1.26 -55.96 -0.24
CA ASP B 923 -2.65 -56.48 -0.36
C ASP B 923 -3.16 -56.90 1.02
N VAL B 924 -4.48 -56.86 1.22
CA VAL B 924 -5.07 -57.31 2.51
C VAL B 924 -4.72 -58.79 2.69
N ASN B 925 -4.76 -59.56 1.60
CA ASN B 925 -4.42 -61.00 1.66
C ASN B 925 -2.95 -61.17 2.10
N MET B 926 -2.05 -60.31 1.60
CA MET B 926 -0.62 -60.36 2.01
C MET B 926 -0.49 -60.04 3.50
N GLU B 927 -1.24 -59.04 3.98
CA GLU B 927 -1.20 -58.69 5.43
C GLU B 927 -1.72 -59.89 6.22
N ALA B 928 -2.79 -60.54 5.73
CA ALA B 928 -3.36 -61.72 6.42
C ALA B 928 -2.32 -62.86 6.42
N ALA B 929 -1.58 -63.01 5.32
CA ALA B 929 -0.53 -64.06 5.23
C ALA B 929 0.54 -63.80 6.29
N TYR B 930 0.94 -62.54 6.48
CA TYR B 930 1.94 -62.21 7.53
C TYR B 930 1.38 -62.53 8.91
N THR B 931 0.11 -62.21 9.17
CA THR B 931 -0.53 -62.56 10.47
C THR B 931 -0.59 -64.08 10.60
N SER B 932 -0.86 -64.79 9.50
CA SER B 932 -0.92 -66.28 9.54
C SER B 932 0.44 -66.85 9.95
N SER B 933 1.52 -66.30 9.38
CA SER B 933 2.89 -66.76 9.73
C SER B 933 3.14 -66.48 11.21
N LEU B 934 2.70 -65.32 11.70
CA LEU B 934 2.88 -64.96 13.13
C LEU B 934 2.12 -65.96 14.01
N LEU B 935 0.91 -66.33 13.60
CA LEU B 935 0.07 -67.24 14.43
C LEU B 935 0.79 -68.59 14.58
N GLY B 936 1.36 -69.11 13.49
CA GLY B 936 2.14 -70.36 13.58
C GLY B 936 3.39 -70.19 14.43
N SER B 937 4.07 -69.05 14.28
CA SER B 937 5.33 -68.79 15.03
C SER B 937 5.10 -68.73 16.55
N ILE B 938 3.97 -68.18 17.00
CA ILE B 938 3.78 -67.96 18.47
C ILE B 938 3.91 -69.30 19.21
N ALA B 939 3.27 -70.37 18.70
CA ALA B 939 3.31 -71.66 19.40
C ALA B 939 4.75 -72.19 19.44
N GLY B 940 5.45 -72.12 18.32
CA GLY B 940 6.83 -72.65 18.23
C GLY B 940 7.82 -71.89 19.11
N VAL B 941 7.73 -70.56 19.16
CA VAL B 941 8.72 -69.75 19.91
C VAL B 941 8.25 -69.58 21.36
N GLY B 942 7.14 -70.24 21.73
CA GLY B 942 6.71 -70.17 23.14
C GLY B 942 7.77 -70.75 24.07
N TRP B 943 8.36 -71.90 23.71
CA TRP B 943 9.47 -72.47 24.52
C TRP B 943 10.67 -71.52 24.47
N THR B 944 11.04 -71.02 23.28
CA THR B 944 12.13 -70.01 23.11
C THR B 944 13.48 -70.47 23.67
N ALA B 945 13.76 -71.78 23.72
CA ALA B 945 15.11 -72.20 24.15
C ALA B 945 16.15 -71.76 23.11
N GLY B 946 15.82 -71.94 21.82
CA GLY B 946 16.74 -71.53 20.75
C GLY B 946 16.02 -70.78 19.64
N LEU B 947 15.53 -69.57 19.93
CA LEU B 947 14.88 -68.72 18.88
C LEU B 947 13.70 -69.48 18.23
N SER B 948 13.67 -69.51 16.90
CA SER B 948 12.54 -70.14 16.16
C SER B 948 12.94 -71.49 15.58
N SER B 949 14.00 -72.11 16.10
CA SER B 949 14.50 -73.39 15.51
C SER B 949 13.39 -74.44 15.57
N PHE B 950 12.63 -74.50 16.67
CA PHE B 950 11.48 -75.44 16.71
C PHE B 950 10.19 -74.64 16.52
N ALA B 951 9.45 -74.92 15.45
CA ALA B 951 8.16 -74.22 15.24
C ALA B 951 6.99 -75.22 15.28
N ALA B 952 7.29 -76.50 15.50
CA ALA B 952 6.21 -77.51 15.61
C ALA B 952 6.10 -77.96 17.06
N ILE B 953 4.94 -77.72 17.69
CA ILE B 953 4.70 -78.12 19.10
C ILE B 953 3.19 -78.26 19.27
N PRO B 954 2.65 -79.06 20.22
CA PRO B 954 1.20 -79.07 20.44
C PRO B 954 0.84 -77.70 21.01
N PHE B 955 -0.19 -77.05 20.47
CA PHE B 955 -0.57 -75.69 20.93
C PHE B 955 -1.01 -75.75 22.39
N ALA B 956 -1.77 -76.79 22.76
CA ALA B 956 -2.24 -76.93 24.15
C ALA B 956 -1.02 -77.07 25.07
N GLN B 957 -0.05 -77.90 24.68
CA GLN B 957 1.20 -78.06 25.48
C GLN B 957 1.95 -76.72 25.51
N SER B 958 1.97 -76.00 24.40
CA SER B 958 2.69 -74.70 24.33
C SER B 958 2.05 -73.71 25.32
N ILE B 959 0.72 -73.71 25.41
CA ILE B 959 0.01 -72.84 26.39
C ILE B 959 0.45 -73.26 27.80
N PHE B 960 0.51 -74.56 28.07
CA PHE B 960 0.94 -75.06 29.40
C PHE B 960 2.39 -74.64 29.67
N TYR B 961 3.25 -74.73 28.65
CA TYR B 961 4.68 -74.36 28.81
C TYR B 961 4.79 -72.84 29.03
N ARG B 962 4.04 -72.05 28.25
CA ARG B 962 4.06 -70.57 28.39
C ARG B 962 3.55 -70.20 29.78
N LEU B 963 2.51 -70.88 30.26
CA LEU B 963 1.95 -70.60 31.61
C LEU B 963 3.03 -70.90 32.66
N ASN B 964 3.76 -71.99 32.47
CA ASN B 964 4.83 -72.37 33.43
C ASN B 964 5.93 -71.29 33.47
N GLY B 965 6.31 -70.76 32.31
CA GLY B 965 7.30 -69.66 32.30
C GLY B 965 6.78 -68.38 32.93
N VAL B 966 5.59 -67.94 32.54
CA VAL B 966 5.04 -66.63 33.05
C VAL B 966 4.66 -66.75 34.53
N GLY B 967 4.08 -67.87 34.95
CA GLY B 967 3.60 -68.02 36.34
C GLY B 967 4.12 -69.29 36.97
N ILE B 968 4.18 -69.35 38.31
CA ILE B 968 4.80 -70.52 38.98
C ILE B 968 3.78 -71.66 39.11
N THR B 969 2.55 -71.47 38.62
CA THR B 969 1.57 -72.58 38.65
C THR B 969 2.16 -73.78 37.92
N GLN B 970 2.08 -74.97 38.52
CA GLN B 970 2.69 -76.19 37.92
C GLN B 970 1.85 -76.67 36.73
N GLN B 971 2.47 -77.35 35.76
CA GLN B 971 1.71 -77.94 34.64
C GLN B 971 0.75 -78.99 35.21
N VAL B 972 1.22 -79.76 36.20
CA VAL B 972 0.36 -80.78 36.87
C VAL B 972 -0.80 -80.06 37.57
N LEU B 973 -0.53 -78.91 38.20
CA LEU B 973 -1.60 -78.12 38.85
C LEU B 973 -2.61 -77.68 37.79
N SER B 974 -2.14 -77.30 36.60
CA SER B 974 -3.05 -76.91 35.50
C SER B 974 -3.92 -78.11 35.11
N GLU B 975 -3.35 -79.31 35.06
CA GLU B 975 -4.13 -80.54 34.76
C GLU B 975 -5.16 -80.75 35.87
N ASN B 976 -4.78 -80.52 37.13
CA ASN B 976 -5.69 -80.75 38.29
C ASN B 976 -6.92 -79.85 38.18
N GLN B 977 -6.72 -78.58 37.78
CA GLN B 977 -7.87 -77.64 37.73
C GLN B 977 -8.56 -77.77 36.37
N LYS B 978 -9.85 -78.13 36.37
CA LYS B 978 -10.59 -78.33 35.10
C LYS B 978 -11.13 -77.00 34.56
N LEU B 979 -11.41 -76.92 33.26
CA LEU B 979 -12.05 -75.72 32.63
C LEU B 979 -11.11 -74.52 32.53
N ILE B 980 -9.79 -74.72 32.72
CA ILE B 980 -8.85 -73.58 32.51
C ILE B 980 -8.91 -73.20 31.03
N ALA B 981 -8.93 -74.20 30.14
CA ALA B 981 -9.01 -73.94 28.69
C ALA B 981 -10.35 -73.27 28.37
N ASN B 982 -11.44 -73.73 29.00
CA ASN B 982 -12.79 -73.15 28.76
C ASN B 982 -12.81 -71.69 29.20
N LYS B 983 -12.16 -71.38 30.33
CA LYS B 983 -12.11 -69.98 30.84
C LYS B 983 -11.40 -69.11 29.80
N PHE B 984 -10.32 -69.61 29.21
CA PHE B 984 -9.59 -68.86 28.15
C PHE B 984 -10.52 -68.63 26.96
N ASN B 985 -11.31 -69.65 26.60
CA ASN B 985 -12.25 -69.53 25.45
C ASN B 985 -13.30 -68.46 25.77
N GLN B 986 -13.81 -68.44 27.00
CA GLN B 986 -14.83 -67.44 27.41
C GLN B 986 -14.22 -66.05 27.32
N ALA B 987 -12.97 -65.88 27.76
CA ALA B 987 -12.28 -64.58 27.69
C ALA B 987 -12.12 -64.15 26.23
N LEU B 988 -11.73 -65.09 25.36
CA LEU B 988 -11.57 -64.80 23.91
C LEU B 988 -12.94 -64.41 23.34
N GLY B 989 -13.99 -65.13 23.75
CA GLY B 989 -15.35 -64.84 23.26
C GLY B 989 -15.82 -63.45 23.67
N ALA B 990 -15.53 -63.06 24.92
CA ALA B 990 -15.95 -61.74 25.42
C ALA B 990 -15.32 -60.64 24.55
N MET B 991 -14.02 -60.74 24.29
CA MET B 991 -13.32 -59.71 23.46
C MET B 991 -13.90 -59.73 22.05
N GLN B 992 -14.18 -60.92 21.50
CA GLN B 992 -14.75 -61.03 20.13
C GLN B 992 -16.14 -60.41 20.07
N THR B 993 -16.99 -60.64 21.09
CA THR B 993 -18.39 -60.14 21.03
C THR B 993 -18.44 -58.61 21.01
N GLY B 994 -17.61 -57.94 21.82
CA GLY B 994 -17.69 -56.47 21.90
C GLY B 994 -16.37 -55.81 21.51
N PHE B 995 -16.40 -54.86 20.57
CA PHE B 995 -15.17 -54.11 20.21
C PHE B 995 -15.37 -52.61 20.47
N THR B 996 -16.46 -52.03 19.94
CA THR B 996 -16.65 -50.56 20.04
C THR B 996 -16.78 -50.08 21.50
N THR B 997 -17.55 -50.78 22.33
CA THR B 997 -17.79 -50.29 23.71
C THR B 997 -16.84 -50.96 24.70
N THR B 998 -16.69 -52.28 24.63
CA THR B 998 -15.85 -53.01 25.61
C THR B 998 -14.38 -52.61 25.46
N ASN B 999 -13.90 -52.43 24.23
CA ASN B 999 -12.44 -52.15 24.05
C ASN B 999 -12.21 -50.66 23.77
N GLU B 1000 -11.49 -49.98 24.67
CA GLU B 1000 -11.11 -48.56 24.44
C GLU B 1000 -10.13 -48.53 23.26
N ALA B 1001 -9.27 -49.56 23.16
CA ALA B 1001 -8.25 -49.60 22.08
C ALA B 1001 -8.92 -49.61 20.70
N PHE B 1002 -10.02 -50.35 20.54
CA PHE B 1002 -10.74 -50.35 19.25
C PHE B 1002 -11.28 -48.95 18.93
N GLN B 1003 -11.77 -48.25 19.95
CA GLN B 1003 -12.26 -46.85 19.75
C GLN B 1003 -11.08 -46.00 19.28
N LYS B 1004 -9.87 -46.25 19.81
CA LYS B 1004 -8.66 -45.50 19.38
C LYS B 1004 -8.39 -45.77 17.89
N VAL B 1005 -8.57 -47.01 17.42
CA VAL B 1005 -8.37 -47.32 15.98
C VAL B 1005 -9.39 -46.50 15.16
N GLN B 1006 -10.63 -46.46 15.62
CA GLN B 1006 -11.68 -45.72 14.89
C GLN B 1006 -11.30 -44.24 14.85
N ASP B 1007 -10.83 -43.70 15.98
CA ASP B 1007 -10.48 -42.26 16.05
C ASP B 1007 -9.31 -41.97 15.10
N ALA B 1008 -8.30 -42.85 15.07
CA ALA B 1008 -7.11 -42.60 14.22
C ALA B 1008 -7.52 -42.61 12.75
N VAL B 1009 -8.36 -43.58 12.36
CA VAL B 1009 -8.82 -43.68 10.94
C VAL B 1009 -9.63 -42.42 10.61
N ASN B 1010 -10.51 -42.02 11.52
CA ASN B 1010 -11.36 -40.82 11.28
C ASN B 1010 -10.46 -39.59 11.18
N ASN B 1011 -9.44 -39.47 12.05
CA ASN B 1011 -8.60 -38.26 12.05
C ASN B 1011 -7.87 -38.11 10.72
N ASN B 1012 -7.27 -39.18 10.20
CA ASN B 1012 -6.48 -39.04 8.94
C ASN B 1012 -7.43 -38.66 7.80
N ALA B 1013 -8.58 -39.33 7.72
CA ALA B 1013 -9.55 -39.05 6.64
C ALA B 1013 -10.09 -37.64 6.78
N GLN B 1014 -10.46 -37.23 8.01
CA GLN B 1014 -11.05 -35.89 8.23
C GLN B 1014 -10.03 -34.82 7.88
N ALA B 1015 -8.78 -34.99 8.31
CA ALA B 1015 -7.78 -33.92 8.08
C ALA B 1015 -7.59 -33.73 6.57
N LEU B 1016 -7.45 -34.83 5.83
CA LEU B 1016 -7.20 -34.72 4.37
C LEU B 1016 -8.43 -34.12 3.68
N SER B 1017 -9.63 -34.64 3.99
CA SER B 1017 -10.85 -34.16 3.29
C SER B 1017 -11.20 -32.72 3.66
N LYS B 1018 -11.18 -32.38 4.95
CA LYS B 1018 -11.61 -31.02 5.37
C LYS B 1018 -10.63 -29.98 4.85
N LEU B 1019 -9.32 -30.21 5.02
CA LEU B 1019 -8.31 -29.19 4.63
C LEU B 1019 -8.41 -28.87 3.13
N ALA B 1020 -8.34 -29.87 2.26
CA ALA B 1020 -8.32 -29.60 0.80
C ALA B 1020 -9.59 -28.87 0.38
N SER B 1021 -10.75 -29.31 0.88
CA SER B 1021 -12.04 -28.69 0.46
C SER B 1021 -12.09 -27.22 0.87
N GLU B 1022 -11.64 -26.91 2.09
CA GLU B 1022 -11.71 -25.51 2.59
C GLU B 1022 -10.82 -24.60 1.73
N LEU B 1023 -9.63 -25.08 1.34
CA LEU B 1023 -8.70 -24.25 0.53
C LEU B 1023 -9.33 -23.94 -0.82
N SER B 1024 -9.99 -24.93 -1.44
CA SER B 1024 -10.64 -24.73 -2.76
C SER B 1024 -11.91 -23.91 -2.60
N ASN B 1025 -12.41 -23.73 -1.37
CA ASN B 1025 -13.70 -23.04 -1.15
C ASN B 1025 -13.52 -21.52 -1.13
N THR B 1026 -13.33 -20.87 -2.29
CA THR B 1026 -13.28 -19.39 -2.36
C THR B 1026 -12.35 -18.79 -1.29
N PHE B 1027 -11.06 -19.13 -1.33
CA PHE B 1027 -10.10 -18.52 -0.36
C PHE B 1027 -10.11 -17.01 -0.52
N GLY B 1028 -10.18 -16.51 -1.76
CA GLY B 1028 -10.26 -15.05 -1.99
C GLY B 1028 -11.55 -14.49 -1.41
N ALA B 1029 -11.53 -13.24 -0.94
CA ALA B 1029 -12.73 -12.69 -0.25
C ALA B 1029 -13.91 -12.74 -1.22
N ILE B 1030 -13.72 -12.30 -2.47
CA ILE B 1030 -14.80 -12.38 -3.49
C ILE B 1030 -14.24 -13.09 -4.73
N SER B 1031 -14.47 -14.41 -4.83
CA SER B 1031 -13.90 -15.19 -5.96
C SER B 1031 -14.74 -16.45 -6.20
N ALA B 1032 -14.56 -17.09 -7.36
CA ALA B 1032 -15.24 -18.37 -7.66
C ALA B 1032 -14.17 -19.45 -7.58
N SER B 1033 -13.11 -19.24 -6.78
CA SER B 1033 -11.92 -20.13 -6.66
C SER B 1033 -10.89 -19.61 -7.65
N ILE B 1034 -11.31 -18.72 -8.57
CA ILE B 1034 -10.37 -18.04 -9.51
C ILE B 1034 -10.69 -16.55 -9.36
N GLY B 1035 -9.68 -15.69 -9.21
CA GLY B 1035 -9.97 -14.27 -8.92
C GLY B 1035 -10.24 -13.40 -10.13
N ASP B 1036 -11.40 -12.76 -10.20
CA ASP B 1036 -11.68 -11.76 -11.28
C ASP B 1036 -11.44 -12.39 -12.66
N ILE B 1037 -11.98 -13.59 -12.91
CA ILE B 1037 -11.65 -14.28 -14.19
C ILE B 1037 -12.05 -13.42 -15.39
N ILE B 1038 -13.27 -12.87 -15.41
CA ILE B 1038 -13.66 -11.95 -16.52
C ILE B 1038 -14.31 -10.67 -16.00
N GLN B 1039 -15.05 -10.75 -14.89
CA GLN B 1039 -15.86 -9.58 -14.42
C GLN B 1039 -15.02 -8.35 -14.03
N ARG B 1040 -13.93 -8.52 -13.29
CA ARG B 1040 -13.20 -7.33 -12.78
C ARG B 1040 -12.26 -6.74 -13.85
N LEU B 1041 -11.80 -5.48 -13.68
CA LEU B 1041 -10.94 -4.72 -14.64
C LEU B 1041 -9.98 -5.52 -15.52
N ASP B 1042 -10.48 -6.44 -16.35
CA ASP B 1042 -9.63 -7.18 -17.34
C ASP B 1042 -8.41 -7.84 -16.69
N VAL B 1043 -7.24 -7.70 -17.32
CA VAL B 1043 -5.99 -8.37 -16.82
C VAL B 1043 -5.50 -7.80 -15.50
N LEU B 1044 -5.51 -6.48 -15.32
CA LEU B 1044 -4.87 -5.90 -14.09
C LEU B 1044 -5.54 -6.39 -12.81
N GLU B 1045 -6.86 -6.31 -12.73
CA GLU B 1045 -7.58 -6.75 -11.50
C GLU B 1045 -7.44 -8.27 -11.37
N GLN B 1046 -7.54 -8.99 -12.49
CA GLN B 1046 -7.49 -10.47 -12.44
C GLN B 1046 -6.14 -10.92 -11.88
N ASP B 1047 -5.05 -10.32 -12.33
CA ASP B 1047 -3.71 -10.78 -11.89
C ASP B 1047 -3.58 -10.56 -10.38
N ALA B 1048 -4.03 -9.41 -9.88
CA ALA B 1048 -3.94 -9.10 -8.43
C ALA B 1048 -4.68 -10.15 -7.61
N GLN B 1049 -5.97 -10.36 -7.88
CA GLN B 1049 -6.79 -11.30 -7.07
C GLN B 1049 -6.25 -12.74 -7.19
N ILE B 1050 -5.88 -13.16 -8.40
CA ILE B 1050 -5.32 -14.53 -8.59
C ILE B 1050 -4.02 -14.65 -7.78
N ASP B 1051 -3.18 -13.61 -7.80
CA ASP B 1051 -1.86 -13.72 -7.12
C ASP B 1051 -2.07 -13.94 -5.62
N ARG B 1052 -2.96 -13.17 -4.99
CA ARG B 1052 -3.16 -13.31 -3.51
C ARG B 1052 -3.73 -14.70 -3.21
N LEU B 1053 -4.68 -15.16 -4.04
CA LEU B 1053 -5.30 -16.50 -3.83
C LEU B 1053 -4.22 -17.58 -3.97
N ILE B 1054 -3.35 -17.46 -4.98
CA ILE B 1054 -2.28 -18.48 -5.21
C ILE B 1054 -1.33 -18.48 -4.02
N ASN B 1055 -0.94 -17.28 -3.55
CA ASN B 1055 0.04 -17.18 -2.43
C ASN B 1055 -0.56 -17.81 -1.17
N GLY B 1056 -1.85 -17.53 -0.91
CA GLY B 1056 -2.52 -18.12 0.27
C GLY B 1056 -2.60 -19.64 0.16
N ARG B 1057 -2.91 -20.14 -1.03
CA ARG B 1057 -3.01 -21.61 -1.25
C ARG B 1057 -1.63 -22.24 -1.00
N LEU B 1058 -0.56 -21.60 -1.48
CA LEU B 1058 0.80 -22.18 -1.32
C LEU B 1058 1.17 -22.25 0.16
N THR B 1059 0.88 -21.20 0.93
CA THR B 1059 1.21 -21.19 2.38
C THR B 1059 0.39 -22.27 3.10
N THR B 1060 -0.89 -22.40 2.73
CA THR B 1060 -1.77 -23.44 3.34
C THR B 1060 -1.23 -24.83 2.98
N LEU B 1061 -0.76 -25.01 1.73
CA LEU B 1061 -0.20 -26.31 1.30
C LEU B 1061 1.06 -26.61 2.13
N ASN B 1062 1.88 -25.59 2.40
CA ASN B 1062 3.11 -25.78 3.21
C ASN B 1062 2.72 -26.25 4.61
N ALA B 1063 1.68 -25.67 5.19
CA ALA B 1063 1.20 -26.09 6.53
C ALA B 1063 0.72 -27.53 6.48
N PHE B 1064 -0.01 -27.89 5.42
CA PHE B 1064 -0.51 -29.29 5.25
C PHE B 1064 0.68 -30.24 5.14
N VAL B 1065 1.70 -29.84 4.38
CA VAL B 1065 2.91 -30.70 4.19
C VAL B 1065 3.61 -30.87 5.54
N ALA B 1066 3.70 -29.79 6.32
CA ALA B 1066 4.40 -29.85 7.63
C ALA B 1066 3.65 -30.83 8.54
N GLN B 1067 2.31 -30.80 8.52
CA GLN B 1067 1.51 -31.73 9.36
C GLN B 1067 1.78 -33.17 8.91
N GLN B 1068 1.86 -33.40 7.60
CA GLN B 1068 2.14 -34.77 7.07
C GLN B 1068 3.52 -35.24 7.53
N LEU B 1069 4.51 -34.35 7.52
CA LEU B 1069 5.89 -34.72 7.94
C LEU B 1069 5.87 -35.10 9.43
N VAL B 1070 5.15 -34.34 10.25
CA VAL B 1070 5.06 -34.65 11.70
C VAL B 1070 4.37 -36.01 11.87
N ARG B 1071 3.30 -36.26 11.10
CA ARG B 1071 2.55 -37.53 11.21
C ARG B 1071 3.47 -38.70 10.81
N SER B 1072 4.25 -38.53 9.74
CA SER B 1072 5.16 -39.60 9.28
C SER B 1072 6.23 -39.89 10.35
N GLU B 1073 6.77 -38.84 10.97
CA GLU B 1073 7.81 -39.02 12.02
C GLU B 1073 7.22 -39.78 13.21
N SER B 1074 6.01 -39.41 13.63
CA SER B 1074 5.34 -40.10 14.75
C SER B 1074 5.07 -41.56 14.37
N ALA B 1075 4.66 -41.79 13.13
CA ALA B 1075 4.38 -43.16 12.65
C ALA B 1075 5.67 -43.99 12.72
N ALA B 1076 6.80 -43.41 12.32
CA ALA B 1076 8.07 -44.19 12.30
C ALA B 1076 8.42 -44.64 13.72
N LEU B 1077 8.26 -43.75 14.72
CA LEU B 1077 8.55 -44.11 16.13
C LEU B 1077 7.60 -45.23 16.57
N SER B 1078 6.30 -45.08 16.28
CA SER B 1078 5.29 -46.09 16.69
C SER B 1078 5.57 -47.43 16.01
N ALA B 1079 6.00 -47.41 14.74
CA ALA B 1079 6.28 -48.66 14.00
C ALA B 1079 7.42 -49.42 14.68
N GLN B 1080 8.46 -48.70 15.13
CA GLN B 1080 9.59 -49.35 15.85
C GLN B 1080 9.09 -49.98 17.14
N LEU B 1081 8.20 -49.28 17.86
CA LEU B 1081 7.62 -49.82 19.12
C LEU B 1081 6.83 -51.08 18.80
N ALA B 1082 6.05 -51.06 17.71
CA ALA B 1082 5.23 -52.23 17.31
C ALA B 1082 6.16 -53.40 16.99
N LYS B 1083 7.28 -53.14 16.30
CA LYS B 1083 8.23 -54.21 15.93
C LYS B 1083 8.79 -54.83 17.22
N ASP B 1084 9.11 -54.00 18.21
CA ASP B 1084 9.68 -54.49 19.49
C ASP B 1084 8.66 -55.39 20.19
N LYS B 1085 7.38 -54.98 20.18
CA LYS B 1085 6.31 -55.78 20.85
C LYS B 1085 6.21 -57.14 20.16
N VAL B 1086 6.25 -57.18 18.83
CA VAL B 1086 6.17 -58.46 18.08
C VAL B 1086 7.40 -59.31 18.44
N ASN B 1087 8.58 -58.68 18.53
CA ASN B 1087 9.84 -59.42 18.79
C ASN B 1087 9.81 -60.09 20.18
N GLU B 1088 9.28 -59.41 21.20
CA GLU B 1088 9.38 -59.99 22.58
C GLU B 1088 8.03 -60.50 23.09
N CYS B 1089 7.03 -59.62 23.21
CA CYS B 1089 5.74 -60.02 23.84
C CYS B 1089 5.04 -61.12 23.02
N VAL B 1090 4.97 -60.96 21.69
CA VAL B 1090 4.22 -61.94 20.86
C VAL B 1090 4.93 -63.30 20.84
N LYS B 1091 6.26 -63.30 20.67
CA LYS B 1091 7.00 -64.58 20.53
C LYS B 1091 6.95 -65.41 21.82
N ALA B 1092 7.14 -64.76 22.98
CA ALA B 1092 7.20 -65.53 24.26
C ALA B 1092 6.48 -64.77 25.38
N GLN B 1093 6.10 -65.47 26.44
CA GLN B 1093 5.43 -64.81 27.60
C GLN B 1093 6.38 -63.75 28.15
N SER B 1094 5.87 -62.55 28.47
CA SER B 1094 6.75 -61.44 28.90
C SER B 1094 7.48 -61.80 30.19
N LYS B 1095 6.77 -62.36 31.18
CA LYS B 1095 7.38 -62.78 32.49
C LYS B 1095 8.25 -61.64 33.05
N ARG B 1096 7.73 -60.40 33.03
CA ARG B 1096 8.52 -59.22 33.48
C ARG B 1096 7.54 -58.07 33.76
N SER B 1097 8.02 -56.82 33.68
CA SER B 1097 7.12 -55.65 33.87
C SER B 1097 6.01 -55.72 32.82
N GLY B 1098 4.80 -55.27 33.16
CA GLY B 1098 3.66 -55.47 32.24
C GLY B 1098 3.62 -54.46 31.11
N PHE B 1099 4.53 -54.56 30.15
CA PHE B 1099 4.50 -53.70 28.94
C PHE B 1099 3.23 -54.02 28.16
N CYS B 1100 2.84 -55.30 28.15
CA CYS B 1100 1.65 -55.75 27.38
C CYS B 1100 0.42 -55.75 28.28
N GLY B 1101 -0.36 -56.83 28.26
CA GLY B 1101 -1.62 -56.89 29.04
C GLY B 1101 -1.37 -56.76 30.53
N GLN B 1102 -2.30 -56.09 31.24
CA GLN B 1102 -2.12 -55.86 32.70
C GLN B 1102 -2.08 -57.21 33.41
N GLY B 1103 -1.22 -57.36 34.42
CA GLY B 1103 -1.05 -58.66 35.09
C GLY B 1103 -0.07 -59.52 34.31
N THR B 1104 0.16 -60.77 34.75
CA THR B 1104 1.04 -61.67 33.98
C THR B 1104 0.38 -61.97 32.62
N HIS B 1105 1.15 -61.90 31.53
CA HIS B 1105 0.58 -62.14 30.17
C HIS B 1105 1.01 -63.51 29.67
N ILE B 1106 0.06 -64.45 29.57
CA ILE B 1106 0.36 -65.83 29.09
C ILE B 1106 0.77 -65.75 27.61
N VAL B 1107 -0.18 -65.40 26.74
CA VAL B 1107 0.11 -65.31 25.27
C VAL B 1107 -0.49 -64.02 24.71
N SER B 1108 0.12 -63.45 23.67
CA SER B 1108 -0.43 -62.23 23.02
C SER B 1108 -0.61 -62.48 21.52
N PHE B 1109 -1.76 -62.11 20.96
CA PHE B 1109 -2.04 -62.34 19.53
C PHE B 1109 -2.19 -61.00 18.81
N VAL B 1110 -1.50 -60.82 17.67
CA VAL B 1110 -1.54 -59.50 16.97
C VAL B 1110 -2.24 -59.66 15.62
N VAL B 1111 -3.21 -58.77 15.34
CA VAL B 1111 -3.92 -58.79 14.02
C VAL B 1111 -3.85 -57.39 13.41
N ASN B 1112 -3.77 -57.29 12.09
CA ASN B 1112 -3.63 -55.97 11.42
C ASN B 1112 -4.89 -55.14 11.69
N ALA B 1113 -4.74 -53.82 11.81
CA ALA B 1113 -5.90 -52.92 12.06
C ALA B 1113 -5.91 -51.89 10.92
N PRO B 1114 -7.03 -51.20 10.61
CA PRO B 1114 -6.98 -50.25 9.50
C PRO B 1114 -5.91 -49.21 9.81
N ASN B 1115 -4.96 -49.01 8.88
CA ASN B 1115 -3.86 -48.02 9.08
C ASN B 1115 -3.14 -48.30 10.41
N GLY B 1116 -2.89 -49.58 10.74
CA GLY B 1116 -2.13 -49.87 11.97
C GLY B 1116 -2.11 -51.33 12.38
N LEU B 1117 -1.68 -51.61 13.60
CA LEU B 1117 -1.66 -53.01 14.13
C LEU B 1117 -2.49 -53.06 15.42
N TYR B 1118 -3.36 -54.06 15.57
CA TYR B 1118 -4.18 -54.20 16.80
C TYR B 1118 -3.69 -55.41 17.60
N PHE B 1119 -3.51 -55.24 18.91
CA PHE B 1119 -2.96 -56.34 19.74
C PHE B 1119 -4.04 -56.87 20.68
N MET B 1120 -4.05 -58.18 20.92
CA MET B 1120 -5.06 -58.81 21.82
C MET B 1120 -4.34 -59.71 22.83
N HIS B 1121 -3.68 -59.10 23.82
CA HIS B 1121 -2.92 -59.86 24.85
C HIS B 1121 -3.88 -60.56 25.80
N VAL B 1122 -3.43 -61.64 26.47
CA VAL B 1122 -4.29 -62.33 27.49
C VAL B 1122 -3.74 -61.98 28.87
N GLY B 1123 -4.58 -61.50 29.78
CA GLY B 1123 -4.09 -61.05 31.10
C GLY B 1123 -4.61 -61.90 32.25
N TYR B 1124 -3.71 -62.32 33.15
CA TYR B 1124 -4.12 -63.13 34.32
C TYR B 1124 -4.34 -62.19 35.51
N TYR B 1125 -5.50 -62.30 36.17
CA TYR B 1125 -5.76 -61.47 37.38
C TYR B 1125 -6.11 -62.39 38.55
N PRO B 1126 -5.45 -62.29 39.73
CA PRO B 1126 -5.74 -63.20 40.82
C PRO B 1126 -7.19 -63.03 41.27
N SER B 1127 -7.65 -61.79 41.47
CA SER B 1127 -9.07 -61.48 41.81
C SER B 1127 -9.43 -61.94 43.23
N ASN B 1128 -8.47 -62.56 43.93
CA ASN B 1128 -8.70 -63.01 45.33
C ASN B 1128 -7.35 -63.11 46.04
N HIS B 1129 -7.26 -62.67 47.30
CA HIS B 1129 -6.02 -62.85 48.07
C HIS B 1129 -6.35 -63.37 49.48
N ILE B 1130 -5.68 -64.46 49.91
CA ILE B 1130 -5.92 -65.02 51.27
C ILE B 1130 -4.60 -65.01 52.03
N GLU B 1131 -4.59 -64.47 53.25
CA GLU B 1131 -3.33 -64.35 54.01
C GLU B 1131 -2.90 -65.73 54.52
N VAL B 1132 -1.67 -66.14 54.24
CA VAL B 1132 -1.13 -67.43 54.76
C VAL B 1132 0.20 -67.14 55.47
N VAL B 1133 0.34 -67.55 56.73
CA VAL B 1133 1.66 -67.38 57.42
C VAL B 1133 2.66 -68.35 56.78
N SER B 1134 3.89 -67.90 56.51
CA SER B 1134 4.86 -68.77 55.79
C SER B 1134 6.24 -68.74 56.46
N ALA B 1135 7.04 -69.79 56.26
CA ALA B 1135 8.39 -69.85 56.88
C ALA B 1135 9.45 -69.82 55.77
N TYR B 1136 10.66 -69.36 56.10
CA TYR B 1136 11.77 -69.38 55.11
C TYR B 1136 12.45 -70.75 55.17
N GLY B 1137 11.77 -71.79 54.67
CA GLY B 1137 12.36 -73.15 54.67
C GLY B 1137 12.79 -73.59 56.06
N LEU B 1138 14.01 -74.14 56.18
CA LEU B 1138 14.53 -74.60 57.49
C LEU B 1138 16.06 -74.63 57.44
N CYS B 1139 16.74 -74.52 58.59
CA CYS B 1139 18.23 -74.64 58.62
C CYS B 1139 18.58 -75.84 59.51
N ASP B 1140 19.48 -76.71 59.03
CA ASP B 1140 19.82 -77.93 59.80
C ASP B 1140 21.33 -78.10 59.84
N ALA B 1141 21.86 -78.81 60.84
CA ALA B 1141 23.30 -79.10 60.90
C ALA B 1141 23.70 -79.92 59.66
N ALA B 1142 22.82 -80.85 59.27
CA ALA B 1142 23.07 -81.67 58.05
C ALA B 1142 23.10 -80.75 56.82
N ASN B 1143 23.88 -81.12 55.81
CA ASN B 1143 24.03 -80.24 54.60
C ASN B 1143 22.68 -80.01 53.90
N PRO B 1144 21.78 -81.00 53.69
CA PRO B 1144 20.48 -80.70 53.10
C PRO B 1144 19.67 -79.72 53.96
N THR B 1145 19.11 -78.68 53.34
CA THR B 1145 18.34 -77.66 54.09
C THR B 1145 17.08 -77.30 53.28
N ASN B 1146 15.95 -77.06 53.96
CA ASN B 1146 14.71 -76.63 53.26
C ASN B 1146 14.88 -75.18 52.78
N CYS B 1147 14.27 -74.83 51.64
CA CYS B 1147 14.43 -73.46 51.08
C CYS B 1147 13.08 -72.93 50.62
N ILE B 1148 12.90 -71.61 50.61
CA ILE B 1148 11.65 -71.01 50.07
C ILE B 1148 11.56 -71.37 48.59
N ALA B 1149 12.69 -71.37 47.88
CA ALA B 1149 12.71 -71.77 46.45
C ALA B 1149 11.81 -70.81 45.64
N PRO B 1150 10.70 -71.17 44.94
CA PRO B 1150 9.91 -70.18 44.18
C PRO B 1150 9.19 -69.14 45.06
N VAL B 1151 7.86 -69.13 45.05
CA VAL B 1151 7.14 -68.07 45.80
C VAL B 1151 6.95 -68.48 47.27
N ASN B 1152 7.97 -68.26 48.10
CA ASN B 1152 7.83 -68.50 49.57
C ASN B 1152 7.28 -69.89 49.89
N GLY B 1153 7.88 -70.95 49.34
CA GLY B 1153 7.44 -72.33 49.62
C GLY B 1153 7.95 -72.84 50.96
N TYR B 1154 7.57 -74.06 51.35
CA TYR B 1154 7.95 -74.62 52.68
C TYR B 1154 7.45 -73.72 53.81
N PHE B 1155 6.16 -73.41 53.82
CA PHE B 1155 5.56 -72.53 54.85
C PHE B 1155 5.54 -73.23 56.22
N ILE B 1156 5.39 -72.45 57.29
CA ILE B 1156 5.40 -73.02 58.68
C ILE B 1156 4.18 -73.91 58.88
N LYS B 1157 4.23 -74.84 59.86
CA LYS B 1157 3.13 -75.82 60.06
C LYS B 1157 3.03 -76.68 58.79
N THR B 1158 1.84 -76.80 58.21
CA THR B 1158 1.75 -77.54 56.92
C THR B 1158 2.60 -76.78 55.88
N ASN B 1159 3.41 -77.50 55.10
CA ASN B 1159 4.32 -76.79 54.16
C ASN B 1159 3.53 -76.39 52.91
N ASN B 1160 3.53 -75.09 52.58
CA ASN B 1160 2.82 -74.62 51.37
C ASN B 1160 3.75 -74.69 50.16
N THR B 1161 4.26 -75.90 49.85
CA THR B 1161 5.06 -76.05 48.60
C THR B 1161 4.11 -75.79 47.43
N ARG B 1162 2.87 -76.25 47.53
CA ARG B 1162 1.85 -75.96 46.48
C ARG B 1162 1.62 -74.45 46.47
N ILE B 1163 1.38 -73.87 45.29
CA ILE B 1163 1.28 -72.38 45.20
C ILE B 1163 0.06 -72.00 44.36
N VAL B 1164 -0.39 -70.74 44.46
CA VAL B 1164 -1.57 -70.24 43.69
C VAL B 1164 -2.82 -71.06 44.04
N ASP B 1165 -3.35 -71.85 43.10
CA ASP B 1165 -4.63 -72.57 43.34
C ASP B 1165 -4.50 -73.57 44.49
N GLU B 1166 -3.38 -74.30 44.56
CA GLU B 1166 -3.24 -75.34 45.61
C GLU B 1166 -2.63 -74.72 46.88
N TRP B 1167 -3.34 -74.82 48.01
CA TRP B 1167 -2.87 -74.19 49.27
C TRP B 1167 -1.59 -74.86 49.80
N SER B 1168 -1.54 -76.19 49.82
CA SER B 1168 -0.37 -76.88 50.43
C SER B 1168 -0.08 -78.23 49.74
N TYR B 1169 1.19 -78.65 49.73
CA TYR B 1169 1.57 -79.96 49.13
C TYR B 1169 2.74 -80.54 49.94
N THR B 1170 2.84 -81.86 50.03
CA THR B 1170 4.00 -82.50 50.71
C THR B 1170 5.27 -82.18 49.91
N GLY B 1171 6.40 -81.95 50.57
CA GLY B 1171 7.59 -81.52 49.81
C GLY B 1171 8.04 -82.58 48.82
N SER B 1172 8.19 -82.20 47.54
CA SER B 1172 8.67 -83.12 46.49
C SER B 1172 10.14 -83.49 46.74
N SER B 1173 10.95 -82.56 47.24
CA SER B 1173 12.41 -82.73 47.48
C SER B 1173 13.17 -82.25 46.24
N PHE B 1174 12.46 -82.05 45.13
CA PHE B 1174 13.10 -81.42 43.93
C PHE B 1174 12.62 -79.98 43.92
N TYR B 1175 11.61 -79.68 44.74
CA TYR B 1175 11.03 -78.32 44.81
C TYR B 1175 12.06 -77.32 45.32
N ALA B 1176 12.82 -77.69 46.35
CA ALA B 1176 13.75 -76.71 46.97
C ALA B 1176 15.21 -77.18 46.94
N PRO B 1177 16.17 -76.34 46.49
CA PRO B 1177 17.59 -76.69 46.54
C PRO B 1177 18.09 -76.48 47.98
N GLU B 1178 19.30 -76.95 48.30
CA GLU B 1178 19.86 -76.72 49.67
C GLU B 1178 20.58 -75.37 49.68
N PRO B 1179 20.05 -74.34 50.39
CA PRO B 1179 20.73 -73.05 50.50
C PRO B 1179 21.82 -73.03 51.60
N ILE B 1180 22.75 -72.08 51.51
CA ILE B 1180 23.76 -71.95 52.60
C ILE B 1180 23.01 -71.50 53.87
N THR B 1181 23.45 -71.94 55.04
CA THR B 1181 22.71 -71.63 56.29
C THR B 1181 22.63 -70.11 56.49
N SER B 1182 21.51 -69.61 57.03
CA SER B 1182 21.31 -68.15 57.21
C SER B 1182 21.08 -67.83 58.70
N LEU B 1183 21.29 -66.58 59.11
CA LEU B 1183 21.21 -66.24 60.56
C LEU B 1183 19.81 -66.51 61.12
N ASN B 1184 19.72 -67.09 62.32
CA ASN B 1184 18.45 -67.42 63.04
C ASN B 1184 18.71 -68.68 63.85
N THR B 1185 17.71 -69.21 64.55
CA THR B 1185 17.91 -70.50 65.26
C THR B 1185 17.13 -71.60 64.54
N LYS B 1186 17.83 -72.52 63.87
CA LYS B 1186 17.18 -73.70 63.22
C LYS B 1186 16.40 -73.30 61.95
N TYR B 1187 16.53 -72.07 61.47
CA TYR B 1187 15.72 -71.62 60.30
C TYR B 1187 16.50 -70.59 59.47
N VAL B 1188 16.16 -70.45 58.18
CA VAL B 1188 16.80 -69.39 57.35
C VAL B 1188 16.36 -68.03 57.91
N ALA B 1189 15.09 -67.91 58.30
CA ALA B 1189 14.54 -66.65 58.83
C ALA B 1189 15.58 -65.92 59.69
N TYR C 1 8.52 43.15 21.81
CA TYR C 1 9.65 42.42 22.44
C TYR C 1 9.85 42.95 23.88
N VAL C 2 10.93 42.51 24.54
CA VAL C 2 11.23 42.95 25.93
C VAL C 2 12.69 43.41 25.97
N ASP C 3 13.05 44.25 26.95
CA ASP C 3 14.48 44.64 27.09
C ASP C 3 15.03 44.01 28.37
N VAL C 4 16.07 43.17 28.24
CA VAL C 4 16.66 42.48 29.42
C VAL C 4 17.28 43.52 30.36
N GLY C 5 17.97 44.52 29.80
CA GLY C 5 18.61 45.57 30.62
C GLY C 5 18.84 46.84 29.82
N PRO C 6 19.04 48.01 30.46
CA PRO C 6 19.35 49.25 29.75
C PRO C 6 20.72 49.15 29.06
N ASP C 7 20.89 49.84 27.93
CA ASP C 7 22.16 49.72 27.17
C ASP C 7 23.33 50.19 28.05
N SER C 8 24.46 49.48 27.98
CA SER C 8 25.62 49.81 28.85
C SER C 8 26.16 51.22 28.55
N VAL C 9 26.54 51.97 29.59
CA VAL C 9 27.09 53.34 29.40
C VAL C 9 28.63 53.27 29.34
N LYS C 10 29.19 52.06 29.44
CA LYS C 10 30.68 51.91 29.47
C LYS C 10 31.26 52.45 28.16
N SER C 11 32.31 53.27 28.23
CA SER C 11 32.96 53.79 27.01
C SER C 11 33.59 52.64 26.21
N ALA C 12 34.23 51.69 26.90
CA ALA C 12 34.88 50.55 26.23
C ALA C 12 34.74 49.29 27.08
N CYS C 13 34.78 48.11 26.45
CA CYS C 13 34.71 46.82 27.20
C CYS C 13 35.99 46.62 28.01
N ILE C 14 35.89 45.99 29.18
CA ILE C 14 37.09 45.80 30.06
C ILE C 14 38.12 44.92 29.35
N GLU C 15 39.41 45.20 29.57
CA GLU C 15 40.50 44.43 28.91
C GLU C 15 40.46 42.97 29.36
N VAL C 16 40.69 42.04 28.44
CA VAL C 16 40.70 40.58 28.78
C VAL C 16 42.02 39.97 28.33
N ASP C 17 42.67 39.18 29.19
CA ASP C 17 43.94 38.51 28.83
C ASP C 17 43.68 37.01 28.63
N ILE C 18 44.09 36.45 27.50
CA ILE C 18 43.79 35.02 27.20
C ILE C 18 45.08 34.19 27.32
N GLN C 19 45.13 33.24 28.26
CA GLN C 19 46.31 32.33 28.33
C GLN C 19 45.79 30.89 28.30
N GLN C 20 45.99 30.20 27.18
CA GLN C 20 45.49 28.80 27.03
C GLN C 20 46.23 27.86 27.99
N THR C 21 47.54 28.04 28.15
CA THR C 21 48.34 27.09 28.96
C THR C 21 47.88 27.06 30.42
N PHE C 22 47.61 28.22 31.02
CA PHE C 22 47.22 28.25 32.45
C PHE C 22 45.88 27.52 32.63
N PHE C 23 44.92 27.78 31.74
CA PHE C 23 43.57 27.15 31.83
C PHE C 23 43.69 25.63 31.63
N ASP C 24 44.53 25.19 30.70
CA ASP C 24 44.60 23.73 30.39
C ASP C 24 45.10 22.98 31.62
N LYS C 25 44.41 21.90 32.00
CA LYS C 25 44.80 21.07 33.17
C LYS C 25 44.55 19.61 32.82
N THR C 26 45.27 18.66 33.44
CA THR C 26 44.97 17.23 33.20
C THR C 26 43.98 16.74 34.27
N TRP C 27 42.69 16.71 33.95
CA TRP C 27 41.66 16.22 34.91
C TRP C 27 40.69 15.28 34.18
N PRO C 28 41.06 14.02 33.85
CA PRO C 28 40.17 13.14 33.10
C PRO C 28 38.92 12.80 33.92
N ARG C 29 37.73 12.91 33.31
CA ARG C 29 36.46 12.64 34.03
C ARG C 29 35.55 11.74 33.19
N PRO C 30 35.79 10.40 33.07
CA PRO C 30 34.95 9.58 32.19
C PRO C 30 33.53 9.43 32.75
N ILE C 31 32.51 9.74 31.95
CA ILE C 31 31.10 9.55 32.40
C ILE C 31 30.90 8.05 32.64
N ASP C 32 30.27 7.69 33.77
CA ASP C 32 30.11 6.24 34.11
C ASP C 32 28.63 5.86 34.06
N VAL C 33 28.26 4.94 33.16
CA VAL C 33 26.85 4.46 33.05
C VAL C 33 26.46 3.73 34.34
N SER C 34 27.42 3.02 34.96
N SER C 34 27.40 2.99 34.94
CA SER C 34 27.12 2.26 36.20
CA SER C 34 27.13 2.26 36.20
C SER C 34 26.80 3.23 37.34
C SER C 34 26.76 3.25 37.31
N LYS C 35 27.45 4.41 37.33
CA LYS C 35 27.17 5.43 38.37
C LYS C 35 26.05 6.35 37.86
N ALA C 36 25.44 6.00 36.73
CA ALA C 36 24.32 6.80 36.15
C ALA C 36 24.72 8.28 36.05
N ASP C 37 25.97 8.54 35.67
CA ASP C 37 26.45 9.94 35.54
C ASP C 37 25.80 10.58 34.30
N GLY C 38 25.21 11.77 34.47
CA GLY C 38 24.61 12.50 33.33
C GLY C 38 23.57 11.69 32.58
N ILE C 39 22.75 10.91 33.30
CA ILE C 39 21.70 10.08 32.64
C ILE C 39 20.32 10.65 32.98
N ILE C 40 19.51 10.92 31.97
CA ILE C 40 18.17 11.55 32.19
C ILE C 40 17.15 10.48 32.58
N TYR C 41 16.39 10.70 33.65
CA TYR C 41 15.31 9.75 34.05
C TYR C 41 14.23 9.78 32.96
N PRO C 42 13.60 8.65 32.57
CA PRO C 42 12.62 8.69 31.48
C PRO C 42 11.46 9.62 31.87
N GLN C 43 11.19 10.63 31.04
CA GLN C 43 10.13 11.61 31.38
C GLN C 43 8.75 10.96 31.24
N GLY C 44 8.61 10.01 30.31
CA GLY C 44 7.27 9.43 30.04
C GLY C 44 6.64 8.71 31.22
N ARG C 45 7.37 7.86 31.94
CA ARG C 45 6.73 7.06 33.03
C ARG C 45 7.68 6.86 34.20
N THR C 46 7.15 6.83 35.43
CA THR C 46 7.99 6.50 36.61
C THR C 46 8.07 4.97 36.71
N TYR C 47 9.08 4.44 37.40
CA TYR C 47 9.25 2.96 37.50
C TYR C 47 9.52 2.55 38.95
N SER C 48 9.21 1.30 39.29
CA SER C 48 9.40 0.80 40.68
C SER C 48 10.69 -0.01 40.77
N ASN C 49 10.70 -1.08 41.58
CA ASN C 49 11.90 -1.93 41.77
C ASN C 49 12.27 -2.62 40.44
N ILE C 50 11.29 -2.78 39.54
CA ILE C 50 11.53 -3.52 38.26
C ILE C 50 12.64 -2.83 37.44
N THR C 51 13.47 -3.62 36.76
CA THR C 51 14.56 -3.07 35.91
C THR C 51 14.16 -3.26 34.45
N ILE C 52 14.09 -2.16 33.67
CA ILE C 52 13.62 -2.25 32.26
C ILE C 52 14.58 -1.49 31.33
N THR C 53 14.74 -1.96 30.10
CA THR C 53 15.59 -1.22 29.11
C THR C 53 14.84 0.02 28.61
N TYR C 54 15.55 1.13 28.38
CA TYR C 54 14.93 2.36 27.85
C TYR C 54 15.78 2.92 26.70
N GLN C 55 15.14 3.50 25.69
CA GLN C 55 15.90 4.11 24.57
C GLN C 55 15.81 5.64 24.67
N GLY C 56 16.95 6.32 24.79
CA GLY C 56 16.97 7.79 24.93
C GLY C 56 18.33 8.35 24.56
N LEU C 57 18.46 9.67 24.41
CA LEU C 57 19.80 10.25 24.18
C LEU C 57 20.64 9.98 25.43
N PHE C 58 21.85 9.44 25.28
CA PHE C 58 22.68 9.08 26.46
C PHE C 58 24.15 9.42 26.21
N PRO C 59 24.95 9.77 27.24
CA PRO C 59 26.38 10.02 27.06
C PRO C 59 27.15 8.71 26.82
N TYR C 60 28.26 8.78 26.07
CA TYR C 60 29.09 7.58 25.82
C TYR C 60 29.71 7.09 27.13
N GLN C 61 29.76 5.76 27.32
CA GLN C 61 30.35 5.18 28.56
C GLN C 61 31.87 5.40 28.56
N GLY C 62 32.44 5.70 29.74
CA GLY C 62 33.91 5.86 29.86
C GLY C 62 34.45 6.94 28.94
N ASP C 63 33.72 8.04 28.79
CA ASP C 63 34.16 9.11 27.86
C ASP C 63 34.60 10.33 28.67
N HIS C 64 35.87 10.73 28.53
CA HIS C 64 36.37 11.96 29.21
C HIS C 64 35.64 13.17 28.63
N GLY C 65 35.37 13.14 27.32
CA GLY C 65 34.66 14.25 26.65
C GLY C 65 35.43 15.55 26.74
N ASP C 66 34.76 16.64 27.13
CA ASP C 66 35.43 17.97 27.15
C ASP C 66 35.42 18.52 28.58
N MET C 67 36.57 19.00 29.05
CA MET C 67 36.68 19.57 30.42
C MET C 67 37.08 21.05 30.33
N TYR C 68 36.36 21.94 31.03
CA TYR C 68 36.65 23.39 30.97
C TYR C 68 36.66 23.96 32.40
N VAL C 69 37.39 25.05 32.62
CA VAL C 69 37.52 25.62 34.00
C VAL C 69 37.42 27.15 33.92
N TYR C 70 37.06 27.81 35.03
CA TYR C 70 36.98 29.29 35.08
C TYR C 70 38.03 29.80 36.08
N SER C 71 38.76 30.87 35.75
CA SER C 71 39.86 31.34 36.62
C SER C 71 39.70 32.81 37.00
N ALA C 72 40.25 33.22 38.15
CA ALA C 72 40.14 34.62 38.61
C ALA C 72 40.98 35.53 37.72
N GLY C 73 40.64 36.83 37.65
CA GLY C 73 41.36 37.77 36.78
C GLY C 73 42.75 38.13 37.28
N HIS C 74 43.64 38.58 36.38
CA HIS C 74 44.99 39.02 36.81
C HIS C 74 44.81 40.18 37.78
N ALA C 75 45.59 40.22 38.87
CA ALA C 75 45.37 41.26 39.90
C ALA C 75 46.67 41.72 40.54
N THR C 76 46.73 42.99 40.97
CA THR C 76 47.91 43.48 41.74
C THR C 76 47.62 43.16 43.21
N GLY C 77 48.50 43.54 44.13
CA GLY C 77 48.29 43.16 45.54
C GLY C 77 46.98 43.70 46.08
N THR C 78 46.64 44.96 45.76
CA THR C 78 45.40 45.57 46.29
C THR C 78 44.34 45.79 45.20
N THR C 79 44.73 45.82 43.93
CA THR C 79 43.75 46.15 42.85
C THR C 79 43.77 45.11 41.73
N PRO C 80 42.63 44.49 41.34
CA PRO C 80 42.59 43.58 40.19
C PRO C 80 42.89 44.29 38.85
N GLN C 81 43.60 43.61 37.96
CA GLN C 81 43.94 44.21 36.63
C GLN C 81 42.97 43.65 35.57
N LYS C 82 43.50 43.31 34.39
CA LYS C 82 42.65 42.79 33.28
C LYS C 82 42.03 41.45 33.68
N LEU C 83 40.80 41.20 33.22
CA LEU C 83 40.11 39.91 33.52
C LEU C 83 40.88 38.78 32.83
N PHE C 84 40.94 37.60 33.46
CA PHE C 84 41.65 36.43 32.88
C PHE C 84 40.61 35.49 32.27
N VAL C 85 40.67 35.28 30.95
CA VAL C 85 39.63 34.44 30.27
C VAL C 85 40.29 33.42 29.36
N ALA C 86 39.58 32.33 29.05
CA ALA C 86 40.12 31.27 28.17
C ALA C 86 39.72 31.53 26.71
N ASN C 87 40.06 30.58 25.82
CA ASN C 87 39.73 30.72 24.37
C ASN C 87 38.47 29.92 24.07
N TYR C 88 37.68 29.55 25.09
CA TYR C 88 36.48 28.70 24.89
C TYR C 88 35.49 29.40 23.95
N SER C 89 35.33 30.71 24.09
CA SER C 89 34.38 31.47 23.24
C SER C 89 34.78 31.35 21.76
N GLN C 90 36.09 31.42 21.47
CA GLN C 90 36.58 31.31 20.08
C GLN C 90 36.23 29.93 19.52
N ASP C 91 36.34 28.89 20.34
CA ASP C 91 36.06 27.49 19.89
C ASP C 91 34.59 27.37 19.51
N VAL C 92 34.29 26.66 18.42
CA VAL C 92 32.89 26.47 17.96
C VAL C 92 32.56 24.97 18.05
N LYS C 93 31.40 24.62 18.62
CA LYS C 93 31.03 23.20 18.80
C LYS C 93 29.64 22.97 18.19
N GLN C 94 29.31 21.72 17.85
CA GLN C 94 28.01 21.44 17.15
C GLN C 94 27.00 20.84 18.13
N PHE C 95 25.82 21.45 18.26
CA PHE C 95 24.74 20.93 19.14
C PHE C 95 23.94 19.88 18.37
N ALA C 96 24.57 18.76 17.98
CA ALA C 96 23.87 17.75 17.16
C ALA C 96 22.74 17.08 17.95
N ASN C 97 22.99 16.65 19.19
CA ASN C 97 21.97 15.92 19.99
C ASN C 97 21.81 16.56 21.37
N GLY C 98 22.52 17.64 21.65
CA GLY C 98 22.48 18.23 23.01
C GLY C 98 23.60 17.70 23.89
N PHE C 99 23.88 18.38 25.01
CA PHE C 99 25.02 17.97 25.86
C PHE C 99 24.64 17.99 27.34
N VAL C 100 25.37 17.22 28.17
CA VAL C 100 25.11 17.20 29.64
C VAL C 100 26.32 17.82 30.35
N VAL C 101 26.08 18.64 31.39
CA VAL C 101 27.20 19.36 32.07
C VAL C 101 27.41 18.81 33.48
N ARG C 102 28.68 18.74 33.94
CA ARG C 102 28.99 18.28 35.31
C ARG C 102 29.37 19.53 36.12
N ILE C 103 28.67 19.81 37.22
CA ILE C 103 28.94 21.08 37.97
C ILE C 103 29.33 20.75 39.42
N GLY C 104 30.37 21.39 39.95
CA GLY C 104 30.78 21.18 41.35
C GLY C 104 31.54 19.88 41.56
N ALA C 105 32.09 19.30 40.49
CA ALA C 105 32.82 18.02 40.58
C ALA C 105 34.05 18.17 41.47
N ALA C 106 34.79 19.28 41.34
CA ALA C 106 36.05 19.45 42.11
C ALA C 106 35.77 20.13 43.45
N ALA C 107 34.51 20.51 43.72
CA ALA C 107 34.16 21.22 44.97
C ALA C 107 34.31 20.29 46.17
N ASN C 108 34.51 20.84 47.37
CA ASN C 108 34.68 20.04 48.62
C ASN C 108 36.11 19.49 48.70
N SER C 109 37.02 20.00 47.86
CA SER C 109 38.45 19.58 47.90
C SER C 109 39.32 20.84 47.82
N THR C 110 40.59 20.74 48.22
CA THR C 110 41.51 21.91 48.15
C THR C 110 42.48 21.71 46.98
N GLY C 111 42.57 22.70 46.08
CA GLY C 111 43.44 22.59 44.89
C GLY C 111 44.13 23.90 44.56
N THR C 112 45.23 23.85 43.81
CA THR C 112 45.96 25.08 43.41
C THR C 112 45.05 25.94 42.53
N VAL C 113 45.09 27.26 42.71
CA VAL C 113 44.25 28.19 41.90
C VAL C 113 44.71 28.10 40.44
N ILE C 114 43.78 28.19 39.48
CA ILE C 114 44.15 28.01 38.04
C ILE C 114 45.11 29.12 37.60
N ILE C 115 44.85 30.37 38.00
CA ILE C 115 45.70 31.50 37.53
C ILE C 115 47.13 31.35 38.08
N SER C 116 47.28 30.99 39.36
CA SER C 116 48.62 30.87 39.97
C SER C 116 48.81 29.46 40.55
N PRO C 117 49.80 28.67 40.08
CA PRO C 117 50.06 27.34 40.63
C PRO C 117 50.49 27.41 42.09
N SER C 118 51.33 28.40 42.43
CA SER C 118 51.85 28.53 43.83
C SER C 118 50.68 28.78 44.80
N THR C 119 49.73 29.64 44.41
CA THR C 119 48.57 29.95 45.29
C THR C 119 47.67 28.72 45.39
N SER C 120 47.23 28.36 46.59
CA SER C 120 46.30 27.22 46.77
C SER C 120 45.09 27.66 47.60
N ALA C 121 43.87 27.33 47.15
CA ALA C 121 42.65 27.69 47.91
C ALA C 121 41.66 26.53 47.85
N THR C 122 40.73 26.45 48.81
CA THR C 122 39.70 25.39 48.74
C THR C 122 38.87 25.58 47.46
N ILE C 123 38.65 24.50 46.71
CA ILE C 123 37.87 24.59 45.44
C ILE C 123 36.40 24.83 45.78
N ARG C 124 35.74 25.71 45.03
CA ARG C 124 34.31 26.03 45.30
C ARG C 124 33.51 25.81 44.01
N LYS C 125 32.27 25.34 44.13
CA LYS C 125 31.43 25.05 42.93
C LYS C 125 31.18 26.35 42.17
N ILE C 126 31.27 26.31 40.84
CA ILE C 126 31.01 27.51 39.99
C ILE C 126 30.06 27.09 38.86
N TYR C 127 29.26 28.01 38.34
CA TYR C 127 28.25 27.63 37.30
C TYR C 127 28.72 28.12 35.92
N PRO C 128 28.81 27.23 34.91
CA PRO C 128 29.24 27.60 33.56
C PRO C 128 28.22 28.41 32.76
N ALA C 129 28.68 29.23 31.81
CA ALA C 129 27.77 30.04 30.96
C ALA C 129 27.84 29.53 29.52
N PHE C 130 26.70 29.29 28.88
CA PHE C 130 26.70 28.72 27.50
C PHE C 130 25.85 29.58 26.56
N MET C 131 26.25 29.64 25.29
CA MET C 131 25.44 30.37 24.28
C MET C 131 25.02 29.38 23.20
N LEU C 132 23.72 29.27 22.90
CA LEU C 132 23.23 28.31 21.89
C LEU C 132 22.68 29.08 20.69
N GLY C 133 23.23 28.86 19.49
CA GLY C 133 22.81 29.64 18.32
C GLY C 133 22.48 28.76 17.13
N SER C 134 21.44 29.11 16.37
CA SER C 134 21.11 28.37 15.12
C SER C 134 22.26 28.51 14.13
N SER C 135 22.87 29.70 14.07
CA SER C 135 24.02 29.94 13.16
C SER C 135 25.15 30.64 13.95
N VAL C 136 26.39 30.58 13.45
CA VAL C 136 27.53 31.27 14.12
C VAL C 136 28.10 32.34 13.18
N GLY C 137 28.37 33.54 13.71
CA GLY C 137 28.94 34.63 12.90
C GLY C 137 30.30 35.05 13.43
N ASN C 138 31.28 35.30 12.55
CA ASN C 138 32.66 35.64 13.00
C ASN C 138 32.71 37.06 13.58
N PHE C 139 33.74 37.35 14.39
CA PHE C 139 33.92 38.70 14.97
C PHE C 139 34.33 39.66 13.85
N SER C 140 34.24 40.97 14.10
CA SER C 140 34.56 41.97 13.04
C SER C 140 36.02 41.82 12.61
N ASP C 141 36.92 41.52 13.56
CA ASP C 141 38.36 41.31 13.25
C ASP C 141 38.55 39.98 12.51
N GLY C 142 37.51 39.14 12.48
CA GLY C 142 37.59 37.84 11.78
C GLY C 142 37.82 36.68 12.73
N LYS C 143 37.91 36.95 14.04
CA LYS C 143 38.04 35.85 15.03
C LYS C 143 36.75 35.02 15.01
N MET C 144 36.86 33.69 15.13
CA MET C 144 35.67 32.79 15.08
C MET C 144 35.00 32.70 16.45
N GLY C 145 33.76 32.19 16.51
CA GLY C 145 33.11 31.97 17.82
C GLY C 145 32.31 33.14 18.36
N ARG C 146 32.17 34.23 17.61
CA ARG C 146 31.29 35.33 18.10
C ARG C 146 29.84 34.82 18.10
N PHE C 147 29.06 35.19 19.11
CA PHE C 147 27.63 34.79 19.13
C PHE C 147 26.92 35.47 17.95
N PHE C 148 26.05 34.75 17.25
CA PHE C 148 25.34 35.31 16.07
C PHE C 148 23.99 35.90 16.51
N ASN C 149 23.23 36.42 15.55
CA ASN C 149 21.88 36.99 15.84
C ASN C 149 20.95 35.85 16.27
N HIS C 150 19.93 36.16 17.08
CA HIS C 150 18.96 35.14 17.56
C HIS C 150 19.70 33.99 18.26
N THR C 151 20.61 34.31 19.18
CA THR C 151 21.34 33.26 19.95
C THR C 151 20.84 33.23 21.39
N LEU C 152 20.39 32.07 21.86
CA LEU C 152 19.96 31.92 23.28
C LEU C 152 21.21 31.98 24.16
N VAL C 153 21.16 32.73 25.27
CA VAL C 153 22.32 32.77 26.20
C VAL C 153 21.85 32.39 27.61
N LEU C 154 22.56 31.47 28.26
CA LEU C 154 22.23 31.12 29.68
C LEU C 154 23.34 31.71 30.56
N LEU C 155 22.99 32.63 31.47
CA LEU C 155 24.04 33.29 32.28
C LEU C 155 23.71 33.17 33.77
N PRO C 156 24.58 32.57 34.61
CA PRO C 156 24.37 32.52 36.06
C PRO C 156 24.57 33.92 36.66
N ASP C 157 23.79 34.29 37.68
CA ASP C 157 23.88 35.66 38.24
C ASP C 157 23.81 35.61 39.77
N GLY C 158 24.27 36.68 40.44
CA GLY C 158 24.27 36.72 41.92
C GLY C 158 25.08 35.59 42.52
N CYS C 159 26.27 35.31 41.95
CA CYS C 159 27.12 34.19 42.42
C CYS C 159 26.33 32.88 42.32
N GLY C 160 25.52 32.72 41.28
CA GLY C 160 24.77 31.47 41.06
C GLY C 160 23.46 31.39 41.82
N THR C 161 23.06 32.48 42.50
CA THR C 161 21.73 32.50 43.19
C THR C 161 20.60 32.37 42.17
N LEU C 162 20.74 33.00 40.99
CA LEU C 162 19.70 32.90 39.94
C LEU C 162 20.36 32.61 38.58
N LEU C 163 19.61 32.00 37.66
CA LEU C 163 20.13 31.73 36.30
C LEU C 163 19.23 32.46 35.29
N ARG C 164 19.81 33.23 34.38
CA ARG C 164 19.00 34.02 33.41
C ARG C 164 19.20 33.46 32.01
N ALA C 165 18.11 33.02 31.37
CA ALA C 165 18.20 32.53 29.97
C ALA C 165 17.42 33.49 29.06
N PHE C 166 18.10 34.11 28.10
CA PHE C 166 17.43 35.10 27.22
C PHE C 166 17.73 34.81 25.75
N TYR C 167 16.70 34.85 24.90
CA TYR C 167 16.92 34.65 23.45
C TYR C 167 16.84 36.03 22.79
N CYS C 168 17.97 36.55 22.29
CA CYS C 168 17.98 37.94 21.77
C CYS C 168 18.91 38.06 20.54
N ILE C 169 18.69 39.06 19.70
CA ILE C 169 19.60 39.31 18.54
C ILE C 169 20.82 40.09 19.07
N LEU C 170 22.03 39.62 18.76
CA LEU C 170 23.26 40.32 19.21
C LEU C 170 23.40 41.65 18.47
N GLU C 171 23.76 42.73 19.17
CA GLU C 171 24.02 44.02 18.49
C GLU C 171 25.46 44.45 18.83
N PRO C 172 26.33 44.70 17.83
CA PRO C 172 27.74 45.00 18.10
C PRO C 172 28.00 46.38 18.75
N ARG C 173 29.06 46.48 19.56
CA ARG C 173 29.41 47.78 20.22
C ARG C 173 30.80 48.23 19.74
N SER C 174 30.95 49.52 19.41
CA SER C 174 32.22 50.03 18.82
C SER C 174 33.29 50.30 19.89
N GLY C 175 32.97 50.13 21.17
CA GLY C 175 33.96 50.34 22.24
C GLY C 175 35.12 49.35 22.14
N ASN C 176 36.33 49.76 22.54
CA ASN C 176 37.52 48.88 22.41
C ASN C 176 37.34 47.62 23.26
N HIS C 177 37.80 46.46 22.77
CA HIS C 177 37.69 45.15 23.49
C HIS C 177 36.29 44.56 23.30
N CYS C 178 35.43 45.23 22.53
CA CYS C 178 34.07 44.68 22.22
C CYS C 178 34.16 44.13 20.79
N PRO C 179 33.26 43.24 20.31
CA PRO C 179 33.44 42.61 19.00
C PRO C 179 33.55 43.60 17.83
N ALA C 180 32.66 44.60 17.75
CA ALA C 180 32.77 45.64 16.70
C ALA C 180 34.02 46.49 16.96
N GLY C 181 34.33 46.77 18.23
CA GLY C 181 35.45 47.68 18.58
C GLY C 181 36.82 47.12 18.24
N ASN C 182 37.79 48.01 18.05
CA ASN C 182 39.18 47.60 17.71
C ASN C 182 39.83 46.89 18.91
N SER C 183 40.83 46.04 18.65
CA SER C 183 41.54 45.31 19.75
C SER C 183 40.58 44.37 20.49
N TYR C 184 39.57 43.82 19.78
CA TYR C 184 38.66 42.83 20.40
C TYR C 184 39.44 41.55 20.69
N THR C 185 39.18 40.92 21.84
CA THR C 185 39.85 39.62 22.15
C THR C 185 38.80 38.50 22.15
N SER C 186 37.89 38.52 23.13
CA SER C 186 36.82 37.49 23.22
C SER C 186 35.66 38.04 24.06
N PHE C 187 34.45 37.48 23.91
CA PHE C 187 33.32 37.89 24.78
C PHE C 187 33.61 37.39 26.21
N ALA C 188 33.39 38.23 27.22
CA ALA C 188 33.74 37.84 28.60
C ALA C 188 32.72 38.38 29.61
N THR C 189 32.63 37.76 30.78
CA THR C 189 31.73 38.26 31.86
C THR C 189 32.54 38.34 33.15
N TYR C 190 32.34 39.39 33.96
CA TYR C 190 33.16 39.57 35.19
C TYR C 190 32.25 39.73 36.43
N HIS C 191 32.59 39.06 37.52
CA HIS C 191 31.79 39.17 38.78
C HIS C 191 32.73 39.49 39.94
N THR C 192 32.30 40.35 40.88
CA THR C 192 33.19 40.76 42.00
C THR C 192 32.66 40.17 43.31
N PRO C 193 33.47 39.38 44.06
CA PRO C 193 33.05 38.85 45.37
C PRO C 193 32.81 39.97 46.38
N ALA C 194 33.63 41.02 46.36
CA ALA C 194 33.53 42.10 47.36
C ALA C 194 32.16 42.79 47.27
N THR C 195 31.67 43.05 46.06
CA THR C 195 30.39 43.81 45.94
C THR C 195 29.23 42.89 45.56
N ASP C 196 29.37 42.12 44.48
CA ASP C 196 28.25 41.26 44.00
C ASP C 196 27.95 40.13 44.98
N CYS C 197 28.98 39.50 45.56
CA CYS C 197 28.73 38.31 46.43
C CYS C 197 28.63 38.70 47.92
N SER C 198 28.83 39.97 48.27
CA SER C 198 28.64 40.37 49.70
C SER C 198 27.17 40.23 50.07
N ASP C 199 26.89 39.79 51.30
CA ASP C 199 25.47 39.54 51.72
C ASP C 199 24.69 40.86 51.70
N GLY C 200 23.51 40.86 51.09
CA GLY C 200 22.65 42.07 51.07
C GLY C 200 23.06 43.03 49.98
N ASN C 201 24.14 42.72 49.26
CA ASN C 201 24.61 43.59 48.14
C ASN C 201 24.47 42.80 46.82
N TYR C 202 23.78 41.66 46.87
CA TYR C 202 23.61 40.82 45.65
C TYR C 202 22.84 41.61 44.60
N ASN C 203 23.27 41.52 43.33
CA ASN C 203 22.56 42.22 42.23
C ASN C 203 21.99 41.17 41.27
N ARG C 204 20.68 41.27 40.98
CA ARG C 204 20.03 40.30 40.06
C ARG C 204 20.64 40.42 38.66
N ASN C 205 21.02 41.63 38.24
CA ASN C 205 21.55 41.84 36.86
C ASN C 205 23.07 42.02 36.85
N ALA C 206 23.78 41.68 37.92
CA ALA C 206 25.24 41.96 37.96
C ALA C 206 25.99 41.25 36.83
N SER C 207 25.74 39.95 36.62
CA SER C 207 26.37 39.23 35.49
C SER C 207 25.86 39.81 34.17
N LEU C 208 24.56 40.11 34.10
CA LEU C 208 23.96 40.67 32.86
C LEU C 208 24.63 42.00 32.55
N ASN C 209 24.91 42.82 33.56
CA ASN C 209 25.51 44.15 33.32
C ASN C 209 26.87 43.98 32.65
N SER C 210 27.69 43.05 33.14
CA SER C 210 29.03 42.82 32.55
C SER C 210 28.90 42.34 31.10
N PHE C 211 27.98 41.40 30.86
CA PHE C 211 27.76 40.87 29.49
C PHE C 211 27.22 41.95 28.55
N LYS C 212 26.30 42.80 29.03
CA LYS C 212 25.67 43.83 28.17
C LYS C 212 26.72 44.87 27.75
N GLU C 213 27.78 45.04 28.55
CA GLU C 213 28.87 45.96 28.14
C GLU C 213 29.48 45.44 26.83
N TYR C 214 29.66 44.12 26.72
CA TYR C 214 30.29 43.54 25.50
C TYR C 214 29.42 43.76 24.26
N PHE C 215 28.10 43.53 24.39
CA PHE C 215 27.19 43.69 23.22
C PHE C 215 25.81 44.16 23.68
N ASN C 216 25.14 44.99 22.87
CA ASN C 216 23.75 45.41 23.19
C ASN C 216 22.81 44.24 22.86
N LEU C 217 21.70 44.12 23.59
CA LEU C 217 20.71 43.04 23.34
C LEU C 217 19.44 43.67 22.77
N ARG C 218 18.99 43.20 21.60
CA ARG C 218 17.80 43.81 20.94
C ARG C 218 16.87 42.69 20.44
N ASN C 219 15.58 43.00 20.25
CA ASN C 219 14.62 42.00 19.70
C ASN C 219 14.63 40.73 20.56
N CYS C 220 14.55 40.89 21.88
CA CYS C 220 14.53 39.70 22.79
C CYS C 220 13.13 39.09 22.77
N THR C 221 13.01 37.86 22.27
CA THR C 221 11.68 37.19 22.18
C THR C 221 11.13 36.94 23.58
N PHE C 222 11.96 36.47 24.52
CA PHE C 222 11.49 36.16 25.89
C PHE C 222 12.64 36.32 26.90
N MET C 223 12.31 36.58 28.17
CA MET C 223 13.34 36.63 29.24
C MET C 223 12.94 35.63 30.33
N TYR C 224 13.85 34.72 30.69
CA TYR C 224 13.51 33.66 31.68
C TYR C 224 14.50 33.71 32.84
N THR C 225 14.00 33.74 34.09
CA THR C 225 14.90 33.70 35.27
C THR C 225 14.51 32.52 36.16
N TYR C 226 15.49 31.67 36.52
CA TYR C 226 15.21 30.53 37.44
C TYR C 226 16.12 30.68 38.66
N ASN C 227 15.57 30.58 39.87
CA ASN C 227 16.39 30.81 41.08
C ASN C 227 16.82 29.45 41.65
N ILE C 228 18.14 29.20 41.70
CA ILE C 228 18.67 27.92 42.25
C ILE C 228 19.61 28.25 43.41
N THR C 229 19.40 27.63 44.58
CA THR C 229 20.33 27.84 45.71
C THR C 229 21.69 27.26 45.32
N GLU C 230 22.79 27.96 45.64
CA GLU C 230 24.14 27.42 45.35
C GLU C 230 24.34 26.13 46.15
N ASP C 231 24.85 25.07 45.52
CA ASP C 231 24.99 23.77 46.22
C ASP C 231 26.42 23.25 46.14
N GLU C 232 27.03 22.92 47.28
CA GLU C 232 28.40 22.33 47.29
C GLU C 232 28.33 20.95 46.63
N ILE C 233 27.24 20.21 46.85
CA ILE C 233 27.11 18.82 46.30
C ILE C 233 27.14 18.85 44.77
N LEU C 234 27.73 17.81 44.16
CA LEU C 234 27.84 17.75 42.68
C LEU C 234 26.44 17.80 42.05
N GLU C 235 26.28 18.57 40.97
CA GLU C 235 24.97 18.72 40.30
C GLU C 235 25.13 18.49 38.80
N TRP C 236 24.08 17.98 38.13
CA TRP C 236 24.15 17.72 36.68
C TRP C 236 23.11 18.56 35.94
N PHE C 237 23.52 19.25 34.88
CA PHE C 237 22.57 20.05 34.07
C PHE C 237 22.51 19.49 32.65
N GLY C 238 21.30 19.22 32.14
CA GLY C 238 21.16 18.64 30.79
C GLY C 238 20.49 19.62 29.84
N ILE C 239 21.07 19.83 28.66
CA ILE C 239 20.45 20.72 27.64
C ILE C 239 20.17 19.90 26.38
N THR C 240 18.93 19.92 25.88
CA THR C 240 18.60 19.21 24.63
C THR C 240 17.60 20.06 23.83
N GLN C 241 17.50 19.84 22.52
CA GLN C 241 16.56 20.61 21.68
C GLN C 241 15.46 19.67 21.15
N THR C 242 14.19 20.06 21.32
CA THR C 242 13.05 19.26 20.79
C THR C 242 12.21 20.18 19.91
N ALA C 243 11.40 19.61 19.01
CA ALA C 243 10.64 20.46 18.06
C ALA C 243 9.70 21.39 18.82
N GLN C 244 9.01 20.89 19.86
CA GLN C 244 8.06 21.74 20.61
C GLN C 244 8.82 22.86 21.32
N GLY C 245 9.93 22.54 21.98
CA GLY C 245 10.76 23.58 22.62
C GLY C 245 12.10 23.05 23.08
N VAL C 246 13.06 23.93 23.37
CA VAL C 246 14.36 23.48 23.96
C VAL C 246 14.09 23.03 25.40
N HIS C 247 14.64 21.89 25.82
CA HIS C 247 14.32 21.35 27.18
C HIS C 247 15.52 21.45 28.11
N LEU C 248 15.32 21.97 29.33
CA LEU C 248 16.41 22.09 30.32
C LEU C 248 16.17 21.11 31.47
N PHE C 249 17.19 20.33 31.84
CA PHE C 249 17.06 19.36 32.96
C PHE C 249 18.00 19.77 34.08
N SER C 250 17.50 19.86 35.32
CA SER C 250 18.40 20.18 36.46
C SER C 250 18.33 19.08 37.53
N SER C 251 19.47 18.50 37.89
CA SER C 251 19.51 17.49 38.98
C SER C 251 19.16 18.15 40.32
N ARG C 252 19.61 19.39 40.54
CA ARG C 252 19.41 20.05 41.86
C ARG C 252 17.92 20.14 42.20
N TYR C 253 17.06 20.40 41.21
CA TYR C 253 15.62 20.59 41.49
C TYR C 253 15.00 19.33 42.11
N VAL C 254 15.36 18.14 41.60
CA VAL C 254 14.69 16.90 42.12
C VAL C 254 15.68 16.01 42.89
N ASP C 255 16.81 15.66 42.27
CA ASP C 255 17.76 14.71 42.93
C ASP C 255 19.19 15.27 42.88
N LEU C 256 19.50 16.27 43.71
CA LEU C 256 20.84 16.90 43.67
C LEU C 256 21.91 15.87 44.03
N TYR C 257 21.68 15.09 45.10
CA TYR C 257 22.68 14.08 45.54
C TYR C 257 22.82 12.98 44.49
N GLY C 258 21.70 12.49 43.96
CA GLY C 258 21.73 11.43 42.93
C GLY C 258 22.38 11.87 41.64
N GLY C 259 22.12 13.11 41.21
CA GLY C 259 22.64 13.59 39.92
C GLY C 259 21.73 13.19 38.78
N ASN C 260 20.58 12.58 39.08
CA ASN C 260 19.60 12.19 38.04
C ASN C 260 19.03 13.47 37.41
N MET C 261 18.83 13.48 36.09
CA MET C 261 18.39 14.73 35.42
C MET C 261 16.86 14.72 35.22
N PHE C 262 16.17 15.75 35.73
CA PHE C 262 14.69 15.85 35.56
C PHE C 262 14.38 17.22 34.94
N GLN C 263 13.51 17.25 33.92
CA GLN C 263 13.22 18.53 33.22
C GLN C 263 12.57 19.50 34.21
N PHE C 264 13.06 20.74 34.28
CA PHE C 264 12.46 21.75 35.17
C PHE C 264 11.91 22.93 34.35
N ALA C 265 12.45 23.15 33.14
CA ALA C 265 12.04 24.33 32.35
C ALA C 265 11.99 24.00 30.86
N THR C 266 11.11 24.67 30.10
CA THR C 266 11.06 24.48 28.63
C THR C 266 11.16 25.87 27.97
N LEU C 267 12.02 26.00 26.95
CA LEU C 267 12.17 27.29 26.23
C LEU C 267 11.52 27.17 24.86
N PRO C 268 10.59 28.08 24.47
CA PRO C 268 9.89 27.94 23.19
C PRO C 268 10.70 28.48 22.01
N VAL C 269 11.80 27.80 21.67
CA VAL C 269 12.61 28.22 20.49
C VAL C 269 12.22 27.32 19.31
N TYR C 270 11.47 27.86 18.35
CA TYR C 270 10.98 27.06 17.20
C TYR C 270 12.17 26.59 16.34
N ASP C 271 13.14 27.49 16.10
CA ASP C 271 14.31 27.15 15.24
C ASP C 271 15.21 26.14 15.96
N THR C 272 15.74 25.16 15.22
CA THR C 272 16.69 24.18 15.83
C THR C 272 18.04 24.86 16.06
N ILE C 273 18.76 24.46 17.11
CA ILE C 273 20.12 25.01 17.35
C ILE C 273 21.15 23.92 17.01
N LYS C 274 22.08 24.21 16.10
CA LYS C 274 23.10 23.22 15.71
C LYS C 274 24.50 23.68 16.15
N TYR C 275 24.58 24.81 16.87
CA TYR C 275 25.89 25.35 17.32
C TYR C 275 25.83 25.73 18.79
N TYR C 276 26.76 25.22 19.60
CA TYR C 276 26.82 25.64 21.03
C TYR C 276 28.23 26.17 21.34
N SER C 277 28.33 27.19 22.21
CA SER C 277 29.66 27.80 22.52
C SER C 277 29.80 28.08 24.01
N ILE C 278 30.88 27.60 24.64
CA ILE C 278 31.14 27.87 26.09
C ILE C 278 31.49 29.36 26.23
N ILE C 279 31.05 30.00 27.32
CA ILE C 279 31.40 31.43 27.57
C ILE C 279 32.41 31.49 28.73
N PRO C 280 33.67 31.98 28.57
CA PRO C 280 34.59 32.11 29.71
C PRO C 280 34.11 33.15 30.73
N HIS C 281 34.26 32.85 32.03
CA HIS C 281 33.84 33.81 33.09
C HIS C 281 35.04 34.10 34.00
N SER C 282 35.28 35.38 34.32
CA SER C 282 36.41 35.77 35.18
C SER C 282 35.88 36.34 36.51
N ILE C 283 36.64 36.16 37.60
CA ILE C 283 36.24 36.74 38.91
C ILE C 283 37.20 37.91 39.23
N ARG C 284 36.66 39.09 39.51
CA ARG C 284 37.52 40.28 39.78
C ARG C 284 37.84 40.30 41.28
N SER C 285 39.03 39.81 41.65
CA SER C 285 39.41 39.73 43.08
C SER C 285 40.91 39.99 43.22
N ILE C 286 41.36 40.41 44.41
CA ILE C 286 42.81 40.65 44.66
C ILE C 286 43.51 39.28 44.80
N GLN C 287 44.85 39.24 44.81
CA GLN C 287 45.57 37.95 44.81
C GLN C 287 45.18 37.10 46.02
N SER C 288 45.07 37.69 47.22
CA SER C 288 44.61 36.92 48.41
C SER C 288 43.16 36.45 48.20
N ASP C 289 42.31 37.31 47.63
CA ASP C 289 40.87 36.97 47.43
C ASP C 289 40.70 35.82 46.43
N ARG C 290 41.64 35.62 45.50
CA ARG C 290 41.45 34.59 44.44
C ARG C 290 41.22 33.22 45.07
N LYS C 291 40.26 32.47 44.55
CA LYS C 291 39.94 31.12 45.09
C LYS C 291 39.81 30.12 43.93
N ALA C 292 40.10 28.83 44.18
CA ALA C 292 40.02 27.79 43.13
C ALA C 292 38.55 27.56 42.75
N TRP C 293 38.29 27.19 41.49
CA TRP C 293 36.89 27.00 41.00
C TRP C 293 36.74 25.59 40.43
N ALA C 294 35.55 25.00 40.59
CA ALA C 294 35.29 23.62 40.10
C ALA C 294 35.36 23.58 38.57
N ALA C 295 35.84 22.46 38.01
CA ALA C 295 36.00 22.36 36.55
C ALA C 295 34.78 21.65 35.94
N PHE C 296 34.03 22.36 35.07
CA PHE C 296 32.82 21.76 34.43
C PHE C 296 33.24 20.75 33.36
N TYR C 297 32.49 19.66 33.22
CA TYR C 297 32.78 18.65 32.17
C TYR C 297 31.57 18.51 31.24
N VAL C 298 31.80 18.54 29.93
CA VAL C 298 30.66 18.50 28.96
C VAL C 298 30.72 17.21 28.13
N TYR C 299 29.63 16.44 28.09
CA TYR C 299 29.58 15.19 27.28
C TYR C 299 28.38 15.28 26.33
N LYS C 300 28.60 15.03 25.03
CA LYS C 300 27.50 15.11 24.04
C LYS C 300 26.60 13.87 24.16
N LEU C 301 25.28 14.07 24.25
CA LEU C 301 24.32 12.94 24.31
C LEU C 301 24.19 12.30 22.92
N GLN C 302 23.94 11.00 22.84
CA GLN C 302 23.68 10.35 21.52
C GLN C 302 22.63 9.26 21.73
N PRO C 303 21.76 8.92 20.75
CA PRO C 303 20.70 7.93 20.99
C PRO C 303 21.30 6.57 21.35
N LEU C 304 20.81 5.94 22.43
CA LEU C 304 21.39 4.64 22.88
C LEU C 304 20.31 3.81 23.58
N THR C 305 20.48 2.49 23.62
CA THR C 305 19.52 1.63 24.36
C THR C 305 20.21 1.16 25.65
N PHE C 306 19.66 1.52 26.82
CA PHE C 306 20.31 1.18 28.10
C PHE C 306 19.32 0.45 29.02
N LEU C 307 19.70 -0.70 29.58
CA LEU C 307 18.78 -1.30 30.58
C LEU C 307 19.03 -0.53 31.88
N LEU C 308 17.97 -0.01 32.50
CA LEU C 308 18.19 0.87 33.68
C LEU C 308 17.71 0.17 34.95
N ASP C 309 18.59 0.04 35.95
CA ASP C 309 18.16 -0.51 37.25
C ASP C 309 17.37 0.58 37.97
N PHE C 310 16.17 0.25 38.46
CA PHE C 310 15.36 1.24 39.22
C PHE C 310 15.19 0.75 40.65
N SER C 311 15.43 1.62 41.62
CA SER C 311 15.25 1.27 43.05
C SER C 311 13.76 1.33 43.39
N VAL C 312 13.38 0.89 44.60
CA VAL C 312 11.94 0.91 45.00
C VAL C 312 11.45 2.35 44.93
N ASP C 313 12.27 3.32 45.38
CA ASP C 313 11.90 4.76 45.27
C ASP C 313 11.79 5.15 43.80
N GLY C 314 12.48 4.42 42.92
CA GLY C 314 12.42 4.70 41.46
C GLY C 314 13.60 5.50 40.97
N TYR C 315 14.47 5.95 41.88
CA TYR C 315 15.70 6.67 41.46
C TYR C 315 16.62 5.72 40.68
N ILE C 316 17.29 6.23 39.64
CA ILE C 316 18.17 5.37 38.80
C ILE C 316 19.62 5.51 39.30
N ARG C 317 20.21 4.39 39.74
CA ARG C 317 21.61 4.42 40.26
C ARG C 317 22.53 3.59 39.36
N ARG C 318 21.99 2.57 38.68
CA ARG C 318 22.85 1.67 37.86
C ARG C 318 22.31 1.59 36.43
N ALA C 319 23.18 1.75 35.43
CA ALA C 319 22.75 1.62 34.01
C ALA C 319 23.84 0.87 33.23
N ILE C 320 23.48 0.24 32.10
CA ILE C 320 24.49 -0.45 31.25
C ILE C 320 24.44 0.15 29.84
N ASP C 321 25.59 0.53 29.29
CA ASP C 321 25.64 1.18 27.96
C ASP C 321 25.13 0.22 26.88
N CYS C 322 25.54 -1.06 26.95
CA CYS C 322 25.12 -2.12 25.98
C CYS C 322 25.95 -2.01 24.69
N GLY C 323 26.82 -1.01 24.59
CA GLY C 323 27.72 -0.89 23.42
C GLY C 323 29.17 -0.79 23.84
N PHE C 324 29.42 -0.57 25.14
CA PHE C 324 30.81 -0.37 25.64
C PHE C 324 31.63 -1.64 25.41
N ASN C 325 31.04 -2.81 25.66
CA ASN C 325 31.78 -4.09 25.53
C ASN C 325 30.81 -5.20 25.13
N ASP C 326 31.33 -6.33 24.67
CA ASP C 326 30.46 -7.48 24.26
C ASP C 326 29.66 -7.96 25.47
N LEU C 327 30.28 -7.97 26.66
CA LEU C 327 29.55 -8.40 27.90
C LEU C 327 28.38 -7.45 28.18
N SER C 328 28.58 -6.14 27.99
CA SER C 328 27.48 -5.16 28.20
C SER C 328 26.34 -5.43 27.22
N GLN C 329 26.67 -5.75 25.96
CA GLN C 329 25.63 -6.11 24.95
C GLN C 329 24.92 -7.38 25.42
N LEU C 330 25.68 -8.34 25.95
CA LEU C 330 25.08 -9.62 26.44
C LEU C 330 24.11 -9.30 27.59
N HIS C 331 24.49 -8.38 28.47
CA HIS C 331 23.61 -7.99 29.60
C HIS C 331 22.32 -7.38 29.04
N CYS C 332 22.43 -6.56 28.00
CA CYS C 332 21.24 -5.92 27.38
C CYS C 332 20.31 -6.99 26.80
N SER C 333 20.88 -7.98 26.10
CA SER C 333 20.08 -9.07 25.49
C SER C 333 19.34 -9.84 26.60
N TYR C 334 20.07 -10.30 27.61
CA TYR C 334 19.46 -11.06 28.74
C TYR C 334 18.50 -10.17 29.53
N GLU C 335 18.79 -8.86 29.64
CA GLU C 335 17.96 -7.91 30.44
C GLU C 335 18.32 -8.10 31.92
N SER C 336 19.41 -8.83 32.19
CA SER C 336 19.85 -9.05 33.59
C SER C 336 21.26 -8.47 33.77
N PHE C 337 21.50 -7.77 34.88
CA PHE C 337 22.82 -7.16 35.14
C PHE C 337 23.89 -8.25 35.22
N ASP C 338 23.56 -9.39 35.84
CA ASP C 338 24.51 -10.53 35.92
C ASP C 338 24.05 -11.66 35.01
N VAL C 339 24.93 -12.16 34.14
CA VAL C 339 24.59 -13.30 33.23
C VAL C 339 25.50 -14.47 33.60
N GLU C 340 24.95 -15.69 33.69
CA GLU C 340 25.74 -16.87 34.12
C GLU C 340 26.87 -17.13 33.10
N SER C 341 28.01 -17.64 33.57
CA SER C 341 29.17 -17.83 32.65
C SER C 341 28.80 -18.76 31.50
N GLY C 342 29.12 -18.35 30.27
CA GLY C 342 28.80 -19.17 29.08
C GLY C 342 29.59 -18.69 27.88
N VAL C 343 29.59 -19.47 26.78
CA VAL C 343 30.25 -18.99 25.54
C VAL C 343 29.18 -18.35 24.67
N TYR C 344 29.30 -17.05 24.37
CA TYR C 344 28.22 -16.35 23.62
C TYR C 344 28.78 -15.76 22.32
N SER C 345 28.12 -16.05 21.20
CA SER C 345 28.55 -15.48 19.89
C SER C 345 28.27 -13.98 19.85
N VAL C 346 29.14 -13.21 19.20
CA VAL C 346 28.94 -11.73 19.07
C VAL C 346 29.08 -11.37 17.58
N SER C 347 28.56 -10.22 17.16
CA SER C 347 28.55 -9.87 15.71
C SER C 347 29.97 -9.89 15.13
N SER C 348 30.13 -10.47 13.93
CA SER C 348 31.47 -10.61 13.30
C SER C 348 32.03 -9.24 12.89
N PHE C 349 33.36 -9.11 12.89
CA PHE C 349 34.00 -7.83 12.49
C PHE C 349 34.48 -7.95 11.04
N GLU C 350 34.07 -7.02 10.17
CA GLU C 350 34.43 -7.14 8.72
C GLU C 350 35.38 -6.00 8.33
N ALA C 351 36.34 -6.28 7.44
CA ALA C 351 37.34 -5.27 7.04
C ALA C 351 36.65 -4.09 6.37
N LYS C 352 37.11 -2.86 6.65
CA LYS C 352 36.50 -1.64 6.05
C LYS C 352 36.75 -1.62 4.54
N PRO C 353 35.78 -1.22 3.70
CA PRO C 353 36.01 -1.11 2.25
C PRO C 353 37.05 -0.04 1.91
N SER C 354 37.94 -0.34 0.95
CA SER C 354 39.01 0.63 0.58
C SER C 354 39.48 0.35 -0.85
N GLY C 355 40.20 1.29 -1.47
CA GLY C 355 40.76 1.05 -2.82
C GLY C 355 39.73 0.62 -3.84
N SER C 356 38.59 1.32 -3.91
CA SER C 356 37.49 0.91 -4.82
C SER C 356 38.00 0.93 -6.27
N VAL C 357 37.64 -0.09 -7.05
CA VAL C 357 38.03 -0.10 -8.50
C VAL C 357 36.78 0.27 -9.31
N VAL C 358 36.82 1.39 -10.04
CA VAL C 358 35.62 1.86 -10.78
C VAL C 358 35.88 1.75 -12.29
N GLU C 359 34.94 1.15 -13.03
CA GLU C 359 35.11 1.02 -14.49
C GLU C 359 34.08 1.89 -15.20
N GLN C 360 34.51 2.69 -16.18
CA GLN C 360 33.58 3.56 -16.95
C GLN C 360 33.66 3.20 -18.43
N GLU C 365 37.33 10.93 -27.14
CA GLU C 365 38.66 11.16 -27.79
C GLU C 365 38.46 11.92 -29.09
N CYS C 366 37.67 13.00 -29.06
CA CYS C 366 37.41 13.82 -30.28
C CYS C 366 38.74 14.32 -30.86
N ASP C 367 39.06 13.94 -32.09
CA ASP C 367 40.35 14.34 -32.72
C ASP C 367 40.39 15.85 -32.92
N PHE C 368 41.54 16.48 -32.63
CA PHE C 368 41.69 17.94 -32.84
C PHE C 368 42.58 18.19 -34.06
N SER C 369 42.85 17.13 -34.85
CA SER C 369 43.75 17.26 -36.03
C SER C 369 43.25 18.26 -37.08
N PRO C 370 41.95 18.37 -37.44
CA PRO C 370 41.54 19.32 -38.47
C PRO C 370 41.89 20.76 -38.09
N LEU C 371 41.77 21.11 -36.80
CA LEU C 371 42.09 22.48 -36.34
C LEU C 371 43.56 22.81 -36.60
N LEU C 372 44.47 21.85 -36.36
CA LEU C 372 45.93 22.13 -36.50
C LEU C 372 46.44 21.78 -37.89
N SER C 373 45.58 21.24 -38.78
CA SER C 373 46.07 20.78 -40.11
C SER C 373 45.33 21.50 -41.24
N GLY C 374 45.97 21.58 -42.42
CA GLY C 374 45.34 22.26 -43.57
C GLY C 374 45.56 23.76 -43.53
N THR C 375 44.93 24.50 -44.45
CA THR C 375 45.06 25.98 -44.46
C THR C 375 43.99 26.58 -43.55
N PRO C 376 44.35 27.32 -42.49
CA PRO C 376 43.34 27.99 -41.65
C PRO C 376 42.59 29.02 -42.49
N PRO C 377 41.25 29.09 -42.39
CA PRO C 377 40.45 30.06 -43.14
C PRO C 377 40.59 31.46 -42.54
N GLN C 378 40.18 32.50 -43.26
CA GLN C 378 40.35 33.90 -42.78
C GLN C 378 39.37 34.18 -41.63
N VAL C 379 39.56 35.30 -40.93
CA VAL C 379 38.72 35.60 -39.73
C VAL C 379 37.24 35.68 -40.15
N TYR C 380 36.92 36.28 -41.29
CA TYR C 380 35.51 36.28 -41.78
C TYR C 380 35.06 34.86 -42.08
N ASN C 381 35.96 34.01 -42.59
CA ASN C 381 35.63 32.61 -42.96
C ASN C 381 35.94 31.67 -41.80
N PHE C 382 35.84 32.16 -40.55
CA PHE C 382 36.24 31.35 -39.36
C PHE C 382 35.53 29.99 -39.37
N LYS C 383 36.28 28.93 -39.05
CA LYS C 383 35.70 27.55 -39.08
C LYS C 383 35.52 27.04 -37.64
N ARG C 384 34.29 26.62 -37.31
CA ARG C 384 34.00 26.14 -35.93
C ARG C 384 33.81 24.63 -35.93
N LEU C 385 34.44 23.93 -34.99
CA LEU C 385 34.31 22.44 -34.92
C LEU C 385 33.50 22.08 -33.66
N VAL C 386 32.50 21.20 -33.80
CA VAL C 386 31.61 20.87 -32.65
C VAL C 386 32.10 19.57 -32.00
N PHE C 387 32.37 19.61 -30.69
CA PHE C 387 32.79 18.38 -29.96
C PHE C 387 31.85 18.15 -28.78
N THR C 388 31.24 16.96 -28.69
CA THR C 388 30.26 16.69 -27.62
C THR C 388 30.59 15.37 -26.91
N ASN C 389 30.58 15.36 -25.56
CA ASN C 389 30.80 14.11 -24.79
C ASN C 389 32.09 13.42 -25.21
N CYS C 390 33.19 14.17 -25.38
CA CYS C 390 34.46 13.56 -25.86
C CYS C 390 35.62 14.02 -24.96
N ASN C 391 36.66 13.19 -24.83
CA ASN C 391 37.85 13.59 -24.04
C ASN C 391 38.54 14.78 -24.74
N TYR C 392 38.92 15.80 -23.95
CA TYR C 392 39.59 16.99 -24.52
C TYR C 392 40.90 17.24 -23.77
N ASN C 393 42.00 17.46 -24.50
CA ASN C 393 43.30 17.77 -23.83
C ASN C 393 43.66 19.24 -24.07
N LEU C 394 43.57 20.07 -23.02
CA LEU C 394 43.98 21.50 -23.13
C LEU C 394 45.50 21.56 -23.32
N THR C 395 46.24 20.71 -22.60
CA THR C 395 47.73 20.74 -22.65
C THR C 395 48.22 20.61 -24.10
N LYS C 396 47.57 19.77 -24.91
CA LYS C 396 48.09 19.54 -26.28
C LYS C 396 48.06 20.84 -27.08
N LEU C 397 46.97 21.61 -27.00
CA LEU C 397 46.86 22.83 -27.85
C LEU C 397 47.95 23.84 -27.46
N LEU C 398 48.13 24.08 -26.15
CA LEU C 398 49.13 25.11 -25.72
C LEU C 398 50.56 24.65 -26.05
N SER C 399 50.85 23.36 -25.87
CA SER C 399 52.20 22.84 -26.21
C SER C 399 52.44 22.95 -27.72
N LEU C 400 51.44 22.61 -28.54
CA LEU C 400 51.63 22.61 -30.02
C LEU C 400 51.88 24.05 -30.52
N PHE C 401 51.12 25.02 -30.04
CA PHE C 401 51.25 26.41 -30.55
C PHE C 401 51.63 27.35 -29.40
N SER C 402 52.68 28.15 -29.58
CA SER C 402 53.02 29.15 -28.54
C SER C 402 51.84 30.12 -28.41
N VAL C 403 51.41 30.42 -27.19
CA VAL C 403 50.19 31.27 -27.04
C VAL C 403 50.62 32.72 -26.87
N ASN C 404 50.45 33.53 -27.92
CA ASN C 404 50.81 34.96 -27.87
C ASN C 404 49.93 35.68 -26.85
N ASP C 405 48.62 35.42 -26.88
CA ASP C 405 47.68 36.04 -25.92
C ASP C 405 46.72 34.98 -25.36
N PHE C 406 46.61 34.87 -24.03
CA PHE C 406 45.62 33.93 -23.45
C PHE C 406 44.62 34.75 -22.63
N THR C 407 43.35 34.77 -23.05
CA THR C 407 42.30 35.51 -22.29
C THR C 407 41.00 34.71 -22.27
N CYS C 408 40.27 34.74 -21.17
CA CYS C 408 38.94 34.06 -21.11
C CYS C 408 37.91 35.07 -20.59
N SER C 409 36.74 35.18 -21.25
CA SER C 409 35.74 36.20 -20.85
C SER C 409 34.55 35.53 -20.15
N GLN C 410 34.22 35.99 -18.93
CA GLN C 410 33.05 35.46 -18.17
C GLN C 410 33.34 34.02 -17.71
N ILE C 411 34.60 33.60 -17.73
CA ILE C 411 34.97 32.21 -17.32
C ILE C 411 36.45 32.18 -16.93
N SER C 412 36.87 31.11 -16.23
CA SER C 412 38.30 30.94 -15.83
C SER C 412 38.90 29.78 -16.62
N PRO C 413 40.13 29.89 -17.17
CA PRO C 413 40.71 28.84 -18.00
C PRO C 413 40.86 27.53 -17.20
N ALA C 414 41.28 27.63 -15.94
CA ALA C 414 41.41 26.43 -15.08
C ALA C 414 40.03 25.79 -14.90
N ALA C 415 38.99 26.62 -14.72
CA ALA C 415 37.62 26.09 -14.49
C ALA C 415 37.16 25.30 -15.72
N ILE C 416 37.41 25.81 -16.93
CA ILE C 416 36.88 25.11 -18.14
C ILE C 416 37.54 23.72 -18.24
N ALA C 417 38.84 23.63 -17.97
CA ALA C 417 39.55 22.33 -18.04
C ALA C 417 39.01 21.38 -16.97
N SER C 418 38.85 21.87 -15.72
CA SER C 418 38.40 21.01 -14.61
C SER C 418 36.96 20.53 -14.81
N ASN C 419 36.07 21.42 -15.26
CA ASN C 419 34.63 21.06 -15.39
C ASN C 419 34.36 20.32 -16.69
N CYS C 420 33.56 19.25 -16.65
CA CYS C 420 33.18 18.56 -17.91
C CYS C 420 32.30 19.54 -18.71
N TYR C 421 32.41 19.52 -20.04
CA TYR C 421 31.65 20.49 -20.86
C TYR C 421 30.52 19.75 -21.60
N SER C 422 29.30 20.28 -21.52
CA SER C 422 28.20 19.65 -22.29
C SER C 422 28.53 19.72 -23.78
N SER C 423 29.05 20.85 -24.26
CA SER C 423 29.50 20.94 -25.67
C SER C 423 30.79 21.76 -25.75
N LEU C 424 31.63 21.51 -26.74
CA LEU C 424 32.90 22.27 -26.91
C LEU C 424 33.00 22.78 -28.35
N ILE C 425 33.03 24.10 -28.52
CA ILE C 425 33.21 24.68 -29.90
C ILE C 425 34.63 25.24 -29.99
N LEU C 426 35.41 24.76 -30.95
CA LEU C 426 36.78 25.31 -31.15
C LEU C 426 36.82 25.99 -32.53
N ASP C 427 37.22 27.27 -32.56
CA ASP C 427 37.22 28.03 -33.84
C ASP C 427 38.68 28.33 -34.22
N TYR C 428 39.08 27.96 -35.43
CA TYR C 428 40.45 28.31 -35.90
C TYR C 428 40.36 29.19 -37.15
N PHE C 429 41.03 30.34 -37.14
CA PHE C 429 41.04 31.24 -38.32
C PHE C 429 42.41 31.92 -38.40
N SER C 430 42.88 32.24 -39.60
CA SER C 430 44.16 33.00 -39.71
C SER C 430 43.93 34.43 -39.18
N TYR C 431 44.79 34.89 -38.29
CA TYR C 431 44.66 36.27 -37.75
C TYR C 431 46.05 36.93 -37.62
N PRO C 432 46.21 38.22 -37.99
CA PRO C 432 47.49 38.92 -37.80
C PRO C 432 47.87 39.10 -36.33
N LEU C 433 49.15 38.92 -35.99
CA LEU C 433 49.64 39.12 -34.60
C LEU C 433 49.48 40.59 -34.21
N SER C 434 49.73 41.53 -35.13
CA SER C 434 49.74 42.97 -34.77
C SER C 434 48.39 43.45 -34.20
N MET C 435 47.26 43.01 -34.79
CA MET C 435 45.95 43.55 -34.33
C MET C 435 45.42 42.77 -33.13
N LYS C 436 46.15 42.77 -32.00
CA LYS C 436 45.65 42.10 -30.77
C LYS C 436 44.39 42.81 -30.29
N SER C 437 44.39 44.15 -30.30
CA SER C 437 43.24 44.95 -29.81
C SER C 437 42.00 44.74 -30.70
N ASP C 438 42.21 44.66 -32.02
CA ASP C 438 41.05 44.55 -32.95
C ASP C 438 40.27 43.26 -32.67
N LEU C 439 40.96 42.16 -32.38
CA LEU C 439 40.25 40.91 -32.01
C LEU C 439 39.73 41.06 -30.59
N SER C 440 38.41 40.88 -30.40
CA SER C 440 37.80 40.98 -29.05
C SER C 440 36.51 40.17 -29.02
N VAL C 441 36.07 39.73 -27.83
CA VAL C 441 34.77 39.01 -27.73
C VAL C 441 33.68 40.00 -28.17
N SER C 442 33.73 41.23 -27.66
CA SER C 442 32.78 42.29 -28.12
C SER C 442 33.56 43.59 -28.30
N SER C 443 33.45 44.23 -29.47
CA SER C 443 34.14 45.53 -29.70
C SER C 443 33.46 46.31 -30.83
N ALA C 444 33.71 47.61 -30.92
CA ALA C 444 33.18 48.44 -32.03
C ALA C 444 34.14 48.34 -33.21
N GLY C 445 35.27 47.64 -33.02
CA GLY C 445 36.28 47.48 -34.09
C GLY C 445 35.76 46.63 -35.23
N PRO C 446 36.31 46.76 -36.47
CA PRO C 446 35.78 46.05 -37.64
C PRO C 446 35.80 44.52 -37.50
N ILE C 447 36.84 43.95 -36.87
CA ILE C 447 36.93 42.47 -36.82
C ILE C 447 35.72 41.91 -36.06
N SER C 448 35.37 42.48 -34.91
CA SER C 448 34.14 42.02 -34.21
C SER C 448 32.89 42.41 -35.01
N GLN C 449 32.85 43.64 -35.52
CA GLN C 449 31.63 44.16 -36.22
C GLN C 449 31.34 43.43 -37.55
N PHE C 450 32.35 43.18 -38.38
CA PHE C 450 32.06 42.63 -39.74
C PHE C 450 32.67 41.25 -39.97
N ASN C 451 33.51 40.74 -39.07
CA ASN C 451 34.17 39.45 -39.34
C ASN C 451 33.66 38.37 -38.38
N TYR C 452 34.38 38.16 -37.26
CA TYR C 452 33.96 37.14 -36.27
C TYR C 452 33.66 37.83 -34.93
N LYS C 453 32.46 37.58 -34.38
CA LYS C 453 32.11 38.14 -33.05
C LYS C 453 31.93 36.96 -32.08
N GLN C 454 32.75 36.91 -31.03
CA GLN C 454 32.58 35.83 -30.01
C GLN C 454 31.33 36.13 -29.17
N SER C 455 30.72 35.10 -28.57
CA SER C 455 29.45 35.33 -27.82
C SER C 455 29.78 35.76 -26.38
N PHE C 456 29.48 37.01 -26.04
CA PHE C 456 29.76 37.53 -24.67
C PHE C 456 28.89 36.82 -23.63
N SER C 457 27.61 36.59 -23.92
CA SER C 457 26.70 35.99 -22.92
C SER C 457 27.17 34.58 -22.53
N ASN C 458 27.55 33.76 -23.51
CA ASN C 458 28.10 32.42 -23.20
C ASN C 458 29.52 32.59 -22.66
N PRO C 459 29.99 31.79 -21.68
CA PRO C 459 31.39 31.89 -21.25
C PRO C 459 32.25 31.54 -22.47
N THR C 460 33.28 32.35 -22.74
CA THR C 460 34.09 32.13 -23.97
C THR C 460 35.57 32.45 -23.69
N CYS C 461 36.49 31.87 -24.45
CA CYS C 461 37.93 32.18 -24.30
C CYS C 461 38.48 32.68 -25.64
N LEU C 462 39.15 33.83 -25.64
CA LEU C 462 39.78 34.34 -26.89
C LEU C 462 41.29 34.06 -26.81
N ILE C 463 41.81 33.23 -27.71
CA ILE C 463 43.25 32.82 -27.63
C ILE C 463 43.95 33.20 -28.93
N LEU C 464 45.13 33.83 -28.85
CA LEU C 464 45.91 34.09 -30.08
C LEU C 464 47.15 33.20 -30.03
N ALA C 465 47.37 32.39 -31.08
CA ALA C 465 48.50 31.44 -31.07
C ALA C 465 49.26 31.50 -32.40
N THR C 466 50.55 31.15 -32.38
CA THR C 466 51.38 31.19 -33.62
C THR C 466 51.83 29.78 -33.97
N VAL C 467 51.67 29.38 -35.25
CA VAL C 467 52.11 28.02 -35.70
C VAL C 467 53.63 27.95 -35.56
N PRO C 468 54.19 26.85 -35.01
CA PRO C 468 55.64 26.68 -34.91
C PRO C 468 56.30 26.32 -36.25
N HIS C 469 57.60 26.58 -36.38
CA HIS C 469 58.34 26.20 -37.62
C HIS C 469 58.30 24.68 -37.78
N ASN C 470 58.40 23.94 -36.67
CA ASN C 470 58.45 22.45 -36.73
C ASN C 470 57.16 21.90 -37.35
N LEU C 471 56.00 22.47 -37.02
CA LEU C 471 54.72 21.90 -37.52
C LEU C 471 54.44 22.46 -38.92
N THR C 472 54.46 21.59 -39.94
CA THR C 472 54.21 22.02 -41.33
C THR C 472 52.76 21.70 -41.74
N THR C 473 52.00 21.08 -40.84
CA THR C 473 50.60 20.68 -41.19
C THR C 473 49.76 21.93 -41.46
N ILE C 474 49.94 22.99 -40.66
CA ILE C 474 49.22 24.27 -40.93
C ILE C 474 49.82 24.87 -42.21
N THR C 475 48.96 25.42 -43.09
CA THR C 475 49.44 25.98 -44.37
C THR C 475 49.23 27.51 -44.37
N LYS C 476 50.29 28.27 -44.64
CA LYS C 476 50.18 29.75 -44.57
C LYS C 476 49.39 30.29 -45.76
N PRO C 477 48.40 31.19 -45.57
CA PRO C 477 47.68 31.82 -46.68
C PRO C 477 48.57 32.91 -47.32
N LEU C 478 48.20 33.40 -48.51
CA LEU C 478 49.05 34.39 -49.21
C LEU C 478 49.18 35.62 -48.32
N LYS C 479 48.08 36.09 -47.73
CA LYS C 479 48.14 37.23 -46.77
C LYS C 479 46.92 37.16 -45.84
N TYR C 480 47.01 37.78 -44.66
CA TYR C 480 45.82 37.82 -43.76
C TYR C 480 44.75 38.69 -44.42
N SER C 481 43.49 38.26 -44.37
CA SER C 481 42.40 39.01 -45.04
C SER C 481 41.23 39.23 -44.07
N TYR C 482 40.68 40.44 -44.05
CA TYR C 482 39.47 40.72 -43.22
C TYR C 482 38.56 41.66 -44.01
N ILE C 483 37.31 41.82 -43.60
CA ILE C 483 36.43 42.81 -44.30
C ILE C 483 36.34 44.06 -43.43
N ASN C 484 36.93 45.16 -43.90
CA ASN C 484 36.92 46.43 -43.11
C ASN C 484 35.50 46.98 -42.97
N LYS C 485 34.71 46.94 -44.05
CA LYS C 485 33.35 47.54 -44.00
C LYS C 485 32.33 46.64 -44.70
N CYS C 486 31.18 46.37 -44.07
CA CYS C 486 30.10 45.60 -44.74
C CYS C 486 28.82 46.45 -44.69
N SER C 487 28.21 46.72 -45.85
CA SER C 487 27.00 47.57 -45.90
C SER C 487 26.07 47.09 -47.02
N ARG C 488 24.77 47.37 -46.93
CA ARG C 488 23.84 47.01 -48.03
C ARG C 488 23.22 48.28 -48.61
N LEU C 489 23.33 48.47 -49.92
CA LEU C 489 22.69 49.64 -50.58
C LEU C 489 21.21 49.31 -50.83
N LEU C 490 20.31 50.23 -50.49
CA LEU C 490 18.85 50.00 -50.67
C LEU C 490 18.51 50.13 -52.16
N SER C 491 17.33 49.64 -52.56
CA SER C 491 16.93 49.67 -54.00
C SER C 491 16.88 51.12 -54.49
N ASP C 492 16.32 52.03 -53.67
CA ASP C 492 16.31 53.47 -54.04
C ASP C 492 17.77 53.97 -54.12
N ASP C 493 18.64 53.51 -53.21
CA ASP C 493 20.08 53.89 -53.19
C ASP C 493 20.26 55.19 -52.41
N ARG C 494 19.15 55.82 -52.02
CA ARG C 494 19.22 57.07 -51.20
C ARG C 494 19.83 56.74 -49.84
N THR C 495 19.46 55.58 -49.26
CA THR C 495 19.94 55.20 -47.90
C THR C 495 20.77 53.92 -47.98
N GLU C 496 21.94 53.90 -47.34
CA GLU C 496 22.77 52.67 -47.29
C GLU C 496 22.85 52.21 -45.83
N VAL C 497 22.54 50.94 -45.55
CA VAL C 497 22.48 50.47 -44.14
C VAL C 497 23.63 49.50 -43.86
N PRO C 498 24.50 49.75 -42.86
CA PRO C 498 25.57 48.81 -42.49
C PRO C 498 25.03 47.56 -41.79
N GLN C 499 25.74 46.44 -41.91
CA GLN C 499 25.31 45.18 -41.23
C GLN C 499 26.34 44.78 -40.17
N LEU C 500 25.90 44.50 -38.94
CA LEU C 500 26.82 44.05 -37.87
C LEU C 500 26.59 42.55 -37.68
N VAL C 501 27.67 41.75 -37.73
CA VAL C 501 27.51 40.26 -37.66
C VAL C 501 26.96 39.83 -36.30
N ASN C 502 26.10 38.83 -36.29
CA ASN C 502 25.61 38.26 -35.00
C ASN C 502 26.74 37.38 -34.45
N ALA C 503 26.68 37.00 -33.17
CA ALA C 503 27.82 36.24 -32.62
C ALA C 503 28.02 34.96 -33.43
N ASN C 504 29.25 34.67 -33.85
CA ASN C 504 29.56 33.44 -34.63
C ASN C 504 28.70 33.37 -35.90
N GLN C 505 28.50 34.51 -36.58
CA GLN C 505 27.67 34.54 -37.82
C GLN C 505 28.46 35.18 -38.96
N TYR C 506 28.45 34.57 -40.15
CA TYR C 506 29.14 35.15 -41.35
C TYR C 506 28.40 36.40 -41.83
N SER C 507 29.14 37.42 -42.27
CA SER C 507 28.49 38.66 -42.83
C SER C 507 27.90 38.36 -44.22
N PRO C 508 26.80 39.04 -44.63
CA PRO C 508 26.27 38.87 -46.00
C PRO C 508 27.32 39.37 -47.02
N CYS C 509 28.01 40.46 -46.70
CA CYS C 509 29.04 41.05 -47.60
C CYS C 509 30.20 40.07 -47.79
N VAL C 510 30.44 39.18 -46.81
CA VAL C 510 31.58 38.22 -46.87
C VAL C 510 31.43 37.33 -48.12
N SER C 511 30.19 37.02 -48.51
CA SER C 511 29.94 36.15 -49.69
C SER C 511 30.68 36.69 -50.92
N ILE C 512 30.50 37.99 -51.23
CA ILE C 512 31.14 38.59 -52.44
C ILE C 512 32.67 38.52 -52.27
N VAL C 513 33.16 38.77 -51.05
CA VAL C 513 34.62 38.74 -50.79
C VAL C 513 35.15 37.32 -51.06
N PRO C 514 36.30 37.15 -51.75
CA PRO C 514 36.90 35.83 -51.98
C PRO C 514 37.57 35.32 -50.69
N SER C 515 38.00 34.05 -50.68
CA SER C 515 38.57 33.47 -49.44
C SER C 515 39.77 34.32 -49.01
N THR C 516 40.60 34.76 -49.98
CA THR C 516 41.69 35.71 -49.64
C THR C 516 41.45 36.98 -50.45
N VAL C 517 41.32 38.14 -49.79
CA VAL C 517 40.99 39.40 -50.52
C VAL C 517 42.16 39.71 -51.46
N TRP C 518 41.87 40.09 -52.71
CA TRP C 518 42.95 40.33 -53.70
C TRP C 518 43.82 41.51 -53.30
N GLU C 519 43.22 42.61 -52.82
CA GLU C 519 44.01 43.84 -52.49
C GLU C 519 43.49 44.46 -51.19
N ASP C 520 44.32 45.25 -50.51
CA ASP C 520 43.85 45.98 -49.30
C ASP C 520 42.82 47.02 -49.74
N GLY C 521 41.71 47.15 -49.00
CA GLY C 521 40.65 48.11 -49.37
C GLY C 521 40.02 47.78 -50.71
N ASP C 522 40.01 46.50 -51.09
CA ASP C 522 39.39 46.07 -52.38
C ASP C 522 37.87 46.22 -52.25
N TYR C 523 37.19 46.60 -53.34
CA TYR C 523 35.73 46.83 -53.28
C TYR C 523 35.01 45.77 -54.12
N TYR C 524 34.03 45.09 -53.53
CA TYR C 524 33.25 44.06 -54.26
C TYR C 524 31.78 44.47 -54.30
N ARG C 525 31.19 44.55 -55.49
CA ARG C 525 29.78 44.99 -55.63
C ARG C 525 28.96 43.92 -56.35
N LYS C 526 27.81 43.52 -55.79
CA LYS C 526 26.92 42.57 -56.48
C LYS C 526 25.47 43.06 -56.33
N GLN C 527 24.60 42.71 -57.28
CA GLN C 527 23.20 43.19 -57.24
C GLN C 527 22.31 42.09 -56.65
N LEU C 528 21.56 42.40 -55.59
CA LEU C 528 20.70 41.40 -54.92
C LEU C 528 19.49 41.06 -55.79
N SER C 529 18.92 39.86 -55.61
CA SER C 529 17.76 39.42 -56.43
C SER C 529 16.52 40.24 -56.09
N PRO C 530 15.56 40.43 -57.03
CA PRO C 530 14.32 41.17 -56.77
C PRO C 530 13.49 40.52 -55.64
N LEU C 531 13.60 39.21 -55.48
CA LEU C 531 12.83 38.47 -54.44
C LEU C 531 13.19 39.03 -53.05
N GLU C 532 14.47 39.37 -52.83
CA GLU C 532 14.92 39.88 -51.50
C GLU C 532 14.83 41.41 -51.46
N GLY C 533 14.14 42.01 -52.44
CA GLY C 533 14.00 43.49 -52.49
C GLY C 533 15.05 44.14 -53.36
N GLY C 534 15.84 43.34 -54.06
CA GLY C 534 16.87 43.88 -54.98
C GLY C 534 17.88 44.76 -54.27
N GLY C 535 18.20 45.92 -54.84
CA GLY C 535 19.25 46.77 -54.24
C GLY C 535 20.63 46.23 -54.55
N TRP C 536 21.65 46.70 -53.82
CA TRP C 536 23.04 46.26 -54.07
C TRP C 536 23.70 45.86 -52.74
N LEU C 537 24.72 44.99 -52.80
CA LEU C 537 25.46 44.63 -51.57
C LEU C 537 26.87 45.20 -51.68
N VAL C 538 27.32 45.93 -50.66
CA VAL C 538 28.66 46.60 -50.73
C VAL C 538 29.63 45.85 -49.80
N ALA C 539 30.75 45.37 -50.35
CA ALA C 539 31.76 44.67 -49.52
C ALA C 539 33.12 45.36 -49.69
N SER C 540 33.76 45.73 -48.58
CA SER C 540 35.11 46.34 -48.63
C SER C 540 36.07 45.47 -47.82
N GLY C 541 37.06 44.86 -48.46
CA GLY C 541 37.99 43.94 -47.76
C GLY C 541 39.40 44.49 -47.68
N SER C 542 39.98 44.51 -46.48
CA SER C 542 41.36 45.04 -46.29
C SER C 542 42.30 43.89 -45.94
N THR C 543 43.50 43.85 -46.55
CA THR C 543 44.41 42.71 -46.31
C THR C 543 45.60 43.15 -45.44
N VAL C 544 45.80 42.48 -44.29
CA VAL C 544 46.99 42.78 -43.45
C VAL C 544 48.19 42.13 -44.14
N ALA C 545 49.38 42.74 -44.03
CA ALA C 545 50.60 42.15 -44.64
C ALA C 545 50.87 40.80 -43.96
N MET C 546 51.24 39.79 -44.75
CA MET C 546 51.45 38.42 -44.19
C MET C 546 52.69 38.45 -43.28
N THR C 547 52.58 37.87 -42.09
CA THR C 547 53.74 37.79 -41.15
C THR C 547 54.65 36.64 -41.56
N GLU C 548 55.90 36.64 -41.08
CA GLU C 548 56.86 35.56 -41.44
C GLU C 548 56.34 34.22 -40.94
N GLN C 549 55.75 34.19 -39.74
CA GLN C 549 55.19 32.93 -39.17
C GLN C 549 53.66 33.06 -39.07
N LEU C 550 52.93 32.05 -39.54
CA LEU C 550 51.45 32.11 -39.54
C LEU C 550 50.94 32.18 -38.10
N GLN C 551 49.97 33.05 -37.83
CA GLN C 551 49.35 33.12 -36.47
C GLN C 551 47.85 32.84 -36.64
N MET C 552 47.29 31.97 -35.80
CA MET C 552 45.86 31.60 -35.96
C MET C 552 45.08 32.09 -34.74
N GLY C 553 44.04 32.91 -34.95
CA GLY C 553 43.17 33.31 -33.83
C GLY C 553 42.29 32.15 -33.42
N PHE C 554 42.08 31.96 -32.12
CA PHE C 554 41.28 30.80 -31.65
C PHE C 554 40.09 31.29 -30.83
N GLY C 555 38.88 30.82 -31.17
CA GLY C 555 37.69 31.16 -30.36
C GLY C 555 37.19 29.92 -29.64
N ILE C 556 37.15 29.95 -28.31
CA ILE C 556 36.76 28.73 -27.55
C ILE C 556 35.42 28.98 -26.85
N THR C 557 34.35 28.34 -27.35
CA THR C 557 33.05 28.46 -26.71
C THR C 557 32.80 27.21 -25.89
N VAL C 558 32.45 27.39 -24.62
CA VAL C 558 32.28 26.30 -23.69
C VAL C 558 30.78 26.23 -23.36
N GLN C 559 30.19 25.05 -23.51
CA GLN C 559 28.75 24.89 -23.35
C GLN C 559 28.43 23.95 -22.20
N TYR C 560 27.64 24.46 -21.26
CA TYR C 560 26.90 23.66 -20.30
C TYR C 560 25.40 23.74 -20.57
N GLY C 561 25.02 24.19 -21.77
CA GLY C 561 23.62 24.39 -22.09
C GLY C 561 22.86 23.09 -22.23
N THR C 562 23.43 22.12 -22.93
CA THR C 562 22.75 20.84 -23.08
C THR C 562 22.72 20.12 -21.73
N ASP C 563 21.56 19.55 -21.41
CA ASP C 563 21.33 19.02 -20.07
C ASP C 563 22.24 17.84 -19.77
N THR C 564 22.42 16.90 -20.70
CA THR C 564 23.18 15.66 -20.38
C THR C 564 24.29 15.42 -21.40
N ASN C 565 25.48 15.97 -21.15
CA ASN C 565 26.66 15.69 -22.03
C ASN C 565 27.92 15.96 -21.22
N SER C 566 28.96 15.15 -21.40
CA SER C 566 30.17 15.29 -20.55
C SER C 566 31.44 15.27 -21.39
N VAL C 567 31.99 16.45 -21.72
CA VAL C 567 33.28 16.51 -22.48
C VAL C 567 34.29 16.73 -21.36
N CYS C 568 34.78 15.65 -20.76
CA CYS C 568 35.64 15.66 -19.60
C CYS C 568 37.10 15.52 -20.02
N PRO C 569 38.05 15.97 -19.20
CA PRO C 569 39.47 15.86 -19.55
C PRO C 569 39.98 14.45 -19.27
N LYS C 570 41.28 14.28 -19.49
CA LYS C 570 41.94 13.00 -19.26
C LYS C 570 41.93 12.65 -17.78
N LEU C 571 41.76 11.36 -17.50
CA LEU C 571 41.77 10.87 -16.12
C LEU C 571 42.70 9.67 -15.97
N ALA C 580 40.87 3.15 -9.13
CA ALA C 580 39.96 2.61 -10.17
C ALA C 580 40.72 1.67 -11.10
N SER C 581 41.89 1.17 -10.68
CA SER C 581 42.76 0.43 -11.65
C SER C 581 43.03 -1.04 -11.33
N GLN C 582 44.11 -1.59 -11.90
CA GLN C 582 44.42 -3.04 -11.78
C GLN C 582 44.90 -3.44 -10.39
N LEU C 583 43.98 -3.53 -9.42
CA LEU C 583 44.28 -4.05 -8.05
C LEU C 583 43.05 -4.04 -7.15
N GLY C 584 41.98 -4.79 -7.46
CA GLY C 584 40.92 -4.78 -6.43
C GLY C 584 41.22 -5.82 -5.37
N ASN C 585 42.49 -5.93 -4.95
CA ASN C 585 42.91 -6.92 -3.93
C ASN C 585 42.13 -6.68 -2.64
N CYS C 586 41.65 -5.43 -2.46
CA CYS C 586 40.96 -5.03 -1.20
C CYS C 586 39.46 -5.26 -1.37
N VAL C 587 38.68 -5.13 -0.30
CA VAL C 587 37.23 -5.48 -0.34
C VAL C 587 36.37 -4.35 -0.90
N GLU C 588 36.60 -3.92 -2.14
CA GLU C 588 35.68 -2.92 -2.75
C GLU C 588 35.82 -2.91 -4.28
N TYR C 589 34.77 -2.49 -4.99
CA TYR C 589 34.81 -2.37 -6.48
C TYR C 589 33.48 -1.80 -6.95
N SER C 590 33.48 -1.06 -8.06
CA SER C 590 32.23 -0.55 -8.63
C SER C 590 32.29 -0.74 -10.14
N LEU C 591 31.76 -1.86 -10.61
CA LEU C 591 31.78 -2.15 -12.03
C LEU C 591 30.52 -1.62 -12.67
N TYR C 592 30.32 -1.97 -13.95
CA TYR C 592 29.26 -1.37 -14.74
C TYR C 592 27.90 -1.56 -14.08
N GLY C 593 27.48 -2.82 -13.96
CA GLY C 593 26.15 -3.13 -13.40
C GLY C 593 25.94 -2.58 -12.01
N VAL C 594 26.59 -3.16 -10.99
CA VAL C 594 26.33 -2.73 -9.59
C VAL C 594 27.64 -2.64 -8.82
N SER C 595 27.68 -1.83 -7.74
CA SER C 595 28.89 -1.72 -6.90
C SER C 595 28.82 -2.79 -5.78
N GLY C 596 29.89 -3.56 -5.60
CA GLY C 596 29.89 -4.62 -4.57
C GLY C 596 31.18 -4.59 -3.77
N ARG C 597 31.19 -5.18 -2.57
CA ARG C 597 32.46 -5.27 -1.81
C ARG C 597 33.08 -6.63 -2.07
N GLY C 598 34.21 -6.67 -2.79
CA GLY C 598 34.80 -7.97 -3.16
C GLY C 598 36.30 -7.91 -3.32
N VAL C 599 36.99 -9.05 -3.17
CA VAL C 599 38.47 -9.11 -3.35
C VAL C 599 38.73 -9.71 -4.74
N PHE C 600 39.46 -8.98 -5.59
CA PHE C 600 39.68 -9.45 -6.99
C PHE C 600 41.06 -10.11 -7.11
N GLN C 601 41.10 -11.33 -7.63
CA GLN C 601 42.39 -12.06 -7.82
C GLN C 601 42.39 -12.62 -9.25
N ASN C 602 43.57 -12.92 -9.79
CA ASN C 602 43.65 -13.38 -11.20
C ASN C 602 43.42 -14.89 -11.30
N CYS C 603 42.20 -15.37 -11.01
CA CYS C 603 41.88 -16.81 -11.20
C CYS C 603 41.75 -17.05 -12.70
N THR C 604 42.40 -18.06 -13.28
CA THR C 604 42.15 -18.32 -14.72
C THR C 604 40.70 -18.78 -14.92
N ALA C 605 40.25 -19.76 -14.13
CA ALA C 605 38.84 -20.24 -14.18
C ALA C 605 38.40 -20.55 -15.62
N VAL C 606 37.20 -20.10 -16.01
CA VAL C 606 36.70 -20.28 -17.41
C VAL C 606 35.51 -19.35 -17.64
N GLY C 607 35.51 -18.61 -18.75
CA GLY C 607 34.40 -17.68 -19.06
C GLY C 607 34.09 -17.62 -20.54
N VAL C 608 32.84 -17.25 -20.89
CA VAL C 608 32.44 -17.12 -22.33
C VAL C 608 33.28 -16.02 -22.98
N ARG C 609 33.53 -14.91 -22.27
CA ARG C 609 34.36 -13.75 -22.75
C ARG C 609 33.51 -12.70 -23.45
N GLN C 610 32.28 -13.05 -23.85
CA GLN C 610 31.37 -12.04 -24.45
C GLN C 610 30.95 -11.01 -23.40
N GLN C 611 30.66 -11.47 -22.17
CA GLN C 611 30.18 -10.56 -21.10
C GLN C 611 31.10 -10.69 -19.88
N ARG C 612 31.56 -9.56 -19.32
CA ARG C 612 32.50 -9.59 -18.17
C ARG C 612 31.85 -10.25 -16.96
N PHE C 613 30.58 -9.95 -16.68
CA PHE C 613 29.94 -10.46 -15.45
C PHE C 613 29.43 -11.89 -15.64
N VAL C 614 29.80 -12.80 -14.72
CA VAL C 614 29.27 -14.19 -14.80
C VAL C 614 28.51 -14.49 -13.50
N TYR C 615 27.20 -14.75 -13.60
CA TYR C 615 26.39 -15.10 -12.39
C TYR C 615 26.56 -16.59 -12.10
N ASP C 616 26.37 -17.00 -10.86
CA ASP C 616 26.54 -18.42 -10.47
C ASP C 616 25.31 -18.89 -9.69
N ALA C 617 24.13 -18.84 -10.33
CA ALA C 617 22.87 -19.29 -9.69
C ALA C 617 22.59 -18.45 -8.44
N TYR C 618 23.11 -17.23 -8.37
CA TYR C 618 22.96 -16.37 -7.17
C TYR C 618 23.19 -14.92 -7.57
N GLN C 619 22.84 -13.98 -6.68
CA GLN C 619 23.12 -12.54 -6.95
C GLN C 619 24.64 -12.34 -7.05
N ASN C 620 25.39 -13.04 -6.20
CA ASN C 620 26.88 -12.94 -6.22
C ASN C 620 27.40 -13.43 -7.57
N LEU C 621 28.41 -12.76 -8.12
CA LEU C 621 28.92 -13.11 -9.47
C LEU C 621 30.45 -13.16 -9.45
N VAL C 622 31.08 -13.96 -10.32
CA VAL C 622 32.58 -13.97 -10.41
C VAL C 622 33.05 -12.60 -10.94
N GLY C 623 32.30 -12.00 -11.87
CA GLY C 623 32.65 -10.67 -12.40
C GLY C 623 34.04 -10.60 -13.00
N TYR C 624 34.37 -11.51 -13.92
CA TYR C 624 35.74 -11.58 -14.51
C TYR C 624 36.01 -10.36 -15.41
N TYR C 625 37.29 -10.12 -15.69
CA TYR C 625 37.69 -8.98 -16.57
C TYR C 625 37.21 -7.66 -15.97
N SER C 626 37.29 -7.53 -14.63
CA SER C 626 36.95 -6.23 -14.00
C SER C 626 37.95 -5.19 -14.51
N ASP C 627 39.22 -5.58 -14.64
CA ASP C 627 40.26 -4.67 -15.18
C ASP C 627 40.61 -5.16 -16.58
N ASP C 628 39.68 -5.88 -17.22
CA ASP C 628 39.89 -6.45 -18.59
C ASP C 628 41.03 -7.48 -18.57
N GLY C 629 42.01 -7.36 -19.46
CA GLY C 629 43.12 -8.34 -19.60
C GLY C 629 42.95 -9.63 -18.81
N ASN C 630 43.41 -9.68 -17.56
CA ASN C 630 43.39 -10.95 -16.77
C ASN C 630 42.00 -11.30 -16.25
N TYR C 631 41.66 -12.60 -16.22
CA TYR C 631 40.35 -13.03 -15.66
C TYR C 631 40.34 -12.67 -14.17
N TYR C 632 39.21 -12.19 -13.66
CA TYR C 632 39.17 -11.72 -12.24
C TYR C 632 38.12 -12.47 -11.42
N CYS C 633 38.49 -12.98 -10.26
CA CYS C 633 37.49 -13.65 -9.37
C CYS C 633 37.30 -12.78 -8.13
N LEU C 634 36.09 -12.25 -7.90
CA LEU C 634 35.83 -11.48 -6.66
C LEU C 634 35.48 -12.42 -5.50
N ARG C 635 35.65 -11.96 -4.26
CA ARG C 635 35.38 -12.83 -3.08
C ARG C 635 34.40 -12.13 -2.14
N ALA C 636 33.75 -12.89 -1.25
CA ALA C 636 32.85 -12.28 -0.25
C ALA C 636 33.71 -11.48 0.74
N CYS C 637 33.18 -10.38 1.27
CA CYS C 637 34.00 -9.52 2.17
C CYS C 637 34.43 -10.33 3.38
N VAL C 638 35.70 -10.20 3.79
CA VAL C 638 36.22 -11.03 4.91
C VAL C 638 35.53 -10.62 6.22
N SER C 639 35.04 -11.58 6.99
CA SER C 639 34.41 -11.27 8.31
C SER C 639 35.00 -12.20 9.38
N VAL C 640 35.31 -11.66 10.56
CA VAL C 640 35.93 -12.49 11.63
C VAL C 640 34.93 -12.70 12.77
N PRO C 641 34.51 -13.95 13.07
CA PRO C 641 33.61 -14.21 14.19
C PRO C 641 34.27 -13.98 15.56
N VAL C 642 33.54 -13.40 16.51
CA VAL C 642 34.08 -13.20 17.90
C VAL C 642 33.12 -13.81 18.90
N SER C 643 33.63 -14.60 19.86
CA SER C 643 32.79 -15.17 20.94
C SER C 643 33.36 -14.74 22.29
N VAL C 644 32.52 -14.24 23.20
CA VAL C 644 33.08 -13.71 24.49
C VAL C 644 32.55 -14.53 25.66
N ILE C 645 33.46 -15.00 26.52
CA ILE C 645 33.07 -15.78 27.73
C ILE C 645 32.42 -14.81 28.73
N TYR C 646 31.26 -15.17 29.28
CA TYR C 646 30.62 -14.30 30.32
C TYR C 646 31.52 -14.23 31.55
N ASP C 647 32.07 -15.37 31.98
CA ASP C 647 33.01 -15.39 33.14
C ASP C 647 32.38 -14.64 34.31
N LYS C 648 31.13 -14.96 34.66
CA LYS C 648 30.41 -14.21 35.73
C LYS C 648 31.15 -14.32 37.07
N GLU C 649 31.68 -15.50 37.39
CA GLU C 649 32.33 -15.70 38.71
C GLU C 649 33.54 -14.75 38.84
N THR C 650 34.34 -14.63 37.77
CA THR C 650 35.57 -13.79 37.83
C THR C 650 35.28 -12.37 37.33
N LYS C 651 34.06 -12.11 36.83
CA LYS C 651 33.68 -10.77 36.33
C LYS C 651 34.70 -10.29 35.28
N THR C 652 35.10 -11.15 34.35
CA THR C 652 36.14 -10.79 33.35
C THR C 652 35.63 -11.05 31.93
N HIS C 653 36.20 -10.37 30.93
CA HIS C 653 35.81 -10.59 29.52
C HIS C 653 36.97 -11.20 28.73
N ALA C 654 36.72 -12.31 28.05
CA ALA C 654 37.77 -12.95 27.22
C ALA C 654 37.27 -13.04 25.76
N THR C 655 38.10 -12.60 24.81
CA THR C 655 37.67 -12.60 23.38
C THR C 655 38.20 -13.84 22.69
N LEU C 656 37.32 -14.64 22.08
CA LEU C 656 37.73 -15.87 21.37
C LEU C 656 37.38 -15.73 19.88
N PHE C 657 38.32 -16.06 19.00
CA PHE C 657 38.05 -16.01 17.54
C PHE C 657 38.00 -17.45 17.03
N GLY C 658 36.99 -17.80 16.22
CA GLY C 658 36.85 -19.21 15.80
C GLY C 658 37.22 -19.46 14.36
N SER C 659 38.08 -20.46 14.10
CA SER C 659 38.46 -20.85 12.72
C SER C 659 39.04 -19.67 11.94
N VAL C 660 39.82 -18.80 12.60
CA VAL C 660 40.48 -17.66 11.88
C VAL C 660 41.95 -17.61 12.30
N ALA C 661 42.86 -17.31 11.37
CA ALA C 661 44.31 -17.34 11.67
C ALA C 661 44.67 -16.36 12.78
N CYS C 662 45.57 -16.76 13.68
CA CYS C 662 46.00 -15.88 14.81
C CYS C 662 46.66 -14.62 14.25
N GLU C 663 47.48 -14.76 13.20
CA GLU C 663 48.15 -13.59 12.56
C GLU C 663 47.11 -12.64 11.95
N HIS C 664 46.01 -13.18 11.43
CA HIS C 664 44.99 -12.36 10.72
C HIS C 664 44.30 -11.38 11.69
N ILE C 665 44.46 -11.56 13.00
CA ILE C 665 43.71 -10.71 13.97
C ILE C 665 44.66 -10.13 15.02
N SER C 666 44.28 -9.00 15.62
CA SER C 666 45.12 -8.36 16.68
C SER C 666 44.19 -7.96 17.84
N SER C 667 44.75 -7.81 19.04
CA SER C 667 43.92 -7.36 20.20
C SER C 667 43.40 -5.95 19.91
N THR C 668 42.12 -5.68 20.22
CA THR C 668 41.51 -4.34 19.98
C THR C 668 41.76 -3.91 18.53
N MET C 669 41.48 -4.80 17.57
CA MET C 669 41.79 -4.50 16.14
C MET C 669 41.03 -3.26 15.68
N SER C 670 41.72 -2.34 14.98
CA SER C 670 41.05 -1.12 14.45
C SER C 670 40.87 -1.25 12.93
N GLN C 671 41.22 -2.41 12.36
CA GLN C 671 41.14 -2.59 10.88
C GLN C 671 39.75 -3.11 10.50
N TYR C 672 38.90 -3.38 11.49
CA TYR C 672 37.55 -3.94 11.20
C TYR C 672 36.47 -2.91 11.54
N SER C 673 35.55 -2.68 10.60
CA SER C 673 34.48 -1.67 10.80
C SER C 673 33.56 -2.05 11.96
N ARG C 674 33.22 -3.35 12.10
CA ARG C 674 32.24 -3.76 13.14
C ARG C 674 32.94 -3.95 14.49
N SER C 675 33.35 -2.85 15.14
CA SER C 675 33.96 -2.93 16.48
C SER C 675 32.89 -2.54 17.52
N THR C 676 31.64 -2.39 17.09
CA THR C 676 30.52 -1.96 17.98
C THR C 676 30.84 -0.56 18.56
N ARG C 677 31.54 0.27 17.78
CA ARG C 677 31.89 1.66 18.22
C ARG C 677 32.61 1.62 19.56
N SER C 678 33.50 0.64 19.76
CA SER C 678 34.20 0.49 21.06
C SER C 678 35.53 -0.24 20.87
N MET C 679 36.43 -0.12 21.86
CA MET C 679 37.73 -0.85 21.80
C MET C 679 37.45 -2.35 21.83
N LEU C 680 36.43 -2.79 22.59
CA LEU C 680 36.02 -4.23 22.73
C LEU C 680 36.77 -4.88 23.88
N LYS C 681 36.26 -6.00 24.40
CA LYS C 681 36.88 -6.70 25.56
C LYS C 681 37.02 -5.71 26.72
N PRO C 693 48.72 -13.74 24.19
CA PRO C 693 47.57 -14.43 23.59
C PRO C 693 47.70 -15.96 23.67
N VAL C 694 46.57 -16.67 23.77
CA VAL C 694 46.60 -18.16 23.79
C VAL C 694 46.99 -18.66 22.40
N GLY C 695 47.78 -19.75 22.33
CA GLY C 695 48.22 -20.30 21.04
C GLY C 695 47.03 -20.78 20.21
N CYS C 696 47.08 -20.59 18.89
CA CYS C 696 45.96 -20.98 17.99
C CYS C 696 45.59 -22.45 18.19
N VAL C 697 44.55 -22.74 18.97
CA VAL C 697 44.06 -24.14 19.13
C VAL C 697 42.74 -24.17 18.37
N LEU C 698 41.69 -23.55 18.91
CA LEU C 698 40.42 -23.36 18.16
C LEU C 698 40.53 -22.04 17.38
N GLY C 699 41.43 -21.16 17.81
CA GLY C 699 41.56 -19.84 17.17
C GLY C 699 42.35 -18.91 18.09
N LEU C 700 42.28 -17.59 17.85
CA LEU C 700 42.96 -16.65 18.76
C LEU C 700 42.12 -16.36 20.00
N VAL C 701 42.69 -16.61 21.20
CA VAL C 701 41.98 -16.23 22.44
C VAL C 701 42.89 -15.21 23.14
N ASN C 702 42.39 -14.00 23.42
CA ASN C 702 43.28 -12.95 24.00
C ASN C 702 43.36 -13.13 25.52
N SER C 703 44.09 -14.15 25.98
CA SER C 703 44.24 -14.41 27.43
C SER C 703 45.66 -14.90 27.72
N SER C 704 46.10 -14.85 28.97
CA SER C 704 47.43 -15.39 29.35
C SER C 704 47.25 -16.81 29.89
N LEU C 705 48.17 -17.29 30.74
CA LEU C 705 48.01 -18.62 31.39
C LEU C 705 47.74 -19.70 30.32
N PHE C 706 48.61 -19.80 29.31
CA PHE C 706 48.46 -20.83 28.25
C PHE C 706 48.84 -22.21 28.81
N VAL C 707 48.41 -23.30 28.15
CA VAL C 707 48.74 -24.71 28.56
C VAL C 707 48.30 -25.03 30.01
N GLU C 708 49.21 -25.55 30.84
CA GLU C 708 48.84 -26.00 32.22
C GLU C 708 47.62 -26.94 32.13
N ASP C 709 47.72 -27.98 31.31
CA ASP C 709 46.58 -28.90 31.08
C ASP C 709 46.14 -29.53 32.41
N CYS C 710 47.09 -29.81 33.31
CA CYS C 710 46.75 -30.45 34.61
C CYS C 710 46.21 -29.37 35.55
N LYS C 711 44.95 -28.97 35.35
CA LYS C 711 44.32 -27.91 36.20
C LYS C 711 42.91 -28.40 36.57
N LEU C 712 42.30 -27.82 37.61
CA LEU C 712 40.97 -28.29 38.08
C LEU C 712 39.94 -28.17 36.96
N PRO C 713 39.06 -29.18 36.77
CA PRO C 713 38.04 -29.14 35.73
C PRO C 713 36.96 -28.07 35.98
N LEU C 714 36.51 -27.38 34.93
CA LEU C 714 35.42 -26.38 35.07
C LEU C 714 34.39 -26.64 33.97
N GLY C 715 33.09 -26.46 34.26
CA GLY C 715 32.07 -26.62 33.21
C GLY C 715 31.88 -25.35 32.41
N GLN C 716 32.96 -24.85 31.80
CA GLN C 716 32.87 -23.66 30.92
C GLN C 716 32.08 -24.03 29.65
N SER C 717 32.18 -25.29 29.21
CA SER C 717 31.52 -25.73 27.95
C SER C 717 32.10 -24.96 26.77
N LEU C 718 33.41 -24.69 26.77
CA LEU C 718 34.04 -24.01 25.62
C LEU C 718 34.06 -24.96 24.43
N CYS C 719 33.97 -24.43 23.20
CA CYS C 719 33.85 -25.28 21.98
C CYS C 719 35.05 -26.20 21.76
N ALA C 720 36.28 -25.78 22.11
CA ALA C 720 37.49 -26.60 21.84
C ALA C 720 37.54 -27.86 22.73
N LEU C 721 38.60 -28.00 23.54
CA LEU C 721 38.71 -29.16 24.46
C LEU C 721 39.23 -28.64 25.81
N PRO C 722 38.80 -27.46 26.34
CA PRO C 722 39.38 -26.91 27.56
C PRO C 722 38.50 -26.75 28.81
N ASP C 723 39.01 -27.19 29.97
CA ASP C 723 38.26 -26.91 31.22
C ASP C 723 38.24 -25.38 31.34
N THR C 724 39.36 -24.73 30.99
CA THR C 724 39.47 -23.24 31.00
C THR C 724 38.95 -22.63 32.32
N PRO C 725 39.41 -23.08 33.51
CA PRO C 725 38.98 -22.46 34.76
C PRO C 725 39.69 -21.12 34.98
N SER C 726 39.10 -20.22 35.78
CA SER C 726 39.71 -18.88 35.98
C SER C 726 39.86 -18.60 37.48
N THR C 727 40.78 -17.69 37.83
CA THR C 727 40.98 -17.28 39.25
C THR C 727 40.96 -15.75 39.33
N MET C 740 40.71 -17.22 31.54
CA MET C 740 42.16 -17.52 31.52
C MET C 740 42.39 -19.02 31.72
N ARG C 741 43.64 -19.43 32.00
CA ARG C 741 43.98 -20.86 32.18
C ARG C 741 43.34 -21.70 31.05
N LEU C 742 43.49 -21.25 29.81
CA LEU C 742 42.88 -21.95 28.65
C LEU C 742 43.56 -23.29 28.38
N ALA C 743 42.89 -24.20 27.67
CA ALA C 743 43.50 -25.49 27.23
C ALA C 743 43.70 -26.47 28.40
N SER C 744 43.09 -26.22 29.55
CA SER C 744 43.19 -27.21 30.66
C SER C 744 42.51 -28.52 30.23
N ILE C 745 43.18 -29.66 30.41
CA ILE C 745 42.62 -30.96 29.90
C ILE C 745 42.58 -31.98 31.03
N ALA C 746 41.37 -32.37 31.47
CA ALA C 746 41.24 -33.44 32.49
C ALA C 746 40.17 -34.43 32.02
N PHE C 747 40.50 -35.26 31.02
CA PHE C 747 39.48 -36.16 30.42
C PHE C 747 40.03 -37.58 30.26
N ASN C 748 39.14 -38.58 30.21
CA ASN C 748 39.56 -40.00 29.98
C ASN C 748 40.54 -40.47 31.06
N HIS C 749 41.67 -41.05 30.66
CA HIS C 749 42.65 -41.62 31.63
C HIS C 749 41.98 -42.66 32.55
N PRO C 750 41.19 -43.64 32.04
CA PRO C 750 40.49 -44.60 32.90
C PRO C 750 41.42 -45.69 33.45
N ILE C 751 41.02 -46.36 34.54
CA ILE C 751 41.84 -47.49 35.07
C ILE C 751 41.85 -48.62 34.02
N GLN C 752 43.01 -49.26 33.81
CA GLN C 752 43.11 -50.35 32.80
C GLN C 752 43.69 -51.60 33.46
N VAL C 753 43.00 -52.74 33.33
CA VAL C 753 43.57 -54.03 33.85
C VAL C 753 44.54 -54.56 32.78
N ASP C 754 45.43 -55.49 33.17
CA ASP C 754 46.41 -56.04 32.20
C ASP C 754 46.00 -57.47 31.82
N GLN C 755 45.87 -57.75 30.52
CA GLN C 755 45.46 -59.10 30.05
C GLN C 755 46.56 -60.10 30.40
N LEU C 756 46.18 -61.32 30.80
CA LEU C 756 47.20 -62.33 31.22
C LEU C 756 47.27 -63.47 30.19
N ASN C 757 48.47 -63.77 29.68
CA ASN C 757 48.65 -64.90 28.74
C ASN C 757 48.32 -66.20 29.48
N SER C 758 48.68 -66.29 30.77
CA SER C 758 48.44 -67.52 31.56
C SER C 758 46.95 -67.79 31.73
N SER C 759 46.57 -69.05 31.95
CA SER C 759 45.14 -69.42 32.07
C SER C 759 44.51 -68.66 33.25
N TYR C 760 45.24 -68.51 34.35
CA TYR C 760 44.72 -67.70 35.49
C TYR C 760 44.58 -66.25 35.03
N PHE C 761 43.46 -65.59 35.39
CA PHE C 761 43.22 -64.20 34.91
C PHE C 761 43.07 -63.26 36.12
N LYS C 762 43.78 -62.12 36.09
CA LYS C 762 43.66 -61.12 37.18
C LYS C 762 42.29 -60.46 37.11
N LEU C 763 41.58 -60.37 38.24
CA LEU C 763 40.21 -59.78 38.25
C LEU C 763 40.13 -58.67 39.30
N SER C 764 39.63 -57.48 38.91
CA SER C 764 39.47 -56.36 39.86
C SER C 764 38.30 -56.66 40.80
N ILE C 765 38.49 -56.51 42.12
CA ILE C 765 37.41 -56.86 43.08
C ILE C 765 36.99 -55.62 43.87
N PRO C 766 35.68 -55.30 43.99
CA PRO C 766 35.22 -54.17 44.80
C PRO C 766 35.44 -54.44 46.29
N THR C 767 35.86 -53.42 47.05
CA THR C 767 36.13 -53.61 48.50
C THR C 767 35.23 -52.70 49.36
N ASN C 768 34.64 -51.65 48.77
CA ASN C 768 33.84 -50.69 49.57
C ASN C 768 32.39 -50.66 49.04
N PHE C 769 31.40 -50.75 49.94
CA PHE C 769 29.98 -50.79 49.50
C PHE C 769 29.56 -49.47 48.84
N SER C 770 29.86 -48.33 49.47
CA SER C 770 29.58 -47.00 48.87
C SER C 770 28.16 -46.93 48.30
N PHE C 771 27.14 -47.34 49.06
CA PHE C 771 25.75 -47.36 48.56
C PHE C 771 25.19 -45.95 48.38
N GLY C 772 24.28 -45.75 47.41
CA GLY C 772 23.62 -44.44 47.26
C GLY C 772 23.86 -43.75 45.94
N VAL C 773 22.81 -43.18 45.33
CA VAL C 773 22.95 -42.41 44.05
C VAL C 773 21.67 -41.57 43.90
N THR C 774 21.61 -40.67 42.91
CA THR C 774 20.36 -39.90 42.65
C THR C 774 19.84 -40.22 41.25
N GLN C 775 18.56 -39.94 40.97
CA GLN C 775 17.97 -40.25 39.64
C GLN C 775 17.28 -39.01 39.06
N GLU C 776 17.39 -38.78 37.75
CA GLU C 776 16.82 -37.57 37.10
C GLU C 776 15.29 -37.62 37.03
N TYR C 777 14.63 -36.46 37.13
CA TYR C 777 13.15 -36.38 37.01
C TYR C 777 12.76 -36.61 35.54
N ILE C 778 11.64 -37.28 35.27
CA ILE C 778 11.30 -37.67 33.86
C ILE C 778 10.20 -36.78 33.26
N GLN C 779 9.85 -35.65 33.89
CA GLN C 779 8.82 -34.69 33.37
C GLN C 779 7.41 -35.26 33.53
N THR C 780 7.09 -36.38 32.88
CA THR C 780 5.78 -37.07 33.07
C THR C 780 4.59 -36.29 32.50
N THR C 781 4.33 -35.06 32.96
CA THR C 781 3.12 -34.31 32.53
C THR C 781 3.44 -32.83 32.23
N ILE C 782 2.54 -32.13 31.54
CA ILE C 782 2.73 -30.69 31.23
C ILE C 782 1.55 -29.89 31.81
N GLN C 783 1.74 -28.58 32.05
CA GLN C 783 0.69 -27.72 32.64
C GLN C 783 -0.52 -27.62 31.69
N LYS C 784 -1.74 -27.58 32.23
CA LYS C 784 -2.96 -27.41 31.40
C LYS C 784 -3.49 -25.98 31.57
N VAL C 785 -3.79 -25.30 30.45
CA VAL C 785 -4.37 -23.93 30.54
C VAL C 785 -5.46 -23.78 29.47
N THR C 786 -6.46 -22.92 29.72
CA THR C 786 -7.55 -22.66 28.74
C THR C 786 -7.60 -21.17 28.42
N VAL C 787 -7.68 -20.81 27.14
CA VAL C 787 -7.79 -19.36 26.75
C VAL C 787 -9.22 -19.08 26.26
N ASP C 788 -9.83 -18.00 26.75
CA ASP C 788 -11.19 -17.62 26.28
C ASP C 788 -11.04 -16.76 25.02
N CYS C 789 -11.04 -17.40 23.85
CA CYS C 789 -10.88 -16.66 22.56
C CYS C 789 -12.16 -15.88 22.25
N LYS C 790 -12.05 -14.73 21.56
CA LYS C 790 -13.21 -13.89 21.15
C LYS C 790 -13.64 -13.00 22.32
N GLN C 791 -13.01 -13.16 23.49
CA GLN C 791 -13.31 -12.27 24.64
C GLN C 791 -12.02 -11.57 25.07
N TYR C 792 -10.94 -12.33 25.20
CA TYR C 792 -9.63 -11.75 25.60
C TYR C 792 -9.16 -10.75 24.54
N VAL C 793 -9.34 -11.10 23.26
CA VAL C 793 -8.84 -10.21 22.16
C VAL C 793 -9.57 -8.87 22.25
N CYS C 794 -8.84 -7.75 22.17
CA CYS C 794 -9.43 -6.37 22.15
C CYS C 794 -10.18 -6.04 23.45
N ASN C 795 -9.91 -6.78 24.53
CA ASN C 795 -10.58 -6.53 25.84
C ASN C 795 -12.10 -6.61 25.67
N GLY C 796 -12.59 -7.52 24.81
CA GLY C 796 -14.05 -7.71 24.63
C GLY C 796 -14.78 -6.46 24.19
N PHE C 797 -14.18 -5.62 23.34
CA PHE C 797 -14.90 -4.45 22.79
C PHE C 797 -15.99 -4.93 21.83
N GLN C 798 -17.18 -4.33 21.89
CA GLN C 798 -18.32 -4.83 21.07
C GLN C 798 -18.04 -4.71 19.56
N LYS C 799 -17.47 -3.59 19.12
CA LYS C 799 -17.25 -3.39 17.66
C LYS C 799 -16.27 -4.46 17.17
N CYS C 800 -15.20 -4.69 17.95
CA CYS C 800 -14.20 -5.73 17.60
C CYS C 800 -14.86 -7.12 17.65
N GLU C 801 -15.76 -7.33 18.61
CA GLU C 801 -16.45 -8.65 18.75
C GLU C 801 -17.27 -8.94 17.49
N GLN C 802 -17.91 -7.93 16.90
CA GLN C 802 -18.67 -8.14 15.64
C GLN C 802 -17.70 -8.62 14.55
N LEU C 803 -16.52 -8.01 14.45
CA LEU C 803 -15.49 -8.48 13.47
C LEU C 803 -15.02 -9.88 13.88
N LEU C 804 -14.93 -10.12 15.20
CA LEU C 804 -14.50 -11.44 15.72
C LEU C 804 -15.51 -12.53 15.33
N ARG C 805 -16.80 -12.17 15.23
CA ARG C 805 -17.85 -13.15 14.81
C ARG C 805 -17.51 -13.65 13.39
N GLU C 806 -17.03 -12.78 12.52
CA GLU C 806 -16.62 -13.19 11.14
C GLU C 806 -15.46 -14.19 11.28
N TYR C 807 -14.56 -13.97 12.25
CA TYR C 807 -13.41 -14.89 12.48
C TYR C 807 -13.76 -15.89 13.57
N GLY C 808 -15.07 -16.04 13.86
CA GLY C 808 -15.52 -16.92 14.97
C GLY C 808 -15.09 -18.36 14.79
N GLN C 809 -15.09 -18.86 13.55
CA GLN C 809 -14.73 -20.28 13.30
C GLN C 809 -13.30 -20.52 13.78
N PHE C 810 -12.38 -19.57 13.53
CA PHE C 810 -10.98 -19.70 14.00
C PHE C 810 -10.96 -19.73 15.54
N CYS C 811 -11.76 -18.87 16.17
CA CYS C 811 -11.81 -18.83 17.65
C CYS C 811 -12.32 -20.17 18.18
N SER C 812 -13.34 -20.74 17.53
CA SER C 812 -13.93 -22.02 18.01
C SER C 812 -12.89 -23.14 17.92
N LYS C 813 -12.16 -23.21 16.80
CA LYS C 813 -11.15 -24.29 16.62
C LYS C 813 -10.04 -24.13 17.66
N ILE C 814 -9.63 -22.90 17.96
CA ILE C 814 -8.53 -22.66 18.94
C ILE C 814 -8.96 -23.22 20.30
N ASN C 815 -10.19 -22.92 20.71
CA ASN C 815 -10.69 -23.39 22.03
C ASN C 815 -10.78 -24.92 22.04
N GLN C 816 -11.30 -25.51 20.97
CA GLN C 816 -11.47 -26.99 20.91
C GLN C 816 -10.11 -27.68 20.95
N ALA C 817 -9.12 -27.15 20.20
CA ALA C 817 -7.80 -27.80 20.13
C ALA C 817 -7.13 -27.76 21.51
N LEU C 818 -7.21 -26.62 22.20
CA LEU C 818 -6.59 -26.50 23.55
C LEU C 818 -7.29 -27.45 24.52
N HIS C 819 -8.62 -27.54 24.43
CA HIS C 819 -9.39 -28.45 25.33
C HIS C 819 -8.97 -29.89 25.06
N GLY C 820 -8.77 -30.25 23.79
CA GLY C 820 -8.36 -31.63 23.44
C GLY C 820 -6.99 -31.95 24.01
N ALA C 821 -6.05 -31.01 23.97
CA ALA C 821 -4.70 -31.22 24.54
C ALA C 821 -4.81 -31.44 26.05
N ASN C 822 -5.66 -30.66 26.72
CA ASN C 822 -5.86 -30.80 28.18
C ASN C 822 -6.44 -32.19 28.48
N LEU C 823 -7.40 -32.64 27.66
CA LEU C 823 -8.02 -33.99 27.85
C LEU C 823 -6.95 -35.07 27.65
N ARG C 824 -6.06 -34.88 26.67
CA ARG C 824 -4.99 -35.88 26.40
C ARG C 824 -4.08 -35.97 27.63
N GLN C 825 -3.76 -34.82 28.23
CA GLN C 825 -2.90 -34.81 29.46
C GLN C 825 -3.65 -35.54 30.57
N ASP C 826 -4.96 -35.30 30.70
CA ASP C 826 -5.76 -35.96 31.78
C ASP C 826 -5.75 -37.48 31.55
N ASP C 827 -5.88 -37.91 30.28
CA ASP C 827 -5.92 -39.36 29.97
C ASP C 827 -4.58 -39.99 30.38
N SER C 828 -3.47 -39.31 30.09
CA SER C 828 -2.13 -39.85 30.44
C SER C 828 -2.00 -39.96 31.97
N VAL C 829 -2.50 -38.95 32.70
CA VAL C 829 -2.43 -38.98 34.20
C VAL C 829 -3.26 -40.17 34.70
N ARG C 830 -4.45 -40.37 34.13
CA ARG C 830 -5.34 -41.48 34.57
C ARG C 830 -4.68 -42.83 34.24
N ASN C 831 -4.06 -42.95 33.08
CA ASN C 831 -3.38 -44.21 32.69
C ASN C 831 -2.23 -44.50 33.66
N LEU C 832 -1.44 -43.47 34.00
CA LEU C 832 -0.33 -43.64 34.96
C LEU C 832 -0.89 -44.06 36.32
N PHE C 833 -1.98 -43.42 36.75
CA PHE C 833 -2.57 -43.71 38.08
C PHE C 833 -3.05 -45.18 38.14
N ALA C 834 -3.61 -45.69 37.04
CA ALA C 834 -4.16 -47.07 37.05
C ALA C 834 -3.05 -48.08 37.35
N SER C 835 -1.87 -47.90 36.75
CA SER C 835 -0.73 -48.81 37.03
C SER C 835 -0.30 -48.70 38.49
N VAL C 836 -0.27 -47.48 39.03
CA VAL C 836 0.12 -47.25 40.45
C VAL C 836 -0.91 -47.93 41.37
N LYS C 837 -2.20 -47.85 41.03
CA LYS C 837 -3.28 -48.42 41.88
C LYS C 837 -3.31 -49.94 41.80
N SER C 838 -4.05 -50.60 42.71
CA SER C 838 -4.19 -52.08 42.73
C SER C 838 -2.92 -52.79 43.20
N SER C 839 -2.07 -52.09 43.97
CA SER C 839 -0.85 -52.73 44.53
C SER C 839 -1.02 -52.90 46.04
N GLN C 840 -0.82 -54.11 46.56
CA GLN C 840 -0.99 -54.36 48.02
C GLN C 840 0.07 -53.55 48.77
N SER C 841 -0.33 -52.89 49.86
CA SER C 841 0.64 -52.00 50.58
C SER C 841 0.75 -52.38 52.06
N SER C 842 1.97 -52.57 52.55
CA SER C 842 2.17 -52.81 54.01
C SER C 842 1.88 -51.49 54.74
N PRO C 843 1.27 -51.48 55.94
CA PRO C 843 1.04 -50.24 56.67
C PRO C 843 2.38 -49.56 57.02
N ILE C 844 2.46 -48.24 56.83
CA ILE C 844 3.73 -47.51 57.09
C ILE C 844 4.05 -47.55 58.59
N ILE C 845 5.33 -47.66 58.94
CA ILE C 845 5.74 -47.75 60.38
C ILE C 845 6.89 -46.75 60.59
N PRO C 846 7.12 -46.24 61.82
CA PRO C 846 8.22 -45.31 62.07
C PRO C 846 9.56 -45.97 61.71
N GLY C 847 9.74 -47.24 62.08
CA GLY C 847 10.98 -47.96 61.70
C GLY C 847 10.67 -49.12 60.77
N PHE C 848 11.32 -49.16 59.60
CA PHE C 848 11.07 -50.25 58.62
C PHE C 848 12.18 -51.29 58.76
N GLY C 849 13.38 -50.87 59.15
CA GLY C 849 14.50 -51.76 59.29
C GLY C 849 15.19 -51.57 60.63
N GLY C 850 16.02 -52.56 60.98
CA GLY C 850 16.78 -52.47 62.22
C GLY C 850 17.66 -51.23 62.26
N ASP C 851 18.35 -50.95 61.17
CA ASP C 851 19.10 -49.70 61.03
C ASP C 851 18.76 -49.07 59.68
N PHE C 852 17.63 -48.36 59.64
CA PHE C 852 17.23 -47.63 58.44
C PHE C 852 16.42 -46.43 58.90
N ASN C 853 17.10 -45.31 59.10
CA ASN C 853 16.42 -44.09 59.55
C ASN C 853 15.83 -43.41 58.32
N LEU C 854 14.53 -43.55 58.15
CA LEU C 854 13.89 -43.17 56.90
C LEU C 854 12.99 -41.98 57.13
N THR C 855 13.07 -41.00 56.24
CA THR C 855 12.20 -39.84 56.24
C THR C 855 11.17 -39.91 55.13
N LEU C 856 11.17 -40.98 54.36
CA LEU C 856 10.26 -41.07 53.22
C LEU C 856 8.85 -41.42 53.65
N LEU C 857 8.67 -41.93 54.86
CA LEU C 857 7.35 -42.08 55.41
C LEU C 857 6.70 -40.71 55.56
N GLU C 858 5.41 -40.65 55.37
CA GLU C 858 4.76 -39.36 55.43
C GLU C 858 4.50 -38.92 56.87
N PRO C 859 4.52 -37.60 57.12
CA PRO C 859 4.20 -37.13 58.48
C PRO C 859 2.80 -37.47 58.90
N VAL C 860 1.82 -37.28 58.03
CA VAL C 860 0.45 -37.68 58.29
C VAL C 860 -0.11 -37.04 59.57
N ALA C 869 0.14 -36.87 54.56
CA ALA C 869 -0.07 -36.02 53.36
C ALA C 869 1.26 -35.36 52.98
N ARG C 870 1.76 -35.64 51.77
CA ARG C 870 3.06 -35.08 51.27
C ARG C 870 4.24 -35.54 52.13
N SER C 871 5.07 -36.44 51.61
CA SER C 871 6.22 -36.98 52.36
C SER C 871 7.26 -35.88 52.62
N ALA C 872 8.10 -36.06 53.64
CA ALA C 872 9.09 -35.01 54.00
C ALA C 872 10.03 -34.76 52.81
N ILE C 873 10.44 -35.81 52.11
CA ILE C 873 11.29 -35.64 50.90
C ILE C 873 10.51 -34.84 49.84
N GLU C 874 9.22 -35.15 49.67
CA GLU C 874 8.37 -34.38 48.72
C GLU C 874 8.31 -32.93 49.19
N ASP C 875 8.19 -32.71 50.50
CA ASP C 875 8.07 -31.34 51.04
C ASP C 875 9.34 -30.55 50.65
N LEU C 876 10.51 -31.17 50.74
CA LEU C 876 11.76 -30.41 50.48
C LEU C 876 11.76 -29.90 49.03
N LEU C 877 11.45 -30.78 48.06
CA LEU C 877 11.51 -30.33 46.65
C LEU C 877 10.41 -29.30 46.38
N PHE C 878 9.21 -29.53 46.94
CA PHE C 878 8.07 -28.61 46.70
C PHE C 878 8.39 -27.22 47.28
N ASP C 879 8.98 -27.18 48.48
CA ASP C 879 9.34 -25.88 49.10
C ASP C 879 10.43 -25.18 48.29
N LYS C 880 11.44 -25.93 47.84
CA LYS C 880 12.57 -25.30 47.11
C LYS C 880 12.11 -24.70 45.77
N VAL C 881 11.25 -25.40 45.03
CA VAL C 881 10.69 -24.81 43.78
C VAL C 881 9.72 -23.69 44.19
N THR C 882 9.62 -22.63 43.39
CA THR C 882 8.76 -21.49 43.79
C THR C 882 7.55 -21.40 42.83
N ILE C 883 6.33 -21.51 43.37
CA ILE C 883 5.12 -21.34 42.52
C ILE C 883 4.22 -20.27 43.15
N ALA C 884 3.97 -19.17 42.42
CA ALA C 884 3.05 -18.12 42.92
C ALA C 884 1.82 -18.07 42.01
N ASP C 885 1.65 -19.07 41.16
CA ASP C 885 0.55 -19.05 40.16
C ASP C 885 -0.69 -19.87 40.56
N PRO C 886 -0.65 -21.02 41.29
CA PRO C 886 -1.86 -21.80 41.52
C PRO C 886 -2.58 -21.37 42.78
N GLY C 887 -3.73 -20.72 42.62
CA GLY C 887 -4.57 -20.41 43.77
C GLY C 887 -6.01 -20.73 43.48
N TYR C 888 -6.57 -21.67 44.22
CA TYR C 888 -7.94 -22.10 44.03
C TYR C 888 -8.73 -21.72 45.27
N MET C 889 -9.54 -20.67 45.18
CA MET C 889 -10.37 -20.05 46.20
C MET C 889 -9.54 -19.22 47.16
N GLN C 890 -8.22 -19.26 47.08
CA GLN C 890 -7.36 -18.43 47.90
C GLN C 890 -6.40 -17.57 47.09
N GLY C 891 -5.95 -18.05 45.92
CA GLY C 891 -5.17 -17.19 45.05
C GLY C 891 -6.00 -16.06 44.46
N TYR C 892 -7.30 -16.30 44.28
CA TYR C 892 -8.16 -15.27 43.75
C TYR C 892 -8.29 -14.10 44.73
N ASP C 893 -8.63 -14.40 45.98
CA ASP C 893 -8.74 -13.35 46.97
C ASP C 893 -7.41 -12.64 47.16
N ASP C 894 -6.32 -13.42 47.20
CA ASP C 894 -5.00 -12.82 47.33
C ASP C 894 -4.71 -11.91 46.15
N CYS C 895 -5.21 -12.27 44.96
CA CYS C 895 -5.05 -11.41 43.81
C CYS C 895 -5.78 -10.09 44.00
N MET C 896 -7.00 -10.12 44.52
CA MET C 896 -7.65 -8.84 44.82
C MET C 896 -6.91 -8.07 45.91
N GLN C 897 -6.28 -8.78 46.85
CA GLN C 897 -5.59 -8.10 47.95
C GLN C 897 -4.33 -7.40 47.48
N GLN C 898 -3.79 -7.79 46.32
CA GLN C 898 -2.57 -7.17 45.83
C GLN C 898 -2.82 -5.73 45.39
N ILE C 907 0.36 -14.43 37.04
CA ILE C 907 -0.15 -14.18 38.38
C ILE C 907 -1.64 -13.85 38.32
N CYS C 908 -1.99 -12.85 37.51
CA CYS C 908 -3.41 -12.39 37.46
C CYS C 908 -4.14 -13.05 36.28
N ALA C 909 -4.44 -14.34 36.38
CA ALA C 909 -5.11 -15.07 35.27
C ALA C 909 -6.50 -14.48 35.01
N GLN C 910 -7.27 -14.25 36.08
CA GLN C 910 -8.65 -13.75 35.92
C GLN C 910 -8.63 -12.36 35.29
N TYR C 911 -7.70 -11.50 35.71
CA TYR C 911 -7.70 -10.10 35.23
C TYR C 911 -7.46 -10.04 33.71
N VAL C 912 -6.26 -10.40 33.29
CA VAL C 912 -5.93 -10.16 31.85
C VAL C 912 -6.76 -11.11 31.01
N ALA C 913 -7.66 -11.87 31.64
CA ALA C 913 -8.32 -12.93 30.85
C ALA C 913 -7.08 -13.59 30.28
N GLY C 914 -6.97 -13.70 28.95
CA GLY C 914 -5.70 -14.19 28.39
C GLY C 914 -5.47 -15.64 28.75
N TYR C 915 -5.94 -16.10 29.92
CA TYR C 915 -5.80 -17.54 30.27
C TYR C 915 -6.50 -17.87 31.57
N LYS C 916 -7.02 -19.10 31.68
CA LYS C 916 -7.63 -19.55 32.95
C LYS C 916 -6.87 -20.80 33.39
N VAL C 917 -6.29 -20.77 34.59
CA VAL C 917 -5.47 -21.93 35.08
C VAL C 917 -6.41 -23.12 35.29
N LEU C 918 -5.97 -24.33 34.94
CA LEU C 918 -6.87 -25.51 35.04
C LEU C 918 -6.42 -26.36 36.24
N PRO C 919 -7.36 -26.79 37.12
CA PRO C 919 -7.01 -27.57 38.31
C PRO C 919 -6.39 -28.93 37.95
N PRO C 920 -5.51 -29.50 38.81
CA PRO C 920 -4.80 -30.74 38.48
C PRO C 920 -5.67 -31.99 38.25
N LEU C 921 -6.91 -32.02 38.77
CA LEU C 921 -7.83 -33.18 38.65
C LEU C 921 -7.47 -34.20 39.74
N MET C 922 -6.22 -34.17 40.20
CA MET C 922 -5.78 -35.08 41.30
C MET C 922 -5.25 -34.23 42.46
N ASP C 923 -5.90 -34.32 43.62
CA ASP C 923 -5.46 -33.53 44.80
C ASP C 923 -4.13 -34.10 45.32
N VAL C 924 -3.33 -33.26 45.99
CA VAL C 924 -1.99 -33.70 46.47
C VAL C 924 -2.18 -34.88 47.44
N ASN C 925 -3.22 -34.82 48.28
CA ASN C 925 -3.44 -35.88 49.30
C ASN C 925 -3.70 -37.22 48.59
N MET C 926 -4.48 -37.22 47.51
CA MET C 926 -4.75 -38.47 46.74
C MET C 926 -3.43 -38.99 46.13
N GLU C 927 -2.62 -38.09 45.58
CA GLU C 927 -1.30 -38.48 45.02
C GLU C 927 -0.42 -39.01 46.15
N ALA C 928 -0.49 -38.38 47.32
CA ALA C 928 0.32 -38.81 48.49
C ALA C 928 -0.08 -40.22 48.90
N ALA C 929 -1.37 -40.55 48.85
CA ALA C 929 -1.83 -41.91 49.18
C ALA C 929 -1.22 -42.90 48.18
N TYR C 930 -1.17 -42.53 46.90
CA TYR C 930 -0.59 -43.42 45.86
C TYR C 930 0.90 -43.69 46.15
N THR C 931 1.65 -42.64 46.52
CA THR C 931 3.09 -42.80 46.82
C THR C 931 3.27 -43.68 48.08
N SER C 932 2.43 -43.50 49.09
CA SER C 932 2.51 -44.33 50.31
C SER C 932 2.21 -45.79 49.96
N SER C 933 1.25 -46.03 49.07
CA SER C 933 0.92 -47.40 48.62
C SER C 933 2.14 -48.00 47.91
N LEU C 934 2.81 -47.20 47.07
CA LEU C 934 4.04 -47.68 46.36
C LEU C 934 5.13 -48.02 47.38
N LEU C 935 5.27 -47.21 48.43
CA LEU C 935 6.26 -47.55 49.50
C LEU C 935 5.96 -48.96 50.03
N GLY C 936 4.71 -49.22 50.39
CA GLY C 936 4.34 -50.56 50.89
C GLY C 936 4.52 -51.64 49.84
N SER C 937 4.19 -51.35 48.59
CA SER C 937 4.28 -52.37 47.51
C SER C 937 5.73 -52.81 47.29
N ILE C 938 6.68 -51.88 47.31
CA ILE C 938 8.10 -52.25 47.03
C ILE C 938 8.60 -53.22 48.10
N ALA C 939 8.20 -53.01 49.36
CA ALA C 939 8.59 -53.95 50.45
C ALA C 939 8.03 -55.34 50.15
N GLY C 940 6.78 -55.42 49.66
CA GLY C 940 6.14 -56.71 49.34
C GLY C 940 6.87 -57.47 48.24
N VAL C 941 7.33 -56.76 47.20
CA VAL C 941 8.06 -57.41 46.07
C VAL C 941 9.56 -57.39 46.38
N GLY C 942 9.93 -56.89 47.56
CA GLY C 942 11.36 -56.77 47.93
C GLY C 942 12.05 -58.13 47.99
N TRP C 943 11.36 -59.16 48.48
CA TRP C 943 11.96 -60.51 48.53
C TRP C 943 12.26 -60.98 47.11
N THR C 944 13.47 -61.48 46.87
CA THR C 944 13.86 -61.98 45.52
C THR C 944 13.00 -63.21 45.16
N ALA C 945 12.78 -64.12 46.11
CA ALA C 945 12.02 -65.35 45.84
C ALA C 945 10.58 -65.03 45.44
N GLY C 946 9.94 -64.10 46.16
CA GLY C 946 8.54 -63.75 45.86
C GLY C 946 8.42 -63.02 44.54
N LEU C 947 7.45 -63.42 43.70
CA LEU C 947 7.22 -62.72 42.42
C LEU C 947 5.76 -62.25 42.37
N SER C 948 5.53 -60.95 42.22
CA SER C 948 4.15 -60.40 42.08
C SER C 948 3.29 -60.88 43.26
N SER C 949 3.87 -60.92 44.46
CA SER C 949 3.12 -61.44 45.63
C SER C 949 3.34 -60.54 46.86
N PHE C 950 2.34 -60.46 47.74
CA PHE C 950 2.49 -59.66 48.99
C PHE C 950 3.46 -60.36 49.94
N ALA C 951 4.20 -59.60 50.73
CA ALA C 951 5.13 -60.20 51.72
C ALA C 951 5.06 -59.41 53.04
N ALA C 952 5.50 -60.02 54.14
CA ALA C 952 5.51 -59.33 55.45
C ALA C 952 6.91 -59.43 56.06
N ILE C 953 7.86 -58.68 55.50
CA ILE C 953 9.27 -58.75 55.98
C ILE C 953 9.74 -57.32 56.27
N PRO C 954 10.74 -57.11 57.15
CA PRO C 954 11.28 -55.77 57.39
C PRO C 954 11.92 -55.24 56.10
N PHE C 955 11.87 -53.92 55.89
CA PHE C 955 12.40 -53.32 54.63
C PHE C 955 13.89 -53.63 54.51
N ALA C 956 14.62 -53.62 55.62
CA ALA C 956 16.08 -53.90 55.60
C ALA C 956 16.32 -55.31 55.06
N GLN C 957 15.49 -56.29 55.46
CA GLN C 957 15.62 -57.67 54.93
C GLN C 957 15.37 -57.64 53.42
N SER C 958 14.37 -56.87 52.97
CA SER C 958 14.06 -56.76 51.52
C SER C 958 15.26 -56.17 50.78
N ILE C 959 15.93 -55.18 51.38
CA ILE C 959 17.13 -54.55 50.76
C ILE C 959 18.20 -55.65 50.62
N PHE C 960 18.35 -56.49 51.66
CA PHE C 960 19.39 -57.55 51.63
C PHE C 960 19.12 -58.52 50.49
N TYR C 961 17.85 -58.90 50.27
CA TYR C 961 17.52 -59.87 49.21
C TYR C 961 17.87 -59.26 47.85
N ARG C 962 17.52 -57.98 47.65
CA ARG C 962 17.84 -57.29 46.37
C ARG C 962 19.36 -57.17 46.24
N LEU C 963 20.06 -56.85 47.34
CA LEU C 963 21.54 -56.69 47.32
C LEU C 963 22.19 -58.03 46.95
N ASN C 964 21.68 -59.12 47.50
CA ASN C 964 22.26 -60.47 47.24
C ASN C 964 22.13 -60.77 45.74
N GLY C 965 20.97 -60.48 45.14
CA GLY C 965 20.83 -60.66 43.69
C GLY C 965 21.72 -59.72 42.90
N VAL C 966 21.77 -58.44 43.30
CA VAL C 966 22.58 -57.42 42.57
C VAL C 966 24.07 -57.76 42.66
N GLY C 967 24.55 -58.14 43.83
CA GLY C 967 25.98 -58.50 44.03
C GLY C 967 26.09 -59.84 44.71
N ILE C 968 26.97 -60.73 44.24
CA ILE C 968 27.03 -62.10 44.80
C ILE C 968 27.83 -62.08 46.10
N THR C 969 27.21 -61.62 47.19
CA THR C 969 27.88 -61.58 48.52
C THR C 969 27.25 -62.64 49.42
N GLN C 970 28.08 -63.47 50.06
CA GLN C 970 27.56 -64.57 50.93
C GLN C 970 26.94 -63.97 52.19
N GLN C 971 26.09 -64.73 52.88
CA GLN C 971 25.39 -64.21 54.08
C GLN C 971 26.44 -63.82 55.14
N VAL C 972 27.52 -64.60 55.27
CA VAL C 972 28.59 -64.27 56.24
C VAL C 972 29.19 -62.91 55.86
N LEU C 973 29.45 -62.69 54.58
CA LEU C 973 30.02 -61.39 54.11
C LEU C 973 29.02 -60.26 54.39
N SER C 974 27.73 -60.50 54.12
CA SER C 974 26.69 -59.46 54.36
C SER C 974 26.59 -59.16 55.85
N GLU C 975 26.60 -60.20 56.69
CA GLU C 975 26.52 -60.02 58.16
C GLU C 975 27.94 -59.83 58.73
N ASN C 976 28.58 -58.70 58.42
CA ASN C 976 29.92 -58.42 58.98
C ASN C 976 29.83 -57.16 59.84
N GLN C 977 30.06 -55.98 59.25
CA GLN C 977 29.91 -54.70 59.99
C GLN C 977 28.45 -54.52 60.39
N LYS C 978 27.52 -54.89 59.50
CA LYS C 978 26.05 -54.72 59.74
C LYS C 978 25.71 -53.22 59.65
N LEU C 979 26.63 -52.43 59.12
CA LEU C 979 26.40 -50.96 58.96
C LEU C 979 26.12 -50.67 57.48
N ILE C 980 25.91 -51.71 56.68
CA ILE C 980 25.68 -51.53 55.22
C ILE C 980 24.40 -50.70 55.02
N ALA C 981 23.33 -51.03 55.77
CA ALA C 981 22.08 -50.24 55.69
C ALA C 981 22.33 -48.83 56.23
N ASN C 982 23.14 -48.71 57.30
CA ASN C 982 23.47 -47.38 57.88
C ASN C 982 24.22 -46.54 56.84
N LYS C 983 25.10 -47.18 56.06
CA LYS C 983 25.85 -46.46 54.98
C LYS C 983 24.85 -45.92 53.97
N PHE C 984 23.82 -46.72 53.63
CA PHE C 984 22.75 -46.24 52.71
C PHE C 984 22.03 -45.04 53.34
N ASN C 985 21.77 -45.11 54.65
CA ASN C 985 21.07 -44.01 55.36
C ASN C 985 21.90 -42.73 55.26
N GLN C 986 23.23 -42.86 55.41
CA GLN C 986 24.12 -41.66 55.34
C GLN C 986 24.02 -41.04 53.95
N ALA C 987 24.01 -41.87 52.90
CA ALA C 987 23.88 -41.36 51.52
C ALA C 987 22.51 -40.69 51.34
N LEU C 988 21.46 -41.31 51.89
CA LEU C 988 20.09 -40.74 51.79
C LEU C 988 20.05 -39.38 52.52
N GLY C 989 20.70 -39.30 53.69
CA GLY C 989 20.75 -38.04 54.44
C GLY C 989 21.49 -36.96 53.67
N ALA C 990 22.59 -37.32 53.01
CA ALA C 990 23.37 -36.35 52.21
C ALA C 990 22.50 -35.84 51.05
N MET C 991 21.74 -36.73 50.41
CA MET C 991 20.84 -36.32 49.30
C MET C 991 19.77 -35.37 49.87
N GLN C 992 19.24 -35.69 51.05
CA GLN C 992 18.17 -34.85 51.66
C GLN C 992 18.71 -33.45 51.95
N THR C 993 19.89 -33.36 52.56
CA THR C 993 20.49 -32.04 52.89
C THR C 993 20.82 -31.30 51.58
N GLY C 994 21.52 -31.96 50.66
CA GLY C 994 21.86 -31.34 49.36
C GLY C 994 20.73 -31.49 48.36
N PHE C 995 19.63 -30.77 48.56
CA PHE C 995 18.45 -30.85 47.65
C PHE C 995 18.45 -29.64 46.71
N THR C 996 19.52 -28.85 46.72
CA THR C 996 19.57 -27.61 45.90
C THR C 996 20.35 -27.84 44.59
N THR C 997 21.31 -26.98 44.28
CA THR C 997 22.09 -27.08 43.02
C THR C 997 22.86 -28.40 43.00
N THR C 998 23.35 -28.85 44.16
CA THR C 998 24.14 -30.11 44.23
C THR C 998 23.30 -31.28 43.74
N ASN C 999 22.00 -31.29 44.05
CA ASN C 999 21.10 -32.40 43.64
C ASN C 999 21.09 -32.51 42.11
N GLU C 1000 21.04 -31.38 41.40
CA GLU C 1000 21.09 -31.35 39.90
C GLU C 1000 19.75 -31.83 39.32
N ALA C 1001 19.29 -33.02 39.69
CA ALA C 1001 17.98 -33.54 39.23
C ALA C 1001 16.88 -32.61 39.72
N PHE C 1002 17.01 -32.08 40.94
CA PHE C 1002 16.03 -31.11 41.48
C PHE C 1002 15.99 -29.86 40.58
N GLN C 1003 17.16 -29.43 40.09
CA GLN C 1003 17.23 -28.21 39.26
C GLN C 1003 16.40 -28.45 38.00
N LYS C 1004 16.46 -29.66 37.45
CA LYS C 1004 15.65 -29.99 36.24
C LYS C 1004 14.17 -29.84 36.55
N VAL C 1005 13.72 -30.30 37.73
CA VAL C 1005 12.28 -30.15 38.11
C VAL C 1005 11.94 -28.67 38.18
N GLN C 1006 12.81 -27.87 38.82
CA GLN C 1006 12.52 -26.42 39.00
C GLN C 1006 12.49 -25.75 37.63
N ASP C 1007 13.43 -26.09 36.74
CA ASP C 1007 13.49 -25.44 35.41
C ASP C 1007 12.22 -25.76 34.62
N ALA C 1008 11.75 -27.01 34.69
CA ALA C 1008 10.55 -27.41 33.91
C ALA C 1008 9.32 -26.62 34.42
N VAL C 1009 9.18 -26.51 35.74
CA VAL C 1009 8.01 -25.77 36.32
C VAL C 1009 8.11 -24.30 35.90
N ASN C 1010 9.31 -23.72 35.99
CA ASN C 1010 9.50 -22.30 35.61
C ASN C 1010 9.21 -22.14 34.12
N ASN C 1011 9.66 -23.09 33.29
CA ASN C 1011 9.50 -22.97 31.83
C ASN C 1011 8.01 -22.93 31.46
N ASN C 1012 7.19 -23.81 32.04
CA ASN C 1012 5.77 -23.84 31.61
C ASN C 1012 5.10 -22.51 32.00
N ALA C 1013 5.36 -22.04 33.23
CA ALA C 1013 4.73 -20.78 33.70
C ALA C 1013 5.21 -19.60 32.84
N GLN C 1014 6.52 -19.52 32.59
CA GLN C 1014 7.07 -18.37 31.82
C GLN C 1014 6.53 -18.40 30.38
N ALA C 1015 6.44 -19.59 29.78
CA ALA C 1015 6.00 -19.67 28.37
C ALA C 1015 4.57 -19.16 28.26
N LEU C 1016 3.69 -19.58 29.18
CA LEU C 1016 2.27 -19.15 29.12
C LEU C 1016 2.19 -17.63 29.30
N SER C 1017 2.91 -17.09 30.30
CA SER C 1017 2.83 -15.63 30.56
C SER C 1017 3.41 -14.84 29.39
N LYS C 1018 4.54 -15.29 28.84
CA LYS C 1018 5.19 -14.53 27.74
C LYS C 1018 4.28 -14.52 26.52
N LEU C 1019 3.65 -15.65 26.19
CA LEU C 1019 2.81 -15.73 24.97
C LEU C 1019 1.58 -14.82 25.11
N ALA C 1020 0.95 -14.82 26.29
CA ALA C 1020 -0.24 -13.96 26.52
C ALA C 1020 0.16 -12.49 26.42
N SER C 1021 1.27 -12.10 27.05
CA SER C 1021 1.75 -10.70 26.99
C SER C 1021 2.13 -10.34 25.55
N GLU C 1022 2.76 -11.29 24.84
CA GLU C 1022 3.20 -11.04 23.44
C GLU C 1022 1.99 -10.69 22.57
N LEU C 1023 0.90 -11.48 22.65
CA LEU C 1023 -0.28 -11.26 21.77
C LEU C 1023 -0.90 -9.89 22.05
N SER C 1024 -0.95 -9.48 23.32
CA SER C 1024 -1.56 -8.18 23.71
C SER C 1024 -0.48 -7.08 23.77
N ASN C 1025 -0.76 -6.00 24.50
CA ASN C 1025 0.21 -4.88 24.67
C ASN C 1025 0.47 -4.16 23.34
N THR C 1026 1.73 -4.04 22.92
CA THR C 1026 2.08 -3.25 21.72
C THR C 1026 2.27 -4.15 20.50
N PHE C 1027 1.78 -5.39 20.54
CA PHE C 1027 2.00 -6.33 19.41
C PHE C 1027 1.42 -5.76 18.13
N GLY C 1028 0.22 -5.16 18.21
CA GLY C 1028 -0.36 -4.50 17.03
C GLY C 1028 0.47 -3.31 16.61
N ALA C 1029 0.59 -3.05 15.29
CA ALA C 1029 1.46 -1.96 14.80
C ALA C 1029 0.95 -0.62 15.36
N ILE C 1030 -0.37 -0.42 15.37
CA ILE C 1030 -0.96 0.82 15.95
C ILE C 1030 -2.09 0.42 16.90
N SER C 1031 -1.75 -0.23 18.01
CA SER C 1031 -2.79 -0.71 18.97
C SER C 1031 -2.49 -0.24 20.39
N ALA C 1032 -3.48 0.32 21.08
CA ALA C 1032 -3.29 0.70 22.50
C ALA C 1032 -3.97 -0.37 23.37
N SER C 1033 -4.44 -1.47 22.74
CA SER C 1033 -5.17 -2.55 23.45
C SER C 1033 -6.57 -2.07 23.82
N ILE C 1034 -7.01 -0.96 23.22
CA ILE C 1034 -8.36 -0.38 23.50
C ILE C 1034 -9.03 -0.15 22.13
N GLY C 1035 -10.36 -0.12 22.08
CA GLY C 1035 -11.07 0.12 20.81
C GLY C 1035 -10.72 1.49 20.25
N ASP C 1036 -10.63 2.51 21.12
CA ASP C 1036 -10.22 3.88 20.67
C ASP C 1036 -11.10 4.34 19.52
N ILE C 1037 -12.42 4.12 19.61
CA ILE C 1037 -13.31 4.46 18.46
C ILE C 1037 -13.22 5.96 18.19
N ILE C 1038 -13.26 6.80 19.23
CA ILE C 1038 -13.05 8.26 19.03
C ILE C 1038 -11.94 8.73 19.98
N GLN C 1039 -11.49 7.85 20.88
CA GLN C 1039 -10.48 8.25 21.90
C GLN C 1039 -9.17 8.66 21.23
N ARG C 1040 -8.69 7.89 20.24
CA ARG C 1040 -7.37 8.19 19.64
C ARG C 1040 -7.53 8.71 18.21
N LEU C 1041 -8.57 8.26 17.49
CA LEU C 1041 -8.72 8.62 16.05
C LEU C 1041 -10.17 8.42 15.61
N ASP C 1042 -10.50 8.74 14.35
CA ASP C 1042 -11.89 8.63 13.85
C ASP C 1042 -12.33 7.15 13.85
N VAL C 1043 -13.64 6.90 13.98
CA VAL C 1043 -14.15 5.50 14.14
C VAL C 1043 -13.79 4.65 12.91
N LEU C 1044 -13.93 5.17 11.69
CA LEU C 1044 -13.68 4.32 10.50
C LEU C 1044 -12.23 3.84 10.48
N GLU C 1045 -11.28 4.76 10.74
CA GLU C 1045 -9.85 4.39 10.80
C GLU C 1045 -9.61 3.46 11.99
N GLN C 1046 -10.28 3.71 13.12
CA GLN C 1046 -10.10 2.88 14.35
C GLN C 1046 -10.53 1.45 14.04
N ASP C 1047 -11.62 1.27 13.29
CA ASP C 1047 -12.13 -0.08 12.94
C ASP C 1047 -11.06 -0.81 12.11
N ALA C 1048 -10.42 -0.11 11.17
CA ALA C 1048 -9.34 -0.73 10.37
C ALA C 1048 -8.18 -1.14 11.28
N GLN C 1049 -7.82 -0.28 12.24
CA GLN C 1049 -6.72 -0.61 13.20
C GLN C 1049 -7.12 -1.83 14.03
N ILE C 1050 -8.39 -1.90 14.43
CA ILE C 1050 -8.88 -3.04 15.25
C ILE C 1050 -8.71 -4.33 14.43
N ASP C 1051 -9.04 -4.28 13.15
CA ASP C 1051 -8.99 -5.49 12.28
C ASP C 1051 -7.57 -6.11 12.33
N ARG C 1052 -6.54 -5.32 12.01
CA ARG C 1052 -5.16 -5.88 11.97
C ARG C 1052 -4.75 -6.38 13.36
N LEU C 1053 -5.14 -5.66 14.42
CA LEU C 1053 -4.80 -6.08 15.80
C LEU C 1053 -5.44 -7.46 16.07
N ILE C 1054 -6.70 -7.64 15.65
CA ILE C 1054 -7.41 -8.94 15.86
C ILE C 1054 -6.63 -10.03 15.12
N ASN C 1055 -6.21 -9.75 13.88
CA ASN C 1055 -5.52 -10.77 13.06
C ASN C 1055 -4.19 -11.17 13.74
N GLY C 1056 -3.45 -10.17 14.24
CA GLY C 1056 -2.19 -10.46 14.93
C GLY C 1056 -2.42 -11.28 16.19
N ARG C 1057 -3.44 -10.91 16.97
CA ARG C 1057 -3.70 -11.62 18.25
C ARG C 1057 -4.07 -13.09 17.98
N LEU C 1058 -4.93 -13.34 16.98
CA LEU C 1058 -5.38 -14.73 16.74
C LEU C 1058 -4.21 -15.59 16.26
N THR C 1059 -3.34 -15.05 15.40
CA THR C 1059 -2.16 -15.81 14.90
C THR C 1059 -1.23 -16.14 16.07
N THR C 1060 -1.03 -15.18 16.99
CA THR C 1060 -0.18 -15.44 18.18
C THR C 1060 -0.83 -16.52 19.04
N LEU C 1061 -2.15 -16.49 19.20
CA LEU C 1061 -2.88 -17.52 19.97
C LEU C 1061 -2.73 -18.88 19.28
N ASN C 1062 -2.78 -18.90 17.94
CA ASN C 1062 -2.65 -20.17 17.18
C ASN C 1062 -1.27 -20.78 17.47
N ALA C 1063 -0.22 -19.96 17.48
CA ALA C 1063 1.14 -20.45 17.77
C ALA C 1063 1.19 -21.00 19.20
N PHE C 1064 0.57 -20.29 20.15
CA PHE C 1064 0.57 -20.72 21.57
C PHE C 1064 -0.16 -22.06 21.70
N VAL C 1065 -1.30 -22.21 21.02
CA VAL C 1065 -2.09 -23.48 21.08
C VAL C 1065 -1.25 -24.61 20.47
N ALA C 1066 -0.57 -24.34 19.36
CA ALA C 1066 0.25 -25.37 18.68
C ALA C 1066 1.36 -25.83 19.62
N GLN C 1067 2.00 -24.90 20.34
CA GLN C 1067 3.07 -25.26 21.31
C GLN C 1067 2.48 -26.15 22.40
N GLN C 1068 1.28 -25.79 22.89
CA GLN C 1068 0.63 -26.59 23.97
C GLN C 1068 0.32 -28.00 23.45
N LEU C 1069 -0.13 -28.11 22.21
CA LEU C 1069 -0.44 -29.45 21.61
C LEU C 1069 0.84 -30.29 21.58
N VAL C 1070 1.96 -29.68 21.16
CA VAL C 1070 3.26 -30.41 21.10
C VAL C 1070 3.65 -30.82 22.52
N ARG C 1071 3.45 -29.94 23.50
CA ARG C 1071 3.81 -30.24 24.90
C ARG C 1071 2.97 -31.43 25.40
N SER C 1072 1.68 -31.45 25.06
CA SER C 1072 0.78 -32.55 25.51
C SER C 1072 1.24 -33.89 24.89
N GLU C 1073 1.63 -33.87 23.61
CA GLU C 1073 2.12 -35.10 22.96
C GLU C 1073 3.42 -35.57 23.65
N SER C 1074 4.32 -34.63 23.96
CA SER C 1074 5.57 -34.98 24.68
C SER C 1074 5.22 -35.52 26.07
N ALA C 1075 4.23 -34.93 26.73
CA ALA C 1075 3.82 -35.38 28.08
C ALA C 1075 3.32 -36.82 28.00
N ALA C 1076 2.55 -37.15 26.96
CA ALA C 1076 2.00 -38.52 26.84
C ALA C 1076 3.16 -39.51 26.70
N LEU C 1077 4.17 -39.18 25.89
CA LEU C 1077 5.35 -40.07 25.73
C LEU C 1077 6.11 -40.19 27.06
N SER C 1078 6.30 -39.06 27.75
CA SER C 1078 7.04 -39.08 29.05
C SER C 1078 6.26 -39.87 30.10
N ALA C 1079 4.92 -39.73 30.11
CA ALA C 1079 4.09 -40.49 31.07
C ALA C 1079 4.21 -41.98 30.80
N GLN C 1080 4.23 -42.38 29.52
CA GLN C 1080 4.41 -43.81 29.16
C GLN C 1080 5.80 -44.27 29.64
N LEU C 1081 6.82 -43.43 29.44
CA LEU C 1081 8.19 -43.77 29.92
C LEU C 1081 8.16 -43.89 31.44
N ALA C 1082 7.46 -42.97 32.13
CA ALA C 1082 7.44 -42.98 33.61
C ALA C 1082 6.81 -44.27 34.13
N LYS C 1083 5.70 -44.71 33.52
CA LYS C 1083 5.00 -45.94 33.97
C LYS C 1083 5.94 -47.14 33.79
N ASP C 1084 6.62 -47.19 32.64
CA ASP C 1084 7.57 -48.31 32.37
C ASP C 1084 8.71 -48.25 33.39
N LYS C 1085 9.21 -47.05 33.68
CA LYS C 1085 10.36 -46.91 34.63
C LYS C 1085 9.93 -47.40 36.01
N VAL C 1086 8.72 -47.04 36.45
CA VAL C 1086 8.27 -47.44 37.83
C VAL C 1086 8.21 -48.97 37.89
N ASN C 1087 7.63 -49.60 36.87
CA ASN C 1087 7.49 -51.08 36.88
C ASN C 1087 8.88 -51.73 36.79
N GLU C 1088 9.71 -51.25 35.88
CA GLU C 1088 11.05 -51.88 35.65
C GLU C 1088 12.00 -51.69 36.83
N CYS C 1089 12.09 -50.48 37.39
CA CYS C 1089 13.12 -50.22 38.42
C CYS C 1089 12.55 -50.22 39.85
N VAL C 1090 11.49 -49.47 40.10
CA VAL C 1090 10.97 -49.34 41.50
C VAL C 1090 10.45 -50.69 42.02
N LYS C 1091 9.68 -51.42 41.20
CA LYS C 1091 9.05 -52.68 41.69
C LYS C 1091 10.10 -53.74 42.04
N ALA C 1092 11.12 -53.93 41.19
CA ALA C 1092 12.09 -55.02 41.44
C ALA C 1092 13.49 -54.45 41.71
N SER C 1094 15.80 -52.21 40.28
CA SER C 1094 15.40 -52.96 39.06
C SER C 1094 15.84 -54.42 39.17
N LYS C 1095 17.06 -54.66 39.65
CA LYS C 1095 17.62 -56.04 39.74
C LYS C 1095 17.83 -56.57 38.32
N ARG C 1096 17.85 -55.67 37.33
CA ARG C 1096 18.00 -56.06 35.90
C ARG C 1096 18.38 -54.79 35.13
N SER C 1097 18.70 -54.91 33.83
CA SER C 1097 18.96 -53.68 33.04
C SER C 1097 17.69 -52.83 33.08
N GLY C 1098 17.82 -51.52 33.30
CA GLY C 1098 16.63 -50.67 33.47
C GLY C 1098 16.89 -49.21 33.15
N PHE C 1099 15.85 -48.38 33.20
CA PHE C 1099 15.99 -46.92 32.93
C PHE C 1099 16.96 -46.32 33.96
N CYS C 1100 16.89 -46.78 35.22
CA CYS C 1100 17.85 -46.31 36.24
C CYS C 1100 19.27 -46.66 35.77
N GLY C 1101 20.22 -45.73 35.86
CA GLY C 1101 21.56 -45.99 35.30
C GLY C 1101 22.71 -45.37 36.10
N GLN C 1102 23.95 -45.77 35.82
CA GLN C 1102 25.17 -45.23 36.48
C GLN C 1102 25.42 -45.95 37.81
N GLY C 1103 24.54 -46.87 38.19
CA GLY C 1103 24.76 -47.68 39.41
C GLY C 1103 23.99 -48.98 39.33
N THR C 1104 24.38 -50.00 40.10
CA THR C 1104 23.59 -51.24 40.14
C THR C 1104 22.22 -50.88 40.74
N HIS C 1105 21.12 -51.34 40.14
CA HIS C 1105 19.79 -50.92 40.62
C HIS C 1105 19.31 -51.81 41.77
N ILE C 1106 19.88 -51.62 42.97
CA ILE C 1106 19.45 -52.42 44.16
C ILE C 1106 18.00 -52.08 44.47
N VAL C 1107 17.63 -50.79 44.48
CA VAL C 1107 16.24 -50.36 44.80
C VAL C 1107 15.99 -48.98 44.17
N SER C 1108 14.72 -48.59 44.01
CA SER C 1108 14.39 -47.24 43.49
C SER C 1108 13.23 -46.67 44.30
N PHE C 1109 13.14 -45.34 44.41
CA PHE C 1109 12.07 -44.69 45.23
C PHE C 1109 11.36 -43.63 44.40
N VAL C 1110 10.04 -43.49 44.57
CA VAL C 1110 9.25 -42.50 43.78
C VAL C 1110 8.61 -41.47 44.73
N VAL C 1111 8.77 -40.18 44.44
CA VAL C 1111 8.12 -39.12 45.27
C VAL C 1111 7.34 -38.18 44.33
N ASN C 1112 6.25 -37.59 44.83
CA ASN C 1112 5.48 -36.63 44.01
C ASN C 1112 6.36 -35.41 43.72
N ALA C 1113 6.31 -34.89 42.50
CA ALA C 1113 7.10 -33.69 42.13
C ALA C 1113 6.15 -32.72 41.41
N PRO C 1114 6.38 -31.38 41.43
CA PRO C 1114 5.43 -30.48 40.78
C PRO C 1114 5.44 -30.79 39.28
N ASN C 1115 4.26 -31.02 38.69
CA ASN C 1115 4.15 -31.29 37.24
C ASN C 1115 5.09 -32.44 36.83
N GLY C 1116 5.17 -33.51 37.65
CA GLY C 1116 6.00 -34.66 37.25
C GLY C 1116 6.24 -35.67 38.37
N LEU C 1117 7.15 -36.62 38.14
CA LEU C 1117 7.51 -37.61 39.19
C LEU C 1117 9.02 -37.59 39.41
N TYR C 1118 9.47 -37.65 40.67
CA TYR C 1118 10.93 -37.60 40.98
C TYR C 1118 11.40 -38.99 41.40
N PHE C 1119 12.58 -39.42 40.91
CA PHE C 1119 13.07 -40.79 41.19
C PHE C 1119 14.32 -40.73 42.06
N MET C 1120 14.46 -41.69 42.99
CA MET C 1120 15.69 -41.76 43.84
C MET C 1120 16.22 -43.20 43.82
N HIS C 1121 16.86 -43.61 42.72
CA HIS C 1121 17.44 -44.98 42.63
C HIS C 1121 18.67 -45.08 43.54
N VAL C 1122 19.01 -46.29 43.99
CA VAL C 1122 20.22 -46.51 44.85
C VAL C 1122 21.23 -47.35 44.08
N GLY C 1123 22.48 -46.90 43.98
CA GLY C 1123 23.49 -47.62 43.18
C GLY C 1123 24.72 -48.02 43.99
N TYR C 1124 25.12 -49.29 43.91
CA TYR C 1124 26.36 -49.75 44.59
C TYR C 1124 27.56 -49.15 43.86
N TYR C 1125 28.56 -48.66 44.61
CA TYR C 1125 29.80 -48.17 43.95
C TYR C 1125 31.01 -48.94 44.51
N PRO C 1126 31.85 -49.56 43.65
CA PRO C 1126 33.00 -50.33 44.12
C PRO C 1126 34.02 -49.44 44.85
N SER C 1127 34.30 -48.24 44.33
CA SER C 1127 35.25 -47.28 44.95
C SER C 1127 36.70 -47.75 44.85
N ASN C 1128 37.00 -48.92 45.41
CA ASN C 1128 38.39 -49.47 45.37
C ASN C 1128 38.38 -50.80 44.63
N HIS C 1129 39.28 -50.97 43.64
CA HIS C 1129 39.38 -52.25 42.91
C HIS C 1129 40.76 -52.87 43.16
N ILE C 1130 40.80 -54.13 43.58
CA ILE C 1130 42.10 -54.84 43.80
C ILE C 1130 42.18 -56.00 42.80
N GLU C 1131 43.27 -56.08 42.04
CA GLU C 1131 43.37 -57.13 40.99
C GLU C 1131 43.88 -58.43 41.64
N VAL C 1132 43.07 -59.49 41.59
CA VAL C 1132 43.45 -60.79 42.23
C VAL C 1132 43.48 -61.86 41.14
N VAL C 1133 44.58 -62.63 41.07
CA VAL C 1133 44.71 -63.71 40.04
C VAL C 1133 43.62 -64.76 40.33
N SER C 1134 42.87 -65.16 39.30
CA SER C 1134 41.74 -66.12 39.52
C SER C 1134 41.81 -67.28 38.54
N ALA C 1135 41.69 -68.52 39.03
CA ALA C 1135 41.66 -69.70 38.12
C ALA C 1135 40.33 -69.72 37.37
N TYR C 1136 40.34 -70.09 36.07
CA TYR C 1136 39.07 -70.21 35.32
C TYR C 1136 38.52 -71.63 35.51
N GLY C 1137 38.15 -71.98 36.75
CA GLY C 1137 37.60 -73.31 37.06
C GLY C 1137 38.71 -74.30 37.40
N LEU C 1138 38.40 -75.34 38.17
CA LEU C 1138 39.41 -76.40 38.48
C LEU C 1138 38.85 -77.78 38.14
N CYS C 1139 39.54 -78.57 37.32
CA CYS C 1139 39.08 -79.95 37.02
C CYS C 1139 39.52 -80.91 38.12
N ASP C 1140 39.08 -82.16 38.05
CA ASP C 1140 39.43 -83.17 39.09
C ASP C 1140 39.61 -84.52 38.39
N ALA C 1141 40.28 -85.48 39.03
CA ALA C 1141 40.40 -86.83 38.45
C ALA C 1141 38.97 -87.39 38.32
N ALA C 1142 38.12 -87.14 39.32
CA ALA C 1142 36.70 -87.55 39.23
C ALA C 1142 35.98 -86.67 38.21
N ASN C 1143 34.88 -87.15 37.64
CA ASN C 1143 34.16 -86.40 36.56
C ASN C 1143 33.66 -85.03 37.07
N PRO C 1144 33.10 -84.88 38.30
CA PRO C 1144 32.70 -83.54 38.78
C PRO C 1144 33.88 -82.57 38.88
N THR C 1145 33.70 -81.33 38.43
CA THR C 1145 34.80 -80.33 38.44
C THR C 1145 34.29 -78.99 38.99
N ASN C 1146 35.15 -78.21 39.66
CA ASN C 1146 34.76 -76.86 40.16
C ASN C 1146 34.55 -75.95 38.96
N CYS C 1147 33.52 -75.08 39.01
CA CYS C 1147 33.23 -74.15 37.89
C CYS C 1147 32.75 -72.79 38.41
N ILE C 1148 32.89 -71.75 37.59
CA ILE C 1148 32.41 -70.38 37.98
C ILE C 1148 30.88 -70.44 38.09
N ALA C 1149 30.30 -69.92 39.17
CA ALA C 1149 28.82 -69.85 39.24
C ALA C 1149 28.34 -68.44 39.62
N PRO C 1150 28.20 -68.01 40.91
CA PRO C 1150 27.82 -66.63 41.21
C PRO C 1150 28.98 -65.71 40.82
N VAL C 1151 30.22 -66.12 41.12
CA VAL C 1151 31.43 -65.32 40.79
C VAL C 1151 32.54 -66.35 40.52
N ASN C 1152 33.78 -65.90 40.30
CA ASN C 1152 34.86 -66.85 39.92
C ASN C 1152 34.95 -67.97 40.97
N GLY C 1153 35.06 -69.22 40.52
CA GLY C 1153 35.12 -70.38 41.44
C GLY C 1153 36.32 -70.27 42.35
N TYR C 1154 37.47 -69.87 41.81
CA TYR C 1154 38.65 -69.60 42.67
C TYR C 1154 38.96 -68.11 42.55
N PHE C 1155 38.64 -67.33 43.58
CA PHE C 1155 38.97 -65.88 43.57
C PHE C 1155 40.50 -65.72 43.58
N ILE C 1156 41.19 -66.52 44.40
CA ILE C 1156 42.69 -66.49 44.41
C ILE C 1156 43.23 -67.90 44.18
N LYS C 1157 42.77 -68.89 44.97
CA LYS C 1157 43.28 -70.28 44.87
C LYS C 1157 42.22 -71.25 45.41
N THR C 1158 42.35 -72.55 45.11
CA THR C 1158 41.42 -73.59 45.63
C THR C 1158 39.99 -73.21 45.25
N ASN C 1159 39.05 -73.24 46.20
CA ASN C 1159 37.66 -72.77 45.90
C ASN C 1159 37.38 -71.52 46.73
N ASN C 1160 37.37 -70.34 46.11
CA ASN C 1160 36.99 -69.09 46.84
C ASN C 1160 35.97 -68.33 46.00
N THR C 1161 34.77 -68.10 46.51
CA THR C 1161 33.73 -67.45 45.67
C THR C 1161 33.12 -66.27 46.43
N ARG C 1162 33.40 -65.02 46.02
CA ARG C 1162 32.76 -63.84 46.64
C ARG C 1162 32.93 -62.60 45.75
N ILE C 1163 32.05 -61.60 45.90
CA ILE C 1163 32.25 -60.31 45.16
C ILE C 1163 32.86 -59.32 46.16
N VAL C 1164 32.94 -59.72 47.44
CA VAL C 1164 33.50 -58.83 48.51
C VAL C 1164 35.02 -58.98 48.56
N ASP C 1165 35.68 -58.18 49.41
CA ASP C 1165 37.16 -58.23 49.52
C ASP C 1165 37.62 -59.62 49.98
N GLU C 1166 36.90 -60.25 50.90
CA GLU C 1166 37.30 -61.58 51.41
C GLU C 1166 36.97 -62.61 50.33
N TRP C 1167 37.99 -63.30 49.81
CA TRP C 1167 37.76 -64.23 48.67
C TRP C 1167 36.89 -65.43 49.02
N SER C 1168 37.18 -66.11 50.14
CA SER C 1168 36.40 -67.32 50.52
C SER C 1168 34.97 -66.94 50.91
N TYR C 1169 34.80 -66.18 52.00
CA TYR C 1169 33.46 -65.74 52.47
C TYR C 1169 32.60 -66.96 52.82
N THR C 1170 33.24 -68.06 53.26
CA THR C 1170 32.49 -69.28 53.68
C THR C 1170 31.53 -69.73 52.57
N GLY C 1171 31.99 -69.74 51.32
CA GLY C 1171 31.12 -70.14 50.20
C GLY C 1171 30.70 -71.59 50.31
N SER C 1172 29.40 -71.88 50.12
CA SER C 1172 28.89 -73.27 50.22
C SER C 1172 29.46 -74.13 49.08
N SER C 1173 29.56 -73.59 47.87
CA SER C 1173 30.06 -74.32 46.68
C SER C 1173 28.96 -75.21 46.11
N PHE C 1174 27.76 -75.19 46.72
CA PHE C 1174 26.60 -75.94 46.19
C PHE C 1174 26.22 -75.35 44.83
N TYR C 1175 26.28 -74.01 44.72
CA TYR C 1175 25.90 -73.31 43.47
C TYR C 1175 26.81 -73.73 42.31
N ALA C 1176 28.10 -73.95 42.58
CA ALA C 1176 29.05 -74.25 41.48
C ALA C 1176 28.60 -75.51 40.73
N PRO C 1177 28.54 -75.47 39.38
CA PRO C 1177 28.16 -76.65 38.58
C PRO C 1177 29.35 -77.61 38.40
N GLU C 1178 29.10 -78.79 37.82
CA GLU C 1178 30.17 -79.81 37.64
C GLU C 1178 30.24 -80.21 36.17
N PRO C 1179 30.84 -79.40 35.29
CA PRO C 1179 30.90 -79.68 33.85
C PRO C 1179 31.91 -80.77 33.46
N ILE C 1180 31.83 -81.26 32.22
CA ILE C 1180 32.76 -82.32 31.73
C ILE C 1180 34.19 -81.76 31.70
N THR C 1181 35.19 -82.64 31.87
CA THR C 1181 36.61 -82.18 31.91
C THR C 1181 36.97 -81.48 30.61
N SER C 1182 37.76 -80.40 30.68
CA SER C 1182 38.07 -79.60 29.46
C SER C 1182 39.58 -79.61 29.17
N LEU C 1183 40.04 -78.67 28.33
CA LEU C 1183 41.47 -78.60 27.94
C LEU C 1183 42.31 -78.16 29.13
N ASN C 1184 43.64 -78.36 29.08
CA ASN C 1184 44.53 -78.02 30.24
C ASN C 1184 43.98 -78.78 31.44
N THR C 1185 43.97 -80.12 31.38
CA THR C 1185 43.43 -80.97 32.43
C THR C 1185 43.93 -80.63 33.85
N LYS C 1186 43.17 -81.09 34.85
CA LYS C 1186 43.30 -80.81 36.28
C LYS C 1186 42.80 -79.40 36.55
N TYR C 1187 42.58 -78.64 35.50
CA TYR C 1187 41.92 -77.34 35.52
C TYR C 1187 40.87 -77.35 34.43
N VAL C 1188 39.77 -76.63 34.66
CA VAL C 1188 38.85 -76.44 33.56
C VAL C 1188 39.54 -75.66 32.45
N ALA C 1189 40.37 -74.69 32.83
CA ALA C 1189 41.08 -73.87 31.86
C ALA C 1189 41.92 -74.70 30.89
N ASP D 1 6.22 15.56 -74.86
CA ASP D 1 6.20 14.17 -75.39
C ASP D 1 7.29 14.02 -76.46
N ILE D 2 7.13 13.08 -77.39
CA ILE D 2 8.11 12.86 -78.48
C ILE D 2 7.44 13.16 -79.83
N GLN D 3 8.09 13.94 -80.69
CA GLN D 3 7.53 14.21 -82.04
C GLN D 3 8.31 13.39 -83.07
N MET D 4 7.62 12.48 -83.77
CA MET D 4 8.30 11.59 -84.73
C MET D 4 7.75 11.87 -86.13
N THR D 5 8.63 12.15 -87.10
CA THR D 5 8.16 12.32 -88.50
C THR D 5 8.96 11.38 -89.40
N GLN D 6 8.29 10.53 -90.19
CA GLN D 6 9.02 9.66 -91.14
C GLN D 6 9.56 10.54 -92.26
N THR D 7 10.81 10.31 -92.70
CA THR D 7 11.42 11.20 -93.71
C THR D 7 10.63 11.17 -95.03
N PRO D 8 10.18 10.01 -95.58
CA PRO D 8 9.32 9.99 -96.76
C PRO D 8 7.85 9.68 -96.42
N ALA D 9 6.94 10.58 -96.81
CA ALA D 9 5.49 10.31 -96.58
C ALA D 9 5.08 9.07 -97.39
N SER D 10 5.57 8.97 -98.64
CA SER D 10 5.29 7.76 -99.46
C SER D 10 6.57 7.33 -100.17
N LEU D 11 6.75 6.02 -100.38
CA LEU D 11 7.97 5.52 -101.06
C LEU D 11 7.55 4.65 -102.26
N SER D 12 8.18 4.84 -103.42
CA SER D 12 7.88 3.97 -104.59
C SER D 12 9.00 2.95 -104.75
N ALA D 13 8.68 1.65 -104.70
CA ALA D 13 9.73 0.61 -104.74
C ALA D 13 9.50 -0.33 -105.92
N SER D 14 10.50 -0.51 -106.80
CA SER D 14 10.36 -1.48 -107.92
C SER D 14 10.57 -2.90 -107.39
N VAL D 15 9.92 -3.89 -107.99
CA VAL D 15 10.04 -5.30 -107.52
C VAL D 15 11.48 -5.77 -107.71
N GLY D 16 12.05 -6.48 -106.72
CA GLY D 16 13.41 -7.03 -106.85
C GLY D 16 14.48 -6.00 -106.56
N ASP D 17 14.10 -4.82 -106.09
CA ASP D 17 15.08 -3.72 -105.83
C ASP D 17 15.10 -3.40 -104.33
N ARG D 18 16.29 -3.35 -103.73
CA ARG D 18 16.41 -3.02 -102.28
C ARG D 18 15.97 -1.57 -102.06
N VAL D 19 15.21 -1.32 -100.99
CA VAL D 19 14.73 0.06 -100.66
C VAL D 19 14.89 0.30 -99.15
N THR D 20 15.05 1.56 -98.74
CA THR D 20 15.24 1.88 -97.30
C THR D 20 14.18 2.89 -96.83
N ILE D 21 13.55 2.63 -95.68
CA ILE D 21 12.56 3.59 -95.11
C ILE D 21 13.11 4.08 -93.77
N THR D 22 13.15 5.40 -93.56
CA THR D 22 13.74 5.95 -92.32
C THR D 22 12.70 6.71 -91.51
N CYS D 23 12.54 6.40 -90.21
CA CYS D 23 11.62 7.18 -89.34
C CYS D 23 12.48 7.86 -88.28
N ARG D 24 12.33 9.18 -88.10
CA ARG D 24 13.22 9.89 -87.14
C ARG D 24 12.41 10.37 -85.93
N ALA D 25 12.82 9.94 -84.74
CA ALA D 25 12.14 10.39 -83.49
C ALA D 25 12.70 11.76 -83.10
N SER D 26 12.03 12.47 -82.17
CA SER D 26 12.63 13.74 -81.68
C SER D 26 13.95 13.39 -81.00
N GLN D 27 13.97 12.29 -80.23
CA GLN D 27 15.21 11.81 -79.57
C GLN D 27 15.05 10.31 -79.32
N ASN D 28 16.15 9.57 -79.16
CA ASN D 28 16.03 8.12 -78.81
C ASN D 28 15.86 8.00 -77.30
N ILE D 29 14.64 8.22 -76.80
CA ILE D 29 14.36 8.20 -75.34
C ILE D 29 14.64 6.80 -74.76
N SER D 30 14.27 5.74 -75.47
CA SER D 30 14.41 4.37 -74.91
C SER D 30 15.15 3.45 -75.89
N SER D 31 15.82 2.42 -75.37
CA SER D 31 16.54 1.44 -76.23
C SER D 31 15.56 0.68 -77.12
N TYR D 32 14.38 0.30 -76.59
CA TYR D 32 13.45 -0.53 -77.38
C TYR D 32 12.73 0.33 -78.42
N LEU D 33 12.88 -0.02 -79.71
CA LEU D 33 12.17 0.70 -80.79
C LEU D 33 11.42 -0.34 -81.63
N ASN D 34 10.12 -0.15 -81.86
CA ASN D 34 9.33 -1.20 -82.57
C ASN D 34 8.90 -0.70 -83.94
N TRP D 35 9.16 -1.48 -84.99
CA TRP D 35 8.69 -1.12 -86.36
C TRP D 35 7.58 -2.11 -86.74
N TYR D 36 6.46 -1.61 -87.27
CA TYR D 36 5.31 -2.52 -87.56
C TYR D 36 4.82 -2.34 -88.99
N GLN D 37 4.31 -3.42 -89.60
CA GLN D 37 3.74 -3.33 -90.97
C GLN D 37 2.23 -3.54 -90.86
N GLN D 38 1.43 -2.64 -91.45
CA GLN D 38 -0.04 -2.74 -91.31
C GLN D 38 -0.68 -3.00 -92.67
N LYS D 39 -1.60 -3.97 -92.74
CA LYS D 39 -2.35 -4.24 -94.00
C LYS D 39 -3.79 -3.81 -93.76
N PRO D 40 -4.44 -3.00 -94.62
CA PRO D 40 -5.79 -2.52 -94.35
C PRO D 40 -6.78 -3.69 -94.20
N GLY D 41 -7.66 -3.63 -93.20
CA GLY D 41 -8.61 -4.72 -92.95
C GLY D 41 -7.96 -5.88 -92.20
N LYS D 42 -6.72 -5.70 -91.74
CA LYS D 42 -5.99 -6.78 -91.04
C LYS D 42 -5.35 -6.21 -89.76
N ALA D 43 -5.21 -7.03 -88.72
CA ALA D 43 -4.62 -6.59 -87.43
C ALA D 43 -3.13 -6.27 -87.63
N PRO D 44 -2.58 -5.23 -86.95
CA PRO D 44 -1.18 -4.83 -87.15
C PRO D 44 -0.16 -5.92 -86.75
N LYS D 45 0.91 -6.08 -87.54
CA LYS D 45 1.97 -7.07 -87.23
C LYS D 45 3.29 -6.32 -87.02
N VAL D 46 4.02 -6.63 -85.94
CA VAL D 46 5.28 -5.89 -85.64
C VAL D 46 6.44 -6.55 -86.38
N LEU D 47 7.11 -5.81 -87.27
CA LEU D 47 8.31 -6.35 -87.98
C LEU D 47 9.44 -6.63 -86.99
N ILE D 48 9.67 -5.71 -86.05
CA ILE D 48 10.80 -5.87 -85.08
C ILE D 48 10.38 -5.25 -83.75
N TYR D 49 10.91 -5.75 -82.62
CA TYR D 49 10.45 -5.23 -81.30
C TYR D 49 11.44 -4.20 -80.75
N ASP D 50 12.74 -4.49 -80.80
CA ASP D 50 13.76 -3.57 -80.21
C ASP D 50 14.76 -3.11 -81.27
N THR D 51 14.59 -3.54 -82.53
CA THR D 51 15.53 -3.21 -83.65
C THR D 51 16.86 -3.96 -83.48
N SER D 52 16.93 -4.90 -82.53
CA SER D 52 18.16 -5.71 -82.37
C SER D 52 17.83 -7.19 -82.66
N ARG D 53 16.59 -7.61 -82.38
CA ARG D 53 16.17 -9.01 -82.66
C ARG D 53 14.91 -8.98 -83.53
N LEU D 54 14.94 -9.69 -84.66
CA LEU D 54 13.77 -9.71 -85.60
C LEU D 54 12.59 -10.42 -84.93
N GLN D 55 11.37 -9.89 -85.11
CA GLN D 55 10.16 -10.53 -84.54
C GLN D 55 9.89 -11.83 -85.30
N SER D 56 9.30 -12.84 -84.63
CA SER D 56 8.96 -14.13 -85.28
C SER D 56 7.86 -13.90 -86.34
N GLY D 57 7.92 -14.64 -87.45
CA GLY D 57 6.92 -14.49 -88.53
C GLY D 57 7.24 -13.34 -89.46
N VAL D 58 8.48 -12.84 -89.42
CA VAL D 58 8.88 -11.67 -90.27
C VAL D 58 10.03 -12.10 -91.19
N PRO D 59 9.96 -11.83 -92.52
CA PRO D 59 11.03 -12.19 -93.46
C PRO D 59 12.43 -11.72 -93.04
N SER D 60 13.43 -12.61 -93.17
CA SER D 60 14.84 -12.27 -92.81
C SER D 60 15.33 -11.05 -93.59
N ARG D 61 14.82 -10.84 -94.81
CA ARG D 61 15.30 -9.73 -95.67
C ARG D 61 15.08 -8.38 -94.95
N PHE D 62 13.97 -8.24 -94.21
CA PHE D 62 13.78 -6.99 -93.43
C PHE D 62 14.90 -6.87 -92.39
N SER D 63 15.56 -5.72 -92.34
CA SER D 63 16.61 -5.48 -91.32
C SER D 63 16.38 -4.11 -90.67
N GLY D 64 16.44 -4.04 -89.34
CA GLY D 64 16.29 -2.74 -88.66
C GLY D 64 17.62 -2.25 -88.11
N SER D 65 18.12 -1.12 -88.63
CA SER D 65 19.38 -0.53 -88.12
C SER D 65 19.14 0.94 -87.78
N ALA D 66 19.51 1.38 -86.58
CA ALA D 66 19.23 2.77 -86.18
C ALA D 66 20.53 3.57 -86.05
N SER D 67 20.64 4.69 -86.77
CA SER D 67 21.83 5.56 -86.63
C SER D 67 21.37 6.88 -86.00
N GLY D 68 21.90 7.22 -84.82
CA GLY D 68 21.42 8.43 -84.12
C GLY D 68 19.93 8.29 -83.80
N THR D 69 19.19 9.41 -83.82
CA THR D 69 17.73 9.37 -83.58
C THR D 69 17.01 8.60 -84.70
N ASP D 70 17.43 8.79 -85.96
CA ASP D 70 16.71 8.15 -87.11
C ASP D 70 16.90 6.63 -87.13
N PHE D 71 15.87 5.89 -87.55
CA PHE D 71 15.96 4.41 -87.65
C PHE D 71 15.67 3.99 -89.09
N THR D 72 16.54 3.16 -89.68
CA THR D 72 16.37 2.79 -91.12
C THR D 72 15.96 1.32 -91.23
N LEU D 73 14.89 1.03 -91.97
CA LEU D 73 14.47 -0.37 -92.21
C LEU D 73 14.81 -0.72 -93.66
N THR D 74 15.53 -1.83 -93.88
CA THR D 74 15.98 -2.18 -95.26
C THR D 74 15.14 -3.35 -95.77
N ILE D 75 14.57 -3.21 -96.97
CA ILE D 75 13.74 -4.29 -97.57
C ILE D 75 14.47 -4.78 -98.83
N SER D 76 14.66 -6.09 -98.96
CA SER D 76 15.39 -6.66 -100.13
C SER D 76 14.41 -7.46 -101.00
N SER D 77 14.52 -7.33 -102.33
CA SER D 77 13.60 -8.04 -103.25
C SER D 77 12.15 -7.76 -102.87
N LEU D 78 11.80 -6.49 -102.67
CA LEU D 78 10.43 -6.13 -102.19
C LEU D 78 9.37 -6.65 -103.17
N GLN D 79 8.25 -7.15 -102.65
CA GLN D 79 7.17 -7.72 -103.50
C GLN D 79 5.87 -6.99 -103.17
N PRO D 80 4.84 -6.98 -104.05
CA PRO D 80 3.62 -6.22 -103.78
C PRO D 80 2.92 -6.70 -102.51
N GLU D 81 2.83 -8.02 -102.32
CA GLU D 81 2.22 -8.58 -101.07
C GLU D 81 3.09 -8.17 -99.87
N ASP D 82 4.41 -8.22 -100.01
CA ASP D 82 5.35 -7.84 -98.92
C ASP D 82 5.17 -6.36 -98.56
N PHE D 83 4.97 -5.50 -99.57
CA PHE D 83 4.88 -4.04 -99.32
C PHE D 83 3.68 -3.72 -98.43
N ALA D 84 3.87 -2.86 -97.44
CA ALA D 84 2.76 -2.46 -96.52
C ALA D 84 3.08 -1.09 -95.92
N THR D 85 2.09 -0.38 -95.39
CA THR D 85 2.36 0.91 -94.70
C THR D 85 3.16 0.62 -93.42
N TYR D 86 4.12 1.49 -93.08
CA TYR D 86 4.99 1.19 -91.91
C TYR D 86 4.81 2.25 -90.81
N TYR D 87 4.64 1.81 -89.56
CA TYR D 87 4.55 2.76 -88.42
C TYR D 87 5.63 2.40 -87.41
N CYS D 88 6.40 3.40 -86.94
CA CYS D 88 7.43 3.13 -85.90
C CYS D 88 7.02 3.79 -84.58
N GLN D 89 7.04 3.02 -83.48
CA GLN D 89 6.64 3.57 -82.16
C GLN D 89 7.78 3.35 -81.15
N GLN D 90 8.18 4.39 -80.44
CA GLN D 90 9.20 4.24 -79.37
C GLN D 90 8.58 3.36 -78.27
N SER D 91 9.31 2.36 -77.78
CA SER D 91 8.71 1.42 -76.79
C SER D 91 9.32 1.63 -75.40
N CYS D 92 8.49 2.00 -74.42
CA CYS D 92 8.98 2.19 -73.03
C CYS D 92 7.79 2.01 -72.08
N THR D 93 8.05 1.71 -70.80
CA THR D 93 6.94 1.62 -69.82
C THR D 93 6.29 3.00 -69.69
N THR D 94 7.11 4.07 -69.73
CA THR D 94 6.59 5.46 -69.65
C THR D 94 5.94 5.85 -70.99
N LEU D 95 4.96 5.09 -71.46
CA LEU D 95 4.23 5.47 -72.71
C LEU D 95 3.35 6.70 -72.47
N ARG D 96 2.03 6.58 -72.61
CA ARG D 96 1.10 7.73 -72.42
C ARG D 96 1.24 8.71 -73.61
N CYS D 97 2.46 9.02 -74.02
CA CYS D 97 2.69 9.89 -75.21
C CYS D 97 2.04 9.18 -76.41
N TRP D 98 2.14 7.86 -76.47
CA TRP D 98 1.49 7.08 -77.56
C TRP D 98 1.97 7.61 -78.92
N THR D 99 3.28 7.80 -79.06
CA THR D 99 3.85 8.23 -80.36
C THR D 99 3.46 7.21 -81.44
N PHE D 100 3.11 7.70 -82.64
CA PHE D 100 2.65 6.78 -83.71
C PHE D 100 3.41 7.07 -85.00
N GLY D 101 3.22 6.23 -86.03
CA GLY D 101 3.95 6.41 -87.30
C GLY D 101 3.17 7.29 -88.26
N GLN D 102 3.86 8.12 -89.05
CA GLN D 102 3.17 8.99 -90.05
C GLN D 102 2.52 8.10 -91.11
N GLY D 103 3.14 6.96 -91.43
CA GLY D 103 2.60 6.03 -92.42
C GLY D 103 3.29 6.20 -93.77
N THR D 104 4.06 5.19 -94.19
CA THR D 104 4.71 5.24 -95.53
C THR D 104 4.15 4.11 -96.40
N LYS D 105 3.58 4.45 -97.57
CA LYS D 105 2.93 3.42 -98.42
C LYS D 105 3.86 3.11 -99.60
N LEU D 106 4.07 1.81 -99.87
CA LEU D 106 4.99 1.41 -100.97
C LEU D 106 4.16 1.07 -102.22
N GLU D 107 4.51 1.68 -103.36
CA GLU D 107 3.76 1.44 -104.62
C GLU D 107 4.69 0.83 -105.67
N ILE D 108 4.23 -0.19 -106.38
CA ILE D 108 5.08 -0.88 -107.40
C ILE D 108 5.44 0.11 -108.50
N LYS D 109 6.70 0.10 -108.94
CA LYS D 109 7.15 1.01 -110.05
C LYS D 109 6.82 0.34 -111.39
N ARG D 110 6.18 1.06 -112.30
CA ARG D 110 5.75 0.48 -113.61
C ARG D 110 5.95 1.53 -114.71
N THR D 111 5.94 1.10 -115.98
CA THR D 111 6.05 2.05 -117.11
C THR D 111 4.83 2.98 -117.10
N VAL D 112 5.01 4.27 -117.41
CA VAL D 112 3.89 5.24 -117.36
C VAL D 112 2.84 4.86 -118.40
N ALA D 113 1.56 4.97 -118.03
CA ALA D 113 0.45 4.65 -118.97
C ALA D 113 -0.45 5.87 -119.13
N ALA D 114 -0.82 6.21 -120.37
CA ALA D 114 -1.67 7.40 -120.64
C ALA D 114 -3.07 7.20 -120.04
N PRO D 115 -3.67 8.23 -119.40
CA PRO D 115 -5.04 8.12 -118.86
C PRO D 115 -6.14 8.05 -119.92
N SER D 116 -7.24 7.34 -119.62
CA SER D 116 -8.39 7.27 -120.55
C SER D 116 -9.52 8.12 -119.98
N VAL D 117 -10.08 9.05 -120.76
CA VAL D 117 -11.10 9.99 -120.20
C VAL D 117 -12.52 9.56 -120.59
N PHE D 118 -13.41 9.44 -119.60
CA PHE D 118 -14.83 9.07 -119.86
C PHE D 118 -15.74 10.07 -119.13
N ILE D 119 -16.92 10.34 -119.67
CA ILE D 119 -17.82 11.36 -119.05
C ILE D 119 -19.18 10.73 -118.71
N PHE D 120 -19.74 11.08 -117.55
CA PHE D 120 -21.09 10.58 -117.20
C PHE D 120 -22.02 11.78 -116.96
N PRO D 121 -23.12 11.94 -117.74
CA PRO D 121 -24.09 13.01 -117.49
C PRO D 121 -24.92 12.72 -116.24
N PRO D 122 -25.43 13.74 -115.52
CA PRO D 122 -26.30 13.48 -114.36
C PRO D 122 -27.58 12.76 -114.79
N SER D 123 -28.02 11.78 -114.01
CA SER D 123 -29.23 10.98 -114.38
C SER D 123 -30.49 11.85 -114.27
N ASP D 124 -31.53 11.52 -115.05
CA ASP D 124 -32.80 12.29 -115.01
C ASP D 124 -33.40 12.18 -113.61
N GLU D 125 -33.34 11.00 -112.99
CA GLU D 125 -33.85 10.82 -111.60
C GLU D 125 -33.03 11.70 -110.65
N GLN D 126 -31.72 11.78 -110.86
CA GLN D 126 -30.84 12.65 -110.02
C GLN D 126 -31.27 14.11 -110.20
N LEU D 127 -31.58 14.52 -111.43
CA LEU D 127 -32.02 15.92 -111.69
C LEU D 127 -33.35 16.16 -110.96
N LYS D 128 -34.26 15.18 -110.96
CA LYS D 128 -35.55 15.30 -110.25
C LYS D 128 -35.29 15.44 -108.74
N SER D 129 -34.29 14.70 -108.22
CA SER D 129 -33.94 14.79 -106.77
C SER D 129 -33.46 16.21 -106.45
N GLY D 130 -32.80 16.88 -107.41
CA GLY D 130 -32.33 18.26 -107.20
C GLY D 130 -30.83 18.37 -107.05
N THR D 131 -30.10 17.26 -107.19
CA THR D 131 -28.61 17.32 -107.18
C THR D 131 -28.10 16.98 -108.58
N ALA D 132 -27.09 17.68 -109.06
CA ALA D 132 -26.49 17.36 -110.39
C ALA D 132 -25.05 16.93 -110.20
N SER D 133 -24.69 15.75 -110.71
CA SER D 133 -23.27 15.29 -110.63
C SER D 133 -22.73 14.99 -112.03
N VAL D 134 -21.58 15.59 -112.37
CA VAL D 134 -20.92 15.28 -113.68
C VAL D 134 -19.66 14.50 -113.34
N VAL D 135 -19.49 13.31 -113.92
CA VAL D 135 -18.33 12.46 -113.52
C VAL D 135 -17.27 12.45 -114.63
N CYS D 136 -16.05 12.86 -114.31
CA CYS D 136 -14.94 12.77 -115.30
C CYS D 136 -14.07 11.59 -114.84
N LEU D 137 -13.89 10.59 -115.70
CA LEU D 137 -13.17 9.36 -115.25
C LEU D 137 -11.81 9.25 -115.96
N LEU D 138 -10.75 9.02 -115.19
CA LEU D 138 -9.39 8.82 -115.78
C LEU D 138 -9.02 7.37 -115.51
N ASN D 139 -8.50 6.63 -116.50
CA ASN D 139 -8.26 5.18 -116.29
C ASN D 139 -6.86 4.76 -116.76
N ASN D 140 -6.33 3.68 -116.20
CA ASN D 140 -5.03 3.12 -116.66
C ASN D 140 -3.89 4.14 -116.64
N PHE D 141 -3.71 4.88 -115.54
CA PHE D 141 -2.52 5.78 -115.46
C PHE D 141 -1.62 5.29 -114.31
N TYR D 142 -0.34 5.00 -114.62
CA TYR D 142 0.57 4.44 -113.59
C TYR D 142 0.82 5.41 -112.42
N PRO D 143 1.12 6.72 -112.61
CA PRO D 143 1.37 7.60 -111.46
C PRO D 143 0.10 7.76 -110.61
N ARG D 144 0.25 7.69 -109.28
CA ARG D 144 -0.92 7.89 -108.38
C ARG D 144 -1.42 9.32 -108.57
N GLU D 145 -0.51 10.29 -108.67
CA GLU D 145 -0.90 11.72 -108.78
C GLU D 145 -1.58 11.98 -110.13
N ALA D 146 -2.69 12.72 -110.13
CA ALA D 146 -3.36 13.12 -111.39
C ALA D 146 -4.00 14.49 -111.17
N LYS D 147 -4.07 15.32 -112.21
CA LYS D 147 -4.61 16.70 -112.01
C LYS D 147 -5.89 16.86 -112.83
N VAL D 148 -7.00 17.20 -112.16
CA VAL D 148 -8.28 17.43 -112.89
C VAL D 148 -8.81 18.81 -112.50
N GLN D 149 -9.16 19.65 -113.49
CA GLN D 149 -9.77 20.96 -113.18
C GLN D 149 -11.18 20.98 -113.79
N TRP D 150 -12.19 21.35 -113.00
CA TRP D 150 -13.59 21.36 -113.49
C TRP D 150 -14.00 22.81 -113.76
N LYS D 151 -14.41 23.09 -115.00
CA LYS D 151 -14.84 24.48 -115.36
C LYS D 151 -16.24 24.44 -116.00
N VAL D 152 -17.12 25.34 -115.58
CA VAL D 152 -18.47 25.43 -116.20
C VAL D 152 -18.51 26.71 -117.03
N ASP D 153 -18.79 26.61 -118.33
CA ASP D 153 -18.75 27.81 -119.22
C ASP D 153 -17.38 28.46 -119.06
N ASN D 154 -16.31 27.65 -118.98
CA ASN D 154 -14.92 28.17 -118.82
C ASN D 154 -14.78 28.97 -117.52
N ALA D 155 -15.48 28.58 -116.46
CA ALA D 155 -15.31 29.25 -115.14
C ALA D 155 -14.90 28.21 -114.10
N LEU D 156 -13.80 28.44 -113.37
CA LEU D 156 -13.29 27.44 -112.40
C LEU D 156 -14.30 27.25 -111.26
N GLN D 157 -14.47 26.01 -110.80
CA GLN D 157 -15.37 25.72 -109.65
C GLN D 157 -14.50 25.29 -108.47
N SER D 158 -14.68 25.91 -107.29
CA SER D 158 -13.79 25.59 -106.15
C SER D 158 -14.50 24.74 -105.11
N GLY D 159 -14.04 23.51 -104.89
CA GLY D 159 -14.60 22.63 -103.84
C GLY D 159 -15.81 21.85 -104.32
N ASN D 160 -16.31 22.16 -105.53
CA ASN D 160 -17.45 21.41 -106.11
C ASN D 160 -17.01 19.99 -106.49
N SER D 161 -15.87 19.87 -107.18
CA SER D 161 -15.41 18.54 -107.66
C SER D 161 -14.96 17.66 -106.47
N GLN D 162 -15.28 16.37 -106.50
CA GLN D 162 -14.85 15.42 -105.44
C GLN D 162 -14.00 14.34 -106.12
N GLU D 163 -12.79 14.06 -105.61
CA GLU D 163 -11.89 13.12 -106.31
C GLU D 163 -11.73 11.81 -105.52
N SER D 164 -11.96 10.67 -106.19
CA SER D 164 -11.76 9.34 -105.53
C SER D 164 -10.81 8.50 -106.40
N VAL D 165 -9.81 7.86 -105.78
CA VAL D 165 -8.82 7.05 -106.56
C VAL D 165 -9.00 5.57 -106.20
N THR D 166 -9.15 4.72 -107.21
CA THR D 166 -9.34 3.26 -106.97
C THR D 166 -8.02 2.64 -106.48
N GLU D 167 -8.10 1.60 -105.65
CA GLU D 167 -6.87 0.90 -105.20
C GLU D 167 -6.23 0.25 -106.43
N GLN D 168 -4.89 0.36 -106.56
CA GLN D 168 -4.21 -0.19 -107.76
C GLN D 168 -4.21 -1.72 -107.71
N ASP D 169 -4.44 -2.39 -108.85
CA ASP D 169 -4.29 -3.86 -108.88
C ASP D 169 -2.80 -4.15 -108.76
N SER D 170 -2.40 -5.18 -108.02
CA SER D 170 -0.94 -5.40 -107.80
C SER D 170 -0.24 -5.68 -109.13
N LYS D 171 -0.82 -6.54 -109.97
CA LYS D 171 -0.23 -6.81 -111.32
C LYS D 171 -0.35 -5.57 -112.21
N ASP D 172 -1.51 -4.90 -112.20
CA ASP D 172 -1.74 -3.74 -113.09
C ASP D 172 -0.77 -2.59 -112.74
N SER D 173 -0.58 -2.31 -111.44
CA SER D 173 0.28 -1.18 -111.00
C SER D 173 -0.19 0.12 -111.65
N THR D 174 -1.51 0.31 -111.77
CA THR D 174 -2.07 1.53 -112.40
C THR D 174 -3.26 2.03 -111.57
N TYR D 175 -3.61 3.31 -111.68
CA TYR D 175 -4.68 3.88 -110.83
C TYR D 175 -5.79 4.48 -111.71
N SER D 176 -7.01 4.58 -111.17
CA SER D 176 -8.14 5.21 -111.90
C SER D 176 -8.74 6.32 -111.02
N LEU D 177 -9.06 7.48 -111.60
CA LEU D 177 -9.55 8.63 -110.78
C LEU D 177 -10.97 9.01 -111.20
N SER D 178 -11.88 9.14 -110.23
CA SER D 178 -13.26 9.61 -110.54
C SER D 178 -13.44 11.02 -109.95
N SER D 179 -13.84 11.98 -110.79
CA SER D 179 -14.12 13.35 -110.29
C SER D 179 -15.62 13.64 -110.40
N THR D 180 -16.29 13.92 -109.28
CA THR D 180 -17.76 14.12 -109.31
C THR D 180 -18.10 15.56 -108.91
N LEU D 181 -18.76 16.30 -109.81
CA LEU D 181 -19.18 17.70 -109.49
C LEU D 181 -20.40 17.66 -108.56
N THR D 182 -20.53 18.62 -107.65
CA THR D 182 -21.76 18.69 -106.83
C THR D 182 -22.45 20.04 -107.12
N LEU D 183 -23.73 20.01 -107.52
CA LEU D 183 -24.43 21.27 -107.89
C LEU D 183 -25.92 21.16 -107.52
N SER D 184 -26.57 22.29 -107.25
CA SER D 184 -28.04 22.28 -106.99
C SER D 184 -28.77 22.22 -108.34
N LYS D 185 -30.07 21.93 -108.32
CA LYS D 185 -30.87 21.90 -109.58
C LYS D 185 -30.83 23.30 -110.21
N ALA D 186 -30.93 24.35 -109.38
CA ALA D 186 -30.85 25.73 -109.90
C ALA D 186 -29.47 25.97 -110.51
N ASP D 187 -28.41 25.49 -109.86
CA ASP D 187 -27.04 25.62 -110.43
C ASP D 187 -26.97 24.86 -111.75
N TYR D 188 -27.58 23.66 -111.80
CA TYR D 188 -27.49 22.84 -113.03
C TYR D 188 -28.14 23.58 -114.21
N GLU D 189 -29.33 24.14 -114.01
CA GLU D 189 -30.02 24.78 -115.17
C GLU D 189 -29.23 26.02 -115.60
N LYS D 190 -28.63 26.74 -114.64
CA LYS D 190 -27.80 27.93 -114.97
C LYS D 190 -26.56 27.52 -115.78
N HIS D 191 -25.96 26.36 -115.46
CA HIS D 191 -24.71 25.95 -116.15
C HIS D 191 -25.06 25.19 -117.44
N LYS D 192 -25.02 25.87 -118.58
CA LYS D 192 -25.32 25.24 -119.89
C LYS D 192 -24.23 24.21 -120.25
N VAL D 193 -22.96 24.52 -119.97
CA VAL D 193 -21.85 23.62 -120.40
C VAL D 193 -21.04 23.12 -119.19
N TYR D 194 -20.75 21.81 -119.14
CA TYR D 194 -19.89 21.26 -118.06
C TYR D 194 -18.63 20.67 -118.70
N ALA D 195 -17.45 21.03 -118.21
CA ALA D 195 -16.19 20.57 -118.84
C ALA D 195 -15.19 20.05 -117.81
N CYS D 196 -14.45 18.99 -118.13
CA CYS D 196 -13.38 18.52 -117.21
C CYS D 196 -12.02 18.60 -117.93
N GLU D 197 -11.03 19.21 -117.29
CA GLU D 197 -9.68 19.36 -117.92
C GLU D 197 -8.74 18.40 -117.19
N VAL D 198 -8.00 17.58 -117.94
CA VAL D 198 -7.12 16.57 -117.27
C VAL D 198 -5.65 16.87 -117.60
N THR D 199 -4.81 16.94 -116.57
CA THR D 199 -3.35 17.16 -116.77
C THR D 199 -2.59 15.99 -116.16
N HIS D 200 -1.71 15.35 -116.92
CA HIS D 200 -0.99 14.15 -116.41
C HIS D 200 0.44 14.12 -116.94
N GLN D 201 1.37 13.50 -116.21
CA GLN D 201 2.76 13.35 -116.71
C GLN D 201 2.74 12.49 -117.97
N GLY D 202 1.91 11.43 -117.98
CA GLY D 202 1.80 10.55 -119.15
C GLY D 202 1.29 11.29 -120.37
N LEU D 203 0.30 12.18 -120.17
CA LEU D 203 -0.22 12.98 -121.31
C LEU D 203 0.90 13.88 -121.86
N SER D 204 1.04 13.96 -123.18
CA SER D 204 2.05 14.85 -123.79
C SER D 204 1.73 16.31 -123.45
N SER D 205 0.45 16.68 -123.50
CA SER D 205 0.02 18.06 -123.18
C SER D 205 -1.31 18.03 -122.41
N PRO D 206 -1.66 18.99 -121.50
CA PRO D 206 -2.97 18.94 -120.85
C PRO D 206 -4.09 19.10 -121.86
N VAL D 207 -5.16 18.34 -121.64
CA VAL D 207 -6.24 18.25 -122.60
C VAL D 207 -7.57 18.44 -121.88
N THR D 208 -8.49 19.14 -122.53
CA THR D 208 -9.80 19.45 -121.99
C THR D 208 -10.85 18.80 -122.87
N LYS D 209 -11.87 18.18 -122.26
CA LYS D 209 -13.03 17.82 -123.05
C LYS D 209 -14.22 18.48 -122.38
N SER D 210 -15.23 18.74 -123.18
CA SER D 210 -16.46 19.33 -122.69
C SER D 210 -17.65 18.55 -123.21
N PHE D 211 -18.82 18.92 -122.71
CA PHE D 211 -20.07 18.46 -123.28
C PHE D 211 -21.14 19.47 -122.86
N ASN D 212 -22.25 19.45 -123.59
CA ASN D 212 -23.35 20.37 -123.28
C ASN D 212 -24.59 19.60 -122.84
N ARG D 213 -25.66 20.32 -122.55
CA ARG D 213 -26.87 19.69 -122.04
C ARG D 213 -27.68 19.08 -123.18
N GLY D 214 -28.06 17.81 -123.02
CA GLY D 214 -28.90 17.14 -123.99
C GLY D 214 -28.21 16.58 -125.21
N GLU D 215 -27.33 15.59 -125.03
CA GLU D 215 -26.74 14.89 -126.17
C GLU D 215 -27.64 13.76 -126.67
N CYS D 216 -27.93 12.80 -125.79
CA CYS D 216 -28.77 11.66 -126.17
C CYS D 216 -30.21 12.11 -126.42
N GLU E 1 -6.43 -20.55 -80.25
CA GLU E 1 -7.73 -20.86 -79.62
C GLU E 1 -8.24 -19.63 -78.86
N VAL E 2 -7.33 -18.73 -78.48
CA VAL E 2 -7.74 -17.47 -77.78
C VAL E 2 -8.56 -16.61 -78.75
N GLN E 3 -9.66 -16.02 -78.27
CA GLN E 3 -10.53 -15.18 -79.14
C GLN E 3 -10.60 -13.76 -78.58
N LEU E 4 -10.36 -12.75 -79.42
CA LEU E 4 -10.50 -11.34 -78.97
C LEU E 4 -11.55 -10.66 -79.86
N VAL E 5 -12.55 -10.01 -79.25
CA VAL E 5 -13.63 -9.35 -80.03
C VAL E 5 -13.96 -8.01 -79.38
N GLU E 6 -14.45 -7.03 -80.15
CA GLU E 6 -14.85 -5.72 -79.58
C GLU E 6 -16.37 -5.56 -79.79
N SER E 7 -17.09 -5.12 -78.77
CA SER E 7 -18.58 -5.04 -78.86
C SER E 7 -19.07 -3.64 -78.49
N GLY E 8 -20.29 -3.30 -78.88
CA GLY E 8 -20.88 -1.99 -78.53
C GLY E 8 -20.50 -0.90 -79.53
N GLY E 9 -19.82 -1.26 -80.62
CA GLY E 9 -19.49 -0.26 -81.65
C GLY E 9 -20.72 0.09 -82.48
N GLY E 10 -21.01 1.39 -82.61
CA GLY E 10 -22.19 1.84 -83.39
C GLY E 10 -22.07 3.29 -83.82
N VAL E 11 -22.87 3.71 -84.82
CA VAL E 11 -22.87 5.14 -85.23
C VAL E 11 -23.41 5.97 -84.04
N VAL E 12 -22.79 7.11 -83.75
CA VAL E 12 -23.20 7.90 -82.55
C VAL E 12 -23.27 9.39 -82.88
N GLN E 13 -24.10 10.14 -82.14
CA GLN E 13 -24.16 11.62 -82.31
C GLN E 13 -22.96 12.25 -81.61
N PRO E 14 -22.57 13.51 -81.90
CA PRO E 14 -21.48 14.17 -81.17
C PRO E 14 -21.83 14.37 -79.68
N GLY E 15 -20.82 14.36 -78.81
CA GLY E 15 -21.07 14.51 -77.35
C GLY E 15 -22.01 13.42 -76.85
N ARG E 16 -21.64 12.16 -77.04
CA ARG E 16 -22.50 11.02 -76.63
C ARG E 16 -21.65 10.05 -75.82
N SER E 17 -22.27 9.24 -74.95
CA SER E 17 -21.51 8.22 -74.18
C SER E 17 -21.72 6.85 -74.84
N LEU E 18 -20.62 6.21 -75.28
CA LEU E 18 -20.72 4.85 -75.90
C LEU E 18 -19.88 3.86 -75.10
N ARG E 19 -20.50 2.79 -74.60
CA ARG E 19 -19.76 1.74 -73.83
C ARG E 19 -18.95 0.87 -74.79
N SER E 21 -16.53 -1.28 -76.34
CA SER E 21 -15.90 -2.15 -75.30
C SER E 21 -15.11 -3.27 -75.98
N CYS E 22 -14.57 -4.21 -75.21
CA CYS E 22 -13.84 -5.38 -75.78
C CYS E 22 -14.15 -6.62 -74.94
N ALA E 23 -14.05 -7.82 -75.54
CA ALA E 23 -14.28 -9.08 -74.80
C ALA E 23 -13.20 -10.09 -75.15
N ALA E 24 -12.81 -10.94 -74.20
CA ALA E 24 -11.80 -12.00 -74.47
C ALA E 24 -12.41 -13.37 -74.19
N SER E 25 -12.19 -14.35 -75.07
CA SER E 25 -12.79 -15.69 -74.91
C SER E 25 -11.70 -16.77 -74.98
N ALA E 26 -11.90 -17.90 -74.28
CA ALA E 26 -10.92 -19.00 -74.27
C ALA E 26 -9.55 -18.49 -73.81
N PHE E 27 -9.54 -17.56 -72.84
CA PHE E 27 -8.28 -17.00 -72.31
C PHE E 27 -8.51 -16.60 -70.86
N THR E 28 -7.44 -16.45 -70.06
CA THR E 28 -7.61 -15.97 -68.66
C THR E 28 -7.39 -14.45 -68.66
N PHE E 29 -8.44 -13.69 -68.35
CA PHE E 29 -8.32 -12.20 -68.38
C PHE E 29 -7.36 -11.70 -67.30
N SER E 30 -7.40 -12.29 -66.10
CA SER E 30 -6.61 -11.76 -64.97
C SER E 30 -5.09 -11.80 -65.24
N ASN E 31 -4.58 -12.87 -65.84
CA ASN E 31 -3.09 -12.99 -66.00
C ASN E 31 -2.53 -11.89 -66.91
N TYR E 32 -3.24 -11.50 -67.98
CA TYR E 32 -2.65 -10.54 -68.96
C TYR E 32 -3.40 -9.21 -68.99
N GLY E 33 -2.67 -8.09 -68.92
CA GLY E 33 -3.31 -6.77 -69.03
C GLY E 33 -3.85 -6.54 -70.43
N MET E 34 -5.01 -5.88 -70.55
CA MET E 34 -5.66 -5.68 -71.88
C MET E 34 -5.51 -4.20 -72.28
N HIS E 35 -5.02 -3.93 -73.48
CA HIS E 35 -4.77 -2.52 -73.89
C HIS E 35 -5.58 -2.18 -75.15
N TRP E 36 -6.24 -1.01 -75.15
CA TRP E 36 -7.07 -0.59 -76.31
C TRP E 36 -6.25 0.33 -77.22
N VAL E 37 -6.16 0.02 -78.51
CA VAL E 37 -5.35 0.82 -79.46
C VAL E 37 -6.29 1.42 -80.53
N ARG E 38 -6.17 2.72 -80.79
CA ARG E 38 -7.03 3.37 -81.83
C ARG E 38 -6.18 3.63 -83.08
N GLN E 39 -6.67 3.18 -84.25
CA GLN E 39 -5.96 3.46 -85.52
C GLN E 39 -6.84 4.35 -86.39
N ALA E 40 -6.29 5.45 -86.90
CA ALA E 40 -7.05 6.35 -87.81
C ALA E 40 -6.42 6.24 -89.20
N PRO E 41 -7.20 6.22 -90.30
CA PRO E 41 -6.61 6.01 -91.63
C PRO E 41 -5.60 7.12 -91.96
N GLY E 42 -4.44 6.74 -92.49
CA GLY E 42 -3.38 7.73 -92.79
C GLY E 42 -2.58 8.09 -91.56
N LYS E 43 -2.85 7.42 -90.43
CA LYS E 43 -2.14 7.74 -89.15
C LYS E 43 -1.73 6.43 -88.47
N GLY E 44 -0.69 6.48 -87.63
CA GLY E 44 -0.22 5.28 -86.91
C GLY E 44 -1.14 4.92 -85.75
N LEU E 45 -1.22 3.63 -85.43
CA LEU E 45 -2.04 3.19 -84.27
C LEU E 45 -1.39 3.69 -82.98
N GLU E 46 -2.20 4.18 -82.03
CA GLU E 46 -1.67 4.63 -80.72
C GLU E 46 -2.60 4.09 -79.63
N TRP E 47 -2.06 3.79 -78.44
CA TRP E 47 -2.91 3.18 -77.38
C TRP E 47 -3.58 4.29 -76.57
N VAL E 48 -4.83 4.63 -76.93
CA VAL E 48 -5.58 5.70 -76.21
C VAL E 48 -5.82 5.27 -74.77
N ALA E 49 -6.16 3.98 -74.56
CA ALA E 49 -6.40 3.47 -73.20
C ALA E 49 -5.53 2.22 -72.96
N VAL E 50 -4.77 2.19 -71.87
CA VAL E 50 -3.96 0.98 -71.53
C VAL E 50 -4.36 0.53 -70.12
N ILE E 51 -4.68 -0.75 -69.93
CA ILE E 51 -5.15 -1.21 -68.59
C ILE E 51 -4.23 -2.31 -68.06
N TRP E 52 -3.80 -2.19 -66.80
CA TRP E 52 -2.95 -3.24 -66.16
C TRP E 52 -3.81 -4.47 -65.86
N SER E 53 -3.19 -5.63 -65.68
CA SER E 53 -3.95 -6.88 -65.41
C SER E 53 -4.74 -6.71 -64.11
N ALA E 54 -4.13 -6.08 -63.10
CA ALA E 54 -4.84 -5.80 -61.83
C ALA E 54 -6.01 -4.84 -62.11
N GLY E 55 -5.80 -3.84 -62.97
CA GLY E 55 -6.84 -2.84 -63.27
C GLY E 55 -6.79 -1.70 -62.25
N SER E 56 -5.92 -1.81 -61.25
CA SER E 56 -5.75 -0.73 -60.24
C SER E 56 -5.21 0.53 -60.93
N LEU E 57 -4.29 0.35 -61.88
CA LEU E 57 -3.67 1.51 -62.57
C LEU E 57 -4.21 1.56 -64.00
N LYS E 58 -4.77 2.72 -64.40
CA LYS E 58 -5.31 2.89 -65.78
C LYS E 58 -4.48 3.96 -66.48
N TYR E 59 -4.01 3.68 -67.70
CA TYR E 59 -3.11 4.64 -68.40
C TYR E 59 -3.88 5.29 -69.56
N TYR E 60 -3.86 6.63 -69.62
CA TYR E 60 -4.60 7.36 -70.69
C TYR E 60 -3.60 8.13 -71.55
N ALA E 61 -3.79 8.10 -72.88
CA ALA E 61 -2.87 8.79 -73.80
C ALA E 61 -2.98 10.31 -73.62
N ASP E 62 -1.90 11.04 -73.92
CA ASP E 62 -1.90 12.52 -73.75
C ASP E 62 -2.96 13.14 -74.66
N SER E 63 -3.18 12.57 -75.85
CA SER E 63 -4.14 13.15 -76.82
C SER E 63 -5.56 13.19 -76.23
N VAL E 64 -5.97 12.16 -75.50
CA VAL E 64 -7.36 12.13 -74.95
C VAL E 64 -7.37 12.66 -73.52
N LYS E 65 -8.07 13.76 -73.28
CA LYS E 65 -8.15 14.35 -71.91
C LYS E 65 -9.33 13.73 -71.15
N GLY E 66 -9.21 12.46 -70.76
CA GLY E 66 -10.28 11.78 -69.99
C GLY E 66 -11.43 11.34 -70.88
N ARG E 67 -11.27 11.48 -72.21
CA ARG E 67 -12.31 11.06 -73.17
C ARG E 67 -12.52 9.55 -73.06
N PHE E 68 -11.44 8.79 -72.88
CA PHE E 68 -11.54 7.31 -72.81
C PHE E 68 -11.45 6.86 -71.35
N ILE E 69 -12.45 6.12 -70.87
CA ILE E 69 -12.44 5.60 -69.47
C ILE E 69 -12.44 4.07 -69.55
N ILE E 70 -11.52 3.41 -68.83
CA ILE E 70 -11.41 1.92 -68.97
C ILE E 70 -11.76 1.22 -67.67
N SER E 71 -12.75 0.32 -67.71
CA SER E 71 -13.09 -0.52 -66.52
C SER E 71 -13.07 -1.97 -66.96
N ARG E 72 -12.33 -2.84 -66.29
CA ARG E 72 -12.22 -4.24 -66.78
C ARG E 72 -12.70 -5.24 -65.73
N ASP E 73 -13.55 -6.19 -66.13
CA ASP E 73 -14.02 -7.26 -65.20
C ASP E 73 -13.26 -8.54 -65.53
N ASN E 74 -12.29 -8.93 -64.69
CA ASN E 74 -11.46 -10.13 -64.98
C ASN E 74 -12.33 -11.39 -64.99
N SER E 75 -13.28 -11.50 -64.04
CA SER E 75 -14.20 -12.67 -64.00
C SER E 75 -15.05 -12.70 -65.27
N LYS E 76 -15.56 -11.54 -65.69
CA LYS E 76 -16.36 -11.44 -66.94
C LYS E 76 -15.47 -11.76 -68.14
N ASN E 77 -14.17 -11.47 -68.05
CA ASN E 77 -13.21 -11.68 -69.17
C ASN E 77 -13.44 -10.59 -70.23
N THR E 78 -14.06 -9.48 -69.83
CA THR E 78 -14.39 -8.39 -70.80
C THR E 78 -13.81 -7.06 -70.31
N LEU E 79 -13.33 -6.22 -71.22
CA LEU E 79 -12.80 -4.87 -70.85
C LEU E 79 -13.78 -3.83 -71.38
N TYR E 80 -14.22 -2.89 -70.54
CA TYR E 80 -15.24 -1.91 -70.98
C TYR E 80 -14.58 -0.55 -71.23
N LEU E 81 -14.79 0.01 -72.41
CA LEU E 81 -14.21 1.34 -72.75
C LEU E 81 -15.35 2.35 -72.89
N GLN E 82 -15.26 3.48 -72.19
CA GLN E 82 -16.32 4.51 -72.24
C GLN E 82 -15.82 5.69 -73.08
N MET E 83 -16.60 6.09 -74.09
CA MET E 83 -16.20 7.21 -74.98
C MET E 83 -17.16 8.37 -74.74
N ASP E 84 -16.62 9.57 -74.47
CA ASP E 84 -17.47 10.76 -74.20
C ASP E 84 -16.97 11.93 -75.06
N SER E 85 -17.79 12.96 -75.25
CA SER E 85 -17.43 14.11 -76.13
C SER E 85 -16.91 13.60 -77.48
N LEU E 86 -17.63 12.64 -78.08
CA LEU E 86 -17.19 12.02 -79.36
C LEU E 86 -17.21 13.07 -80.48
N ARG E 87 -16.23 13.01 -81.38
CA ARG E 87 -16.14 14.04 -82.46
C ARG E 87 -15.91 13.36 -83.83
N PRO E 88 -16.25 13.98 -85.00
CA PRO E 88 -15.93 13.36 -86.30
C PRO E 88 -14.44 12.99 -86.42
N GLU E 89 -13.54 13.86 -85.96
CA GLU E 89 -12.07 13.56 -86.01
C GLU E 89 -11.78 12.34 -85.13
N ASP E 90 -12.47 12.21 -83.99
CA ASP E 90 -12.24 11.07 -83.05
C ASP E 90 -12.60 9.75 -83.73
N THR E 91 -13.50 9.77 -84.71
CA THR E 91 -13.97 8.50 -85.35
C THR E 91 -12.76 7.70 -85.84
N ALA E 92 -12.68 6.42 -85.48
CA ALA E 92 -11.55 5.55 -85.89
C ALA E 92 -11.89 4.09 -85.59
N VAL E 93 -11.05 3.15 -86.04
CA VAL E 93 -11.25 1.70 -85.71
C VAL E 93 -10.41 1.36 -84.47
N TYR E 94 -11.01 0.70 -83.48
CA TYR E 94 -10.29 0.43 -82.20
C TYR E 94 -9.97 -1.06 -82.08
N TYR E 95 -8.69 -1.40 -81.84
CA TYR E 95 -8.25 -2.81 -81.69
C TYR E 95 -7.82 -3.05 -80.25
N CYS E 96 -8.30 -4.12 -79.61
CA CYS E 96 -7.87 -4.44 -78.23
C CYS E 96 -6.97 -5.69 -78.24
N ALA E 97 -5.73 -5.56 -77.74
CA ALA E 97 -4.82 -6.72 -77.66
C ALA E 97 -3.90 -6.58 -76.43
N ARG E 98 -3.47 -7.71 -75.85
CA ARG E 98 -2.53 -7.67 -74.70
C ARG E 98 -1.12 -7.31 -75.21
N GLU E 99 -0.34 -6.60 -74.40
CA GLU E 99 1.03 -6.18 -74.81
C GLU E 99 2.06 -6.74 -73.82
N ASN E 100 3.19 -7.24 -74.33
CA ASN E 100 4.24 -7.85 -73.46
C ASN E 100 5.60 -7.24 -73.81
N THR E 101 6.58 -7.37 -72.91
CA THR E 101 7.94 -6.82 -73.15
C THR E 101 8.99 -7.90 -72.90
N THR E 102 10.22 -7.70 -73.39
CA THR E 102 11.32 -8.69 -73.19
C THR E 102 12.12 -8.34 -71.94
N TYR E 103 11.91 -9.08 -70.85
CA TYR E 103 12.67 -8.83 -69.59
C TYR E 103 13.49 -10.08 -69.24
N TYR E 104 14.81 -9.92 -69.07
CA TYR E 104 15.69 -11.06 -68.70
C TYR E 104 16.98 -10.54 -68.06
N TYR E 105 17.70 -11.41 -67.34
CA TYR E 105 19.01 -11.01 -66.76
C TYR E 105 20.11 -11.62 -67.63
N GLU E 106 21.02 -10.80 -68.14
CA GLU E 106 22.08 -11.30 -69.06
C GLU E 106 23.25 -11.84 -68.25
N THR E 107 23.09 -13.00 -67.60
CA THR E 107 24.22 -13.62 -66.87
C THR E 107 25.30 -13.97 -67.89
N SER E 108 24.90 -14.55 -69.03
CA SER E 108 25.85 -14.84 -70.13
C SER E 108 25.14 -14.51 -71.45
N GLY E 109 24.85 -13.23 -71.70
CA GLY E 109 24.06 -12.88 -72.90
C GLY E 109 22.73 -13.61 -72.89
N SER E 110 22.09 -13.70 -71.72
CA SER E 110 20.82 -14.48 -71.61
C SER E 110 19.62 -13.55 -71.78
N TRP E 111 18.86 -13.73 -72.87
CA TRP E 111 17.68 -12.86 -73.15
C TRP E 111 16.44 -13.73 -73.40
N GLY E 112 15.31 -13.38 -72.76
CA GLY E 112 14.04 -14.10 -72.99
C GLY E 112 13.00 -13.18 -73.61
N ALA E 113 12.42 -13.58 -74.74
CA ALA E 113 11.47 -12.68 -75.44
C ALA E 113 10.23 -12.41 -74.58
N SER E 114 9.66 -13.45 -73.94
CA SER E 114 8.51 -13.25 -73.01
C SER E 114 7.44 -12.37 -73.65
N TYR E 115 7.05 -12.65 -74.90
CA TYR E 115 6.10 -11.75 -75.61
C TYR E 115 4.82 -12.50 -76.01
N TYR E 116 3.66 -11.86 -75.86
CA TYR E 116 2.41 -12.48 -76.38
C TYR E 116 1.63 -11.42 -77.17
N PHE E 117 1.62 -11.53 -78.49
CA PHE E 117 0.84 -10.58 -79.35
C PHE E 117 -0.20 -11.37 -80.15
N ASP E 118 -0.43 -12.64 -79.78
CA ASP E 118 -1.37 -13.51 -80.53
C ASP E 118 -2.81 -13.06 -80.30
N PHE E 119 -3.73 -13.43 -81.21
CA PHE E 119 -5.16 -13.07 -81.07
C PHE E 119 -5.34 -11.54 -80.97
N TRP E 120 -4.64 -10.79 -81.83
CA TRP E 120 -4.83 -9.32 -81.86
C TRP E 120 -6.28 -9.02 -82.25
N GLY E 121 -6.90 -8.01 -81.64
CA GLY E 121 -8.33 -7.72 -81.90
C GLY E 121 -8.59 -7.34 -83.35
N GLN E 122 -9.70 -7.82 -83.92
CA GLN E 122 -10.06 -7.50 -85.34
C GLN E 122 -10.32 -6.00 -85.46
N GLY E 123 -10.94 -5.38 -84.45
CA GLY E 123 -11.22 -3.93 -84.47
C GLY E 123 -12.69 -3.63 -84.71
N THR E 124 -13.17 -2.48 -84.23
CA THR E 124 -14.58 -2.07 -84.44
C THR E 124 -14.61 -0.61 -84.91
N LEU E 125 -15.58 -0.25 -85.75
CA LEU E 125 -15.61 1.12 -86.31
C LEU E 125 -16.79 1.91 -85.72
N VAL E 126 -16.51 3.10 -85.18
CA VAL E 126 -17.60 3.98 -84.65
C VAL E 126 -17.61 5.24 -85.52
N THR E 127 -18.80 5.67 -85.98
CA THR E 127 -18.85 6.82 -86.93
C THR E 127 -19.85 7.88 -86.47
N VAL E 128 -19.68 9.12 -86.94
CA VAL E 128 -20.67 10.19 -86.62
C VAL E 128 -21.39 10.54 -87.93
N SER E 129 -22.73 10.52 -87.93
CA SER E 129 -23.49 10.75 -89.20
C SER E 129 -24.34 12.01 -89.12
N SER E 130 -24.29 12.85 -90.16
CA SER E 130 -25.11 14.10 -90.19
C SER E 130 -25.79 14.19 -91.56
N SER E 131 -26.92 14.93 -91.65
CA SER E 131 -27.71 15.04 -92.91
C SER E 131 -27.98 13.63 -93.46
N THR E 132 -28.45 12.72 -92.62
CA THR E 132 -28.69 11.32 -93.06
C THR E 132 -29.72 11.30 -94.18
N LYS E 133 -29.47 10.51 -95.24
CA LYS E 133 -30.39 10.48 -96.41
C LYS E 133 -30.55 9.04 -96.88
N GLY E 134 -31.69 8.70 -97.50
CA GLY E 134 -31.88 7.35 -98.06
C GLY E 134 -30.95 7.09 -99.22
N PRO E 135 -30.37 5.87 -99.36
CA PRO E 135 -29.38 5.59 -100.41
C PRO E 135 -29.97 5.73 -101.82
N SER E 136 -29.24 6.38 -102.73
CA SER E 136 -29.71 6.55 -104.13
C SER E 136 -28.64 6.07 -105.11
N VAL E 137 -29.02 5.24 -106.09
CA VAL E 137 -28.05 4.72 -107.09
C VAL E 137 -28.45 5.20 -108.49
N PHE E 138 -27.52 5.77 -109.25
CA PHE E 138 -27.83 6.31 -110.59
C PHE E 138 -26.97 5.61 -111.64
N PRO E 139 -27.54 5.04 -112.72
CA PRO E 139 -26.74 4.46 -113.80
C PRO E 139 -26.00 5.56 -114.59
N LEU E 140 -24.75 5.32 -114.97
CA LEU E 140 -23.95 6.32 -115.73
C LEU E 140 -23.44 5.71 -117.03
N ALA E 141 -23.59 6.43 -118.15
CA ALA E 141 -23.11 5.92 -119.46
C ALA E 141 -22.39 7.03 -120.22
N PRO E 142 -21.39 6.73 -121.08
CA PRO E 142 -20.75 7.76 -121.90
C PRO E 142 -21.76 8.31 -122.92
N SER E 143 -21.61 9.57 -123.33
CA SER E 143 -22.61 10.18 -124.24
C SER E 143 -22.65 9.37 -125.55
N SER E 144 -21.49 8.98 -126.07
CA SER E 144 -21.47 8.10 -127.27
C SER E 144 -20.62 6.86 -126.96
N LYS E 145 -21.26 5.68 -126.93
CA LYS E 145 -20.53 4.41 -126.65
C LYS E 145 -19.57 4.09 -127.79
N SER E 146 -19.98 4.32 -129.04
CA SER E 146 -19.14 3.99 -130.21
C SER E 146 -17.85 4.82 -130.22
N THR E 147 -17.92 6.10 -129.87
CA THR E 147 -16.72 6.98 -129.94
C THR E 147 -15.95 6.97 -128.61
N SER E 148 -16.43 6.20 -127.63
CA SER E 148 -15.78 6.20 -126.29
C SER E 148 -14.33 5.72 -126.42
N GLY E 149 -14.07 4.70 -127.25
CA GLY E 149 -12.69 4.23 -127.48
C GLY E 149 -12.66 2.73 -127.78
N GLY E 150 -11.46 2.17 -127.98
CA GLY E 150 -11.34 0.71 -128.19
C GLY E 150 -11.83 -0.04 -126.98
N THR E 151 -11.50 0.44 -125.78
CA THR E 151 -12.01 -0.18 -124.53
C THR E 151 -13.01 0.79 -123.91
N ALA E 152 -14.21 0.31 -123.55
CA ALA E 152 -15.26 1.22 -123.04
C ALA E 152 -15.48 0.97 -121.54
N ALA E 153 -15.53 2.04 -120.76
CA ALA E 153 -15.76 1.91 -119.29
C ALA E 153 -17.21 2.30 -118.97
N LEU E 154 -17.95 1.39 -118.32
CA LEU E 154 -19.36 1.67 -117.93
C LEU E 154 -19.41 1.69 -116.40
N GLY E 155 -20.00 2.72 -115.80
CA GLY E 155 -19.97 2.84 -114.33
C GLY E 155 -21.31 3.18 -113.70
N CYS E 156 -21.49 2.86 -112.42
CA CYS E 156 -22.74 3.23 -111.70
C CYS E 156 -22.36 4.02 -110.43
N LEU E 157 -23.07 5.10 -110.13
CA LEU E 157 -22.70 5.97 -108.98
C LEU E 157 -23.73 5.81 -107.86
N VAL E 158 -23.28 5.55 -106.64
CA VAL E 158 -24.22 5.47 -105.47
C VAL E 158 -23.94 6.69 -104.57
N LYS E 159 -24.98 7.40 -104.15
CA LYS E 159 -24.77 8.67 -103.39
C LYS E 159 -25.75 8.76 -102.22
N ASP E 160 -25.46 9.61 -101.23
CA ASP E 160 -26.40 9.89 -100.10
C ASP E 160 -26.72 8.62 -99.29
N TYR E 161 -25.70 7.95 -98.75
CA TYR E 161 -26.00 6.80 -97.85
C TYR E 161 -25.49 7.10 -96.44
N PHE E 162 -26.38 7.12 -95.46
CA PHE E 162 -25.97 7.34 -94.03
C PHE E 162 -25.11 6.18 -93.50
N PRO E 163 -25.43 4.88 -93.73
CA PRO E 163 -24.67 3.75 -93.16
C PRO E 163 -23.46 3.35 -94.01
N GLU E 164 -22.87 2.18 -93.72
CA GLU E 164 -21.68 1.70 -94.45
C GLU E 164 -22.04 1.61 -95.94
N PRO E 165 -21.14 1.98 -96.88
CA PRO E 165 -21.43 2.04 -98.32
C PRO E 165 -22.53 1.19 -98.98
N VAL E 166 -22.15 0.29 -99.90
CA VAL E 166 -23.16 -0.52 -100.63
C VAL E 166 -22.49 -1.75 -101.24
N THR E 167 -23.28 -2.77 -101.62
CA THR E 167 -22.69 -3.93 -102.35
C THR E 167 -23.16 -3.82 -103.79
N VAL E 168 -22.23 -3.75 -104.75
CA VAL E 168 -22.64 -3.53 -106.16
C VAL E 168 -22.15 -4.68 -107.05
N SER E 169 -23.04 -5.22 -107.89
CA SER E 169 -22.67 -6.30 -108.83
C SER E 169 -23.20 -5.93 -110.22
N TRP E 170 -22.58 -6.46 -111.28
CA TRP E 170 -23.06 -6.17 -112.65
C TRP E 170 -23.73 -7.42 -113.23
N ASN E 171 -25.00 -7.32 -113.61
CA ASN E 171 -25.76 -8.49 -114.12
C ASN E 171 -25.65 -9.62 -113.09
N SER E 172 -25.84 -9.31 -111.80
CA SER E 172 -25.70 -10.31 -110.70
C SER E 172 -24.30 -10.92 -110.70
N GLY E 173 -23.26 -10.11 -110.95
CA GLY E 173 -21.87 -10.61 -110.89
C GLY E 173 -21.46 -11.40 -112.12
N ALA E 174 -22.24 -11.31 -113.20
CA ALA E 174 -21.93 -12.09 -114.43
C ALA E 174 -20.58 -11.68 -115.00
N LEU E 175 -20.28 -10.37 -115.01
CA LEU E 175 -19.00 -9.88 -115.60
C LEU E 175 -18.13 -9.26 -114.49
N THR E 176 -16.90 -9.76 -114.33
CA THR E 176 -15.96 -9.19 -113.33
C THR E 176 -14.81 -8.49 -114.05
N SER E 177 -14.92 -8.32 -115.37
CA SER E 177 -13.79 -7.74 -116.16
C SER E 177 -13.58 -6.26 -115.80
N GLY E 178 -12.34 -5.87 -115.52
CA GLY E 178 -12.01 -4.45 -115.25
C GLY E 178 -12.86 -3.85 -114.14
N VAL E 179 -13.14 -4.61 -113.07
CA VAL E 179 -13.88 -4.04 -111.91
C VAL E 179 -12.99 -3.04 -111.18
N HIS E 180 -13.51 -1.86 -110.85
CA HIS E 180 -12.73 -0.86 -110.06
C HIS E 180 -13.50 -0.54 -108.79
N THR E 181 -12.84 -0.61 -107.62
CA THR E 181 -13.51 -0.31 -106.33
C THR E 181 -12.99 1.03 -105.82
N PHE E 182 -13.90 2.00 -105.62
CA PHE E 182 -13.48 3.35 -105.18
C PHE E 182 -13.87 3.54 -103.71
N PRO E 183 -12.92 3.95 -102.84
CA PRO E 183 -13.22 4.16 -101.42
C PRO E 183 -14.25 5.29 -101.26
N ALA E 184 -15.20 5.12 -100.33
CA ALA E 184 -16.23 6.16 -100.09
C ALA E 184 -15.54 7.42 -99.58
N VAL E 185 -15.94 8.59 -100.10
CA VAL E 185 -15.31 9.89 -99.68
C VAL E 185 -16.38 10.73 -98.98
N LEU E 186 -16.10 11.20 -97.77
CA LEU E 186 -17.09 12.00 -97.00
C LEU E 186 -17.34 13.32 -97.74
N GLN E 187 -18.62 13.71 -97.89
CA GLN E 187 -18.97 14.99 -98.54
C GLN E 187 -19.06 16.09 -97.47
N SER E 188 -19.15 17.36 -97.89
CA SER E 188 -19.33 18.47 -96.91
C SER E 188 -20.65 18.24 -96.18
N SER E 189 -21.66 17.68 -96.88
CA SER E 189 -22.96 17.37 -96.24
C SER E 189 -22.78 16.26 -95.20
N GLY E 190 -21.69 15.48 -95.29
CA GLY E 190 -21.51 14.35 -94.37
C GLY E 190 -22.03 13.04 -94.96
N LEU E 191 -22.33 13.02 -96.26
CA LEU E 191 -22.78 11.76 -96.93
C LEU E 191 -21.66 11.21 -97.81
N TYR E 192 -21.27 9.95 -97.60
CA TYR E 192 -20.14 9.35 -98.36
C TYR E 192 -20.53 9.12 -99.83
N SER E 193 -19.56 9.20 -100.75
CA SER E 193 -19.85 8.94 -102.19
C SER E 193 -18.85 7.91 -102.75
N LEU E 194 -19.35 6.87 -103.43
CA LEU E 194 -18.44 5.88 -104.09
C LEU E 194 -19.01 5.52 -105.47
N SER E 195 -18.16 5.08 -106.40
CA SER E 195 -18.62 4.65 -107.74
C SER E 195 -17.99 3.31 -108.12
N SER E 196 -18.70 2.48 -108.89
CA SER E 196 -18.12 1.20 -109.38
C SER E 196 -18.14 1.17 -110.91
N VAL E 197 -16.99 0.88 -111.54
CA VAL E 197 -16.91 0.91 -113.03
C VAL E 197 -16.30 -0.40 -113.53
N VAL E 198 -16.79 -0.92 -114.67
CA VAL E 198 -16.25 -2.18 -115.25
C VAL E 198 -15.81 -1.91 -116.69
N THR E 199 -14.91 -2.74 -117.22
CA THR E 199 -14.43 -2.57 -118.63
C THR E 199 -15.27 -3.45 -119.55
N VAL E 200 -15.95 -2.85 -120.53
CA VAL E 200 -16.82 -3.60 -121.48
C VAL E 200 -16.30 -3.40 -122.91
N PRO E 201 -16.10 -4.46 -123.72
CA PRO E 201 -15.69 -4.28 -125.12
C PRO E 201 -16.70 -3.44 -125.92
N SER E 202 -16.21 -2.64 -126.87
CA SER E 202 -17.10 -1.75 -127.66
C SER E 202 -18.11 -2.57 -128.47
N SER E 203 -17.68 -3.72 -129.00
CA SER E 203 -18.59 -4.59 -129.81
C SER E 203 -19.75 -5.06 -128.93
N SER E 204 -19.48 -5.39 -127.66
CA SER E 204 -20.53 -5.87 -126.74
C SER E 204 -21.61 -4.80 -126.52
N LEU E 205 -21.22 -3.53 -126.48
CA LEU E 205 -22.20 -2.43 -126.20
C LEU E 205 -23.28 -2.43 -127.28
N GLY E 206 -24.52 -2.14 -126.91
CA GLY E 206 -25.66 -2.14 -127.86
C GLY E 206 -26.15 -3.54 -128.16
N THR E 207 -25.27 -4.43 -128.64
CA THR E 207 -25.66 -5.84 -128.88
C THR E 207 -26.06 -6.49 -127.55
N GLN E 208 -25.33 -6.20 -126.48
CA GLN E 208 -25.65 -6.74 -125.13
C GLN E 208 -25.91 -5.58 -124.17
N THR E 209 -27.00 -5.65 -123.40
CA THR E 209 -27.35 -4.58 -122.44
C THR E 209 -26.93 -5.02 -121.03
N TYR E 210 -26.24 -4.15 -120.30
CA TYR E 210 -25.73 -4.51 -118.95
C TYR E 210 -26.51 -3.76 -117.88
N ILE E 211 -27.01 -4.48 -116.87
CA ILE E 211 -27.83 -3.85 -115.80
C ILE E 211 -27.06 -3.90 -114.47
N CYS E 212 -26.88 -2.74 -113.82
CA CYS E 212 -26.21 -2.70 -112.49
C CYS E 212 -27.16 -3.29 -111.45
N ASN E 213 -26.67 -4.19 -110.59
CA ASN E 213 -27.51 -4.70 -109.48
C ASN E 213 -26.92 -4.15 -108.18
N VAL E 214 -27.69 -3.33 -107.46
CA VAL E 214 -27.14 -2.67 -106.24
C VAL E 214 -27.96 -3.12 -105.02
N ASN E 215 -27.28 -3.65 -104.00
CA ASN E 215 -28.00 -4.03 -102.75
C ASN E 215 -27.36 -3.29 -101.57
N HIS E 216 -28.16 -2.61 -100.75
CA HIS E 216 -27.62 -1.95 -99.54
C HIS E 216 -27.80 -2.92 -98.37
N LYS E 217 -26.69 -3.47 -97.84
CA LYS E 217 -26.82 -4.50 -96.78
C LYS E 217 -27.49 -3.95 -95.50
N PRO E 218 -27.13 -2.76 -94.96
CA PRO E 218 -27.83 -2.21 -93.80
C PRO E 218 -29.32 -1.88 -94.00
N SER E 219 -29.69 -1.25 -95.13
CA SER E 219 -31.09 -0.81 -95.32
C SER E 219 -31.89 -1.81 -96.17
N ASN E 220 -31.26 -2.91 -96.58
CA ASN E 220 -31.95 -3.96 -97.39
C ASN E 220 -32.57 -3.32 -98.65
N THR E 221 -31.84 -2.41 -99.31
CA THR E 221 -32.40 -1.71 -100.49
C THR E 221 -31.90 -2.38 -101.77
N LYS E 222 -32.77 -3.13 -102.46
CA LYS E 222 -32.39 -3.82 -103.69
C LYS E 222 -32.77 -2.93 -104.87
N VAL E 223 -31.77 -2.55 -105.67
CA VAL E 223 -31.94 -1.61 -106.76
C VAL E 223 -31.45 -2.27 -108.05
N ASP E 224 -32.26 -2.19 -109.09
CA ASP E 224 -31.88 -2.65 -110.42
C ASP E 224 -31.74 -1.42 -111.33
N LYS E 225 -30.63 -1.35 -112.07
CA LYS E 225 -30.28 -0.15 -112.82
C LYS E 225 -29.90 -0.50 -114.24
N ARG E 226 -30.80 -0.21 -115.19
CA ARG E 226 -30.59 -0.53 -116.59
C ARG E 226 -30.28 0.75 -117.37
N VAL E 227 -29.63 0.56 -118.52
CA VAL E 227 -29.23 1.70 -119.34
C VAL E 227 -29.91 1.64 -120.71
N ASP F 1 -72.66 31.72 -2.73
CA ASP F 1 -73.25 31.35 -1.41
C ASP F 1 -74.64 30.78 -1.61
N ILE F 2 -75.43 30.66 -0.53
CA ILE F 2 -76.82 30.15 -0.63
C ILE F 2 -77.78 31.27 -0.24
N GLN F 3 -78.82 31.51 -1.04
CA GLN F 3 -79.84 32.53 -0.68
C GLN F 3 -81.08 31.80 -0.17
N MET F 4 -81.45 32.03 1.10
CA MET F 4 -82.61 31.32 1.69
C MET F 4 -83.66 32.36 2.09
N THR F 5 -84.90 32.19 1.66
CA THR F 5 -85.99 33.11 2.10
C THR F 5 -87.15 32.28 2.66
N GLN F 6 -87.57 32.54 3.90
CA GLN F 6 -88.76 31.84 4.44
C GLN F 6 -90.00 32.42 3.74
N THR F 7 -90.94 31.57 3.33
CA THR F 7 -92.11 32.08 2.55
C THR F 7 -92.93 33.08 3.38
N PRO F 8 -93.26 32.85 4.68
CA PRO F 8 -93.95 33.86 5.49
C PRO F 8 -93.05 34.52 6.55
N ALA F 9 -92.92 35.85 6.48
CA ALA F 9 -92.13 36.56 7.52
C ALA F 9 -92.83 36.37 8.88
N SER F 10 -94.17 36.46 8.90
CA SER F 10 -94.94 36.21 10.14
C SER F 10 -96.16 35.35 9.80
N LEU F 11 -96.54 34.43 10.68
CA LEU F 11 -97.73 33.57 10.45
C LEU F 11 -98.73 33.76 11.60
N SER F 12 -100.00 34.01 11.27
CA SER F 12 -101.04 34.12 12.33
C SER F 12 -101.81 32.80 12.38
N ALA F 13 -101.76 32.11 13.53
CA ALA F 13 -102.39 30.77 13.63
C ALA F 13 -103.25 30.68 14.90
N SER F 14 -104.43 30.06 14.80
CA SER F 14 -105.32 29.91 15.99
C SER F 14 -104.76 28.83 16.93
N VAL F 15 -105.20 28.84 18.19
CA VAL F 15 -104.75 27.81 19.17
C VAL F 15 -105.36 26.45 18.74
N GLY F 16 -104.64 25.35 18.99
CA GLY F 16 -105.12 24.01 18.60
C GLY F 16 -105.37 23.89 17.11
N ASP F 17 -104.46 24.45 16.29
CA ASP F 17 -104.64 24.43 14.81
C ASP F 17 -103.48 23.70 14.14
N ARG F 18 -103.69 23.21 12.92
CA ARG F 18 -102.62 22.51 12.16
C ARG F 18 -102.09 23.46 11.10
N VAL F 19 -100.78 23.77 11.12
CA VAL F 19 -100.20 24.77 10.17
C VAL F 19 -98.87 24.24 9.62
N THR F 20 -98.45 24.75 8.45
CA THR F 20 -97.15 24.36 7.86
C THR F 20 -96.25 25.58 7.70
N ILE F 21 -95.00 25.51 8.16
CA ILE F 21 -94.04 26.64 7.94
C ILE F 21 -92.98 26.15 6.94
N THR F 22 -92.77 26.90 5.86
CA THR F 22 -91.82 26.43 4.82
C THR F 22 -90.67 27.41 4.63
N CYS F 23 -89.43 26.92 4.66
CA CYS F 23 -88.25 27.80 4.36
C CYS F 23 -87.61 27.25 3.09
N ARG F 24 -87.36 28.11 2.09
CA ARG F 24 -86.82 27.57 0.81
C ARG F 24 -85.39 28.07 0.59
N ALA F 25 -84.44 27.14 0.46
CA ALA F 25 -83.03 27.50 0.18
C ALA F 25 -82.87 27.73 -1.32
N SER F 26 -81.76 28.34 -1.75
CA SER F 26 -81.51 28.46 -3.21
C SER F 26 -81.37 27.04 -3.76
N GLN F 27 -80.65 26.18 -3.04
CA GLN F 27 -80.50 24.76 -3.44
C GLN F 27 -80.31 23.93 -2.16
N ASN F 28 -80.66 22.64 -2.16
CA ASN F 28 -80.37 21.80 -0.97
C ASN F 28 -78.96 21.26 -1.09
N ILE F 29 -77.97 21.96 -0.51
CA ILE F 29 -76.55 21.54 -0.63
C ILE F 29 -76.34 20.19 0.05
N SER F 30 -76.95 19.98 1.22
CA SER F 30 -76.73 18.72 1.97
C SER F 30 -78.06 18.18 2.50
N SER F 31 -78.12 16.86 2.77
CA SER F 31 -79.35 16.25 3.33
C SER F 31 -79.61 16.83 4.73
N TYR F 32 -78.55 17.05 5.52
CA TYR F 32 -78.74 17.52 6.92
C TYR F 32 -79.15 18.99 6.93
N LEU F 33 -80.31 19.30 7.53
CA LEU F 33 -80.74 20.71 7.69
C LEU F 33 -81.10 20.92 9.16
N ASN F 34 -80.54 21.95 9.80
CA ASN F 34 -80.79 22.14 11.25
C ASN F 34 -81.90 23.18 11.44
N TRP F 35 -83.12 22.72 11.76
CA TRP F 35 -84.20 23.69 12.09
C TRP F 35 -83.96 24.23 13.50
N TYR F 36 -84.24 25.51 13.74
CA TYR F 36 -83.98 26.11 15.07
C TYR F 36 -85.25 26.80 15.59
N GLN F 37 -85.59 26.56 16.87
CA GLN F 37 -86.74 27.27 17.48
C GLN F 37 -86.18 28.24 18.53
N GLN F 38 -86.54 29.52 18.43
CA GLN F 38 -85.97 30.52 19.37
C GLN F 38 -87.07 31.20 20.18
N LYS F 39 -86.91 31.25 21.50
CA LYS F 39 -87.88 31.95 22.38
C LYS F 39 -87.08 33.05 23.09
N PRO F 40 -87.56 34.31 23.21
CA PRO F 40 -86.74 35.36 23.81
C PRO F 40 -86.37 34.96 25.25
N GLY F 41 -85.09 35.13 25.61
CA GLY F 41 -84.63 34.73 26.96
C GLY F 41 -84.31 33.23 27.01
N LYS F 42 -84.38 32.54 25.86
CA LYS F 42 -84.12 31.08 25.82
C LYS F 42 -83.07 30.80 24.72
N ALA F 43 -82.12 29.90 24.98
CA ALA F 43 -81.05 29.60 24.01
C ALA F 43 -81.62 28.85 22.79
N PRO F 44 -81.03 29.00 21.57
CA PRO F 44 -81.59 28.35 20.38
C PRO F 44 -81.59 26.83 20.50
N LYS F 45 -82.67 26.18 20.05
CA LYS F 45 -82.78 24.70 20.16
C LYS F 45 -82.93 24.10 18.76
N VAL F 46 -82.21 23.01 18.47
CA VAL F 46 -82.25 22.39 17.12
C VAL F 46 -83.46 21.45 17.08
N LEU F 47 -84.50 21.82 16.32
CA LEU F 47 -85.72 20.97 16.22
C LEU F 47 -85.39 19.64 15.53
N ILE F 48 -84.61 19.68 14.44
CA ILE F 48 -84.26 18.44 13.69
C ILE F 48 -82.86 18.60 13.10
N TYR F 49 -82.11 17.51 12.95
CA TYR F 49 -80.71 17.64 12.47
C TYR F 49 -80.59 17.28 10.98
N ASP F 50 -81.21 16.18 10.54
CA ASP F 50 -81.08 15.73 9.14
C ASP F 50 -82.43 15.78 8.42
N THR F 51 -83.51 16.12 9.14
CA THR F 51 -84.90 16.18 8.58
C THR F 51 -85.42 14.76 8.33
N SER F 52 -84.69 13.73 8.78
CA SER F 52 -85.18 12.34 8.65
C SER F 52 -85.35 11.74 10.05
N ARG F 53 -84.54 12.21 11.01
CA ARG F 53 -84.65 11.72 12.41
C ARG F 53 -84.82 12.93 13.34
N LEU F 54 -85.82 12.92 14.21
CA LEU F 54 -86.09 14.06 15.11
C LEU F 54 -84.93 14.21 16.09
N GLN F 55 -84.50 15.44 16.38
CA GLN F 55 -83.40 15.67 17.36
C GLN F 55 -83.89 15.25 18.76
N SER F 56 -82.99 14.67 19.57
CA SER F 56 -83.36 14.23 20.94
C SER F 56 -83.72 15.46 21.80
N GLY F 57 -84.70 15.31 22.69
CA GLY F 57 -85.14 16.43 23.55
C GLY F 57 -86.12 17.35 22.84
N VAL F 58 -86.59 16.95 21.65
CA VAL F 58 -87.55 17.78 20.86
C VAL F 58 -88.89 17.05 20.77
N PRO F 59 -90.02 17.73 21.08
CA PRO F 59 -91.35 17.09 21.05
C PRO F 59 -91.76 16.61 19.64
N SER F 60 -92.55 15.52 19.59
CA SER F 60 -92.98 14.93 18.29
C SER F 60 -93.87 15.92 17.51
N ARG F 61 -94.47 16.89 18.19
CA ARG F 61 -95.42 17.82 17.52
C ARG F 61 -94.70 18.56 16.38
N PHE F 62 -93.44 18.94 16.58
CA PHE F 62 -92.67 19.56 15.46
C PHE F 62 -92.07 18.45 14.61
N SER F 63 -92.47 18.35 13.34
CA SER F 63 -91.89 17.34 12.43
C SER F 63 -91.37 18.03 11.17
N GLY F 64 -90.12 17.78 10.78
CA GLY F 64 -89.54 18.46 9.62
C GLY F 64 -89.39 17.53 8.43
N SER F 65 -90.05 17.85 7.32
CA SER F 65 -89.93 17.04 6.09
C SER F 65 -89.55 17.96 4.92
N ALA F 66 -88.52 17.60 4.15
CA ALA F 66 -88.06 18.52 3.07
C ALA F 66 -88.43 17.93 1.71
N SER F 67 -89.20 18.67 0.91
CA SER F 67 -89.53 18.22 -0.47
C SER F 67 -88.89 19.19 -1.46
N GLY F 68 -88.02 18.71 -2.35
CA GLY F 68 -87.30 19.63 -3.24
C GLY F 68 -86.39 20.54 -2.45
N THR F 69 -86.10 21.74 -2.98
CA THR F 69 -85.26 22.73 -2.23
C THR F 69 -85.99 23.19 -0.95
N ASP F 70 -87.30 23.39 -1.02
CA ASP F 70 -88.06 23.92 0.15
C ASP F 70 -88.08 22.91 1.31
N PHE F 71 -88.00 23.38 2.54
CA PHE F 71 -88.09 22.49 3.73
C PHE F 71 -89.32 22.87 4.53
N THR F 72 -90.19 21.91 4.87
CA THR F 72 -91.47 22.24 5.55
C THR F 72 -91.49 21.67 6.97
N LEU F 73 -91.94 22.46 7.95
CA LEU F 73 -92.08 21.95 9.34
C LEU F 73 -93.58 21.90 9.66
N THR F 74 -94.07 20.76 10.16
CA THR F 74 -95.52 20.60 10.43
C THR F 74 -95.76 20.59 11.94
N ILE F 75 -96.69 21.44 12.42
CA ILE F 75 -96.99 21.52 13.89
C ILE F 75 -98.50 21.36 14.08
N SER F 76 -98.91 20.71 15.18
CA SER F 76 -100.35 20.48 15.48
C SER F 76 -100.63 20.87 16.93
N SER F 77 -101.91 21.09 17.28
CA SER F 77 -102.28 21.46 18.67
C SER F 77 -101.49 22.68 19.13
N LEU F 78 -101.43 23.73 18.31
CA LEU F 78 -100.63 24.95 18.63
C LEU F 78 -101.03 25.53 19.98
N GLN F 79 -100.07 26.13 20.70
CA GLN F 79 -100.34 26.77 22.02
C GLN F 79 -99.68 28.15 22.04
N PRO F 80 -100.16 29.12 22.84
CA PRO F 80 -99.47 30.42 22.96
C PRO F 80 -98.02 30.21 23.35
N GLU F 81 -97.77 29.35 24.35
CA GLU F 81 -96.37 29.05 24.78
C GLU F 81 -95.62 28.36 23.64
N ASP F 82 -96.30 27.49 22.89
CA ASP F 82 -95.67 26.75 21.77
C ASP F 82 -95.18 27.73 20.71
N PHE F 83 -95.93 28.81 20.45
CA PHE F 83 -95.56 29.75 19.35
C PHE F 83 -94.17 30.34 19.61
N ALA F 84 -93.30 30.34 18.60
CA ALA F 84 -91.94 30.93 18.72
C ALA F 84 -91.42 31.26 17.32
N THR F 85 -90.43 32.15 17.22
CA THR F 85 -89.83 32.45 15.89
C THR F 85 -89.12 31.20 15.36
N TYR F 86 -89.22 30.94 14.06
CA TYR F 86 -88.62 29.70 13.48
C TYR F 86 -87.47 30.05 12.54
N TYR F 87 -86.31 29.43 12.74
CA TYR F 87 -85.13 29.67 11.85
C TYR F 87 -84.71 28.33 11.25
N CYS F 88 -84.37 28.31 9.96
CA CYS F 88 -83.84 27.05 9.37
C CYS F 88 -82.41 27.27 8.87
N GLN F 89 -81.50 26.36 9.21
CA GLN F 89 -80.08 26.49 8.79
C GLN F 89 -79.71 25.30 7.91
N GLN F 90 -79.18 25.54 6.71
CA GLN F 90 -78.68 24.42 5.86
C GLN F 90 -77.22 24.21 6.25
N SER F 91 -76.86 22.99 6.66
CA SER F 91 -75.47 22.75 7.15
C SER F 91 -74.68 21.94 6.12
N CYS F 92 -73.57 22.50 5.62
CA CYS F 92 -72.70 21.76 4.69
C CYS F 92 -71.28 21.73 5.25
N THR F 93 -70.65 20.55 5.33
CA THR F 93 -69.29 20.43 5.92
C THR F 93 -68.29 21.23 5.06
N THR F 94 -68.41 21.16 3.73
CA THR F 94 -67.47 21.85 2.82
C THR F 94 -67.56 23.37 3.00
N LEU F 95 -68.77 23.90 3.19
CA LEU F 95 -68.93 25.38 3.27
C LEU F 95 -68.73 25.88 4.70
N ARG F 96 -67.76 26.78 4.90
CA ARG F 96 -67.53 27.37 6.24
C ARG F 96 -68.76 28.20 6.64
N CYS F 97 -69.35 28.92 5.67
CA CYS F 97 -70.53 29.78 5.95
C CYS F 97 -71.72 28.93 6.39
N TRP F 98 -72.52 29.46 7.33
CA TRP F 98 -73.72 28.72 7.82
C TRP F 98 -74.98 29.53 7.51
N THR F 99 -76.01 28.88 6.94
CA THR F 99 -77.26 29.60 6.55
C THR F 99 -77.95 30.16 7.79
N PHE F 100 -78.57 31.35 7.67
CA PHE F 100 -79.31 31.95 8.80
C PHE F 100 -80.81 31.99 8.47
N GLY F 101 -81.66 31.60 9.42
CA GLY F 101 -83.12 31.65 9.20
C GLY F 101 -83.63 33.08 9.23
N GLN F 102 -84.57 33.42 8.34
CA GLN F 102 -85.18 34.78 8.36
C GLN F 102 -85.94 34.98 9.67
N GLY F 103 -86.66 33.94 10.14
CA GLY F 103 -87.45 34.04 11.38
C GLY F 103 -88.93 34.22 11.08
N THR F 104 -89.79 33.37 11.65
CA THR F 104 -91.26 33.52 11.45
C THR F 104 -91.95 33.65 12.81
N LYS F 105 -92.64 34.77 13.05
CA LYS F 105 -93.31 35.00 14.35
C LYS F 105 -94.72 34.42 14.31
N LEU F 106 -95.13 33.70 15.36
CA LEU F 106 -96.46 33.04 15.36
C LEU F 106 -97.38 33.76 16.35
N GLU F 107 -98.58 34.17 15.90
CA GLU F 107 -99.56 34.87 16.77
C GLU F 107 -100.93 34.23 16.55
N ILE F 108 -101.87 34.39 17.50
CA ILE F 108 -103.19 33.71 17.39
C ILE F 108 -104.00 34.26 16.20
N LYS F 109 -104.78 33.42 15.50
CA LYS F 109 -105.69 33.90 14.42
C LYS F 109 -107.13 33.73 14.93
N ARG F 110 -107.93 34.81 14.97
CA ARG F 110 -109.27 34.73 15.60
C ARG F 110 -110.06 36.02 15.29
N THR F 111 -111.21 36.21 15.93
CA THR F 111 -112.07 37.40 15.70
C THR F 111 -111.34 38.68 16.08
N VAL F 112 -111.55 39.77 15.34
CA VAL F 112 -110.85 41.07 15.58
C VAL F 112 -111.41 41.76 16.84
N ALA F 113 -110.61 42.62 17.48
CA ALA F 113 -111.06 43.38 18.67
C ALA F 113 -110.87 44.88 18.45
N ALA F 114 -111.89 45.70 18.73
CA ALA F 114 -111.83 47.16 18.49
C ALA F 114 -110.84 47.85 19.45
N PRO F 115 -110.03 48.83 18.99
CA PRO F 115 -109.06 49.53 19.83
C PRO F 115 -109.58 50.71 20.67
N SER F 116 -108.79 51.16 21.66
CA SER F 116 -109.17 52.33 22.49
C SER F 116 -108.11 53.42 22.30
N VAL F 117 -108.54 54.68 22.08
CA VAL F 117 -107.55 55.76 21.77
C VAL F 117 -107.39 56.69 22.97
N PHE F 118 -106.13 56.97 23.38
CA PHE F 118 -105.85 57.87 24.52
C PHE F 118 -104.72 58.85 24.13
N ILE F 119 -104.63 59.99 24.82
CA ILE F 119 -103.62 61.03 24.45
C ILE F 119 -102.72 61.31 25.67
N PHE F 120 -101.41 61.50 25.43
CA PHE F 120 -100.47 61.86 26.52
C PHE F 120 -99.62 63.06 26.10
N PRO F 121 -100.16 64.30 26.17
CA PRO F 121 -99.44 65.51 25.73
C PRO F 121 -98.19 65.78 26.58
N PRO F 122 -97.11 66.35 26.02
CA PRO F 122 -95.86 66.55 26.76
C PRO F 122 -96.05 67.51 27.95
N SER F 123 -95.42 67.20 29.08
CA SER F 123 -95.54 68.04 30.29
C SER F 123 -94.66 69.29 30.18
N ASP F 124 -94.82 70.25 31.10
CA ASP F 124 -94.09 71.54 31.01
C ASP F 124 -92.57 71.30 31.07
N GLU F 125 -92.10 70.36 31.89
CA GLU F 125 -90.62 70.15 32.02
C GLU F 125 -90.05 69.69 30.68
N GLN F 126 -90.77 68.85 29.94
CA GLN F 126 -90.31 68.40 28.60
C GLN F 126 -90.25 69.61 27.65
N LEU F 127 -91.24 70.51 27.71
CA LEU F 127 -91.23 71.73 26.88
C LEU F 127 -90.02 72.60 27.27
N LYS F 128 -89.73 72.70 28.57
CA LYS F 128 -88.55 73.48 29.04
C LYS F 128 -87.26 72.85 28.49
N SER F 129 -87.21 71.53 28.43
CA SER F 129 -86.02 70.83 27.86
C SER F 129 -85.89 71.17 26.38
N GLY F 130 -86.97 71.56 25.72
CA GLY F 130 -86.88 72.00 24.32
C GLY F 130 -87.55 71.04 23.35
N THR F 131 -87.96 69.86 23.82
CA THR F 131 -88.55 68.84 22.91
C THR F 131 -90.04 68.68 23.23
N ALA F 132 -90.90 68.70 22.20
CA ALA F 132 -92.33 68.45 22.44
C ALA F 132 -92.68 67.08 21.89
N SER F 133 -93.13 66.17 22.77
CA SER F 133 -93.56 64.82 22.31
C SER F 133 -95.02 64.57 22.69
N VAL F 134 -95.90 64.48 21.68
CA VAL F 134 -97.33 64.19 21.95
C VAL F 134 -97.54 62.70 21.69
N VAL F 135 -98.09 61.96 22.65
CA VAL F 135 -98.19 60.49 22.48
C VAL F 135 -99.64 60.09 22.20
N CYS F 136 -99.89 59.42 21.07
CA CYS F 136 -101.26 58.91 20.78
C CYS F 136 -101.22 57.42 21.10
N LEU F 137 -102.09 56.95 22.00
CA LEU F 137 -102.01 55.54 22.45
C LEU F 137 -103.21 54.73 21.96
N LEU F 138 -102.96 53.60 21.31
CA LEU F 138 -104.05 52.69 20.87
C LEU F 138 -103.97 51.44 21.74
N ASN F 139 -105.09 50.96 22.29
CA ASN F 139 -105.03 49.83 23.25
C ASN F 139 -106.05 48.75 22.90
N ASN F 140 -105.82 47.51 23.34
CA ASN F 140 -106.82 46.41 23.14
C ASN F 140 -107.15 46.17 21.66
N PHE F 141 -106.15 46.20 20.77
CA PHE F 141 -106.43 45.85 19.35
C PHE F 141 -105.91 44.43 19.08
N TYR F 142 -106.76 43.56 18.51
CA TYR F 142 -106.37 42.14 18.31
C TYR F 142 -105.16 41.98 17.36
N PRO F 143 -105.08 42.66 16.19
CA PRO F 143 -103.88 42.55 15.34
C PRO F 143 -102.68 43.15 16.09
N ARG F 144 -101.51 42.53 16.02
CA ARG F 144 -100.31 43.12 16.65
C ARG F 144 -100.00 44.45 15.95
N GLU F 145 -100.12 44.47 14.62
CA GLU F 145 -99.88 45.72 13.84
C GLU F 145 -101.05 46.70 14.04
N ALA F 146 -100.77 48.01 14.03
CA ALA F 146 -101.85 49.02 14.12
C ALA F 146 -101.48 50.20 13.22
N LYS F 147 -102.47 50.94 12.73
CA LYS F 147 -102.19 52.09 11.82
C LYS F 147 -102.48 53.39 12.57
N VAL F 148 -101.45 54.25 12.71
CA VAL F 148 -101.62 55.57 13.37
C VAL F 148 -101.03 56.65 12.48
N GLN F 149 -101.75 57.76 12.28
CA GLN F 149 -101.23 58.88 11.45
C GLN F 149 -101.11 60.12 12.35
N TRP F 150 -99.96 60.80 12.30
CA TRP F 150 -99.76 62.03 13.11
C TRP F 150 -99.77 63.25 12.18
N LYS F 151 -100.61 64.24 12.49
CA LYS F 151 -100.68 65.47 11.66
C LYS F 151 -100.77 66.71 12.55
N VAL F 152 -100.23 67.84 12.10
CA VAL F 152 -100.34 69.11 12.89
C VAL F 152 -101.13 70.11 12.06
N ASP F 153 -102.20 70.68 12.62
CA ASP F 153 -103.08 71.60 11.85
C ASP F 153 -103.57 70.87 10.59
N ASN F 154 -103.89 69.58 10.72
CA ASN F 154 -104.38 68.77 9.57
C ASN F 154 -103.32 68.72 8.46
N ALA F 155 -102.03 68.76 8.81
CA ALA F 155 -100.96 68.64 7.79
C ALA F 155 -100.05 67.48 8.18
N LEU F 156 -99.81 66.54 7.27
CA LEU F 156 -98.99 65.34 7.60
C LEU F 156 -97.56 65.74 7.95
N GLN F 157 -96.97 65.12 8.97
CA GLN F 157 -95.55 65.39 9.32
C GLN F 157 -94.76 64.10 9.08
N SER F 158 -93.63 64.18 8.38
CA SER F 158 -92.89 62.93 8.02
C SER F 158 -91.63 62.76 8.86
N GLY F 159 -91.52 61.64 9.60
CA GLY F 159 -90.32 61.37 10.41
C GLY F 159 -90.50 61.85 11.84
N ASN F 160 -91.32 62.88 12.05
CA ASN F 160 -91.57 63.41 13.41
C ASN F 160 -92.21 62.31 14.27
N SER F 161 -93.17 61.57 13.70
CA SER F 161 -93.87 60.50 14.47
C SER F 161 -92.95 59.30 14.67
N GLN F 162 -92.91 58.75 15.89
CA GLN F 162 -92.12 57.53 16.17
C GLN F 162 -93.09 56.46 16.69
N GLU F 163 -93.10 55.28 16.08
CA GLU F 163 -94.10 54.25 16.48
C GLU F 163 -93.43 53.15 17.31
N SER F 164 -93.91 52.92 18.53
CA SER F 164 -93.36 51.84 19.40
C SER F 164 -94.50 50.93 19.84
N VAL F 165 -94.32 49.61 19.74
CA VAL F 165 -95.42 48.66 20.07
C VAL F 165 -95.04 47.91 21.36
N THR F 166 -95.92 47.93 22.37
CA THR F 166 -95.66 47.21 23.64
C THR F 166 -95.75 45.71 23.40
N GLU F 167 -95.00 44.92 24.18
CA GLU F 167 -95.05 43.44 24.05
C GLU F 167 -96.48 42.97 24.37
N GLN F 168 -97.00 42.02 23.58
CA GLN F 168 -98.42 41.58 23.78
C GLN F 168 -98.46 40.09 24.11
N ASP F 169 -99.24 39.72 25.14
CA ASP F 169 -99.41 38.28 25.47
C ASP F 169 -100.13 37.61 24.29
N SER F 170 -99.66 36.45 23.83
CA SER F 170 -100.26 35.81 22.64
C SER F 170 -101.72 35.44 22.91
N LYS F 171 -102.02 34.85 24.07
CA LYS F 171 -103.41 34.47 24.42
C LYS F 171 -104.27 35.73 24.58
N ASP F 172 -103.74 36.76 25.23
CA ASP F 172 -104.51 38.01 25.47
C ASP F 172 -104.84 38.67 24.12
N SER F 173 -103.87 38.70 23.20
CA SER F 173 -104.09 39.32 21.87
C SER F 173 -104.42 40.81 22.03
N THR F 174 -103.86 41.48 23.04
CA THR F 174 -104.08 42.93 23.22
C THR F 174 -102.72 43.64 23.16
N TYR F 175 -102.60 44.69 22.33
CA TYR F 175 -101.29 45.37 22.16
C TYR F 175 -101.46 46.88 22.33
N SER F 176 -100.38 47.57 22.70
CA SER F 176 -100.43 49.05 22.86
C SER F 176 -99.48 49.71 21.86
N LEU F 177 -99.96 50.70 21.10
CA LEU F 177 -99.09 51.42 20.13
C LEU F 177 -98.95 52.88 20.59
N SER F 178 -97.72 53.38 20.72
CA SER F 178 -97.49 54.79 21.09
C SER F 178 -96.85 55.54 19.92
N SER F 179 -97.45 56.65 19.48
CA SER F 179 -96.81 57.47 18.42
C SER F 179 -96.31 58.77 19.05
N THR F 180 -95.01 59.02 18.99
CA THR F 180 -94.45 60.21 19.69
C THR F 180 -93.90 61.22 18.67
N LEU F 181 -94.41 62.46 18.70
CA LEU F 181 -93.91 63.53 17.79
C LEU F 181 -92.59 64.09 18.31
N THR F 182 -91.73 64.59 17.42
CA THR F 182 -90.50 65.28 17.91
C THR F 182 -90.53 66.72 17.39
N LEU F 183 -90.43 67.72 18.27
CA LEU F 183 -90.55 69.13 17.82
C LEU F 183 -89.64 70.04 18.63
N SER F 184 -89.15 71.12 18.02
CA SER F 184 -88.32 72.12 18.75
C SER F 184 -89.28 73.06 19.50
N LYS F 185 -88.75 73.95 20.35
CA LYS F 185 -89.63 74.95 21.02
C LYS F 185 -90.30 75.81 19.95
N ALA F 186 -89.54 76.23 18.93
CA ALA F 186 -90.11 77.03 17.82
C ALA F 186 -91.15 76.19 17.06
N ASP F 187 -90.87 74.91 16.83
CA ASP F 187 -91.85 74.03 16.14
C ASP F 187 -93.09 73.90 17.02
N TYR F 188 -92.91 73.75 18.33
CA TYR F 188 -94.07 73.57 19.25
C TYR F 188 -95.02 74.77 19.15
N GLU F 189 -94.49 75.98 19.29
CA GLU F 189 -95.36 77.20 19.26
C GLU F 189 -96.02 77.33 17.89
N LYS F 190 -95.29 77.03 16.81
CA LYS F 190 -95.85 77.13 15.44
C LYS F 190 -97.00 76.12 15.28
N HIS F 191 -96.87 74.93 15.88
CA HIS F 191 -97.96 73.91 15.81
C HIS F 191 -98.99 74.20 16.91
N LYS F 192 -99.98 75.05 16.62
CA LYS F 192 -101.02 75.41 17.61
C LYS F 192 -101.84 74.17 17.95
N VAL F 193 -102.15 73.33 16.96
CA VAL F 193 -103.04 72.15 17.19
C VAL F 193 -102.29 70.86 16.86
N TYR F 194 -102.38 69.86 17.75
CA TYR F 194 -101.75 68.52 17.47
C TYR F 194 -102.88 67.50 17.29
N ALA F 195 -102.89 66.77 16.17
CA ALA F 195 -103.99 65.82 15.90
C ALA F 195 -103.43 64.41 15.64
N CYS F 196 -104.03 63.39 16.28
CA CYS F 196 -103.58 61.99 15.99
C CYS F 196 -104.75 61.22 15.38
N GLU F 197 -104.51 60.51 14.27
CA GLU F 197 -105.60 59.78 13.56
C GLU F 197 -105.39 58.27 13.78
N VAL F 198 -106.45 57.56 14.18
CA VAL F 198 -106.33 56.11 14.47
C VAL F 198 -107.05 55.30 13.39
N THR F 199 -106.36 54.36 12.74
CA THR F 199 -107.01 53.48 11.73
C THR F 199 -106.84 52.03 12.17
N HIS F 200 -107.91 51.24 12.14
CA HIS F 200 -107.83 49.83 12.56
C HIS F 200 -108.50 48.94 11.52
N GLN F 201 -108.00 47.71 11.32
CA GLN F 201 -108.61 46.77 10.36
C GLN F 201 -110.05 46.45 10.82
N GLY F 202 -110.23 46.24 12.13
CA GLY F 202 -111.58 45.97 12.68
C GLY F 202 -112.50 47.16 12.49
N LEU F 203 -111.99 48.38 12.71
CA LEU F 203 -112.80 49.60 12.50
C LEU F 203 -113.16 49.72 11.02
N SER F 204 -114.39 50.11 10.71
CA SER F 204 -114.79 50.30 9.29
C SER F 204 -114.78 51.80 8.98
N SER F 205 -114.37 52.63 9.94
CA SER F 205 -114.39 54.07 9.74
C SER F 205 -113.18 54.68 10.43
N PRO F 206 -112.18 55.15 9.67
CA PRO F 206 -111.05 55.86 10.31
C PRO F 206 -111.53 57.10 11.04
N VAL F 207 -110.92 57.34 12.21
CA VAL F 207 -111.37 58.40 13.10
C VAL F 207 -110.17 59.23 13.54
N THR F 208 -110.39 60.54 13.64
CA THR F 208 -109.36 61.49 14.01
C THR F 208 -109.76 62.15 15.31
N LYS F 209 -108.82 62.31 16.24
CA LYS F 209 -109.09 63.19 17.35
C LYS F 209 -107.97 64.23 17.35
N SER F 210 -108.30 65.38 17.89
CA SER F 210 -107.34 66.47 18.01
C SER F 210 -107.37 67.02 19.42
N PHE F 211 -106.44 67.94 19.68
CA PHE F 211 -106.46 68.75 20.87
C PHE F 211 -105.63 69.99 20.58
N ASN F 212 -105.85 71.03 21.37
CA ASN F 212 -105.10 72.27 21.19
C ASN F 212 -104.23 72.56 22.40
N ARG F 213 -103.51 73.69 22.37
CA ARG F 213 -102.58 74.01 23.44
C ARG F 213 -103.32 74.59 24.64
N GLY F 214 -103.05 74.05 25.83
CA GLY F 214 -103.62 74.57 27.06
C GLY F 214 -105.04 74.14 27.38
N GLU F 215 -105.24 72.85 27.64
CA GLU F 215 -106.55 72.38 28.11
C GLU F 215 -106.66 72.50 29.63
N CYS F 216 -105.78 71.84 30.36
CA CYS F 216 -105.82 71.89 31.82
C CYS F 216 -105.46 73.27 32.33
N GLU G 1 -73.40 19.61 33.53
CA GLU G 1 -72.08 19.84 34.17
C GLU G 1 -71.33 20.93 33.40
N VAL G 2 -71.62 21.08 32.10
CA VAL G 2 -70.90 22.08 31.26
C VAL G 2 -71.21 23.48 31.78
N GLN G 3 -70.19 24.35 31.88
CA GLN G 3 -70.44 25.77 32.28
C GLN G 3 -69.87 26.68 31.18
N LEU G 4 -70.71 27.57 30.63
CA LEU G 4 -70.21 28.52 29.60
C LEU G 4 -70.59 29.96 29.96
N VAL G 5 -69.62 30.87 29.94
CA VAL G 5 -69.89 32.31 30.23
C VAL G 5 -69.11 33.15 29.21
N GLU G 6 -69.62 34.32 28.83
CA GLU G 6 -68.91 35.21 27.88
C GLU G 6 -68.54 36.51 28.59
N SER G 7 -67.29 36.96 28.44
CA SER G 7 -66.82 38.16 29.18
C SER G 7 -66.13 39.14 28.23
N GLY G 8 -65.99 40.40 28.64
CA GLY G 8 -65.31 41.42 27.82
C GLY G 8 -66.25 42.15 26.88
N GLY G 9 -67.56 41.88 26.95
CA GLY G 9 -68.52 42.64 26.14
C GLY G 9 -68.80 43.99 26.76
N GLY G 10 -68.63 45.08 26.01
CA GLY G 10 -68.83 46.43 26.58
C GLY G 10 -69.11 47.46 25.49
N VAL G 11 -69.62 48.63 25.87
CA VAL G 11 -69.84 49.72 24.88
C VAL G 11 -68.47 50.14 24.32
N VAL G 12 -68.37 50.32 22.99
CA VAL G 12 -67.05 50.63 22.37
C VAL G 12 -67.23 51.67 21.26
N GLN G 13 -66.17 52.42 20.96
CA GLN G 13 -66.21 53.41 19.84
C GLN G 13 -66.07 52.63 18.52
N PRO G 14 -66.45 53.20 17.35
CA PRO G 14 -66.24 52.52 16.07
C PRO G 14 -64.74 52.33 15.78
N GLY G 15 -64.38 51.28 15.05
CA GLY G 15 -62.96 51.00 14.77
C GLY G 15 -62.16 50.84 16.06
N ARG G 16 -62.58 49.91 16.92
CA ARG G 16 -61.90 49.69 18.22
C ARG G 16 -61.59 48.19 18.36
N SER G 17 -60.59 47.84 19.15
CA SER G 17 -60.28 46.40 19.39
C SER G 17 -60.86 45.97 20.74
N LEU G 18 -61.74 44.97 20.73
CA LEU G 18 -62.40 44.50 21.98
C LEU G 18 -62.10 43.01 22.20
N ARG G 19 -61.55 42.65 23.36
CA ARG G 19 -61.28 41.22 23.68
C ARG G 19 -62.59 40.50 23.98
N SER G 21 -65.06 37.87 24.25
CA SER G 21 -64.41 36.55 24.46
C SER G 21 -65.36 35.61 25.20
N CYS G 22 -64.92 34.38 25.48
CA CYS G 22 -65.78 33.37 26.17
C CYS G 22 -64.93 32.56 27.16
N ALA G 23 -65.56 31.97 28.18
CA ALA G 23 -64.84 31.12 29.15
C ALA G 23 -65.64 29.84 29.40
N ALA G 24 -64.96 28.73 29.70
CA ALA G 24 -65.64 27.45 29.98
C ALA G 24 -65.14 26.88 31.30
N SER G 25 -66.01 26.21 32.06
CA SER G 25 -65.61 25.62 33.37
C SER G 25 -66.24 24.24 33.55
N ALA G 26 -65.56 23.35 34.29
CA ALA G 26 -66.12 22.01 34.61
C ALA G 26 -66.53 21.27 33.33
N PHE G 27 -65.72 21.36 32.27
CA PHE G 27 -66.07 20.71 30.98
C PHE G 27 -64.80 20.20 30.30
N THR G 28 -64.93 19.19 29.42
CA THR G 28 -63.75 18.70 28.65
C THR G 28 -63.59 19.62 27.43
N PHE G 29 -63.09 20.83 27.65
CA PHE G 29 -62.92 21.83 26.57
C PHE G 29 -61.92 21.33 25.53
N SER G 30 -60.85 20.63 25.95
CA SER G 30 -59.77 20.26 25.00
C SER G 30 -60.27 19.44 23.81
N ASN G 31 -61.18 18.49 24.01
CA ASN G 31 -61.60 17.62 22.86
C ASN G 31 -62.84 18.20 22.18
N TYR G 32 -63.36 19.34 22.66
CA TYR G 32 -64.61 19.89 22.08
C TYR G 32 -64.34 21.24 21.40
N GLY G 33 -64.71 21.37 20.13
CA GLY G 33 -64.55 22.65 19.42
C GLY G 33 -65.51 23.70 19.92
N MET G 34 -65.10 24.97 19.88
CA MET G 34 -65.96 26.08 20.40
C MET G 34 -66.52 26.87 19.21
N HIS G 35 -67.84 27.08 19.19
CA HIS G 35 -68.49 27.78 18.05
C HIS G 35 -69.13 29.08 18.57
N TRP G 36 -68.89 30.20 17.88
CA TRP G 36 -69.44 31.50 18.30
C TRP G 36 -70.60 31.88 17.36
N VAL G 37 -71.77 32.21 17.92
CA VAL G 37 -72.95 32.58 17.09
C VAL G 37 -73.41 33.99 17.48
N ARG G 38 -73.81 34.81 16.52
CA ARG G 38 -74.19 36.21 16.82
C ARG G 38 -75.65 36.46 16.42
N GLN G 39 -76.45 37.04 17.31
CA GLN G 39 -77.86 37.39 16.96
C GLN G 39 -78.04 38.90 17.13
N ALA G 40 -78.64 39.57 16.14
CA ALA G 40 -78.92 41.02 16.22
C ALA G 40 -80.39 41.25 15.84
N PRO G 41 -81.07 42.31 16.35
CA PRO G 41 -82.48 42.51 16.05
C PRO G 41 -82.72 42.74 14.55
N GLY G 42 -83.77 42.13 14.00
CA GLY G 42 -84.10 42.30 12.56
C GLY G 42 -83.32 41.34 11.67
N LYS G 43 -82.48 40.47 12.26
CA LYS G 43 -81.77 39.44 11.46
C LYS G 43 -81.73 38.10 12.21
N GLY G 44 -81.60 36.99 11.50
CA GLY G 44 -81.63 35.66 12.15
C GLY G 44 -80.30 35.26 12.75
N LEU G 45 -80.29 34.20 13.57
CA LEU G 45 -79.05 33.71 14.22
C LEU G 45 -78.10 33.16 13.15
N GLU G 46 -76.82 33.53 13.20
CA GLU G 46 -75.81 32.99 12.25
C GLU G 46 -74.51 32.72 13.02
N TRP G 47 -73.66 31.83 12.52
CA TRP G 47 -72.42 31.47 13.26
C TRP G 47 -71.29 32.38 12.78
N VAL G 48 -70.94 33.41 13.56
CA VAL G 48 -69.89 34.38 13.13
C VAL G 48 -68.53 33.69 13.01
N ALA G 49 -68.18 32.84 13.98
CA ALA G 49 -66.85 32.19 13.97
C ALA G 49 -66.91 30.76 14.47
N VAL G 50 -66.13 29.85 13.88
CA VAL G 50 -66.06 28.45 14.40
C VAL G 50 -64.57 28.08 14.53
N ILE G 51 -64.18 27.51 15.67
CA ILE G 51 -62.76 27.06 15.83
C ILE G 51 -62.72 25.58 16.21
N TRP G 52 -61.76 24.84 15.66
CA TRP G 52 -61.63 23.39 15.95
C TRP G 52 -61.06 23.17 17.35
N SER G 53 -61.23 21.96 17.91
CA SER G 53 -60.73 21.65 19.27
C SER G 53 -59.21 21.82 19.32
N ALA G 54 -58.51 21.40 18.26
CA ALA G 54 -57.04 21.59 18.19
C ALA G 54 -56.75 23.11 18.18
N GLY G 55 -57.57 23.88 17.46
CA GLY G 55 -57.37 25.34 17.36
C GLY G 55 -56.39 25.70 16.27
N SER G 56 -55.86 24.70 15.56
CA SER G 56 -54.93 24.94 14.43
C SER G 56 -55.65 25.69 13.32
N LEU G 57 -56.91 25.32 13.05
CA LEU G 57 -57.67 25.95 11.93
C LEU G 57 -58.86 26.74 12.48
N LYS G 58 -59.05 27.97 12.00
CA LYS G 58 -60.19 28.82 12.45
C LYS G 58 -61.00 29.25 11.22
N TYR G 59 -62.33 29.14 11.31
CA TYR G 59 -63.22 29.54 10.18
C TYR G 59 -64.06 30.75 10.59
N TYR G 60 -64.12 31.77 9.74
CA TYR G 60 -64.95 32.96 10.04
C TYR G 60 -66.07 33.10 9.00
N ALA G 61 -67.31 33.21 9.45
CA ALA G 61 -68.46 33.39 8.53
C ALA G 61 -69.17 34.70 8.89
N SER G 63 -69.63 36.76 6.44
CA SER G 63 -70.20 38.13 6.42
C SER G 63 -69.11 39.14 6.81
N VAL G 64 -67.89 38.66 7.07
CA VAL G 64 -66.75 39.56 7.42
C VAL G 64 -65.48 39.03 6.75
N LYS G 65 -64.52 39.90 6.47
CA LYS G 65 -63.23 39.46 5.86
C LYS G 65 -62.28 38.99 6.97
N GLY G 66 -62.67 37.94 7.71
CA GLY G 66 -61.83 37.42 8.80
C GLY G 66 -61.56 38.48 9.85
N ARG G 67 -62.51 39.39 10.07
CA ARG G 67 -62.32 40.51 11.05
C ARG G 67 -62.16 39.92 12.45
N PHE G 68 -62.97 38.93 12.80
CA PHE G 68 -62.88 38.29 14.13
C PHE G 68 -61.56 37.51 14.22
N ILE G 69 -60.90 37.54 15.37
CA ILE G 69 -59.66 36.71 15.55
C ILE G 69 -59.92 35.80 16.75
N ILE G 70 -59.85 34.48 16.58
CA ILE G 70 -60.20 33.57 17.71
C ILE G 70 -58.97 32.74 18.14
N SER G 71 -58.61 32.81 19.42
CA SER G 71 -57.50 31.98 19.95
C SER G 71 -58.01 31.28 21.22
N ARG G 72 -57.85 29.96 21.32
CA ARG G 72 -58.42 29.24 22.49
C ARG G 72 -57.29 28.59 23.29
N ASP G 73 -57.28 28.80 24.61
CA ASP G 73 -56.27 28.13 25.48
C ASP G 73 -56.98 27.04 26.28
N ASN G 74 -56.64 25.77 26.05
CA ASN G 74 -57.33 24.65 26.73
C ASN G 74 -56.93 24.60 28.21
N SER G 75 -55.65 24.85 28.50
CA SER G 75 -55.20 24.90 29.92
C SER G 75 -55.93 26.04 30.64
N LYS G 76 -56.04 27.20 29.98
CA LYS G 76 -56.80 28.34 30.56
C LYS G 76 -58.28 27.95 30.65
N ASN G 77 -58.77 27.17 29.68
CA ASN G 77 -60.20 26.76 29.62
C ASN G 77 -61.03 27.94 29.10
N THR G 78 -60.37 28.94 28.50
CA THR G 78 -61.06 30.14 28.00
C THR G 78 -60.78 30.33 26.50
N LEU G 79 -61.79 30.76 25.73
CA LEU G 79 -61.59 31.04 24.28
C LEU G 79 -61.62 32.55 24.07
N TYR G 80 -60.60 33.12 23.43
CA TYR G 80 -60.52 34.60 23.29
C TYR G 80 -60.97 35.02 21.89
N LEU G 81 -61.90 35.98 21.81
CA LEU G 81 -62.38 36.49 20.51
C LEU G 81 -62.04 37.97 20.38
N GLN G 82 -61.45 38.39 19.26
CA GLN G 82 -61.05 39.81 19.07
C GLN G 82 -61.95 40.45 18.03
N MET G 83 -62.56 41.60 18.37
CA MET G 83 -63.46 42.31 17.43
C MET G 83 -62.80 43.63 17.04
N ASP G 84 -62.68 43.91 15.73
CA ASP G 84 -62.01 45.15 15.25
C ASP G 84 -62.88 45.81 14.19
N SER G 85 -62.71 47.11 13.95
CA SER G 85 -63.53 47.86 12.95
C SER G 85 -65.02 47.70 13.27
N LEU G 86 -65.39 47.75 14.55
CA LEU G 86 -66.80 47.51 14.97
C LEU G 86 -67.72 48.58 14.38
N ARG G 87 -68.93 48.19 13.97
CA ARG G 87 -69.91 49.15 13.40
C ARG G 87 -71.25 49.05 14.17
N PRO G 88 -72.13 50.09 14.23
CA PRO G 88 -73.42 49.96 14.91
C PRO G 88 -74.23 48.75 14.43
N GLU G 89 -74.39 48.61 13.11
CA GLU G 89 -75.15 47.46 12.53
C GLU G 89 -74.46 46.16 12.91
N ASP G 90 -73.12 46.13 12.85
CA ASP G 90 -72.34 44.90 13.19
C ASP G 90 -72.52 44.57 14.68
N THR G 91 -72.61 45.58 15.54
CA THR G 91 -72.68 45.33 17.00
C THR G 91 -73.90 44.46 17.33
N ALA G 92 -73.70 43.42 18.14
CA ALA G 92 -74.81 42.49 18.49
C ALA G 92 -74.42 41.62 19.69
N VAL G 93 -75.38 40.90 20.27
CA VAL G 93 -75.06 39.94 21.38
C VAL G 93 -74.37 38.71 20.79
N TYR G 94 -73.32 38.20 21.44
CA TYR G 94 -72.56 37.03 20.91
C TYR G 94 -72.68 35.84 21.88
N TYR G 95 -73.03 34.66 21.38
CA TYR G 95 -73.20 33.46 22.22
C TYR G 95 -72.14 32.42 21.85
N CYS G 96 -71.48 31.82 22.84
CA CYS G 96 -70.47 30.76 22.56
C CYS G 96 -71.00 29.40 23.02
N ALA G 97 -71.02 28.41 22.12
CA ALA G 97 -71.53 27.06 22.47
C ALA G 97 -70.66 25.98 21.80
N ARG G 98 -70.62 24.77 22.37
CA ARG G 98 -69.84 23.66 21.76
C ARG G 98 -70.78 22.81 20.90
N GLU G 99 -70.41 22.55 19.64
CA GLU G 99 -71.31 21.80 18.73
C GLU G 99 -70.66 20.46 18.35
N ASN G 100 -71.39 19.35 18.53
CA ASN G 100 -70.87 18.02 18.12
C ASN G 100 -71.90 17.38 17.17
N THR G 101 -71.46 16.94 15.98
CA THR G 101 -72.40 16.35 14.98
C THR G 101 -72.87 14.98 15.45
N THR G 102 -74.12 14.62 15.11
CA THR G 102 -74.68 13.29 15.50
C THR G 102 -73.99 12.17 14.71
N TYR G 103 -73.74 11.03 15.35
CA TYR G 103 -73.11 9.87 14.66
C TYR G 103 -74.21 8.97 14.07
N TYR G 104 -73.92 8.34 12.92
CA TYR G 104 -74.94 7.48 12.25
C TYR G 104 -74.28 6.20 11.71
N TYR G 105 -75.02 5.08 11.70
CA TYR G 105 -74.50 3.83 11.10
C TYR G 105 -75.30 3.59 9.81
N GLU G 106 -74.64 3.63 8.66
CA GLU G 106 -75.38 3.52 7.37
C GLU G 106 -76.02 2.15 7.16
N THR G 107 -75.31 1.06 7.45
CA THR G 107 -75.86 -0.29 7.13
C THR G 107 -77.11 -0.61 7.95
N SER G 108 -77.12 -0.33 9.25
CA SER G 108 -78.28 -0.73 10.09
C SER G 108 -79.23 0.45 10.31
N GLY G 109 -78.80 1.68 9.99
CA GLY G 109 -79.63 2.87 10.26
C GLY G 109 -79.55 3.27 11.72
N SER G 110 -78.65 2.64 12.48
CA SER G 110 -78.50 2.94 13.93
C SER G 110 -78.03 4.38 14.12
N TRP G 111 -78.57 5.09 15.11
CA TRP G 111 -78.21 6.53 15.29
C TRP G 111 -77.71 6.81 16.70
N GLY G 112 -76.59 7.51 16.84
CA GLY G 112 -76.09 7.91 18.18
C GLY G 112 -76.11 9.42 18.30
N ALA G 113 -76.72 9.96 19.36
CA ALA G 113 -76.85 11.44 19.44
C ALA G 113 -75.48 12.10 19.47
N SER G 114 -74.56 11.63 20.33
CA SER G 114 -73.16 12.13 20.31
C SER G 114 -73.10 13.66 20.26
N TYR G 115 -73.90 14.36 21.07
CA TYR G 115 -73.92 15.86 20.96
C TYR G 115 -73.83 16.50 22.35
N TYR G 116 -73.26 17.70 22.43
CA TYR G 116 -73.21 18.43 23.72
C TYR G 116 -73.65 19.88 23.49
N PHE G 117 -74.94 20.10 23.25
CA PHE G 117 -75.48 21.46 23.01
C PHE G 117 -75.93 22.05 24.36
N ASP G 118 -75.71 21.31 25.44
CA ASP G 118 -76.11 21.76 26.80
C ASP G 118 -75.28 22.98 27.21
N PHE G 119 -75.81 23.82 28.10
CA PHE G 119 -75.10 25.05 28.56
C PHE G 119 -74.77 25.96 27.38
N TRP G 120 -75.73 26.16 26.47
CA TRP G 120 -75.51 27.11 25.35
C TRP G 120 -75.24 28.49 25.96
N GLY G 121 -74.30 29.26 25.41
CA GLY G 121 -73.92 30.53 26.05
C GLY G 121 -75.07 31.50 26.18
N GLN G 122 -75.19 32.17 27.33
CA GLN G 122 -76.26 33.17 27.56
C GLN G 122 -76.08 34.33 26.59
N GLY G 123 -74.82 34.70 26.31
CA GLY G 123 -74.53 35.79 25.35
C GLY G 123 -74.08 37.07 26.04
N THR G 124 -73.24 37.86 25.35
CA THR G 124 -72.79 39.17 25.91
C THR G 124 -73.11 40.25 24.88
N LEU G 125 -73.68 41.38 25.33
CA LEU G 125 -74.10 42.42 24.36
C LEU G 125 -73.01 43.47 24.20
N VAL G 126 -72.59 43.72 22.95
CA VAL G 126 -71.59 44.80 22.69
C VAL G 126 -72.34 45.92 21.94
N THR G 127 -72.15 47.17 22.34
CA THR G 127 -72.94 48.27 21.72
C THR G 127 -72.02 49.38 21.20
N VAL G 128 -72.31 49.93 20.02
CA VAL G 128 -71.53 51.09 19.51
C VAL G 128 -72.46 52.31 19.60
N SER G 129 -72.08 53.34 20.35
CA SER G 129 -72.97 54.51 20.55
C SER G 129 -72.19 55.81 20.45
N SER G 130 -72.87 56.91 20.11
CA SER G 130 -72.21 58.24 19.98
C SER G 130 -73.07 59.31 20.66
N SER G 131 -72.46 60.43 21.07
CA SER G 131 -73.21 61.56 21.70
C SER G 131 -74.02 61.08 22.90
N THR G 132 -73.42 60.25 23.77
CA THR G 132 -74.12 59.71 24.97
C THR G 132 -74.59 60.86 25.86
N LYS G 133 -75.77 60.74 26.47
CA LYS G 133 -76.34 61.84 27.29
C LYS G 133 -76.88 61.28 28.61
N GLY G 134 -76.91 62.09 29.68
CA GLY G 134 -77.47 61.65 30.97
C GLY G 134 -78.98 61.49 30.89
N PRO G 135 -79.60 60.55 31.65
CA PRO G 135 -81.04 60.29 31.54
C PRO G 135 -81.92 61.50 31.89
N SER G 136 -82.98 61.73 31.10
CA SER G 136 -83.90 62.86 31.37
C SER G 136 -85.35 62.36 31.32
N VAL G 137 -85.79 61.66 32.37
CA VAL G 137 -87.18 61.10 32.40
C VAL G 137 -88.19 62.25 32.47
N PHE G 138 -89.25 62.19 31.66
CA PHE G 138 -90.31 63.23 31.71
C PHE G 138 -91.67 62.56 31.93
N PRO G 139 -92.46 62.93 32.97
CA PRO G 139 -93.81 62.38 33.14
C PRO G 139 -94.73 62.93 32.03
N LEU G 140 -95.71 62.14 31.60
CA LEU G 140 -96.68 62.63 30.58
C LEU G 140 -98.08 62.68 31.21
N ALA G 141 -98.76 63.82 31.11
CA ALA G 141 -100.11 63.96 31.73
C ALA G 141 -101.16 64.18 30.63
N PRO G 142 -102.21 63.35 30.56
CA PRO G 142 -103.29 63.54 29.58
C PRO G 142 -104.07 64.85 29.81
N SER G 143 -104.44 65.53 28.73
CA SER G 143 -105.18 66.82 28.83
C SER G 143 -106.54 66.60 29.51
N SER G 144 -107.24 65.51 29.13
CA SER G 144 -108.57 65.22 29.72
C SER G 144 -108.63 63.76 30.17
N LYS G 145 -107.91 63.42 31.25
CA LYS G 145 -107.87 62.02 31.75
C LYS G 145 -109.26 61.59 32.21
N SER G 146 -109.98 62.48 32.92
CA SER G 146 -111.33 62.13 33.45
C SER G 146 -112.31 61.87 32.31
N THR G 147 -112.28 62.69 31.24
CA THR G 147 -113.26 62.56 30.14
C THR G 147 -112.79 61.53 29.11
N SER G 148 -111.55 61.04 29.22
CA SER G 148 -111.01 60.10 28.20
C SER G 148 -111.85 58.82 28.15
N GLY G 149 -112.25 58.31 29.32
CA GLY G 149 -113.06 57.07 29.37
C GLY G 149 -113.26 56.60 30.80
N GLY G 150 -113.85 55.42 30.99
CA GLY G 150 -114.01 54.85 32.34
C GLY G 150 -112.65 54.59 32.97
N THR G 151 -111.69 54.09 32.19
CA THR G 151 -110.32 53.87 32.70
C THR G 151 -109.37 54.77 31.89
N ALA G 152 -108.44 55.45 32.56
CA ALA G 152 -107.53 56.39 31.85
C ALA G 152 -106.10 55.87 31.92
N ALA G 153 -105.26 56.26 30.95
CA ALA G 153 -103.87 55.76 30.92
C ALA G 153 -102.90 56.88 31.32
N LEU G 154 -102.05 56.63 32.33
CA LEU G 154 -101.05 57.63 32.77
C LEU G 154 -99.67 57.03 32.47
N GLY G 155 -98.77 57.78 31.81
CA GLY G 155 -97.47 57.20 31.42
C GLY G 155 -96.29 58.11 31.70
N CYS G 156 -95.10 57.53 31.89
CA CYS G 156 -93.86 58.33 32.08
C CYS G 156 -92.85 57.94 30.99
N LEU G 157 -92.24 58.93 30.32
CA LEU G 157 -91.30 58.63 29.21
C LEU G 157 -89.87 58.97 29.66
N VAL G 158 -88.94 58.03 29.53
CA VAL G 158 -87.51 58.33 29.86
C VAL G 158 -86.78 58.61 28.55
N LYS G 159 -86.00 59.69 28.49
CA LYS G 159 -85.37 60.09 27.21
C LYS G 159 -83.86 60.28 27.37
N ASP G 160 -83.07 59.93 26.33
CA ASP G 160 -81.61 60.17 26.35
C ASP G 160 -80.94 59.52 27.57
N TYR G 161 -81.32 58.29 27.90
CA TYR G 161 -80.75 57.59 29.07
C TYR G 161 -79.32 57.10 28.75
N PHE G 162 -78.42 57.18 29.73
CA PHE G 162 -77.01 56.78 29.53
C PHE G 162 -76.88 55.25 29.44
N PRO G 163 -75.80 54.68 28.86
CA PRO G 163 -75.56 53.24 28.80
C PRO G 163 -76.70 52.25 28.51
N GLU G 164 -77.42 52.42 27.40
CA GLU G 164 -78.46 51.42 26.99
C GLU G 164 -79.58 51.27 28.04
N PRO G 165 -79.89 50.11 28.65
CA PRO G 165 -81.08 49.94 29.51
C PRO G 165 -81.25 50.80 30.78
N VAL G 166 -82.48 51.20 31.08
CA VAL G 166 -82.79 51.98 32.32
C VAL G 166 -84.02 51.32 32.97
N THR G 167 -84.16 51.40 34.29
CA THR G 167 -85.30 50.74 34.98
C THR G 167 -86.31 51.81 35.42
N VAL G 168 -87.57 51.66 35.01
CA VAL G 168 -88.64 52.64 35.41
C VAL G 168 -89.74 51.87 36.13
N SER G 169 -90.18 52.36 37.29
CA SER G 169 -91.23 51.67 38.08
C SER G 169 -92.31 52.69 38.49
N TRP G 170 -93.52 52.22 38.80
CA TRP G 170 -94.59 53.14 39.25
C TRP G 170 -94.80 53.00 40.76
N ASN G 171 -94.56 54.08 41.51
CA ASN G 171 -94.68 54.04 42.98
C ASN G 171 -93.82 52.89 43.51
N SER G 172 -92.60 52.73 42.98
CA SER G 172 -91.70 51.60 43.37
C SER G 172 -92.39 50.25 43.11
N GLY G 173 -93.13 50.14 42.00
CA GLY G 173 -93.77 48.85 41.65
C GLY G 173 -95.05 48.59 42.42
N ALA G 174 -95.57 49.58 43.15
CA ALA G 174 -96.78 49.37 43.98
C ALA G 174 -97.98 48.99 43.10
N LEU G 175 -98.14 49.65 41.95
CA LEU G 175 -99.26 49.34 41.03
C LEU G 175 -98.72 48.66 39.77
N THR G 176 -99.16 47.42 39.51
CA THR G 176 -98.73 46.70 38.28
C THR G 176 -99.90 46.61 37.30
N SER G 177 -101.00 47.32 37.59
CA SER G 177 -102.22 47.19 36.72
C SER G 177 -101.95 47.81 35.35
N GLY G 178 -102.26 47.07 34.27
CA GLY G 178 -102.13 47.60 32.90
C GLY G 178 -100.73 48.13 32.61
N VAL G 179 -99.68 47.45 33.11
CA VAL G 179 -98.29 47.87 32.80
C VAL G 179 -97.99 47.58 31.33
N HIS G 180 -97.41 48.56 30.61
CA HIS G 180 -97.01 48.32 29.19
C HIS G 180 -95.51 48.62 29.06
N THR G 181 -94.76 47.69 28.46
CA THR G 181 -93.29 47.89 28.30
C THR G 181 -92.99 48.16 26.82
N PHE G 182 -92.31 49.26 26.53
CA PHE G 182 -92.04 49.64 25.11
C PHE G 182 -90.55 49.45 24.80
N PRO G 183 -90.20 48.81 23.67
CA PRO G 183 -88.80 48.58 23.30
C PRO G 183 -88.09 49.91 23.03
N ALA G 184 -86.78 49.97 23.31
CA ALA G 184 -86.05 51.24 23.15
C ALA G 184 -85.64 51.42 21.69
N VAL G 185 -86.32 52.32 20.97
CA VAL G 185 -85.96 52.60 19.54
C VAL G 185 -84.65 53.39 19.53
N LEU G 186 -83.77 53.12 18.56
CA LEU G 186 -82.51 53.89 18.44
C LEU G 186 -82.74 55.11 17.54
N GLN G 187 -82.51 56.31 18.07
CA GLN G 187 -82.71 57.56 17.29
C GLN G 187 -81.50 57.82 16.40
N SER G 188 -81.62 58.75 15.45
CA SER G 188 -80.47 59.12 14.58
C SER G 188 -79.35 59.67 15.47
N SER G 189 -79.71 60.40 16.52
CA SER G 189 -78.72 60.95 17.47
C SER G 189 -77.93 59.81 18.13
N GLY G 190 -78.54 58.63 18.25
CA GLY G 190 -77.87 57.48 18.91
C GLY G 190 -78.30 57.35 20.35
N LEU G 191 -79.41 58.01 20.72
CA LEU G 191 -79.94 57.92 22.10
C LEU G 191 -81.27 57.17 22.08
N TYR G 192 -81.39 56.10 22.87
CA TYR G 192 -82.62 55.26 22.86
C TYR G 192 -83.78 55.99 23.54
N SER G 193 -85.02 55.73 23.10
CA SER G 193 -86.21 56.32 23.77
C SER G 193 -87.22 55.23 24.11
N LEU G 194 -87.69 55.17 25.37
CA LEU G 194 -88.74 54.18 25.75
C LEU G 194 -89.71 54.83 26.74
N SER G 195 -90.94 54.32 26.84
CA SER G 195 -91.96 54.87 27.77
C SER G 195 -92.64 53.76 28.55
N SER G 196 -93.06 54.01 29.79
CA SER G 196 -93.81 53.02 30.58
C SER G 196 -95.18 53.60 30.97
N VAL G 197 -96.27 52.89 30.69
CA VAL G 197 -97.63 53.44 30.96
C VAL G 197 -98.46 52.42 31.75
N VAL G 198 -99.29 52.89 32.68
CA VAL G 198 -100.16 51.98 33.49
C VAL G 198 -101.62 52.39 33.27
N THR G 199 -102.55 51.46 33.42
CA THR G 199 -103.99 51.78 33.25
C THR G 199 -104.63 51.92 34.64
N VAL G 200 -105.20 53.10 34.92
CA VAL G 200 -105.81 53.37 36.25
C VAL G 200 -107.18 54.03 36.02
N PRO G 201 -108.25 53.70 36.80
CA PRO G 201 -109.57 54.26 36.55
C PRO G 201 -109.57 55.79 36.64
N SER G 202 -110.38 56.46 35.82
CA SER G 202 -110.40 57.94 35.78
C SER G 202 -110.80 58.52 37.15
N SER G 203 -111.74 57.86 37.84
CA SER G 203 -112.16 58.33 39.19
C SER G 203 -110.97 58.30 40.13
N SER G 204 -110.15 57.24 40.08
CA SER G 204 -108.92 57.16 40.91
C SER G 204 -107.94 58.29 40.53
N LEU G 205 -107.81 58.57 39.23
CA LEU G 205 -106.85 59.60 38.75
C LEU G 205 -107.28 60.98 39.25
N GLY G 206 -106.31 61.87 39.48
CA GLY G 206 -106.61 63.22 40.02
C GLY G 206 -106.89 63.20 41.50
N THR G 207 -107.88 62.41 41.94
CA THR G 207 -108.16 62.27 43.40
C THR G 207 -106.94 61.64 44.07
N GLN G 208 -106.32 60.65 43.41
CA GLN G 208 -105.10 60.01 43.96
C GLN G 208 -103.94 60.25 42.97
N THR G 209 -102.79 60.68 43.48
CA THR G 209 -101.63 61.00 42.60
C THR G 209 -100.63 59.84 42.64
N TYR G 210 -100.17 59.38 41.48
CA TYR G 210 -99.19 58.26 41.42
C TYR G 210 -97.84 58.82 40.99
N ILE G 211 -96.77 58.46 41.72
CA ILE G 211 -95.43 59.06 41.43
C ILE G 211 -94.54 58.01 40.75
N CYS G 212 -94.02 58.34 39.56
CA CYS G 212 -93.09 57.42 38.84
C CYS G 212 -91.75 57.39 39.58
N ASN G 213 -91.17 56.19 39.77
CA ASN G 213 -89.82 56.10 40.38
C ASN G 213 -88.87 55.51 39.34
N VAL G 214 -87.81 56.25 38.98
CA VAL G 214 -86.88 55.78 37.92
C VAL G 214 -85.49 55.59 38.54
N ASN G 215 -84.89 54.41 38.36
CA ASN G 215 -83.53 54.16 38.89
C ASN G 215 -82.59 53.79 37.74
N HIS G 216 -81.43 54.43 37.64
CA HIS G 216 -80.43 54.05 36.61
C HIS G 216 -79.15 53.64 37.34
N LYS G 217 -78.62 52.45 37.06
CA LYS G 217 -77.43 51.96 37.83
C LYS G 217 -76.20 52.85 37.62
N PRO G 218 -75.81 53.27 36.39
CA PRO G 218 -74.69 54.21 36.24
C PRO G 218 -74.96 55.57 36.89
N SER G 219 -76.17 56.11 36.72
CA SER G 219 -76.54 57.41 37.32
C SER G 219 -76.54 57.31 38.85
N ASN G 220 -77.01 56.18 39.39
CA ASN G 220 -77.13 56.00 40.86
C ASN G 220 -78.09 57.07 41.42
N THR G 221 -79.12 57.43 40.64
CA THR G 221 -80.09 58.46 41.07
C THR G 221 -81.50 57.86 41.05
N LYS G 222 -82.26 58.00 42.13
CA LYS G 222 -83.66 57.51 42.16
C LYS G 222 -84.60 58.69 41.82
N VAL G 223 -84.80 58.94 40.52
CA VAL G 223 -85.66 60.04 40.11
C VAL G 223 -87.06 59.79 40.62
N ASP G 224 -87.66 60.80 41.25
CA ASP G 224 -89.05 60.76 41.68
C ASP G 224 -89.84 61.74 40.82
N LYS G 225 -90.98 61.29 40.29
CA LYS G 225 -91.72 62.05 39.30
C LYS G 225 -93.20 62.10 39.68
N ARG G 226 -93.64 63.26 40.15
CA ARG G 226 -95.01 63.47 40.58
C ARG G 226 -95.78 64.30 39.56
N VAL G 227 -97.10 64.18 39.59
CA VAL G 227 -97.95 64.89 38.63
C VAL G 227 -98.88 65.86 39.36
N ASP H 1 24.99 73.21 18.70
CA ASP H 1 26.34 72.71 18.29
C ASP H 1 27.29 72.79 19.49
N ILE H 2 28.58 72.50 19.27
CA ILE H 2 29.59 72.58 20.36
C ILE H 2 30.52 73.76 20.08
N GLN H 3 30.69 74.66 21.05
CA GLN H 3 31.59 75.83 20.86
C GLN H 3 32.72 75.77 21.89
N MET H 4 33.97 75.88 21.43
CA MET H 4 35.14 75.86 22.34
C MET H 4 35.91 77.16 22.17
N THR H 5 36.29 77.81 23.28
CA THR H 5 37.08 79.06 23.19
C THR H 5 38.18 79.04 24.26
N GLN H 6 39.33 79.67 23.99
CA GLN H 6 40.41 79.78 25.01
C GLN H 6 40.44 81.23 25.48
N THR H 7 40.49 81.47 26.79
CA THR H 7 40.40 82.87 27.30
C THR H 7 41.54 83.73 26.72
N PRO H 8 42.82 83.29 26.70
CA PRO H 8 43.88 84.06 26.04
C PRO H 8 44.32 83.41 24.71
N ALA H 9 44.14 84.12 23.59
CA ALA H 9 44.63 83.57 22.29
C ALA H 9 46.15 83.47 22.37
N SER H 10 46.81 84.50 22.92
CA SER H 10 48.28 84.45 23.11
C SER H 10 48.59 84.94 24.54
N LEU H 11 49.45 84.23 25.26
CA LEU H 11 49.75 84.61 26.67
C LEU H 11 51.24 84.93 26.81
N SER H 12 51.57 86.07 27.41
CA SER H 12 52.99 86.44 27.63
C SER H 12 53.31 86.31 29.12
N ALA H 13 54.34 85.53 29.46
CA ALA H 13 54.70 85.31 30.88
C ALA H 13 56.22 85.38 31.05
N SER H 14 56.69 85.86 32.20
CA SER H 14 58.15 85.94 32.46
C SER H 14 58.71 84.56 32.80
N VAL H 15 60.04 84.43 32.89
CA VAL H 15 60.66 83.13 33.30
C VAL H 15 60.35 82.93 34.80
N GLY H 16 60.17 81.68 35.22
CA GLY H 16 59.82 81.39 36.64
C GLY H 16 58.53 82.09 37.05
N ASP H 17 57.51 82.06 36.18
CA ASP H 17 56.23 82.76 36.47
C ASP H 17 55.13 81.73 36.71
N ARG H 18 54.13 82.08 37.53
CA ARG H 18 52.98 81.18 37.79
C ARG H 18 51.80 81.67 36.97
N VAL H 19 51.28 80.85 36.05
CA VAL H 19 50.16 81.30 35.15
C VAL H 19 49.12 80.19 35.01
N THR H 20 47.89 80.56 34.65
CA THR H 20 46.81 79.54 34.42
C THR H 20 46.29 79.68 32.98
N ILE H 21 46.16 78.57 32.25
CA ILE H 21 45.56 78.61 30.89
C ILE H 21 44.22 77.89 30.95
N THR H 22 43.14 78.53 30.47
CA THR H 22 41.79 77.93 30.59
C THR H 22 41.15 77.73 29.22
N CYS H 23 40.66 76.52 28.93
CA CYS H 23 39.92 76.28 27.66
C CYS H 23 38.49 75.88 28.04
N ARG H 24 37.48 76.49 27.43
CA ARG H 24 36.09 76.19 27.87
C ARG H 24 35.33 75.44 26.76
N ALA H 25 34.81 74.25 27.07
CA ALA H 25 33.99 73.50 26.08
C ALA H 25 32.55 74.03 26.14
N SER H 26 31.71 73.67 25.17
CA SER H 26 30.28 74.08 25.28
C SER H 26 29.70 73.40 26.53
N GLN H 27 30.04 72.13 26.76
CA GLN H 27 29.57 71.40 27.96
C GLN H 27 30.57 70.28 28.25
N ASN H 28 30.60 69.75 29.47
CA ASN H 28 31.49 68.59 29.78
C ASN H 28 30.76 67.32 29.35
N ILE H 29 30.77 67.01 28.05
CA ILE H 29 30.02 65.84 27.51
C ILE H 29 30.58 64.54 28.11
N SER H 30 31.90 64.42 28.23
CA SER H 30 32.50 63.14 28.71
C SER H 30 33.53 63.38 29.81
N SER H 31 33.77 62.36 30.65
CA SER H 31 34.76 62.46 31.76
C SER H 31 36.18 62.67 31.21
N TYR H 32 36.53 62.00 30.10
CA TYR H 32 37.93 62.07 29.61
C TYR H 32 38.17 63.35 28.81
N LEU H 33 39.03 64.24 29.34
CA LEU H 33 39.40 65.48 28.61
C LEU H 33 40.93 65.50 28.53
N ASN H 34 41.50 65.62 27.33
CA ASN H 34 42.99 65.52 27.21
C ASN H 34 43.59 66.86 26.77
N TRP H 35 44.64 67.30 27.45
CA TRP H 35 45.34 68.55 27.06
C TRP H 35 46.60 68.16 26.28
N TYR H 36 46.87 68.84 25.15
CA TYR H 36 48.04 68.48 24.30
C TYR H 36 48.97 69.69 24.16
N GLN H 37 50.29 69.48 24.31
CA GLN H 37 51.26 70.58 24.08
C GLN H 37 51.98 70.29 22.76
N GLN H 38 52.00 71.25 21.85
CA GLN H 38 52.60 70.99 20.51
C GLN H 38 53.86 71.86 20.31
N LYS H 39 54.95 71.25 19.88
CA LYS H 39 56.19 72.00 19.56
C LYS H 39 56.37 71.93 18.05
N PRO H 40 56.60 73.06 17.32
CA PRO H 40 56.69 73.01 15.86
C PRO H 40 57.80 72.05 15.40
N GLY H 41 57.51 71.23 14.39
CA GLY H 41 58.50 70.24 13.91
C GLY H 41 58.52 69.00 14.77
N LYS H 42 57.59 68.89 15.73
CA LYS H 42 57.55 67.73 16.66
C LYS H 42 56.10 67.23 16.78
N ALA H 43 55.91 65.94 17.05
CA ALA H 43 54.56 65.35 17.19
C ALA H 43 53.89 65.83 18.48
N PRO H 44 52.55 65.97 18.54
CA PRO H 44 51.87 66.46 19.74
C PRO H 44 52.05 65.53 20.95
N LYS H 45 52.20 66.09 22.15
CA LYS H 45 52.37 65.28 23.38
C LYS H 45 51.19 65.53 24.32
N VAL H 46 50.61 64.47 24.88
CA VAL H 46 49.40 64.63 25.75
C VAL H 46 49.86 64.98 27.16
N LEU H 47 49.57 66.20 27.62
CA LEU H 47 49.92 66.62 29.01
C LEU H 47 49.14 65.79 30.02
N ILE H 48 47.84 65.59 29.78
CA ILE H 48 46.98 64.84 30.74
C ILE H 48 45.92 64.08 29.94
N TYR H 49 45.41 62.96 30.46
CA TYR H 49 44.45 62.15 29.66
C TYR H 49 43.00 62.45 30.05
N ASP H 50 42.70 62.49 31.35
CA ASP H 50 41.30 62.70 31.81
C ASP H 50 41.21 63.92 32.73
N THR H 51 42.34 64.62 32.98
CA THR H 51 42.39 65.78 33.91
C THR H 51 42.28 65.31 35.36
N SER H 52 42.35 63.99 35.59
CA SER H 52 42.34 63.46 36.99
C SER H 52 43.67 62.76 37.26
N ARG H 53 44.28 62.18 36.23
CA ARG H 53 45.60 61.50 36.38
C ARG H 53 46.57 62.08 35.35
N LEU H 54 47.75 62.52 35.79
CA LEU H 54 48.75 63.11 34.87
C LEU H 54 49.26 62.04 33.90
N GLN H 55 49.45 62.38 32.63
CA GLN H 55 49.98 61.41 31.64
C GLN H 55 51.43 61.09 31.98
N SER H 56 51.86 59.84 31.73
CA SER H 56 53.26 59.43 32.01
C SER H 56 54.23 60.22 31.10
N GLY H 57 55.40 60.57 31.61
CA GLY H 57 56.40 61.32 30.82
C GLY H 57 56.11 62.81 30.79
N VAL H 58 55.16 63.27 31.62
CA VAL H 58 54.79 64.71 31.65
C VAL H 58 55.20 65.29 33.00
N PRO H 59 55.87 66.46 33.07
CA PRO H 59 56.36 67.03 34.33
C PRO H 59 55.24 67.39 35.31
N SER H 60 55.53 67.28 36.62
CA SER H 60 54.52 67.57 37.68
C SER H 60 54.09 69.04 37.64
N ARG H 61 54.94 69.92 37.11
CA ARG H 61 54.63 71.38 37.09
C ARG H 61 53.32 71.61 36.33
N PHE H 62 53.07 70.88 35.24
CA PHE H 62 51.78 70.99 34.53
C PHE H 62 50.73 70.22 35.34
N SER H 63 49.68 70.90 35.81
CA SER H 63 48.58 70.22 36.53
C SER H 63 47.24 70.62 35.91
N GLY H 64 46.40 69.63 35.57
CA GLY H 64 45.10 69.95 34.93
C GLY H 64 43.94 69.72 35.88
N SER H 65 43.19 70.78 36.18
CA SER H 65 41.99 70.65 37.04
C SER H 65 40.80 71.30 36.33
N ALA H 66 39.66 70.60 36.23
CA ALA H 66 38.51 71.15 35.49
C ALA H 66 37.39 71.52 36.47
N SER H 67 37.00 72.80 36.50
CA SER H 67 35.85 73.22 37.35
C SER H 67 34.76 73.75 36.43
N GLY H 68 33.56 73.14 36.46
CA GLY H 68 32.52 73.55 35.51
C GLY H 68 32.87 73.08 34.11
N THR H 69 32.25 73.66 33.08
CA THR H 69 32.61 73.31 31.67
C THR H 69 34.07 73.71 31.39
N ASP H 70 34.51 74.85 31.92
CA ASP H 70 35.89 75.35 31.65
C ASP H 70 36.93 74.43 32.31
N PHE H 71 38.08 74.24 31.66
CA PHE H 71 39.18 73.41 32.22
C PHE H 71 40.42 74.28 32.39
N THR H 72 41.07 74.21 33.56
CA THR H 72 42.23 75.10 33.83
C THR H 72 43.52 74.28 33.95
N LEU H 73 44.58 74.68 33.24
CA LEU H 73 45.90 74.00 33.36
C LEU H 73 46.84 74.96 34.09
N THR H 74 47.49 74.49 35.15
CA THR H 74 48.36 75.40 35.97
C THR H 74 49.83 75.02 35.76
N ILE H 75 50.68 76.01 35.47
CA ILE H 75 52.14 75.74 35.23
C ILE H 75 52.96 76.64 36.14
N SER H 76 54.11 76.14 36.62
CA SER H 76 54.99 76.92 37.54
C SER H 76 56.43 76.85 37.05
N SER H 77 57.30 77.77 37.50
CA SER H 77 58.74 77.77 37.10
C SER H 77 58.87 77.74 35.58
N LEU H 78 58.10 78.58 34.88
CA LEU H 78 58.08 78.60 33.39
C LEU H 78 59.50 78.75 32.82
N GLN H 79 59.75 78.14 31.66
CA GLN H 79 61.08 78.23 31.01
C GLN H 79 60.91 78.69 29.55
N PRO H 80 61.88 79.38 28.88
CA PRO H 80 61.71 79.72 27.47
C PRO H 80 61.51 78.44 26.63
N GLU H 81 62.28 77.39 26.92
CA GLU H 81 62.11 76.09 26.22
C GLU H 81 60.72 75.53 26.54
N ASP H 82 60.27 75.69 27.80
CA ASP H 82 58.97 75.13 28.22
C ASP H 82 57.81 75.78 27.43
N PHE H 83 57.91 77.08 27.13
CA PHE H 83 56.76 77.77 26.47
C PHE H 83 56.44 77.09 25.13
N ALA H 84 55.17 76.78 24.90
CA ALA H 84 54.73 76.15 23.63
C ALA H 84 53.23 76.38 23.44
N THR H 85 52.71 76.22 22.22
CA THR H 85 51.25 76.36 21.98
C THR H 85 50.49 75.26 22.73
N TYR H 86 49.34 75.58 23.32
CA TYR H 86 48.58 74.59 24.12
C TYR H 86 47.22 74.31 23.48
N TYR H 87 46.87 73.03 23.31
CA TYR H 87 45.58 72.64 22.70
C TYR H 87 44.82 71.71 23.66
N CYS H 88 43.52 71.93 23.85
CA CYS H 88 42.73 70.99 24.69
C CYS H 88 41.70 70.25 23.82
N GLN H 89 41.63 68.93 23.96
CA GLN H 89 40.70 68.12 23.13
C GLN H 89 39.73 67.36 24.05
N GLN H 90 38.43 67.44 23.77
CA GLN H 90 37.43 66.65 24.55
C GLN H 90 37.14 65.38 23.74
N SER H 91 37.35 64.20 24.34
CA SER H 91 37.19 62.95 23.57
C SER H 91 35.94 62.19 24.03
N CYS H 92 35.00 61.93 23.11
CA CYS H 92 33.80 61.13 23.45
C CYS H 92 33.67 59.96 22.47
N THR H 93 33.49 58.74 22.98
CA THR H 93 33.31 57.55 22.10
C THR H 93 32.03 57.71 21.29
N THR H 94 30.96 58.23 21.92
CA THR H 94 29.65 58.41 21.24
C THR H 94 29.77 59.39 20.07
N LEU H 95 30.55 60.47 20.23
CA LEU H 95 30.63 61.51 19.17
C LEU H 95 31.84 61.26 18.27
N ARG H 96 31.60 61.13 16.95
CA ARG H 96 32.71 60.94 15.99
C ARG H 96 33.60 62.18 15.97
N CYS H 97 32.99 63.37 16.03
CA CYS H 97 33.76 64.64 15.96
C CYS H 97 34.69 64.76 17.18
N TRP H 98 35.89 65.29 16.98
CA TRP H 98 36.86 65.48 18.11
C TRP H 98 37.12 66.97 18.29
N THR H 99 37.04 67.45 19.54
CA THR H 99 37.24 68.90 19.83
C THR H 99 38.68 69.30 19.46
N PHE H 100 38.86 70.51 18.91
CA PHE H 100 40.21 70.98 18.52
C PHE H 100 40.61 72.17 19.39
N GLY H 101 41.85 72.16 19.90
CA GLY H 101 42.33 73.26 20.75
C GLY H 101 42.55 74.54 19.94
N GLN H 102 42.24 75.69 20.54
CA GLN H 102 42.45 76.99 19.84
C GLN H 102 43.94 77.18 19.58
N GLY H 103 44.79 76.81 20.53
CA GLY H 103 46.25 76.97 20.38
C GLY H 103 46.75 78.26 21.01
N THR H 104 47.00 78.25 22.32
CA THR H 104 47.43 79.49 23.02
C THR H 104 48.95 79.59 23.00
N LYS H 105 49.49 80.58 22.29
CA LYS H 105 50.97 80.76 22.19
C LYS H 105 51.51 81.26 23.52
N LEU H 106 52.71 80.80 23.90
CA LEU H 106 53.35 81.28 25.16
C LEU H 106 54.67 81.96 24.80
N GLU H 107 54.91 83.17 25.32
CA GLU H 107 56.13 83.93 24.93
C GLU H 107 56.81 84.52 26.17
N ILE H 108 58.13 84.75 26.09
CA ILE H 108 58.92 85.31 27.24
C ILE H 108 58.53 86.77 27.46
N LYS H 109 58.52 87.22 28.72
CA LYS H 109 58.22 88.64 29.04
C LYS H 109 59.49 89.32 29.56
N ARG H 110 59.86 90.48 29.01
CA ARG H 110 61.11 91.18 29.42
C ARG H 110 60.96 92.68 29.12
N THR H 111 61.96 93.49 29.47
CA THR H 111 61.88 94.97 29.27
C THR H 111 61.73 95.30 27.77
N VAL H 112 60.94 96.33 27.46
CA VAL H 112 60.67 96.73 26.04
C VAL H 112 61.97 97.19 25.37
N ALA H 113 62.17 96.84 24.09
CA ALA H 113 63.36 97.29 23.35
C ALA H 113 62.93 98.14 22.14
N ALA H 114 63.58 99.28 21.92
CA ALA H 114 63.20 100.19 20.80
C ALA H 114 63.48 99.52 19.45
N PRO H 115 62.57 99.64 18.46
CA PRO H 115 62.79 99.08 17.11
C PRO H 115 63.85 99.83 16.28
N SER H 116 64.52 99.13 15.36
CA SER H 116 65.51 99.77 14.46
C SER H 116 64.95 99.76 13.04
N VAL H 117 64.89 100.91 12.37
CA VAL H 117 64.24 100.98 11.03
C VAL H 117 65.28 100.87 9.91
N PHE H 118 65.06 99.95 8.95
CA PHE H 118 65.99 99.79 7.80
C PHE H 118 65.16 99.78 6.51
N ILE H 119 65.74 100.26 5.41
CA ILE H 119 64.98 100.35 4.12
C ILE H 119 65.72 99.57 3.03
N PHE H 120 64.99 98.84 2.19
CA PHE H 120 65.64 98.13 1.05
C PHE H 120 65.03 98.66 -0.26
N PRO H 121 65.84 99.22 -1.18
CA PRO H 121 65.34 99.68 -2.48
C PRO H 121 64.99 98.47 -3.38
N PRO H 122 64.00 98.57 -4.28
CA PRO H 122 63.70 97.48 -5.20
C PRO H 122 64.92 97.21 -6.12
N SER H 123 65.24 95.95 -6.36
CA SER H 123 66.44 95.60 -7.17
C SER H 123 66.20 95.96 -8.65
N ASP H 124 67.28 96.24 -9.38
CA ASP H 124 67.16 96.56 -10.83
C ASP H 124 66.57 95.35 -11.57
N GLU H 125 66.97 94.14 -11.19
CA GLU H 125 66.40 92.90 -11.81
C GLU H 125 64.91 92.83 -11.49
N GLN H 126 64.51 93.21 -10.27
CA GLN H 126 63.08 93.22 -9.89
C GLN H 126 62.33 94.23 -10.76
N LEU H 127 62.93 95.40 -11.01
CA LEU H 127 62.30 96.41 -11.88
C LEU H 127 62.16 95.85 -13.30
N LYS H 128 63.17 95.12 -13.79
CA LYS H 128 63.11 94.48 -15.13
C LYS H 128 61.97 93.45 -15.15
N SER H 129 61.78 92.70 -14.07
CA SER H 129 60.69 91.70 -13.98
C SER H 129 59.33 92.41 -14.07
N GLY H 130 59.25 93.66 -13.63
CA GLY H 130 58.00 94.43 -13.77
C GLY H 130 57.39 94.81 -12.44
N THR H 131 58.00 94.40 -11.32
CA THR H 131 57.41 94.68 -9.99
C THR H 131 58.38 95.50 -9.14
N ALA H 132 57.87 96.51 -8.42
CA ALA H 132 58.75 97.28 -7.51
C ALA H 132 58.37 96.93 -6.07
N SER H 133 59.34 96.46 -5.28
CA SER H 133 59.06 96.12 -3.86
C SER H 133 59.93 96.96 -2.94
N VAL H 134 59.29 97.65 -1.98
CA VAL H 134 60.05 98.47 -0.99
C VAL H 134 59.95 97.75 0.36
N VAL H 135 61.09 97.47 1.00
CA VAL H 135 61.04 96.67 2.26
C VAL H 135 61.35 97.58 3.45
N CYS H 136 60.43 97.66 4.41
CA CYS H 136 60.70 98.45 5.65
C CYS H 136 60.91 97.44 6.77
N LEU H 137 62.06 97.50 7.46
CA LEU H 137 62.37 96.46 8.47
C LEU H 137 62.47 97.07 9.86
N LEU H 138 61.76 96.52 10.84
CA LEU H 138 61.88 96.99 12.25
C LEU H 138 62.59 95.86 13.00
N ASN H 139 63.60 96.18 13.83
CA ASN H 139 64.39 95.09 14.46
C ASN H 139 64.56 95.28 15.97
N ASN H 140 64.84 94.20 16.70
CA ASN H 140 65.12 94.29 18.16
C ASN H 140 63.99 94.95 18.94
N PHE H 141 62.73 94.58 18.68
CA PHE H 141 61.62 95.12 19.52
C PHE H 141 61.01 93.97 20.34
N TYR H 142 60.95 94.13 21.67
CA TYR H 142 60.44 93.04 22.55
C TYR H 142 58.96 92.72 22.28
N PRO H 143 58.01 93.68 22.14
CA PRO H 143 56.61 93.32 21.93
C PRO H 143 56.41 92.61 20.58
N ARG H 144 55.62 91.54 20.56
CA ARG H 144 55.32 90.84 19.28
C ARG H 144 54.56 91.82 18.38
N GLU H 145 53.62 92.57 18.95
CA GLU H 145 52.78 93.51 18.14
C GLU H 145 53.62 94.66 17.61
N ALA H 146 53.46 95.00 16.33
CA ALA H 146 54.15 96.17 15.75
C ALA H 146 53.24 96.73 14.64
N LYS H 147 53.27 98.04 14.41
CA LYS H 147 52.46 98.62 13.30
C LYS H 147 53.38 99.28 12.28
N VAL H 148 53.33 98.85 11.02
CA VAL H 148 54.11 99.54 9.95
C VAL H 148 53.14 99.94 8.84
N GLN H 149 53.13 101.22 8.47
CA GLN H 149 52.22 101.72 7.41
C GLN H 149 53.05 102.24 6.24
N TRP H 150 52.75 101.81 5.03
CA TRP H 150 53.49 102.30 3.83
C TRP H 150 52.63 103.34 3.12
N LYS H 151 53.17 104.55 2.91
CA LYS H 151 52.42 105.61 2.19
C LYS H 151 53.26 106.15 1.03
N VAL H 152 52.65 106.31 -0.14
CA VAL H 152 53.38 106.91 -1.30
C VAL H 152 52.79 108.30 -1.53
N ASP H 153 53.63 109.34 -1.52
CA ASP H 153 53.12 110.73 -1.65
C ASP H 153 52.07 110.95 -0.55
N ASN H 154 52.32 110.44 0.66
CA ASN H 154 51.38 110.58 1.81
C ASN H 154 50.02 109.96 1.48
N ALA H 155 50.00 108.86 0.73
CA ALA H 155 48.72 108.15 0.46
C ALA H 155 48.82 106.72 0.99
N LEU H 156 47.87 106.28 1.82
CA LEU H 156 47.96 104.93 2.45
C LEU H 156 47.90 103.84 1.37
N GLN H 157 48.70 102.79 1.54
CA GLN H 157 48.68 101.65 0.57
C GLN H 157 48.10 100.43 1.29
N SER H 158 47.10 99.78 0.68
CA SER H 158 46.43 98.62 1.31
C SER H 158 46.47 97.42 0.36
N GLY H 159 46.56 96.20 0.91
CA GLY H 159 46.65 94.98 0.07
C GLY H 159 48.06 94.78 -0.45
N ASN H 160 48.70 95.86 -0.92
CA ASN H 160 50.09 95.78 -1.44
C ASN H 160 51.04 95.37 -0.31
N SER H 161 50.84 95.93 0.89
CA SER H 161 51.77 95.65 2.02
C SER H 161 51.65 94.20 2.47
N GLN H 162 52.79 93.53 2.70
CA GLN H 162 52.78 92.13 3.20
C GLN H 162 53.68 92.08 4.45
N GLU H 163 53.21 91.50 5.55
CA GLU H 163 54.00 91.55 6.81
C GLU H 163 54.54 90.16 7.17
N SER H 164 55.86 90.06 7.41
CA SER H 164 56.48 88.77 7.83
C SER H 164 57.23 88.97 9.14
N VAL H 165 57.05 88.07 10.11
CA VAL H 165 57.71 88.21 11.45
C VAL H 165 58.72 87.07 11.62
N THR H 166 59.96 87.39 11.98
CA THR H 166 61.01 86.36 12.18
C THR H 166 60.73 85.56 13.45
N GLU H 167 61.23 84.32 13.52
CA GLU H 167 61.06 83.49 14.74
C GLU H 167 61.77 84.20 15.90
N GLN H 168 61.13 84.26 17.08
CA GLN H 168 61.71 85.00 18.22
C GLN H 168 62.92 84.25 18.80
N ASP H 169 63.97 84.97 19.19
CA ASP H 169 65.11 84.31 19.88
C ASP H 169 64.60 83.92 21.27
N SER H 170 64.86 82.70 21.73
CA SER H 170 64.27 82.29 23.04
C SER H 170 64.81 83.17 24.17
N LYS H 171 66.12 83.41 24.21
CA LYS H 171 66.72 84.21 25.32
C LYS H 171 66.29 85.68 25.27
N ASP H 172 66.28 86.31 24.09
CA ASP H 172 66.01 87.77 24.03
C ASP H 172 64.56 88.09 23.64
N SER H 173 63.79 87.09 23.17
CA SER H 173 62.40 87.35 22.70
C SER H 173 62.43 88.44 21.63
N THR H 174 63.46 88.44 20.77
CA THR H 174 63.60 89.50 19.73
C THR H 174 62.56 89.30 18.61
N TYR H 175 61.96 90.39 18.13
CA TYR H 175 61.00 90.29 17.00
C TYR H 175 61.42 91.23 15.88
N SER H 176 61.37 90.76 14.62
CA SER H 176 61.69 91.63 13.46
C SER H 176 60.51 91.59 12.47
N LEU H 177 60.07 92.74 11.98
CA LEU H 177 58.89 92.79 11.07
C LEU H 177 59.32 93.32 9.70
N SER H 178 58.99 92.60 8.62
CA SER H 178 59.32 93.05 7.24
C SER H 178 58.03 93.42 6.51
N SER H 179 57.98 94.62 5.92
CA SER H 179 56.80 95.01 5.11
C SER H 179 57.20 95.15 3.65
N THR H 180 56.53 94.42 2.74
CA THR H 180 56.92 94.43 1.31
C THR H 180 55.75 94.96 0.47
N LEU H 181 56.03 95.86 -0.47
CA LEU H 181 54.95 96.47 -1.31
C LEU H 181 54.98 95.84 -2.69
N THR H 182 53.82 95.43 -3.23
CA THR H 182 53.81 94.91 -4.62
C THR H 182 53.22 95.97 -5.55
N LEU H 183 53.97 96.39 -6.57
CA LEU H 183 53.50 97.48 -7.46
C LEU H 183 53.79 97.14 -8.92
N SER H 184 52.95 97.61 -9.85
CA SER H 184 53.19 97.41 -11.30
C SER H 184 54.26 98.39 -11.78
N LYS H 185 54.77 98.20 -13.01
CA LYS H 185 55.77 99.14 -13.58
C LYS H 185 55.14 100.54 -13.68
N ALA H 186 53.88 100.61 -14.11
CA ALA H 186 53.18 101.92 -14.20
C ALA H 186 53.01 102.50 -12.79
N ASP H 187 52.68 101.65 -11.82
CA ASP H 187 52.56 102.12 -10.41
C ASP H 187 53.93 102.63 -9.93
N TYR H 188 55.00 101.91 -10.26
CA TYR H 188 56.36 102.28 -9.80
C TYR H 188 56.70 103.71 -10.24
N GLU H 189 56.61 104.00 -11.54
CA GLU H 189 56.99 105.34 -12.05
C GLU H 189 56.08 106.42 -11.46
N LYS H 190 54.77 106.15 -11.35
CA LYS H 190 53.81 107.18 -10.85
C LYS H 190 54.16 107.54 -9.40
N HIS H 191 54.58 106.57 -8.59
CA HIS H 191 54.95 106.85 -7.17
C HIS H 191 56.40 107.32 -7.11
N LYS H 192 56.62 108.64 -7.20
CA LYS H 192 57.98 109.22 -7.14
C LYS H 192 58.61 108.96 -5.77
N VAL H 193 57.82 109.10 -4.69
CA VAL H 193 58.39 108.99 -3.31
C VAL H 193 57.73 107.81 -2.57
N TYR H 194 58.54 106.97 -1.92
CA TYR H 194 58.00 105.84 -1.13
C TYR H 194 58.36 106.06 0.35
N ALA H 195 57.37 105.98 1.26
CA ALA H 195 57.62 106.26 2.69
C ALA H 195 57.11 105.12 3.57
N CYS H 196 57.88 104.70 4.58
CA CYS H 196 57.38 103.68 5.53
C CYS H 196 57.32 104.30 6.94
N GLU H 197 56.18 104.14 7.62
CA GLU H 197 56.01 104.76 8.97
C GLU H 197 55.96 103.65 10.02
N VAL H 198 56.74 103.79 11.09
CA VAL H 198 56.79 102.72 12.15
C VAL H 198 56.07 103.23 13.39
N THR H 199 55.05 102.51 13.85
CA THR H 199 54.34 102.87 15.10
C THR H 199 54.50 101.69 16.07
N HIS H 200 54.97 101.96 17.30
CA HIS H 200 55.25 100.85 18.23
C HIS H 200 54.86 101.25 19.66
N GLN H 201 54.61 100.27 20.53
CA GLN H 201 54.31 100.58 21.96
C GLN H 201 55.55 101.26 22.55
N GLY H 202 56.74 100.77 22.21
CA GLY H 202 58.00 101.40 22.67
C GLY H 202 58.13 102.81 22.12
N LEU H 203 57.73 103.03 20.86
CA LEU H 203 57.84 104.37 20.22
C LEU H 203 56.61 105.20 20.61
N SER H 204 56.63 105.81 21.80
CA SER H 204 55.50 106.69 22.22
C SER H 204 55.25 107.72 21.11
N SER H 205 56.29 108.05 20.34
CA SER H 205 56.14 108.99 19.23
C SER H 205 56.26 108.23 17.92
N PRO H 206 55.17 108.03 17.17
CA PRO H 206 55.27 107.41 15.86
C PRO H 206 56.17 108.23 14.93
N VAL H 207 56.96 107.53 14.13
CA VAL H 207 57.98 108.16 13.31
C VAL H 207 57.89 107.64 11.89
N THR H 208 58.09 108.52 10.93
CA THR H 208 58.01 108.20 9.51
C THR H 208 59.37 108.44 8.89
N LYS H 209 59.81 107.51 8.03
CA LYS H 209 60.96 107.84 7.20
C LYS H 209 60.50 107.65 5.76
N SER H 210 61.15 108.37 4.88
CA SER H 210 60.86 108.28 3.47
C SER H 210 62.17 108.13 2.69
N PHE H 211 62.02 107.90 1.39
CA PHE H 211 63.13 107.98 0.46
C PHE H 211 62.53 108.20 -0.91
N ASN H 212 63.36 108.71 -1.82
CA ASN H 212 62.91 108.96 -3.18
C ASN H 212 63.64 108.06 -4.18
N ARG H 213 63.34 108.22 -5.47
CA ARG H 213 63.92 107.36 -6.48
C ARG H 213 65.32 107.83 -6.84
N GLY H 214 66.27 106.90 -6.83
CA GLY H 214 67.63 107.19 -7.23
C GLY H 214 68.52 107.85 -6.20
N GLU H 215 68.83 107.16 -5.11
CA GLU H 215 69.79 107.67 -4.13
C GLU H 215 71.22 107.30 -4.53
N CYS H 216 71.50 106.01 -4.65
CA CYS H 216 72.84 105.55 -5.01
C CYS H 216 73.17 105.94 -6.44
N GLN I 3 56.50 51.62 13.82
CA GLN I 3 56.68 53.07 13.47
C GLN I 3 55.79 53.40 12.27
N LEU I 4 54.95 54.44 12.41
CA LEU I 4 54.02 54.83 11.30
C LEU I 4 54.67 55.95 10.49
N VAL I 5 54.89 55.71 9.19
CA VAL I 5 55.50 56.75 8.31
C VAL I 5 54.55 57.01 7.13
N GLU I 6 54.28 58.28 6.84
CA GLU I 6 53.32 58.64 5.76
C GLU I 6 54.11 59.00 4.49
N SER I 7 53.71 58.43 3.35
CA SER I 7 54.47 58.66 2.08
C SER I 7 53.48 59.02 0.96
N GLY I 8 53.99 59.61 -0.13
CA GLY I 8 53.14 59.99 -1.26
C GLY I 8 52.60 61.41 -1.13
N GLY I 9 52.99 62.13 -0.07
CA GLY I 9 52.59 63.55 0.03
C GLY I 9 53.31 64.38 -1.00
N GLY I 10 52.58 65.21 -1.76
CA GLY I 10 53.19 66.01 -2.84
C GLY I 10 52.29 67.17 -3.24
N VAL I 11 52.81 68.09 -4.06
CA VAL I 11 51.92 69.18 -4.58
C VAL I 11 50.80 68.51 -5.38
N VAL I 12 49.56 68.92 -5.16
CA VAL I 12 48.41 68.23 -5.82
C VAL I 12 47.53 69.25 -6.54
N GLN I 13 47.12 68.94 -7.78
CA GLN I 13 46.20 69.84 -8.53
C GLN I 13 44.81 69.80 -7.89
N PRO I 14 44.03 70.89 -7.92
CA PRO I 14 42.71 70.94 -7.29
C PRO I 14 41.70 69.95 -7.91
N GLY I 15 40.79 69.41 -7.10
CA GLY I 15 39.77 68.47 -7.61
C GLY I 15 40.38 67.23 -8.24
N ARG I 16 41.46 66.71 -7.66
CA ARG I 16 42.11 65.49 -8.19
C ARG I 16 42.26 64.47 -7.05
N SER I 17 42.19 63.17 -7.35
CA SER I 17 42.41 62.14 -6.30
C SER I 17 43.86 62.23 -5.81
N LEU I 18 44.07 62.17 -4.49
CA LEU I 18 45.44 62.22 -3.92
C LEU I 18 45.65 60.96 -3.08
N ARG I 19 46.77 60.24 -3.29
CA ARG I 19 46.97 58.96 -2.57
C ARG I 19 47.97 59.15 -1.43
N LEU I 20 47.56 58.81 -0.20
CA LEU I 20 48.49 58.90 0.97
C LEU I 20 48.63 57.50 1.56
N SER I 21 49.87 57.03 1.75
CA SER I 21 50.09 55.69 2.35
C SER I 21 50.82 55.82 3.68
N CYS I 22 50.25 55.28 4.76
CA CYS I 22 50.96 55.29 6.07
C CYS I 22 51.37 53.85 6.39
N ALA I 23 52.67 53.60 6.58
CA ALA I 23 53.14 52.21 6.78
C ALA I 23 53.66 52.01 8.20
N ALA I 24 53.19 50.97 8.89
CA ALA I 24 53.69 50.65 10.24
C ALA I 24 54.90 49.72 10.13
N SER I 25 56.00 50.04 10.82
CA SER I 25 57.24 49.22 10.70
C SER I 25 57.51 48.48 12.01
N ALA I 26 57.75 47.17 11.93
CA ALA I 26 58.01 46.34 13.14
C ALA I 26 56.83 46.48 14.11
N PHE I 27 55.61 46.55 13.58
CA PHE I 27 54.40 46.70 14.41
C PHE I 27 53.31 45.75 13.89
N THR I 28 52.46 45.24 14.78
CA THR I 28 51.34 44.36 14.34
C THR I 28 50.14 45.26 14.04
N PHE I 29 49.76 45.39 12.76
CA PHE I 29 48.66 46.31 12.40
C PHE I 29 47.36 45.84 13.05
N SER I 30 47.10 44.53 13.05
CA SER I 30 45.83 43.98 13.61
C SER I 30 45.69 44.27 15.11
N ASN I 31 46.79 44.20 15.88
CA ASN I 31 46.68 44.33 17.35
C ASN I 31 46.11 45.70 17.76
N TYR I 32 46.52 46.80 17.12
CA TYR I 32 46.06 48.14 17.55
C TYR I 32 45.34 48.88 16.42
N GLY I 33 44.23 49.56 16.69
CA GLY I 33 43.66 50.38 15.61
C GLY I 33 44.69 51.43 15.22
N MET I 34 45.03 51.57 13.93
CA MET I 34 46.01 52.59 13.46
C MET I 34 45.26 53.58 12.56
N HIS I 35 45.52 54.90 12.67
CA HIS I 35 44.65 55.89 11.95
C HIS I 35 45.38 57.14 11.48
N TRP I 36 44.84 58.33 11.79
CA TRP I 36 45.41 59.62 11.30
C TRP I 36 44.97 60.85 12.12
N VAL I 37 45.43 62.06 11.74
CA VAL I 37 45.14 63.35 12.47
C VAL I 37 45.65 64.46 11.52
N ARG I 38 45.29 65.74 11.72
CA ARG I 38 45.67 66.79 10.73
C ARG I 38 46.05 68.13 11.38
N GLN I 39 46.84 68.95 10.68
CA GLN I 39 47.21 70.32 11.19
C GLN I 39 47.46 71.27 10.01
N ALA I 40 46.89 72.47 10.04
CA ALA I 40 47.14 73.51 9.00
C ALA I 40 47.65 74.77 9.71
N PRO I 41 48.49 75.61 9.06
CA PRO I 41 48.93 76.87 9.68
C PRO I 41 47.77 77.81 10.02
N GLY I 42 47.88 78.54 11.13
CA GLY I 42 46.81 79.47 11.55
C GLY I 42 45.57 78.77 12.06
N LYS I 43 45.62 77.43 12.20
CA LYS I 43 44.46 76.69 12.77
C LYS I 43 44.95 75.69 13.82
N GLY I 44 44.07 75.33 14.76
CA GLY I 44 44.47 74.43 15.86
C GLY I 44 44.62 72.99 15.42
N LEU I 45 45.46 72.22 16.10
CA LEU I 45 45.65 70.78 15.80
C LEU I 45 44.28 70.11 15.77
N GLU I 46 43.75 69.84 14.58
CA GLU I 46 42.44 69.16 14.46
C GLU I 46 42.68 67.68 14.19
N TRP I 47 41.73 67.03 13.53
CA TRP I 47 41.86 65.58 13.27
C TRP I 47 41.77 65.31 11.78
N VAL I 48 41.99 64.06 11.37
CA VAL I 48 41.85 63.73 9.93
C VAL I 48 40.98 62.49 9.76
N ALA I 49 41.31 61.37 10.41
CA ALA I 49 40.58 60.14 10.06
C ALA I 49 41.01 59.00 10.98
N VAL I 50 40.04 58.33 11.63
CA VAL I 50 40.36 57.19 12.55
C VAL I 50 39.70 55.93 12.01
N ILE I 51 40.45 54.83 11.94
CA ILE I 51 39.89 53.55 11.41
C ILE I 51 40.15 52.42 12.42
N TRP I 52 39.21 51.48 12.55
CA TRP I 52 39.36 50.35 13.51
C TRP I 52 40.40 49.36 13.00
N SER I 53 40.89 48.48 13.88
CA SER I 53 41.85 47.43 13.43
C SER I 53 41.15 46.55 12.41
N ALA I 54 39.88 46.22 12.63
CA ALA I 54 39.09 45.46 11.63
C ALA I 54 38.97 46.31 10.37
N GLY I 55 38.79 47.62 10.53
CA GLY I 55 38.66 48.54 9.39
C GLY I 55 37.20 48.75 8.99
N SER I 56 36.28 48.02 9.63
CA SER I 56 34.83 48.22 9.36
C SER I 56 34.40 49.62 9.80
N LEU I 57 34.88 50.07 10.97
CA LEU I 57 34.50 51.41 11.50
C LEU I 57 35.24 52.48 10.71
N LYS I 58 34.52 53.54 10.28
CA LYS I 58 35.15 54.66 9.53
C LYS I 58 34.90 55.98 10.26
N TYR I 59 35.95 56.76 10.53
CA TYR I 59 35.76 58.11 11.13
C TYR I 59 36.48 59.13 10.22
N TYR I 60 35.85 60.28 9.98
CA TYR I 60 36.44 61.29 9.06
C TYR I 60 36.42 62.66 9.73
N ALA I 61 37.31 63.56 9.28
CA ALA I 61 37.35 64.93 9.84
C ALA I 61 36.05 65.66 9.51
N ASP I 62 35.60 66.54 10.41
CA ASP I 62 34.33 67.29 10.20
C ASP I 62 34.45 68.17 8.93
N SER I 63 35.64 68.71 8.66
CA SER I 63 35.84 69.62 7.50
C SER I 63 35.52 68.90 6.20
N VAL I 64 35.92 67.63 6.06
CA VAL I 64 35.70 66.89 4.77
C VAL I 64 34.46 66.02 4.90
N LYS I 65 33.49 66.19 3.99
CA LYS I 65 32.23 65.39 4.04
C LYS I 65 32.45 64.05 3.33
N GLY I 66 33.29 63.18 3.89
CA GLY I 66 33.54 61.85 3.29
C GLY I 66 34.47 61.95 2.09
N ARG I 67 35.08 63.12 1.88
CA ARG I 67 36.04 63.29 0.75
C ARG I 67 37.23 62.36 0.98
N PHE I 68 37.71 62.27 2.22
CA PHE I 68 38.81 61.32 2.53
C PHE I 68 38.24 59.90 2.52
N ILE I 69 38.98 58.94 1.96
CA ILE I 69 38.54 57.51 1.98
C ILE I 69 39.66 56.68 2.62
N ILE I 70 39.36 55.89 3.66
CA ILE I 70 40.46 55.16 4.36
C ILE I 70 40.34 53.66 4.12
N SER I 71 41.38 53.02 3.56
CA SER I 71 41.37 51.55 3.36
C SER I 71 42.68 50.97 3.92
N ARG I 72 42.60 49.93 4.75
CA ARG I 72 43.82 49.39 5.38
C ARG I 72 43.84 47.86 5.29
N ASP I 73 45.03 47.27 5.13
CA ASP I 73 45.15 45.78 5.15
C ASP I 73 46.13 45.41 6.25
N ASN I 74 45.74 44.53 7.17
CA ASN I 74 46.61 44.15 8.31
C ASN I 74 47.87 43.46 7.78
N SER I 75 47.71 42.56 6.80
CA SER I 75 48.88 41.86 6.19
C SER I 75 49.77 42.88 5.49
N LYS I 76 49.18 43.85 4.77
CA LYS I 76 49.97 44.90 4.08
C LYS I 76 50.70 45.75 5.11
N ASN I 77 50.11 45.93 6.30
CA ASN I 77 50.71 46.79 7.37
C ASN I 77 50.72 48.23 6.88
N THR I 78 49.87 48.56 5.90
CA THR I 78 49.83 49.93 5.33
C THR I 78 48.39 50.46 5.31
N LEU I 79 48.22 51.78 5.49
CA LEU I 79 46.87 52.41 5.45
C LEU I 79 46.83 53.38 4.26
N TYR I 80 45.78 53.30 3.44
CA TYR I 80 45.71 54.15 2.22
C TYR I 80 44.59 55.19 2.37
N LEU I 81 44.90 56.46 2.13
CA LEU I 81 43.89 57.55 2.24
C LEU I 81 43.73 58.22 0.87
N GLN I 82 42.49 58.39 0.41
CA GLN I 82 42.24 59.03 -0.91
C GLN I 82 41.56 60.39 -0.68
N MET I 83 42.12 61.47 -1.24
CA MET I 83 41.56 62.82 -1.02
C MET I 83 41.09 63.40 -2.35
N ASP I 84 39.86 63.93 -2.41
CA ASP I 84 39.29 64.45 -3.68
C ASP I 84 38.71 65.85 -3.43
N SER I 85 38.43 66.61 -4.49
CA SER I 85 37.92 68.01 -4.35
C SER I 85 38.90 68.83 -3.51
N LEU I 86 40.20 68.72 -3.81
CA LEU I 86 41.24 69.44 -3.02
C LEU I 86 41.09 70.95 -3.18
N ARG I 87 41.28 71.71 -2.09
CA ARG I 87 41.13 73.19 -2.11
C ARG I 87 42.31 73.82 -1.38
N PRO I 88 42.67 75.11 -1.65
CA PRO I 88 43.75 75.78 -0.92
C PRO I 88 43.57 75.68 0.60
N GLU I 89 42.34 75.84 1.10
CA GLU I 89 42.07 75.71 2.56
C GLU I 89 42.39 74.27 3.00
N ASP I 90 42.10 73.28 2.15
CA ASP I 90 42.35 71.86 2.49
C ASP I 90 43.85 71.61 2.69
N THR I 91 44.71 72.40 2.06
CA THR I 91 46.18 72.15 2.14
C THR I 91 46.59 72.10 3.61
N ALA I 92 47.28 71.02 4.02
CA ALA I 92 47.69 70.84 5.43
C ALA I 92 48.72 69.70 5.54
N VAL I 93 49.33 69.54 6.71
CA VAL I 93 50.26 68.38 6.92
C VAL I 93 49.47 67.29 7.67
N TYR I 94 49.49 66.05 7.19
CA TYR I 94 48.65 64.98 7.79
C TYR I 94 49.51 64.00 8.59
N TYR I 95 49.13 63.72 9.84
CA TYR I 95 49.90 62.79 10.70
C TYR I 95 49.07 61.53 10.94
N CYS I 96 49.65 60.35 10.76
CA CYS I 96 48.91 59.09 11.04
C CYS I 96 49.46 58.45 12.32
N ALA I 97 48.59 58.24 13.32
CA ALA I 97 49.03 57.60 14.58
C ALA I 97 47.95 56.63 15.08
N ARG I 98 48.36 55.54 15.73
CA ARG I 98 47.38 54.58 16.30
C ARG I 98 46.73 55.22 17.54
N GLU I 99 45.45 54.93 17.77
CA GLU I 99 44.72 55.57 18.90
C GLU I 99 44.29 54.49 19.90
N ASN I 100 44.55 54.72 21.19
CA ASN I 100 44.20 53.72 22.25
C ASN I 100 43.41 54.42 23.36
N THR I 101 42.64 53.65 24.15
CA THR I 101 41.89 54.23 25.29
C THR I 101 42.12 53.37 26.53
N THR I 102 41.90 53.94 27.72
CA THR I 102 42.08 53.16 28.98
C THR I 102 40.72 52.62 29.43
N TYR I 103 40.58 51.29 29.51
CA TYR I 103 39.32 50.67 29.97
C TYR I 103 39.59 49.74 31.16
N TYR I 104 38.93 49.98 32.29
CA TYR I 104 39.08 49.11 33.48
C TYR I 104 37.89 49.30 34.41
N TYR I 105 37.66 48.36 35.32
CA TYR I 105 36.58 48.53 36.33
C TYR I 105 37.22 48.80 37.69
N GLU I 106 36.86 49.91 38.32
CA GLU I 106 37.47 50.30 39.62
C GLU I 106 36.82 49.50 40.75
N THR I 107 37.03 48.18 40.78
CA THR I 107 36.49 47.37 41.91
C THR I 107 37.17 47.88 43.18
N SER I 108 38.48 48.12 43.13
CA SER I 108 39.19 48.73 44.29
C SER I 108 40.16 49.77 43.75
N GLY I 109 39.65 50.87 43.16
CA GLY I 109 40.52 51.88 42.55
C GLY I 109 41.43 51.25 41.51
N SER I 110 40.89 50.36 40.67
CA SER I 110 41.74 49.62 39.69
C SER I 110 41.61 50.23 38.29
N TRP I 111 42.72 50.73 37.73
CA TRP I 111 42.70 51.30 36.36
C TRP I 111 43.95 50.86 35.58
N GLY I 112 43.81 50.61 34.27
CA GLY I 112 44.98 50.27 33.43
C GLY I 112 45.11 51.25 32.28
N ALA I 113 46.28 51.87 32.09
CA ALA I 113 46.42 52.92 31.06
C ALA I 113 46.17 52.35 29.65
N SER I 114 46.77 51.20 29.32
CA SER I 114 46.50 50.53 28.02
C SER I 114 46.56 51.52 26.86
N TYR I 115 47.57 52.40 26.81
CA TYR I 115 47.61 53.45 25.77
C TYR I 115 48.89 53.32 24.93
N TYR I 116 48.75 53.40 23.60
CA TYR I 116 49.92 53.31 22.68
C TYR I 116 49.91 54.47 21.70
N PHE I 117 50.36 55.65 22.14
CA PHE I 117 50.46 56.83 21.23
C PHE I 117 51.91 56.92 20.75
N ASP I 118 52.72 55.90 21.05
CA ASP I 118 54.15 55.89 20.67
C ASP I 118 54.29 55.76 19.14
N PHE I 119 55.43 56.18 18.58
CA PHE I 119 55.65 56.14 17.11
C PHE I 119 54.59 56.99 16.39
N TRP I 120 54.28 58.17 16.93
CA TRP I 120 53.32 59.09 16.28
C TRP I 120 53.87 59.49 14.91
N GLY I 121 53.00 59.61 13.89
CA GLY I 121 53.48 59.90 12.53
C GLY I 121 54.19 61.24 12.45
N GLN I 122 55.32 61.29 11.73
CA GLN I 122 56.09 62.55 11.56
C GLN I 122 55.23 63.56 10.78
N GLY I 123 54.47 63.08 9.79
CA GLY I 123 53.59 63.95 8.99
C GLY I 123 54.15 64.25 7.62
N THR I 124 53.27 64.50 6.64
CA THR I 124 53.72 64.87 5.27
C THR I 124 52.87 66.05 4.80
N LEU I 125 53.45 66.95 3.99
CA LEU I 125 52.71 68.17 3.59
C LEU I 125 52.21 68.05 2.16
N VAL I 126 50.89 68.24 1.95
CA VAL I 126 50.33 68.24 0.56
C VAL I 126 49.90 69.68 0.25
N THR I 127 50.37 70.23 -0.87
CA THR I 127 50.05 71.65 -1.18
C THR I 127 49.19 71.73 -2.44
N VAL I 128 48.08 72.46 -2.38
CA VAL I 128 47.25 72.65 -3.61
C VAL I 128 47.68 73.97 -4.25
N SER I 129 48.38 73.88 -5.39
CA SER I 129 48.89 75.11 -6.07
C SER I 129 48.98 74.88 -7.58
N SER I 130 48.97 75.96 -8.36
CA SER I 130 49.05 75.86 -9.84
C SER I 130 49.96 76.96 -10.38
N SER I 131 50.50 76.79 -11.59
CA SER I 131 51.36 77.83 -12.23
C SER I 131 52.52 78.23 -11.32
N THR I 132 53.23 77.25 -10.76
CA THR I 132 54.41 77.54 -9.89
C THR I 132 55.47 78.27 -10.72
N LYS I 133 56.20 79.21 -10.11
CA LYS I 133 57.19 80.03 -10.87
C LYS I 133 58.60 79.75 -10.37
N GLY I 134 59.60 79.85 -11.25
CA GLY I 134 61.00 79.65 -10.84
C GLY I 134 61.48 80.76 -9.93
N PRO I 135 62.36 80.52 -8.92
CA PRO I 135 62.74 81.57 -7.95
C PRO I 135 63.50 82.75 -8.58
N SER I 136 63.29 83.95 -8.02
CA SER I 136 64.00 85.15 -8.52
C SER I 136 64.61 85.90 -7.33
N VAL I 137 65.72 85.39 -6.78
CA VAL I 137 66.33 86.01 -5.58
C VAL I 137 66.82 87.42 -5.94
N PHE I 138 66.54 88.41 -5.07
CA PHE I 138 67.02 89.79 -5.32
C PHE I 138 67.86 90.24 -4.12
N PRO I 139 69.13 90.66 -4.30
CA PRO I 139 69.93 91.20 -3.19
C PRO I 139 69.38 92.57 -2.77
N LEU I 140 69.33 92.83 -1.45
CA LEU I 140 68.84 94.15 -0.96
C LEU I 140 69.98 94.84 -0.20
N ALA I 141 70.33 96.07 -0.58
CA ALA I 141 71.37 96.83 0.15
C ALA I 141 70.81 98.20 0.58
N PRO I 142 70.88 98.57 1.87
CA PRO I 142 70.44 99.91 2.31
C PRO I 142 71.34 100.98 1.68
N SER I 143 70.77 102.13 1.33
CA SER I 143 71.55 103.21 0.64
C SER I 143 72.70 103.68 1.53
N SER I 144 72.45 103.83 2.84
CA SER I 144 73.50 104.32 3.78
C SER I 144 73.60 103.37 4.98
N LYS I 145 74.17 102.18 4.78
CA LYS I 145 74.30 101.18 5.88
C LYS I 145 75.18 101.74 6.99
N SER I 146 76.27 102.44 6.64
CA SER I 146 77.21 102.96 7.66
C SER I 146 76.51 103.98 8.57
N THR I 147 75.68 104.86 7.99
CA THR I 147 75.02 105.93 8.79
C THR I 147 73.71 105.42 9.41
N SER I 148 73.28 104.21 9.05
CA SER I 148 71.98 103.69 9.55
C SER I 148 72.01 103.54 11.08
N GLY I 149 73.13 103.05 11.62
CA GLY I 149 73.25 102.88 13.08
C GLY I 149 74.54 102.17 13.47
N GLY I 150 74.71 101.85 14.76
CA GLY I 150 75.91 101.13 15.23
C GLY I 150 76.01 99.77 14.59
N THR I 151 74.87 99.07 14.44
CA THR I 151 74.86 97.75 13.75
C THR I 151 74.03 97.88 12.46
N ALA I 152 74.56 97.40 11.34
CA ALA I 152 73.86 97.53 10.04
C ALA I 152 73.32 96.18 9.59
N ALA I 153 72.06 96.11 9.18
CA ALA I 153 71.46 94.82 8.77
C ALA I 153 71.46 94.70 7.25
N LEU I 154 72.03 93.61 6.71
CA LEU I 154 72.06 93.39 5.25
C LEU I 154 71.23 92.14 4.96
N GLY I 155 70.31 92.21 4.00
CA GLY I 155 69.41 91.07 3.75
C GLY I 155 69.23 90.72 2.29
N CYS I 156 68.91 89.45 1.98
CA CYS I 156 68.63 89.04 0.58
C CYS I 156 67.20 88.48 0.53
N LEU I 157 66.41 88.91 -0.46
CA LEU I 157 64.98 88.48 -0.53
C LEU I 157 64.79 87.49 -1.68
N VAL I 158 64.19 86.32 -1.41
CA VAL I 158 63.89 85.36 -2.51
C VAL I 158 62.42 85.57 -2.88
N LYS I 159 62.13 85.76 -4.18
CA LYS I 159 60.74 86.07 -4.60
C LYS I 159 60.26 85.06 -5.63
N ASP I 160 58.98 84.70 -5.61
CA ASP I 160 58.39 83.78 -6.62
C ASP I 160 59.06 82.40 -6.55
N TYR I 161 59.55 82.00 -5.38
CA TYR I 161 60.14 80.64 -5.24
C TYR I 161 59.01 79.60 -5.11
N PHE I 162 59.28 78.35 -5.51
CA PHE I 162 58.24 77.28 -5.46
C PHE I 162 57.84 77.01 -4.01
N PRO I 163 56.58 76.68 -3.70
CA PRO I 163 56.07 76.51 -2.34
C PRO I 163 56.96 76.73 -1.10
N GLU I 164 57.33 75.67 -0.39
CA GLU I 164 58.06 75.85 0.90
C GLU I 164 59.56 75.54 0.84
N PRO I 165 60.04 74.39 0.30
CA PRO I 165 61.47 74.05 0.38
C PRO I 165 62.41 75.04 -0.31
N VAL I 166 63.46 75.49 0.40
CA VAL I 166 64.49 76.39 -0.20
C VAL I 166 65.73 76.34 0.72
N THR I 167 66.91 76.69 0.21
CA THR I 167 68.11 76.78 1.07
C THR I 167 68.74 78.18 0.89
N VAL I 168 68.97 78.91 1.97
CA VAL I 168 69.65 80.25 1.86
C VAL I 168 70.87 80.27 2.79
N SER I 169 72.02 80.72 2.28
CA SER I 169 73.25 80.80 3.09
C SER I 169 73.98 82.11 2.80
N TRP I 170 74.79 82.61 3.74
CA TRP I 170 75.57 83.84 3.52
C TRP I 170 77.06 83.46 3.37
N ASN I 171 77.68 83.81 2.24
CA ASN I 171 79.09 83.43 1.99
C ASN I 171 79.21 81.91 2.14
N SER I 172 78.24 81.15 1.60
CA SER I 172 78.23 79.67 1.75
C SER I 172 78.17 79.27 3.23
N GLY I 173 77.44 80.02 4.05
CA GLY I 173 77.28 79.69 5.48
C GLY I 173 78.44 80.18 6.35
N ALA I 174 79.38 80.91 5.74
CA ALA I 174 80.53 81.45 6.51
C ALA I 174 80.05 82.45 7.56
N LEU I 175 79.07 83.29 7.23
CA LEU I 175 78.62 84.34 8.18
C LEU I 175 77.38 83.85 8.93
N THR I 176 77.50 83.64 10.24
CA THR I 176 76.36 83.17 11.08
C THR I 176 75.97 84.27 12.07
N SER I 177 76.46 85.50 11.88
CA SER I 177 76.20 86.57 12.88
C SER I 177 74.82 87.19 12.70
N GLY I 178 73.98 87.18 13.74
CA GLY I 178 72.65 87.84 13.68
C GLY I 178 71.81 87.36 12.52
N VAL I 179 71.83 86.05 12.22
CA VAL I 179 70.97 85.51 11.14
C VAL I 179 69.51 85.60 11.57
N HIS I 180 68.62 86.09 10.68
CA HIS I 180 67.17 86.13 10.99
C HIS I 180 66.43 85.32 9.92
N THR I 181 65.59 84.37 10.34
CA THR I 181 64.87 83.51 9.37
C THR I 181 63.38 83.90 9.37
N PHE I 182 62.86 84.28 8.21
CA PHE I 182 61.45 84.74 8.12
C PHE I 182 60.62 83.65 7.44
N PRO I 183 59.52 83.17 8.07
CA PRO I 183 58.66 82.17 7.42
C PRO I 183 58.04 82.77 6.16
N ALA I 184 57.97 81.99 5.08
CA ALA I 184 57.41 82.49 3.81
C ALA I 184 55.92 82.80 3.99
N VAL I 185 55.47 83.93 3.43
CA VAL I 185 54.03 84.33 3.54
C VAL I 185 53.43 84.29 2.13
N LEU I 186 52.25 83.67 1.97
CA LEU I 186 51.66 83.53 0.62
C LEU I 186 51.38 84.92 0.05
N GLN I 187 51.79 85.16 -1.20
CA GLN I 187 51.54 86.46 -1.88
C GLN I 187 50.15 86.46 -2.51
N SER I 188 49.67 87.61 -2.95
CA SER I 188 48.37 87.66 -3.69
C SER I 188 48.53 86.83 -4.95
N SER I 189 49.72 86.87 -5.58
CA SER I 189 50.01 86.06 -6.78
C SER I 189 49.92 84.57 -6.43
N GLY I 190 50.22 84.21 -5.17
CA GLY I 190 50.23 82.79 -4.77
C GLY I 190 51.62 82.22 -4.77
N LEU I 191 52.64 83.06 -4.95
CA LEU I 191 54.05 82.60 -4.90
C LEU I 191 54.67 83.06 -3.58
N TYR I 192 55.21 82.13 -2.79
CA TYR I 192 55.76 82.46 -1.45
C TYR I 192 57.01 83.32 -1.56
N SER I 193 57.27 84.17 -0.56
CA SER I 193 58.49 85.02 -0.55
C SER I 193 59.00 85.23 0.88
N LEU I 194 60.31 85.07 1.09
CA LEU I 194 60.90 85.31 2.44
C LEU I 194 62.23 86.06 2.29
N SER I 195 62.68 86.74 3.35
CA SER I 195 63.97 87.47 3.31
C SER I 195 64.88 86.98 4.44
N SER I 196 66.17 86.72 4.14
CA SER I 196 67.12 86.34 5.21
C SER I 196 68.06 87.52 5.48
N VAL I 197 68.12 88.01 6.72
CA VAL I 197 68.94 89.22 7.02
C VAL I 197 69.97 88.88 8.12
N VAL I 198 71.22 89.30 7.93
CA VAL I 198 72.29 89.03 8.95
C VAL I 198 72.78 90.36 9.51
N THR I 199 72.97 90.44 10.84
CA THR I 199 73.54 91.68 11.44
C THR I 199 75.00 91.80 11.01
N VAL I 200 75.41 92.99 10.56
CA VAL I 200 76.81 93.21 10.08
C VAL I 200 77.41 94.40 10.86
N PRO I 201 78.65 94.30 11.40
CA PRO I 201 79.29 95.45 12.06
C PRO I 201 79.60 96.57 11.05
N SER I 202 79.58 97.83 11.52
CA SER I 202 79.82 98.99 10.62
C SER I 202 81.21 98.91 9.99
N SER I 203 82.21 98.46 10.75
CA SER I 203 83.60 98.33 10.24
C SER I 203 83.64 97.34 9.08
N SER I 204 82.87 96.24 9.17
CA SER I 204 82.86 95.19 8.11
C SER I 204 82.36 95.78 6.78
N LEU I 205 81.40 96.70 6.82
CA LEU I 205 80.80 97.23 5.56
C LEU I 205 81.90 97.88 4.71
N GLY I 206 81.84 97.69 3.38
CA GLY I 206 82.86 98.24 2.46
C GLY I 206 84.13 97.42 2.45
N THR I 207 84.75 97.21 3.61
CA THR I 207 85.99 96.40 3.70
C THR I 207 85.68 94.96 3.29
N GLN I 208 84.53 94.43 3.70
CA GLN I 208 84.14 93.04 3.37
C GLN I 208 82.85 93.06 2.54
N THR I 209 82.82 92.31 1.42
CA THR I 209 81.62 92.24 0.56
C THR I 209 80.90 90.92 0.83
N TYR I 210 79.58 90.96 1.05
CA TYR I 210 78.82 89.74 1.40
C TYR I 210 77.99 89.27 0.21
N ILE I 211 78.11 87.99 -0.15
CA ILE I 211 77.35 87.42 -1.29
C ILE I 211 76.41 86.34 -0.76
N CYS I 212 75.13 86.39 -1.15
CA CYS I 212 74.13 85.38 -0.69
C CYS I 212 74.14 84.18 -1.65
N ASN I 213 74.29 82.96 -1.10
CA ASN I 213 74.21 81.75 -1.96
C ASN I 213 72.86 81.08 -1.69
N VAL I 214 71.98 81.02 -2.69
CA VAL I 214 70.61 80.48 -2.46
C VAL I 214 70.38 79.30 -3.41
N ASN I 215 69.95 78.14 -2.88
CA ASN I 215 69.62 76.98 -3.73
C ASN I 215 68.16 76.60 -3.50
N HIS I 216 67.38 76.43 -4.56
CA HIS I 216 65.97 75.99 -4.40
C HIS I 216 65.91 74.47 -4.59
N LYS I 217 65.35 73.73 -3.63
CA LYS I 217 65.37 72.25 -3.75
C LYS I 217 64.59 71.84 -4.99
N PRO I 218 63.38 72.40 -5.25
CA PRO I 218 62.66 72.11 -6.49
C PRO I 218 63.43 72.69 -7.69
N SER I 219 63.91 73.93 -7.56
CA SER I 219 64.68 74.58 -8.66
C SER I 219 66.01 73.86 -8.87
N ASN I 220 66.69 73.49 -7.78
CA ASN I 220 68.00 72.80 -7.88
C ASN I 220 69.01 73.73 -8.59
N THR I 221 68.86 75.04 -8.43
CA THR I 221 69.77 76.02 -9.08
C THR I 221 70.41 76.93 -8.03
N LYS I 222 71.75 77.00 -8.00
CA LYS I 222 72.45 77.91 -7.06
C LYS I 222 72.32 79.36 -7.56
N VAL I 223 72.15 80.31 -6.63
CA VAL I 223 72.04 81.75 -7.01
C VAL I 223 73.13 82.53 -6.26
N ASP I 224 73.86 83.41 -6.97
CA ASP I 224 74.91 84.25 -6.32
C ASP I 224 74.40 85.69 -6.24
N LYS I 225 74.49 86.31 -5.05
CA LYS I 225 73.94 87.69 -4.89
C LYS I 225 75.00 88.61 -4.26
N ARG I 226 76.03 88.96 -5.03
CA ARG I 226 77.06 89.93 -4.54
C ARG I 226 76.50 91.34 -4.52
N VAL I 227 77.10 92.24 -3.74
CA VAL I 227 76.62 93.62 -3.61
C VAL I 227 77.71 94.62 -4.00
#